data_6MX4
#
_entry.id   6MX4
#
loop_
_entity.id
_entity.type
_entity.pdbx_description
1 polymer E1
2 polymer E2
3 polymer Capsid
4 branched 2-acetamido-2-deoxy-beta-D-glucopyranose-(1-4)-2-acetamido-2-deoxy-beta-D-glucopyranose-(1-4)-2-acetamido-2-deoxy-beta-D-glucopyranose
5 non-polymer 2-acetamido-2-deoxy-beta-D-glucopyranose
#
loop_
_entity_poly.entity_id
_entity_poly.type
_entity_poly.pdbx_seq_one_letter_code
_entity_poly.pdbx_strand_id
1 'polypeptide(L)'
;YEHTAVMPNKVGIPYKALVERPGYAPVHLQIQLVNTRIIPSTNLEYITCKYKTKVPSPVVKCCGATQCTSKPHPDYQCQV
FTGVYPFMWGGAYCFCDTENTQMSEAYVERSEECSIDHAKAYKVHTGTVQAMVNITYGSVSWRSADVYVNGETPAKIGDA
KLIIGPLSSAWSPFDNKVVVYGHEVYNYDFPEYGTGKAGSFGDLQSRTSTSNDLYANTNLKLQRPQAGIVHTPFTQAPSG
FERWKRDKGAPLNDVAPFGCSIALEPLRAENCAVGSIPISIDIPDAAFTRISETPTVSDLECKITECTYASDFGGIATVA
YKSSKAGNCPIHSPSGVAVIKENDVTLAESGSFTFHFSTANIHPAFKLQVCTSAVTCKGDCKPPKDHIVDYPAQHTESFT
SAISATAWSWLKVLVGGTSAFIVLGLIATAVVALVLFFHRH
;
A,D,G,J
2 'polypeptide(L)'
;DLDTHFTQYKLARPYIADCPNCGHSRCDSPIAIEEVRGDAHAGVIRIQTSAMFGLKTDGVDLAYMSFMNGKTQKSIKIDN
LHVRTSAPCSLVSHHGYYILAQCPPGDTVTVGFHDGPNRHTCTVAHKVEFRPVGREKYRHPPEHGVELPCNRYTHKRADQ
GHYVEMHQPGLVADHSLLSIHSAKVKITVPSGAQVKYYCKCPDVREGITSSDHTTTCTDVKQCRAYLIDNKKWVYNSGRL
PRGEGDTFKGKLHVPFVPVKAKCIATLAPEPLVEHKHRTLILHLHPDHPTLLTTRSLGSDANPTRQWIERPTTVNFTVTG
EGLEYTWGNHPPKRVWAQESGEGNPHGWPHEVVVYYYNRYPLTTIIGLCTCVAIIMVSCVTSVWLLCRTRNLCITPYKLA
PNAQVPILLALLCCIKPTRA
;
B,E,H,K
3 'polypeptide(L)'
;MFPYPTLNYPPMAPINPMAYRDPNPPRQVAPFRPPLAAQIEDLRRSIANLTLKQRAPNPPAGPPAKRKKPAPKPKPAQAK
KKRPPPPAKKQKRKPKPGKRQRMCMKLESDKTFPIMLNGQVNGYACVVGGRVFKPLHVEGRIDNEQLAAIKLKKASIYDL
EYGDVPQCMKSDTLQYTSDKPPGFYNWHHGAVQYENNRFTVPRGVGGKGDSGRPILDNKGRVVAIVLGGVNEGSRTALSV
VTWNQKGVTVKDTPEGSEPW
;
C,F,I,L
#
loop_
_chem_comp.id
_chem_comp.type
_chem_comp.name
_chem_comp.formula
NAG D-saccharide, beta linking 2-acetamido-2-deoxy-beta-D-glucopyranose 'C8 H15 N O6'
#
# COMPACT_ATOMS: atom_id res chain seq x y z
N TYR A 1 20.54 -17.34 19.75
CA TYR A 1 21.79 -16.89 20.43
C TYR A 1 22.43 -15.71 19.74
N GLU A 2 21.70 -15.03 18.87
CA GLU A 2 22.28 -13.93 18.11
C GLU A 2 22.54 -12.78 19.08
N HIS A 3 23.78 -12.71 19.57
CA HIS A 3 24.08 -11.95 20.78
C HIS A 3 24.14 -10.47 20.47
N THR A 4 22.97 -9.84 20.52
CA THR A 4 22.89 -8.39 20.52
C THR A 4 23.69 -7.83 21.69
N ALA A 5 24.30 -6.67 21.48
CA ALA A 5 25.05 -6.02 22.54
C ALA A 5 25.27 -4.56 22.19
N VAL A 6 24.73 -3.66 22.99
CA VAL A 6 25.19 -2.29 22.96
C VAL A 6 26.64 -2.29 23.39
N MET A 7 27.42 -1.38 22.82
CA MET A 7 28.86 -1.49 22.92
C MET A 7 29.54 -0.12 22.77
N PRO A 8 30.36 0.32 23.72
CA PRO A 8 30.94 1.65 23.61
C PRO A 8 31.92 1.77 22.46
N ASN A 9 31.82 2.87 21.73
CA ASN A 9 32.76 3.18 20.67
C ASN A 9 34.05 3.65 21.31
N LYS A 10 35.05 2.78 21.33
CA LYS A 10 36.36 3.12 21.85
C LYS A 10 37.32 2.07 21.31
N VAL A 11 38.49 2.51 20.88
CA VAL A 11 39.19 1.76 19.86
C VAL A 11 39.99 0.62 20.46
N GLY A 12 40.85 0.90 21.41
CA GLY A 12 42.00 0.05 21.63
C GLY A 12 41.87 -0.87 22.82
N ILE A 13 40.71 -1.49 22.96
CA ILE A 13 40.44 -2.27 24.17
C ILE A 13 39.33 -3.28 23.90
N PRO A 14 39.48 -4.55 24.28
CA PRO A 14 38.42 -5.52 24.00
C PRO A 14 37.24 -5.33 24.94
N TYR A 15 36.16 -6.03 24.60
CA TYR A 15 34.84 -5.83 25.15
C TYR A 15 34.20 -7.18 25.50
N LYS A 16 34.90 -7.95 26.34
CA LYS A 16 34.71 -9.39 26.38
C LYS A 16 33.34 -9.80 26.89
N ALA A 17 32.31 -9.58 26.08
CA ALA A 17 30.96 -10.00 26.44
C ALA A 17 30.87 -11.52 26.54
N LEU A 18 29.69 -12.02 26.91
CA LEU A 18 29.50 -13.44 27.19
C LEU A 18 28.22 -13.91 26.52
N VAL A 19 28.31 -15.00 25.78
CA VAL A 19 27.16 -15.57 25.09
C VAL A 19 26.40 -16.45 26.08
N GLU A 20 25.22 -16.01 26.48
CA GLU A 20 24.34 -16.80 27.34
C GLU A 20 23.28 -17.50 26.51
N ARG A 21 23.71 -18.44 25.69
CA ARG A 21 22.78 -19.28 24.96
C ARG A 21 22.13 -20.26 25.94
N PRO A 22 20.80 -20.28 26.09
CA PRO A 22 20.19 -21.32 26.93
C PRO A 22 20.34 -22.69 26.28
N GLY A 23 21.08 -23.57 26.93
CA GLY A 23 21.13 -24.97 26.55
C GLY A 23 22.52 -25.54 26.45
N TYR A 24 23.46 -24.77 25.92
CA TYR A 24 24.84 -25.20 25.76
C TYR A 24 25.74 -24.27 26.57
N ALA A 25 27.02 -24.61 26.60
CA ALA A 25 27.95 -23.87 27.42
C ALA A 25 28.10 -22.45 26.88
N PRO A 26 28.17 -21.44 27.74
CA PRO A 26 28.38 -20.10 27.25
C PRO A 26 29.78 -19.94 26.67
N VAL A 27 29.94 -18.89 25.88
CA VAL A 27 31.22 -18.56 25.28
C VAL A 27 31.45 -17.07 25.43
N HIS A 28 32.68 -16.72 25.74
CA HIS A 28 33.09 -15.33 25.87
C HIS A 28 33.28 -14.71 24.50
N LEU A 29 33.15 -13.39 24.48
CA LEU A 29 33.60 -12.59 23.36
C LEU A 29 34.96 -11.99 23.67
N GLN A 30 35.58 -11.45 22.63
CA GLN A 30 36.65 -10.48 22.82
C GLN A 30 36.57 -9.56 21.61
N ILE A 31 35.80 -8.48 21.75
CA ILE A 31 35.53 -7.58 20.64
C ILE A 31 36.35 -6.32 20.86
N GLN A 32 37.41 -6.19 20.07
CA GLN A 32 38.30 -5.03 20.11
C GLN A 32 38.12 -4.27 18.81
N LEU A 33 37.48 -3.11 18.90
CA LEU A 33 37.29 -2.22 17.75
C LEU A 33 38.61 -1.53 17.43
N VAL A 34 39.52 -2.29 16.81
CA VAL A 34 40.88 -1.82 16.56
C VAL A 34 40.92 -0.51 15.79
N ASN A 35 39.87 -0.20 15.03
CA ASN A 35 39.84 1.04 14.28
C ASN A 35 38.40 1.52 14.13
N THR A 36 38.26 2.82 13.93
CA THR A 36 36.99 3.49 13.68
C THR A 36 37.16 4.46 12.52
N ARG A 37 37.72 3.98 11.42
CA ARG A 37 37.95 4.86 10.29
C ARG A 37 36.63 5.10 9.56
N ILE A 38 36.43 6.34 9.14
CA ILE A 38 35.10 6.89 8.92
C ILE A 38 34.77 7.01 7.44
N ILE A 39 35.52 7.82 6.70
CA ILE A 39 35.36 7.95 5.25
C ILE A 39 33.97 8.49 5.00
N PRO A 40 33.74 9.77 5.29
CA PRO A 40 32.46 10.37 4.93
C PRO A 40 32.32 10.53 3.43
N SER A 41 31.10 10.83 3.03
CA SER A 41 30.83 11.17 1.64
C SER A 41 31.31 12.58 1.37
N THR A 42 32.02 12.76 0.27
CA THR A 42 32.71 14.01 0.00
C THR A 42 32.65 14.31 -1.50
N ASN A 43 33.20 15.47 -1.85
CA ASN A 43 33.28 15.91 -3.24
C ASN A 43 34.50 16.79 -3.40
N LEU A 44 35.34 16.48 -4.36
CA LEU A 44 36.44 17.37 -4.69
C LEU A 44 35.87 18.59 -5.39
N GLU A 45 35.95 19.74 -4.72
CA GLU A 45 35.33 20.95 -5.22
C GLU A 45 36.31 21.77 -6.04
N TYR A 46 37.50 21.99 -5.51
CA TYR A 46 38.56 22.61 -6.28
C TYR A 46 39.85 22.44 -5.53
N ILE A 47 40.89 22.11 -6.26
CA ILE A 47 42.23 22.26 -5.74
C ILE A 47 42.55 23.75 -5.77
N THR A 48 43.31 24.19 -4.79
CA THR A 48 44.02 25.45 -4.90
C THR A 48 45.49 25.21 -4.59
N CYS A 49 46.25 26.25 -4.83
CA CYS A 49 47.70 26.21 -4.81
C CYS A 49 48.12 27.64 -5.05
N LYS A 50 49.41 27.89 -4.94
CA LYS A 50 49.90 29.22 -5.25
C LYS A 50 50.05 29.37 -6.74
N TYR A 51 49.72 30.57 -7.21
CA TYR A 51 49.79 30.90 -8.61
C TYR A 51 51.22 30.79 -9.11
N LYS A 52 51.39 30.97 -10.41
CA LYS A 52 52.67 31.41 -10.97
C LYS A 52 52.35 32.38 -12.09
N THR A 53 52.77 33.62 -11.93
CA THR A 53 52.57 34.64 -12.95
C THR A 53 53.55 34.35 -14.08
N LYS A 54 53.21 33.33 -14.87
CA LYS A 54 54.07 32.90 -15.97
C LYS A 54 53.79 33.83 -17.15
N VAL A 55 54.44 34.99 -17.08
CA VAL A 55 54.26 36.10 -18.00
C VAL A 55 54.56 35.65 -19.42
N PRO A 56 53.64 35.81 -20.37
CA PRO A 56 54.04 35.77 -21.78
C PRO A 56 54.80 37.03 -22.14
N SER A 57 55.75 36.85 -23.01
CA SER A 57 56.74 37.87 -23.28
C SER A 57 56.10 39.06 -23.99
N PRO A 58 56.23 40.28 -23.44
CA PRO A 58 55.44 41.39 -23.97
C PRO A 58 55.82 41.77 -25.39
N VAL A 59 54.87 42.38 -26.06
CA VAL A 59 55.10 42.96 -27.38
C VAL A 59 55.68 44.34 -27.20
N VAL A 60 56.54 44.70 -28.15
CA VAL A 60 57.10 46.04 -28.22
C VAL A 60 57.03 46.49 -29.66
N LYS A 61 55.98 47.23 -30.00
CA LYS A 61 55.92 47.91 -31.28
C LYS A 61 56.66 49.22 -31.17
N CYS A 62 57.47 49.51 -32.18
CA CYS A 62 58.44 50.59 -32.06
C CYS A 62 57.85 51.96 -32.38
N CYS A 63 56.89 52.05 -33.28
CA CYS A 63 56.32 53.34 -33.66
C CYS A 63 54.83 53.13 -33.89
N GLY A 64 54.06 53.32 -32.82
CA GLY A 64 52.62 53.28 -32.86
C GLY A 64 52.06 52.19 -31.97
N ALA A 65 50.74 52.16 -31.89
CA ALA A 65 50.05 51.40 -30.87
C ALA A 65 49.88 49.94 -31.28
N THR A 66 49.73 49.10 -30.26
CA THR A 66 49.37 47.70 -30.42
C THR A 66 48.23 47.43 -29.46
N GLN A 67 47.00 47.47 -29.95
CA GLN A 67 45.85 47.20 -29.10
C GLN A 67 45.90 45.76 -28.62
N CYS A 68 45.66 45.57 -27.33
CA CYS A 68 45.57 44.24 -26.74
C CYS A 68 44.15 43.74 -26.81
N THR A 69 44.01 42.41 -26.75
CA THR A 69 42.72 41.75 -26.65
C THR A 69 42.71 40.87 -25.42
N SER A 70 41.51 40.58 -24.95
CA SER A 70 41.31 39.83 -23.72
C SER A 70 41.35 38.35 -24.06
N LYS A 71 42.56 37.79 -24.08
CA LYS A 71 42.71 36.38 -24.36
C LYS A 71 42.06 35.57 -23.24
N PRO A 72 41.65 34.33 -23.52
CA PRO A 72 40.89 33.56 -22.54
C PRO A 72 41.73 32.88 -21.47
N HIS A 73 43.00 33.25 -21.32
CA HIS A 73 43.79 32.65 -20.27
C HIS A 73 43.20 33.01 -18.91
N PRO A 74 43.41 32.19 -17.87
CA PRO A 74 42.85 32.53 -16.57
C PRO A 74 43.45 33.81 -16.01
N ASP A 75 42.58 34.76 -15.72
CA ASP A 75 42.98 36.07 -15.21
C ASP A 75 43.97 36.73 -16.17
N TYR A 76 43.60 36.72 -17.45
CA TYR A 76 44.48 37.25 -18.47
C TYR A 76 44.53 38.76 -18.34
N GLN A 77 45.49 39.25 -17.57
CA GLN A 77 45.69 40.68 -17.43
C GLN A 77 46.63 41.15 -18.53
N CYS A 78 46.17 42.14 -19.28
CA CYS A 78 46.95 42.71 -20.36
C CYS A 78 46.61 44.19 -20.47
N GLN A 79 47.64 45.01 -20.58
CA GLN A 79 47.46 46.45 -20.67
C GLN A 79 48.51 47.00 -21.60
N VAL A 80 48.06 47.70 -22.64
CA VAL A 80 48.96 48.37 -23.54
C VAL A 80 49.67 49.48 -22.79
N PHE A 81 50.89 49.78 -23.21
CA PHE A 81 51.63 50.90 -22.65
C PHE A 81 52.44 51.56 -23.75
N THR A 82 52.51 52.88 -23.68
CA THR A 82 53.31 53.69 -24.58
C THR A 82 54.37 54.41 -23.76
N GLY A 83 55.10 55.29 -24.42
CA GLY A 83 56.07 56.13 -23.75
C GLY A 83 57.19 55.32 -23.14
N VAL A 84 57.87 54.54 -23.98
CA VAL A 84 59.02 53.77 -23.57
C VAL A 84 60.17 54.05 -24.53
N TYR A 85 61.29 53.40 -24.28
CA TYR A 85 62.53 53.61 -25.02
C TYR A 85 63.40 52.44 -24.63
N PRO A 86 63.00 51.23 -24.99
CA PRO A 86 63.44 50.03 -24.26
C PRO A 86 64.90 49.65 -24.45
N PHE A 87 65.71 49.91 -23.43
CA PHE A 87 67.10 49.47 -23.45
C PHE A 87 67.17 47.96 -23.53
N MET A 88 67.65 47.45 -24.65
CA MET A 88 67.80 46.00 -24.84
C MET A 88 69.11 45.76 -25.57
N TRP A 89 70.20 45.67 -24.81
CA TRP A 89 71.49 45.16 -25.26
C TRP A 89 72.26 46.07 -26.20
N GLY A 90 71.63 47.13 -26.71
CA GLY A 90 72.29 48.05 -27.61
C GLY A 90 71.85 49.46 -27.28
N GLY A 91 71.62 49.70 -25.99
CA GLY A 91 70.79 50.82 -25.63
C GLY A 91 69.38 50.51 -26.07
N ALA A 92 68.60 51.55 -26.31
CA ALA A 92 67.28 51.33 -26.88
C ALA A 92 67.41 50.75 -28.28
N TYR A 93 66.28 50.31 -28.84
CA TYR A 93 66.30 49.80 -30.20
C TYR A 93 65.18 50.38 -31.06
N CYS A 94 64.06 50.75 -30.45
CA CYS A 94 62.99 51.39 -31.20
C CYS A 94 63.31 52.87 -31.38
N PHE A 95 63.31 53.34 -32.63
CA PHE A 95 63.88 54.64 -32.94
C PHE A 95 62.96 55.80 -32.59
N CYS A 96 61.65 55.57 -32.49
CA CYS A 96 60.75 56.60 -31.98
C CYS A 96 61.04 56.82 -30.50
N ASP A 97 60.30 57.75 -29.88
CA ASP A 97 60.50 58.11 -28.49
C ASP A 97 59.24 58.18 -27.65
N THR A 98 58.07 58.35 -28.26
CA THR A 98 56.80 58.24 -27.56
C THR A 98 55.89 57.22 -28.23
N GLU A 99 55.99 57.11 -29.54
CA GLU A 99 55.30 56.07 -30.28
C GLU A 99 55.85 54.69 -29.99
N ASN A 100 57.00 54.60 -29.33
CA ASN A 100 57.47 53.35 -28.76
C ASN A 100 56.38 52.78 -27.87
N THR A 101 55.84 51.64 -28.25
CA THR A 101 54.72 51.02 -27.56
C THR A 101 55.17 49.70 -26.97
N GLN A 102 54.61 49.39 -25.81
CA GLN A 102 54.92 48.17 -25.08
C GLN A 102 53.61 47.61 -24.56
N MET A 103 53.29 46.39 -24.96
CA MET A 103 52.07 45.71 -24.55
C MET A 103 52.45 44.59 -23.61
N SER A 104 52.15 44.78 -22.34
CA SER A 104 52.40 43.77 -21.33
C SER A 104 51.16 42.89 -21.16
N GLU A 105 51.40 41.59 -21.05
CA GLU A 105 50.34 40.63 -20.83
C GLU A 105 50.82 39.60 -19.84
N ALA A 106 49.95 39.22 -18.91
CA ALA A 106 50.28 38.22 -17.93
C ALA A 106 49.00 37.52 -17.51
N TYR A 107 49.05 36.19 -17.46
CA TYR A 107 47.95 35.40 -16.97
C TYR A 107 48.43 34.53 -15.81
N VAL A 108 47.48 34.06 -15.07
CA VAL A 108 47.72 33.20 -13.93
C VAL A 108 47.73 31.76 -14.40
N GLU A 109 48.60 30.96 -13.78
CA GLU A 109 48.68 29.55 -14.11
C GLU A 109 49.04 28.77 -12.86
N ARG A 110 48.55 27.54 -12.81
CA ARG A 110 48.91 26.62 -11.74
C ARG A 110 50.42 26.48 -11.65
N SER A 111 50.94 26.51 -10.43
CA SER A 111 52.33 26.19 -10.23
C SER A 111 52.58 24.73 -10.60
N GLU A 112 53.86 24.39 -10.70
CA GLU A 112 54.22 22.99 -10.79
C GLU A 112 53.96 22.31 -9.45
N GLU A 113 54.02 23.07 -8.35
CA GLU A 113 53.68 22.54 -7.05
C GLU A 113 52.20 22.29 -6.90
N CYS A 114 51.37 22.92 -7.74
CA CYS A 114 49.93 22.71 -7.65
C CYS A 114 49.59 21.24 -7.81
N SER A 115 50.36 20.52 -8.61
CA SER A 115 50.10 19.10 -8.80
C SER A 115 50.27 18.32 -7.51
N ILE A 116 51.19 18.77 -6.66
CA ILE A 116 51.73 17.94 -5.60
C ILE A 116 51.57 18.58 -4.22
N ASP A 117 51.87 19.87 -4.12
CA ASP A 117 51.74 20.63 -2.89
C ASP A 117 50.58 21.58 -3.10
N HIS A 118 49.42 21.19 -2.58
CA HIS A 118 48.20 21.88 -2.94
C HIS A 118 47.18 21.65 -1.85
N ALA A 119 46.52 22.72 -1.44
CA ALA A 119 45.37 22.55 -0.61
C ALA A 119 44.25 21.97 -1.44
N LYS A 120 43.19 21.54 -0.77
CA LYS A 120 42.16 20.79 -1.44
C LYS A 120 40.86 20.92 -0.66
N ALA A 121 39.88 21.59 -1.26
CA ALA A 121 38.61 21.81 -0.60
C ALA A 121 37.70 20.60 -0.78
N TYR A 122 36.65 20.57 0.01
CA TYR A 122 35.67 19.51 -0.09
C TYR A 122 34.35 19.99 0.51
N LYS A 123 33.25 19.56 -0.10
CA LYS A 123 31.96 19.55 0.56
C LYS A 123 31.76 18.17 1.14
N VAL A 124 31.67 18.09 2.45
CA VAL A 124 31.76 16.83 3.19
C VAL A 124 30.41 16.50 3.77
N HIS A 125 29.88 15.36 3.37
CA HIS A 125 28.69 14.75 3.92
C HIS A 125 29.10 13.67 4.92
N THR A 126 28.17 12.80 5.29
CA THR A 126 28.39 11.94 6.46
C THR A 126 29.04 10.59 6.14
N GLY A 127 28.66 9.93 5.05
CA GLY A 127 29.18 8.61 4.69
C GLY A 127 28.97 7.55 5.76
N THR A 128 29.94 6.63 5.86
CA THR A 128 29.74 5.34 6.52
C THR A 128 31.02 4.85 7.15
N VAL A 129 31.00 4.57 8.47
CA VAL A 129 32.23 4.31 9.22
C VAL A 129 32.56 2.81 9.21
N GLN A 130 33.84 2.50 9.45
CA GLN A 130 34.41 1.16 9.25
C GLN A 130 35.30 0.79 10.46
N ALA A 131 35.85 -0.43 10.41
CA ALA A 131 36.67 -0.96 11.50
C ALA A 131 37.28 -2.31 11.09
N MET A 132 38.53 -2.57 11.52
CA MET A 132 39.19 -3.87 11.29
C MET A 132 39.02 -4.79 12.48
N VAL A 133 37.79 -4.99 12.92
CA VAL A 133 37.49 -5.60 14.22
C VAL A 133 38.23 -6.92 14.37
N ASN A 134 39.14 -7.00 15.34
CA ASN A 134 39.63 -8.30 15.75
C ASN A 134 38.64 -8.88 16.73
N ILE A 135 38.35 -10.16 16.55
CA ILE A 135 37.84 -10.98 17.63
C ILE A 135 38.70 -12.22 17.69
N THR A 136 39.40 -12.37 18.80
CA THR A 136 40.05 -13.64 19.12
C THR A 136 39.02 -14.49 19.86
N TYR A 137 38.05 -14.98 19.08
CA TYR A 137 36.82 -15.49 19.64
C TYR A 137 36.99 -16.82 20.35
N GLY A 138 36.32 -16.96 21.49
CA GLY A 138 36.00 -18.24 22.10
C GLY A 138 37.17 -19.19 22.21
N SER A 139 37.10 -20.25 21.42
CA SER A 139 38.24 -21.07 21.08
C SER A 139 38.69 -20.89 19.64
N VAL A 140 37.95 -20.14 18.84
CA VAL A 140 38.39 -19.81 17.48
C VAL A 140 39.71 -19.08 17.54
N SER A 141 39.80 -18.12 18.45
CA SER A 141 41.02 -17.39 18.79
C SER A 141 41.45 -16.40 17.74
N TRP A 142 40.74 -16.25 16.63
CA TRP A 142 41.15 -15.27 15.63
C TRP A 142 40.14 -14.94 14.54
N ARG A 143 39.96 -13.65 14.32
CA ARG A 143 39.50 -13.10 13.05
C ARG A 143 39.83 -11.63 13.12
N SER A 144 40.47 -11.09 12.09
CA SER A 144 40.75 -9.65 12.02
C SER A 144 40.18 -9.16 10.71
N ALA A 145 38.92 -8.73 10.76
CA ALA A 145 38.14 -8.44 9.58
C ALA A 145 37.73 -6.98 9.52
N ASP A 146 37.64 -6.47 8.30
CA ASP A 146 37.16 -5.13 8.04
C ASP A 146 35.65 -5.16 7.88
N VAL A 147 34.96 -4.27 8.58
CA VAL A 147 33.51 -4.29 8.67
C VAL A 147 32.98 -2.90 8.40
N TYR A 148 31.66 -2.78 8.54
CA TYR A 148 30.93 -1.54 8.42
C TYR A 148 30.18 -1.27 9.73
N VAL A 149 29.34 -0.24 9.69
CA VAL A 149 28.56 0.21 10.82
C VAL A 149 27.08 0.11 10.57
N ASN A 150 26.67 0.11 9.32
CA ASN A 150 25.25 0.14 9.00
C ASN A 150 24.59 -1.15 9.45
N GLY A 151 23.51 -1.00 10.22
CA GLY A 151 23.04 -2.11 11.03
C GLY A 151 22.28 -3.19 10.30
N GLU A 152 22.75 -3.57 9.11
CA GLU A 152 22.37 -4.85 8.53
C GLU A 152 23.51 -5.51 7.77
N THR A 153 24.72 -4.97 7.85
CA THR A 153 25.84 -5.53 7.11
C THR A 153 26.50 -6.64 7.94
N PRO A 154 26.53 -7.87 7.47
CA PRO A 154 27.45 -8.86 8.04
C PRO A 154 28.83 -8.76 7.40
N ALA A 155 29.76 -9.50 8.01
CA ALA A 155 31.07 -9.72 7.40
C ALA A 155 31.54 -11.11 7.85
N LYS A 156 31.24 -12.10 7.01
CA LYS A 156 31.58 -13.50 7.31
C LYS A 156 33.05 -13.72 6.94
N ILE A 157 33.93 -13.17 7.76
CA ILE A 157 35.35 -13.38 7.67
C ILE A 157 35.77 -14.04 8.97
N GLY A 158 36.33 -15.24 8.86
CA GLY A 158 36.49 -16.13 9.99
C GLY A 158 35.44 -17.20 9.92
N ASP A 159 34.59 -17.27 10.95
CA ASP A 159 33.39 -18.10 10.91
C ASP A 159 32.15 -17.39 11.42
N ALA A 160 32.29 -16.28 12.12
CA ALA A 160 31.17 -15.62 12.75
C ALA A 160 30.60 -14.55 11.84
N LYS A 161 29.29 -14.37 11.93
CA LYS A 161 28.57 -13.34 11.22
C LYS A 161 28.18 -12.26 12.21
N LEU A 162 28.54 -11.02 11.90
CA LEU A 162 28.50 -9.94 12.87
C LEU A 162 27.89 -8.71 12.24
N ILE A 163 26.94 -8.10 12.94
CA ILE A 163 26.25 -6.92 12.47
C ILE A 163 26.48 -5.83 13.48
N ILE A 164 26.83 -4.65 12.97
CA ILE A 164 27.36 -3.56 13.75
C ILE A 164 26.47 -2.35 13.52
N GLY A 165 26.30 -1.55 14.57
CA GLY A 165 25.70 -0.26 14.45
C GLY A 165 24.28 -0.32 13.92
N PRO A 166 23.76 0.81 13.42
CA PRO A 166 24.40 2.11 13.29
C PRO A 166 24.67 2.78 14.62
N LEU A 167 25.83 3.41 14.72
CA LEU A 167 26.18 4.10 15.95
C LEU A 167 25.24 5.28 16.19
N SER A 168 25.07 5.62 17.46
CA SER A 168 24.23 6.74 17.83
C SER A 168 24.97 8.07 17.80
N SER A 169 26.30 8.04 17.76
CA SER A 169 27.11 9.23 17.96
C SER A 169 27.54 9.77 16.60
N ALA A 170 26.62 10.48 15.96
CA ALA A 170 26.79 10.89 14.58
C ALA A 170 27.67 12.11 14.42
N TRP A 171 28.49 12.46 15.40
CA TRP A 171 29.38 13.61 15.26
C TRP A 171 30.42 13.24 14.22
N SER A 172 30.24 13.73 13.02
CA SER A 172 31.31 13.72 12.05
C SER A 172 32.27 14.83 12.45
N PRO A 173 33.50 14.53 12.88
CA PRO A 173 34.40 15.62 13.27
C PRO A 173 34.72 16.54 12.12
N PHE A 174 34.68 16.03 10.90
CA PHE A 174 34.68 16.91 9.74
C PHE A 174 33.46 17.81 9.78
N ASP A 175 33.66 19.09 9.48
CA ASP A 175 32.55 19.97 9.24
C ASP A 175 32.02 19.73 7.83
N ASN A 176 31.03 20.52 7.44
CA ASN A 176 30.50 20.43 6.09
C ASN A 176 31.56 20.79 5.07
N LYS A 177 32.20 21.93 5.26
CA LYS A 177 33.24 22.41 4.37
C LYS A 177 34.60 22.14 4.99
N VAL A 178 35.50 21.59 4.19
CA VAL A 178 36.81 21.16 4.66
C VAL A 178 37.84 21.54 3.62
N VAL A 179 39.00 21.98 4.08
CA VAL A 179 40.20 22.08 3.27
C VAL A 179 41.16 21.01 3.75
N VAL A 180 41.96 20.53 2.82
CA VAL A 180 42.86 19.42 3.06
C VAL A 180 44.20 19.75 2.45
N TYR A 181 45.28 19.39 3.15
CA TYR A 181 46.63 19.76 2.72
C TYR A 181 47.60 18.66 3.14
N GLY A 182 47.88 17.75 2.21
CA GLY A 182 48.97 16.82 2.38
C GLY A 182 48.68 15.77 3.43
N HIS A 183 48.69 16.20 4.69
CA HIS A 183 48.10 15.41 5.78
C HIS A 183 47.32 16.24 6.76
N GLU A 184 47.57 17.53 6.86
CA GLU A 184 46.88 18.38 7.82
C GLU A 184 45.55 18.79 7.23
N VAL A 185 44.48 18.39 7.90
CA VAL A 185 43.11 18.59 7.44
C VAL A 185 42.49 19.71 8.23
N TYR A 186 41.88 20.66 7.52
CA TYR A 186 41.35 21.87 8.10
C TYR A 186 39.87 21.96 7.79
N ASN A 187 39.05 22.00 8.84
CA ASN A 187 37.60 22.08 8.71
C ASN A 187 37.19 23.53 8.43
N TYR A 188 37.70 24.03 7.32
CA TYR A 188 37.67 25.44 7.00
C TYR A 188 36.51 25.77 6.08
N ASP A 189 35.86 26.89 6.36
CA ASP A 189 34.84 27.43 5.47
C ASP A 189 35.55 28.07 4.29
N PHE A 190 36.04 27.22 3.40
CA PHE A 190 36.63 27.73 2.17
C PHE A 190 35.57 28.53 1.42
N PRO A 191 35.93 29.67 0.79
CA PRO A 191 34.89 30.53 0.24
C PRO A 191 34.03 29.82 -0.78
N GLU A 192 34.62 29.44 -1.92
CA GLU A 192 34.01 28.56 -2.91
C GLU A 192 34.97 28.51 -4.10
N TYR A 193 34.77 27.55 -4.99
CA TYR A 193 35.28 27.70 -6.35
C TYR A 193 34.70 28.96 -6.96
N GLY A 194 35.51 29.63 -7.77
CA GLY A 194 34.99 30.69 -8.60
C GLY A 194 34.90 32.05 -7.96
N THR A 195 35.26 32.19 -6.67
CA THR A 195 34.99 33.42 -5.93
C THR A 195 36.15 33.98 -5.15
N GLY A 196 37.13 33.17 -4.77
CA GLY A 196 38.04 33.50 -3.68
C GLY A 196 38.78 34.80 -3.84
N LYS A 197 38.64 35.68 -2.86
CA LYS A 197 39.24 36.99 -2.94
C LYS A 197 40.75 36.88 -2.99
N ALA A 198 41.37 37.75 -3.78
CA ALA A 198 42.81 37.69 -3.97
C ALA A 198 43.53 37.94 -2.67
N GLY A 199 44.57 37.16 -2.45
CA GLY A 199 45.27 37.15 -1.18
C GLY A 199 44.65 36.19 -0.22
N SER A 200 43.33 36.22 -0.12
CA SER A 200 42.64 35.25 0.71
C SER A 200 42.82 33.86 0.14
N PHE A 201 42.47 32.87 0.97
CA PHE A 201 42.56 31.49 0.56
C PHE A 201 41.75 31.26 -0.70
N GLY A 202 42.30 30.45 -1.60
CA GLY A 202 41.64 30.19 -2.85
C GLY A 202 41.67 31.37 -3.80
N ASP A 203 42.79 32.07 -3.89
CA ASP A 203 42.93 33.04 -4.95
C ASP A 203 43.01 32.33 -6.29
N LEU A 204 43.75 31.23 -6.34
CA LEU A 204 43.68 30.29 -7.44
C LEU A 204 42.71 29.21 -7.04
N GLN A 205 41.83 28.84 -7.97
CA GLN A 205 40.82 27.82 -7.71
C GLN A 205 40.66 27.01 -8.99
N SER A 206 41.34 25.89 -9.04
CA SER A 206 41.23 24.94 -10.12
C SER A 206 40.42 23.75 -9.64
N ARG A 207 39.51 23.29 -10.50
CA ARG A 207 38.69 22.13 -10.17
C ARG A 207 39.54 20.94 -9.78
N THR A 208 40.49 20.60 -10.63
CA THR A 208 41.49 19.60 -10.30
C THR A 208 42.83 20.07 -10.85
N SER A 209 43.80 19.18 -10.83
CA SER A 209 45.13 19.54 -11.32
C SER A 209 45.15 19.60 -12.83
N THR A 210 44.47 18.66 -13.47
CA THR A 210 44.40 18.62 -14.93
C THR A 210 43.62 19.81 -15.48
N SER A 211 42.67 20.34 -14.71
CA SER A 211 41.72 21.32 -15.24
C SER A 211 42.43 22.58 -15.70
N ASN A 212 42.45 22.79 -17.01
CA ASN A 212 43.11 23.96 -17.56
C ASN A 212 42.37 25.24 -17.17
N ASP A 213 41.05 25.16 -17.05
CA ASP A 213 40.27 26.29 -16.58
C ASP A 213 40.38 26.40 -15.07
N LEU A 214 40.20 27.61 -14.56
CA LEU A 214 40.25 27.86 -13.13
C LEU A 214 39.62 29.20 -12.85
N TYR A 215 39.76 29.65 -11.60
CA TYR A 215 39.38 30.99 -11.19
C TYR A 215 40.57 31.60 -10.48
N ALA A 216 41.11 32.67 -11.03
CA ALA A 216 42.28 33.34 -10.49
C ALA A 216 41.94 34.80 -10.23
N ASN A 217 41.33 35.04 -9.07
CA ASN A 217 41.27 36.39 -8.53
C ASN A 217 42.55 36.55 -7.74
N THR A 218 43.56 37.11 -8.39
CA THR A 218 44.81 37.47 -7.76
C THR A 218 45.03 38.97 -7.71
N ASN A 219 44.11 39.76 -8.27
CA ASN A 219 44.30 41.20 -8.36
C ASN A 219 45.58 41.52 -9.12
N LEU A 220 45.88 40.70 -10.12
CA LEU A 220 47.05 40.90 -10.95
C LEU A 220 46.87 42.19 -11.74
N LYS A 221 47.73 43.16 -11.47
CA LYS A 221 47.69 44.46 -12.12
C LYS A 221 49.06 44.77 -12.68
N LEU A 222 49.17 44.78 -14.00
CA LEU A 222 50.41 45.14 -14.63
C LEU A 222 50.63 46.64 -14.54
N GLN A 223 51.89 47.03 -14.38
CA GLN A 223 52.29 48.43 -14.41
C GLN A 223 53.33 48.61 -15.51
N ARG A 224 53.51 49.85 -15.93
CA ARG A 224 54.37 50.11 -17.05
C ARG A 224 55.82 49.90 -16.63
N PRO A 225 56.67 49.34 -17.49
CA PRO A 225 58.08 49.23 -17.14
C PRO A 225 58.72 50.60 -17.10
N GLN A 226 59.79 50.68 -16.33
CA GLN A 226 60.39 51.95 -15.98
C GLN A 226 61.46 52.37 -16.97
N ALA A 227 61.50 53.68 -17.23
CA ALA A 227 62.64 54.38 -17.82
C ALA A 227 63.18 53.70 -19.07
N GLY A 228 62.27 53.26 -19.93
CA GLY A 228 62.67 52.69 -21.21
C GLY A 228 63.53 51.46 -21.05
N ILE A 229 63.04 50.47 -20.32
CA ILE A 229 63.72 49.17 -20.20
C ILE A 229 62.68 48.08 -20.34
N VAL A 230 63.10 46.97 -20.96
CA VAL A 230 62.25 45.80 -21.14
C VAL A 230 62.12 45.08 -19.81
N HIS A 231 60.91 45.04 -19.28
CA HIS A 231 60.52 44.11 -18.24
C HIS A 231 59.02 44.26 -18.06
N THR A 232 58.48 43.51 -17.10
CA THR A 232 57.04 43.38 -16.92
C THR A 232 56.72 43.54 -15.45
N PRO A 233 56.41 44.74 -15.02
CA PRO A 233 55.86 44.89 -13.67
C PRO A 233 54.56 44.13 -13.56
N PHE A 234 54.56 43.06 -12.78
CA PHE A 234 53.33 42.40 -12.38
C PHE A 234 53.18 42.64 -10.89
N THR A 235 52.14 43.37 -10.54
CA THR A 235 51.84 43.70 -9.16
C THR A 235 50.69 42.81 -8.73
N GLN A 236 50.93 42.02 -7.71
CA GLN A 236 50.07 40.89 -7.43
C GLN A 236 50.17 40.53 -5.97
N ALA A 237 49.08 40.04 -5.45
CA ALA A 237 49.07 39.47 -4.13
C ALA A 237 49.78 38.13 -4.14
N PRO A 238 50.82 37.91 -3.34
CA PRO A 238 51.26 36.53 -3.12
C PRO A 238 50.11 35.70 -2.60
N SER A 239 50.16 34.41 -2.84
CA SER A 239 48.93 33.65 -2.85
C SER A 239 48.35 33.49 -1.45
N GLY A 240 47.04 33.30 -1.43
CA GLY A 240 46.35 32.73 -0.30
C GLY A 240 46.63 31.27 -0.07
N PHE A 241 47.48 30.67 -0.89
CA PHE A 241 48.13 29.41 -0.58
C PHE A 241 49.49 29.62 0.05
N GLU A 242 50.10 30.79 -0.16
CA GLU A 242 51.35 31.11 0.55
C GLU A 242 51.06 31.36 2.02
N ARG A 243 50.29 32.40 2.32
CA ARG A 243 49.54 32.36 3.55
C ARG A 243 48.54 31.23 3.43
N TRP A 244 48.03 30.76 4.57
CA TRP A 244 47.39 29.46 4.76
C TRP A 244 48.45 28.39 4.96
N LYS A 245 49.73 28.72 4.83
CA LYS A 245 50.82 27.85 5.26
C LYS A 245 51.63 28.44 6.40
N ARG A 246 51.48 29.72 6.71
CA ARG A 246 52.14 30.31 7.86
C ARG A 246 51.31 31.35 8.61
N ASP A 247 50.06 31.58 8.21
CA ASP A 247 49.09 32.31 9.04
C ASP A 247 47.78 31.54 9.08
N LYS A 248 47.89 30.23 9.05
CA LYS A 248 46.76 29.33 8.92
C LYS A 248 46.07 29.12 10.26
N GLY A 249 45.19 28.11 10.29
CA GLY A 249 44.68 27.55 11.52
C GLY A 249 45.24 26.15 11.74
N ALA A 250 44.93 25.61 12.89
CA ALA A 250 45.52 24.35 13.32
C ALA A 250 44.75 23.17 12.76
N PRO A 251 45.36 21.98 12.70
CA PRO A 251 44.69 20.86 12.07
C PRO A 251 43.74 20.08 12.94
N LEU A 252 42.76 19.52 12.26
CA LEU A 252 41.69 18.79 12.91
C LEU A 252 42.21 17.56 13.64
N ASN A 253 43.34 17.02 13.20
CA ASN A 253 44.02 16.01 14.01
C ASN A 253 44.78 16.62 15.17
N ASP A 254 44.65 17.94 15.39
CA ASP A 254 45.14 18.63 16.56
C ASP A 254 44.10 19.52 17.21
N VAL A 255 42.88 19.63 16.66
CA VAL A 255 41.84 20.44 17.30
C VAL A 255 40.47 19.77 17.33
N ALA A 256 40.35 18.56 16.79
CA ALA A 256 39.06 17.92 16.75
C ALA A 256 38.55 17.65 18.17
N PRO A 257 37.24 17.43 18.31
CA PRO A 257 36.74 16.79 19.53
C PRO A 257 36.63 15.28 19.45
N PHE A 258 36.23 14.70 20.59
CA PHE A 258 35.89 13.29 20.80
C PHE A 258 36.82 12.30 20.14
N GLY A 259 38.10 12.66 20.06
CA GLY A 259 39.18 11.71 19.90
C GLY A 259 39.43 11.01 18.58
N CYS A 260 39.90 11.74 17.58
CA CYS A 260 40.01 11.30 16.22
C CYS A 260 41.42 11.53 15.72
N SER A 261 41.81 10.74 14.73
CA SER A 261 43.03 10.95 13.97
C SER A 261 42.65 10.91 12.50
N ILE A 262 43.55 11.39 11.65
CA ILE A 262 43.23 11.80 10.29
C ILE A 262 44.27 11.28 9.33
N ALA A 263 43.89 11.15 8.05
CA ALA A 263 44.82 10.79 6.99
C ALA A 263 44.38 11.36 5.65
N LEU A 264 45.36 11.73 4.82
CA LEU A 264 45.15 11.99 3.39
C LEU A 264 45.37 10.67 2.69
N GLU A 265 44.30 9.93 2.59
CA GLU A 265 44.16 8.51 2.37
C GLU A 265 42.66 8.58 2.11
N PRO A 266 41.85 7.53 2.19
CA PRO A 266 40.41 7.72 1.89
C PRO A 266 39.64 8.81 2.65
N LEU A 267 40.29 9.68 3.42
CA LEU A 267 39.72 10.83 4.12
C LEU A 267 38.96 10.34 5.33
N ARG A 268 39.53 9.32 5.94
CA ARG A 268 38.98 8.80 7.15
C ARG A 268 39.33 9.69 8.31
N ALA A 269 38.62 9.48 9.41
CA ALA A 269 38.94 10.09 10.69
C ALA A 269 38.98 8.96 11.71
N GLU A 270 40.16 8.40 11.89
CA GLU A 270 40.29 7.16 12.63
C GLU A 270 39.90 7.31 14.09
N ASN A 271 39.41 6.21 14.66
CA ASN A 271 39.50 5.94 16.09
C ASN A 271 38.70 6.95 16.91
N CYS A 272 37.62 7.46 16.33
CA CYS A 272 36.78 8.45 17.01
C CYS A 272 35.99 7.76 18.10
N ALA A 273 36.50 7.86 19.32
CA ALA A 273 35.89 7.24 20.49
C ALA A 273 34.75 8.11 20.97
N VAL A 274 33.52 7.76 20.61
CA VAL A 274 32.37 8.47 21.14
C VAL A 274 31.11 7.64 21.01
N GLY A 275 30.33 7.58 22.07
CA GLY A 275 29.07 6.90 22.06
C GLY A 275 29.21 5.39 22.03
N SER A 276 28.09 4.76 21.66
CA SER A 276 27.95 3.32 21.69
C SER A 276 27.56 2.81 20.32
N ILE A 277 27.69 1.50 20.14
CA ILE A 277 27.38 0.84 18.89
C ILE A 277 26.55 -0.41 19.20
N PRO A 278 25.31 -0.52 18.72
CA PRO A 278 24.50 -1.73 18.97
C PRO A 278 24.90 -2.92 18.13
N ILE A 279 25.81 -3.74 18.64
CA ILE A 279 26.44 -4.80 17.86
C ILE A 279 25.81 -6.13 18.21
N SER A 280 25.68 -6.97 17.19
CA SER A 280 24.97 -8.23 17.28
C SER A 280 25.67 -9.24 16.38
N ILE A 281 25.90 -10.44 16.91
CA ILE A 281 26.67 -11.47 16.23
C ILE A 281 25.85 -12.74 16.17
N ASP A 282 26.01 -13.48 15.07
CA ASP A 282 25.53 -14.84 14.93
C ASP A 282 26.76 -15.74 14.91
N ILE A 283 27.02 -16.38 16.05
CA ILE A 283 28.16 -17.27 16.25
C ILE A 283 27.94 -18.54 15.43
N PRO A 284 28.99 -19.25 15.01
CA PRO A 284 28.76 -20.61 14.52
C PRO A 284 28.44 -21.55 15.67
N ASP A 285 27.31 -22.23 15.56
CA ASP A 285 26.88 -23.14 16.62
C ASP A 285 27.89 -24.26 16.83
N ALA A 286 28.66 -24.60 15.80
CA ALA A 286 29.73 -25.59 15.95
C ALA A 286 30.75 -25.13 16.99
N ALA A 287 31.01 -23.83 17.05
CA ALA A 287 31.98 -23.32 18.02
C ALA A 287 31.49 -23.46 19.45
N PHE A 288 30.19 -23.58 19.65
CA PHE A 288 29.69 -23.80 21.00
C PHE A 288 30.15 -25.14 21.53
N THR A 289 30.34 -25.20 22.83
CA THR A 289 30.48 -26.43 23.57
C THR A 289 29.15 -26.68 24.27
N ARG A 290 28.69 -27.91 24.22
CA ARG A 290 27.47 -28.25 24.92
C ARG A 290 27.68 -28.14 26.42
N ILE A 291 26.59 -27.91 27.13
CA ILE A 291 26.67 -27.54 28.54
C ILE A 291 27.17 -28.69 29.39
N SER A 292 26.95 -29.92 28.97
CA SER A 292 27.25 -31.09 29.78
C SER A 292 28.71 -31.51 29.71
N GLU A 293 29.59 -30.66 29.18
CA GLU A 293 30.99 -30.98 29.00
C GLU A 293 31.91 -30.01 29.69
N THR A 294 31.46 -28.80 29.99
CA THR A 294 32.24 -27.89 30.80
C THR A 294 31.99 -28.18 32.27
N PRO A 295 32.99 -28.04 33.14
CA PRO A 295 32.75 -28.27 34.56
C PRO A 295 31.76 -27.28 35.14
N THR A 296 30.85 -27.78 35.97
CA THR A 296 30.01 -26.93 36.79
C THR A 296 30.80 -26.51 38.02
N VAL A 297 30.80 -25.20 38.29
CA VAL A 297 31.78 -24.58 39.16
C VAL A 297 31.17 -24.11 40.48
N SER A 298 29.86 -24.26 40.65
CA SER A 298 29.16 -23.70 41.80
C SER A 298 29.66 -24.28 43.12
N ASP A 299 29.13 -23.75 44.23
CA ASP A 299 29.66 -24.01 45.57
C ASP A 299 31.09 -23.50 45.68
N LEU A 300 31.33 -22.35 45.09
CA LEU A 300 32.64 -21.71 45.02
C LEU A 300 32.72 -20.58 46.05
N GLU A 301 33.78 -19.79 45.96
CA GLU A 301 33.87 -18.53 46.69
C GLU A 301 34.82 -17.61 45.94
N CYS A 302 34.50 -16.31 45.96
CA CYS A 302 35.33 -15.29 45.34
C CYS A 302 35.66 -14.20 46.34
N LYS A 303 36.87 -13.66 46.23
CA LYS A 303 37.25 -12.51 47.02
C LYS A 303 38.42 -11.82 46.36
N ILE A 304 38.38 -10.48 46.39
CA ILE A 304 39.56 -9.72 46.06
C ILE A 304 40.68 -10.06 47.04
N THR A 305 41.89 -9.77 46.63
CA THR A 305 43.04 -9.86 47.51
C THR A 305 43.87 -8.59 47.49
N GLU A 306 43.98 -7.95 46.33
CA GLU A 306 44.59 -6.62 46.24
C GLU A 306 43.90 -5.91 45.09
N CYS A 307 42.80 -5.22 45.40
CA CYS A 307 42.07 -4.50 44.38
C CYS A 307 42.68 -3.13 44.19
N THR A 308 42.99 -2.81 42.96
CA THR A 308 43.58 -1.53 42.58
C THR A 308 42.52 -0.71 41.89
N TYR A 309 42.21 0.44 42.49
CA TYR A 309 41.09 1.28 42.11
C TYR A 309 41.45 2.12 40.88
N ALA A 310 41.60 1.44 39.75
CA ALA A 310 42.44 1.97 38.69
C ALA A 310 42.01 1.50 37.31
N SER A 311 42.86 1.80 36.32
CA SER A 311 42.63 1.61 34.89
C SER A 311 43.31 0.36 34.39
N ASP A 312 44.62 0.29 34.53
CA ASP A 312 45.34 -0.94 34.25
C ASP A 312 44.75 -2.05 35.10
N PHE A 313 44.86 -3.28 34.61
CA PHE A 313 44.23 -4.39 35.29
C PHE A 313 44.95 -4.70 36.58
N GLY A 314 44.77 -3.83 37.57
CA GLY A 314 45.44 -3.99 38.85
C GLY A 314 44.59 -4.75 39.83
N GLY A 315 43.28 -4.76 39.61
CA GLY A 315 42.40 -5.50 40.49
C GLY A 315 42.57 -6.99 40.30
N ILE A 316 42.70 -7.70 41.42
CA ILE A 316 42.84 -9.15 41.42
C ILE A 316 41.87 -9.76 42.41
N ALA A 317 41.61 -11.04 42.21
CA ALA A 317 40.72 -11.75 43.12
C ALA A 317 40.92 -13.24 42.95
N THR A 318 41.28 -13.92 44.03
CA THR A 318 41.24 -15.36 44.02
C THR A 318 39.79 -15.81 43.98
N VAL A 319 39.58 -17.02 43.49
CA VAL A 319 38.27 -17.63 43.44
C VAL A 319 38.43 -19.07 43.86
N ALA A 320 37.75 -19.45 44.93
CA ALA A 320 37.76 -20.84 45.39
C ALA A 320 36.89 -21.66 44.46
N TYR A 321 37.49 -22.05 43.33
CA TYR A 321 36.75 -22.80 42.34
C TYR A 321 36.36 -24.17 42.89
N LYS A 322 35.10 -24.52 42.67
CA LYS A 322 34.53 -25.78 43.13
C LYS A 322 33.91 -26.45 41.92
N SER A 323 34.74 -27.18 41.18
CA SER A 323 34.34 -27.71 39.90
C SER A 323 33.76 -29.12 40.05
N SER A 324 33.23 -29.62 38.95
CA SER A 324 32.75 -30.99 38.83
C SER A 324 33.67 -31.80 37.94
N LYS A 325 33.86 -31.36 36.72
CA LYS A 325 34.90 -31.86 35.84
C LYS A 325 36.12 -30.96 36.01
N ALA A 326 37.09 -31.09 35.11
CA ALA A 326 38.26 -30.22 35.08
C ALA A 326 38.47 -29.76 33.65
N GLY A 327 38.71 -28.47 33.49
CA GLY A 327 38.93 -27.92 32.16
C GLY A 327 38.85 -26.42 32.16
N ASN A 328 38.45 -25.87 31.02
CA ASN A 328 38.32 -24.44 30.88
C ASN A 328 36.95 -23.97 31.32
N CYS A 329 36.87 -22.68 31.57
CA CYS A 329 35.66 -22.06 32.09
C CYS A 329 35.69 -20.58 31.68
N PRO A 330 34.95 -20.17 30.66
CA PRO A 330 34.95 -18.75 30.31
C PRO A 330 34.33 -17.92 31.41
N ILE A 331 34.81 -16.69 31.53
CA ILE A 331 34.45 -15.80 32.62
C ILE A 331 34.10 -14.43 32.08
N HIS A 332 33.26 -13.73 32.82
CA HIS A 332 32.89 -12.36 32.51
C HIS A 332 32.10 -11.81 33.68
N SER A 333 32.19 -10.49 33.85
CA SER A 333 31.36 -9.76 34.78
C SER A 333 30.23 -9.15 33.98
N PRO A 334 29.01 -9.68 34.02
CA PRO A 334 27.92 -9.05 33.26
C PRO A 334 27.69 -7.61 33.66
N SER A 335 27.98 -7.27 34.90
CA SER A 335 28.01 -5.86 35.28
C SER A 335 29.23 -5.21 34.66
N GLY A 336 29.05 -4.01 34.16
CA GLY A 336 30.14 -3.27 33.56
C GLY A 336 31.08 -2.64 34.55
N VAL A 337 30.88 -2.87 35.84
CA VAL A 337 31.74 -2.28 36.86
C VAL A 337 33.16 -2.79 36.68
N ALA A 338 33.30 -4.08 36.47
CA ALA A 338 34.60 -4.75 36.43
C ALA A 338 34.89 -5.20 35.02
N VAL A 339 36.10 -4.90 34.56
CA VAL A 339 36.59 -5.33 33.27
C VAL A 339 37.76 -6.25 33.53
N ILE A 340 37.75 -7.41 32.91
CA ILE A 340 38.61 -8.53 33.27
C ILE A 340 39.57 -8.79 32.12
N LYS A 341 40.83 -9.07 32.47
CA LYS A 341 41.83 -9.36 31.46
C LYS A 341 41.69 -10.78 30.93
N GLU A 342 41.33 -11.71 31.79
CA GLU A 342 41.18 -13.11 31.41
C GLU A 342 39.77 -13.35 30.88
N ASN A 343 39.70 -13.87 29.67
CA ASN A 343 38.43 -14.37 29.15
C ASN A 343 38.10 -15.75 29.71
N ASP A 344 39.13 -16.57 29.89
CA ASP A 344 38.98 -17.98 30.19
C ASP A 344 39.95 -18.34 31.29
N VAL A 345 39.53 -19.25 32.16
CA VAL A 345 40.37 -19.75 33.23
C VAL A 345 40.35 -21.27 33.16
N THR A 346 41.54 -21.87 33.28
CA THR A 346 41.67 -23.30 33.35
C THR A 346 41.36 -23.77 34.76
N LEU A 347 40.79 -24.97 34.86
CA LEU A 347 40.39 -25.51 36.16
C LEU A 347 40.76 -26.97 36.27
N ALA A 348 41.44 -27.29 37.37
CA ALA A 348 41.54 -28.65 37.84
C ALA A 348 40.28 -28.97 38.64
N GLU A 349 40.28 -30.08 39.35
CA GLU A 349 39.12 -30.47 40.14
C GLU A 349 39.04 -29.58 41.37
N SER A 350 38.33 -28.45 41.24
CA SER A 350 38.00 -27.60 42.36
C SER A 350 39.25 -27.03 43.03
N GLY A 351 40.00 -26.29 42.25
CA GLY A 351 41.17 -25.56 42.71
C GLY A 351 40.86 -24.11 42.98
N SER A 352 41.84 -23.25 42.71
CA SER A 352 41.70 -21.82 42.87
C SER A 352 42.62 -21.12 41.89
N PHE A 353 42.12 -20.07 41.24
CA PHE A 353 42.90 -19.34 40.26
C PHE A 353 42.49 -17.88 40.30
N THR A 354 43.47 -17.02 40.54
CA THR A 354 43.26 -15.59 40.53
C THR A 354 43.17 -15.10 39.09
N PHE A 355 42.39 -14.05 38.89
CA PHE A 355 42.36 -13.31 37.65
C PHE A 355 42.68 -11.86 37.93
N HIS A 356 42.79 -11.09 36.86
CA HIS A 356 43.08 -9.68 36.92
C HIS A 356 41.88 -8.89 36.44
N PHE A 357 41.72 -7.67 36.94
CA PHE A 357 40.63 -6.83 36.47
C PHE A 357 40.90 -5.38 36.84
N SER A 358 39.91 -4.53 36.57
CA SER A 358 39.97 -3.11 36.87
C SER A 358 38.55 -2.62 37.09
N THR A 359 38.40 -1.66 38.00
CA THR A 359 37.10 -1.15 38.41
C THR A 359 37.18 0.35 38.58
N ALA A 360 36.06 0.93 38.98
CA ALA A 360 35.95 2.36 39.23
C ALA A 360 35.21 2.71 40.50
N ASN A 361 34.63 1.76 41.19
CA ASN A 361 33.91 2.01 42.43
C ASN A 361 34.67 1.41 43.61
N ILE A 362 34.76 2.20 44.67
CA ILE A 362 35.59 1.86 45.82
C ILE A 362 35.22 0.48 46.35
N HIS A 363 33.94 0.17 46.33
CA HIS A 363 33.40 -1.09 46.81
C HIS A 363 32.91 -1.86 45.60
N PRO A 364 33.77 -2.57 44.89
CA PRO A 364 33.31 -3.26 43.69
C PRO A 364 32.45 -4.44 44.02
N ALA A 365 31.14 -4.25 43.88
CA ALA A 365 30.16 -5.31 44.03
C ALA A 365 29.69 -5.75 42.65
N PHE A 366 30.57 -6.48 41.97
CA PHE A 366 30.30 -6.95 40.62
C PHE A 366 30.11 -8.46 40.63
N LYS A 367 29.10 -8.90 39.89
CA LYS A 367 28.92 -10.32 39.69
C LYS A 367 30.02 -10.85 38.78
N LEU A 368 30.35 -12.12 38.95
CA LEU A 368 31.27 -12.81 38.07
C LEU A 368 30.63 -14.13 37.67
N GLN A 369 30.53 -14.34 36.37
CA GLN A 369 29.82 -15.47 35.80
C GLN A 369 30.86 -16.45 35.29
N VAL A 370 31.23 -17.40 36.15
CA VAL A 370 32.25 -18.38 35.80
C VAL A 370 31.52 -19.56 35.18
N CYS A 371 31.29 -19.44 33.86
CA CYS A 371 30.69 -20.46 33.01
C CYS A 371 29.44 -21.06 33.66
N THR A 372 28.44 -20.19 33.78
CA THR A 372 27.17 -20.47 34.43
C THR A 372 27.34 -20.74 35.92
N SER A 373 27.94 -19.77 36.61
CA SER A 373 27.88 -19.74 38.06
C SER A 373 28.21 -18.32 38.48
N ALA A 374 27.22 -17.62 39.01
CA ALA A 374 27.40 -16.23 39.39
C ALA A 374 28.03 -16.13 40.77
N VAL A 375 28.69 -15.01 41.03
CA VAL A 375 29.25 -14.76 42.34
C VAL A 375 29.58 -13.29 42.46
N THR A 376 29.31 -12.75 43.65
CA THR A 376 29.70 -11.39 43.99
C THR A 376 31.13 -11.41 44.50
N CYS A 377 32.01 -10.68 43.83
CA CYS A 377 33.38 -10.49 44.28
C CYS A 377 33.51 -9.14 45.01
N LYS A 378 32.70 -9.01 46.07
CA LYS A 378 32.68 -7.80 46.86
C LYS A 378 34.05 -7.53 47.47
N GLY A 379 34.35 -6.25 47.70
CA GLY A 379 35.56 -5.91 48.42
C GLY A 379 35.83 -4.42 48.44
N ASP A 380 37.12 -4.07 48.46
CA ASP A 380 37.54 -2.68 48.54
C ASP A 380 38.88 -2.52 47.85
N CYS A 381 39.12 -1.33 47.30
CA CYS A 381 40.20 -1.11 46.37
C CYS A 381 41.07 0.06 46.83
N LYS A 382 42.25 0.16 46.20
CA LYS A 382 43.28 1.11 46.59
C LYS A 382 43.63 2.01 45.40
N PRO A 383 43.80 3.31 45.62
CA PRO A 383 44.22 4.19 44.52
C PRO A 383 45.68 4.03 44.17
N PRO A 384 46.06 4.14 42.87
CA PRO A 384 47.48 4.16 42.50
C PRO A 384 48.18 5.51 42.57
N LYS A 385 49.38 5.55 41.97
CA LYS A 385 50.33 6.63 42.15
C LYS A 385 50.92 7.21 40.86
N ASP A 386 50.75 6.57 39.70
CA ASP A 386 51.73 6.61 38.60
C ASP A 386 51.09 6.86 37.23
N HIS A 387 50.30 7.94 37.12
CA HIS A 387 49.33 8.11 36.02
C HIS A 387 49.79 9.02 34.88
N ILE A 388 50.80 8.58 34.10
CA ILE A 388 51.08 9.26 32.83
C ILE A 388 51.47 8.32 31.68
N VAL A 389 50.52 7.56 31.12
CA VAL A 389 50.81 6.63 30.02
C VAL A 389 49.46 6.54 29.32
N ASP A 390 49.30 5.80 28.20
CA ASP A 390 48.22 5.90 27.22
C ASP A 390 46.85 5.57 27.82
N TYR A 391 45.89 4.94 27.13
CA TYR A 391 44.49 5.00 27.60
C TYR A 391 44.01 3.73 28.28
N PRO A 392 42.92 3.82 29.06
CA PRO A 392 42.62 2.79 30.05
C PRO A 392 41.89 1.57 29.48
N ALA A 393 41.74 0.58 30.36
CA ALA A 393 40.90 -0.60 30.14
C ALA A 393 39.64 -0.58 30.98
N GLN A 394 39.45 0.44 31.79
CA GLN A 394 38.40 0.50 32.80
C GLN A 394 37.10 1.02 32.21
N HIS A 395 37.16 2.25 31.68
CA HIS A 395 36.13 2.90 30.86
C HIS A 395 34.73 2.65 31.37
N THR A 396 34.55 2.68 32.69
CA THR A 396 33.30 2.29 33.32
C THR A 396 32.91 3.25 34.43
N GLU A 397 33.37 4.49 34.35
CA GLU A 397 33.14 5.44 35.43
C GLU A 397 31.65 5.74 35.55
N SER A 398 31.16 5.72 36.78
CA SER A 398 29.77 6.02 37.07
C SER A 398 29.71 6.59 38.49
N PHE A 399 28.52 6.61 39.05
CA PHE A 399 28.35 7.11 40.42
C PHE A 399 28.94 6.11 41.41
N THR A 400 29.84 6.61 42.26
CA THR A 400 30.58 5.78 43.21
C THR A 400 30.68 6.46 44.57
N TRP A 408 29.14 6.58 49.82
CA TRP A 408 27.94 6.40 50.62
C TRP A 408 28.23 6.46 52.12
N SER A 409 29.49 6.74 52.48
CA SER A 409 29.89 6.67 53.88
C SER A 409 29.24 7.75 54.74
N TRP A 410 28.73 8.83 54.13
CA TRP A 410 27.98 9.88 54.83
C TRP A 410 26.76 10.26 54.04
N LEU A 411 26.09 9.28 53.46
CA LEU A 411 24.92 9.54 52.63
C LEU A 411 23.74 8.68 53.05
N LYS A 412 24.01 7.45 53.48
CA LYS A 412 22.93 6.52 53.74
C LYS A 412 22.17 6.90 55.01
N VAL A 413 22.84 6.85 56.16
CA VAL A 413 22.21 7.28 57.40
C VAL A 413 22.24 8.80 57.50
N LEU A 414 23.07 9.48 56.71
CA LEU A 414 22.99 10.92 56.63
C LEU A 414 21.63 11.36 56.11
N VAL A 415 21.31 10.97 54.88
CA VAL A 415 20.08 11.47 54.27
C VAL A 415 18.88 10.80 54.90
N GLY A 416 19.02 9.53 55.30
CA GLY A 416 18.02 8.93 56.16
C GLY A 416 17.86 9.70 57.46
N GLY A 417 18.95 10.30 57.93
CA GLY A 417 18.89 11.20 59.07
C GLY A 417 18.36 12.56 58.67
N THR A 418 18.73 13.04 57.48
CA THR A 418 18.13 14.25 56.95
C THR A 418 16.63 14.09 56.83
N SER A 419 16.21 12.97 56.27
CA SER A 419 14.78 12.68 56.19
C SER A 419 14.17 12.59 57.57
N ALA A 420 14.91 12.00 58.53
CA ALA A 420 14.38 11.77 59.86
C ALA A 420 13.89 13.05 60.51
N PHE A 421 14.50 14.19 60.19
CA PHE A 421 13.99 15.46 60.68
C PHE A 421 12.61 15.75 60.11
N ILE A 422 12.45 15.59 58.79
CA ILE A 422 11.17 15.85 58.15
C ILE A 422 10.23 14.66 58.27
N VAL A 423 10.77 13.46 58.49
CA VAL A 423 9.91 12.34 58.87
C VAL A 423 9.39 12.57 60.28
N LEU A 424 10.21 13.17 61.14
CA LEU A 424 9.75 13.52 62.49
C LEU A 424 8.61 14.53 62.45
N GLY A 425 8.44 15.25 61.36
CA GLY A 425 7.41 16.26 61.26
C GLY A 425 6.02 15.68 61.30
N LEU A 426 5.66 14.89 60.29
CA LEU A 426 4.32 14.34 60.20
C LEU A 426 4.03 13.24 61.22
N ILE A 427 4.96 12.95 62.11
CA ILE A 427 4.67 12.18 63.31
C ILE A 427 4.68 13.05 64.55
N ALA A 428 5.07 14.31 64.41
CA ALA A 428 4.68 15.35 65.35
C ALA A 428 3.34 15.95 64.94
N THR A 429 3.26 16.43 63.70
CA THR A 429 1.98 16.78 63.13
C THR A 429 1.18 15.52 62.89
N ALA A 430 -0.14 15.64 63.07
CA ALA A 430 -1.12 14.55 63.07
C ALA A 430 -1.08 13.71 64.35
N VAL A 431 -0.08 13.92 65.20
CA VAL A 431 -0.17 13.53 66.60
C VAL A 431 -0.69 14.70 67.42
N VAL A 432 -0.45 15.93 66.94
CA VAL A 432 -1.23 17.05 67.42
C VAL A 432 -2.70 16.77 67.20
N ALA A 433 -3.04 16.16 66.06
CA ALA A 433 -4.41 15.78 65.78
C ALA A 433 -4.94 14.80 66.82
N LEU A 434 -4.08 13.95 67.36
CA LEU A 434 -4.50 13.02 68.40
C LEU A 434 -4.65 13.72 69.74
N VAL A 435 -3.64 14.51 70.12
CA VAL A 435 -3.76 15.34 71.33
C VAL A 435 -4.94 16.27 71.19
N LEU A 436 -5.09 16.87 70.00
CA LEU A 436 -6.33 17.53 69.65
C LEU A 436 -7.51 16.58 69.78
N PHE A 437 -7.43 15.43 69.12
CA PHE A 437 -8.56 14.55 68.78
C PHE A 437 -9.45 15.21 67.73
N ASP B 1 73.13 8.67 -19.09
CA ASP B 1 72.22 9.19 -20.14
C ASP B 1 71.96 10.68 -19.96
N LEU B 2 72.97 11.48 -20.26
CA LEU B 2 72.82 12.92 -20.40
C LEU B 2 72.33 13.31 -21.78
N ASP B 3 71.90 12.35 -22.60
CA ASP B 3 71.64 12.53 -24.02
C ASP B 3 70.18 12.22 -24.35
N THR B 4 69.29 12.55 -23.42
CA THR B 4 67.86 12.26 -23.52
C THR B 4 66.99 13.51 -23.52
N HIS B 5 67.59 14.70 -23.55
CA HIS B 5 66.86 15.95 -23.53
C HIS B 5 67.46 16.90 -24.55
N PHE B 6 67.68 16.39 -25.75
CA PHE B 6 68.01 17.25 -26.86
C PHE B 6 66.80 18.03 -27.35
N THR B 7 65.63 17.80 -26.77
CA THR B 7 64.52 18.72 -26.89
C THR B 7 64.98 20.15 -26.61
N GLN B 8 65.53 20.37 -25.41
CA GLN B 8 66.04 21.70 -25.08
C GLN B 8 67.38 21.94 -25.73
N TYR B 9 68.31 21.01 -25.53
CA TYR B 9 69.73 21.28 -25.75
C TYR B 9 70.01 21.74 -27.18
N LYS B 10 69.65 20.90 -28.16
CA LYS B 10 69.90 21.25 -29.55
C LYS B 10 69.15 22.51 -29.94
N LEU B 11 67.95 22.68 -29.42
CA LEU B 11 66.97 23.56 -30.02
C LEU B 11 66.82 24.87 -29.28
N ALA B 12 67.26 24.95 -28.03
CA ALA B 12 67.24 26.16 -27.24
C ALA B 12 68.63 26.77 -27.15
N ARG B 13 68.67 28.09 -27.01
CA ARG B 13 69.90 28.86 -26.94
C ARG B 13 69.99 29.56 -25.60
N PRO B 14 71.19 30.00 -25.18
CA PRO B 14 71.27 30.74 -23.92
C PRO B 14 70.70 32.14 -24.05
N TYR B 15 69.50 32.35 -23.52
CA TYR B 15 68.84 33.62 -23.72
C TYR B 15 69.55 34.71 -22.91
N ILE B 16 69.42 35.95 -23.38
CA ILE B 16 69.92 37.11 -22.67
C ILE B 16 68.81 38.12 -22.43
N ALA B 17 68.69 38.57 -21.18
CA ALA B 17 67.64 39.47 -20.76
C ALA B 17 68.25 40.53 -19.86
N ASP B 18 67.38 41.33 -19.23
CA ASP B 18 67.78 42.52 -18.50
C ASP B 18 67.80 42.21 -17.01
N CYS B 19 68.99 41.98 -16.48
CA CYS B 19 69.14 41.77 -15.05
C CYS B 19 68.84 43.08 -14.32
N PRO B 20 68.21 43.01 -13.13
CA PRO B 20 67.72 44.26 -12.51
C PRO B 20 68.74 45.09 -11.74
N ASN B 21 69.69 44.45 -11.07
CA ASN B 21 70.69 45.15 -10.27
C ASN B 21 72.05 44.49 -10.51
N CYS B 22 72.41 44.42 -11.78
CA CYS B 22 73.53 43.65 -12.29
C CYS B 22 74.85 44.22 -11.82
N GLY B 23 75.13 44.08 -10.53
CA GLY B 23 76.33 44.63 -9.95
C GLY B 23 76.19 46.10 -9.71
N HIS B 24 76.25 46.89 -10.78
CA HIS B 24 75.97 48.31 -10.68
C HIS B 24 74.47 48.56 -10.63
N SER B 25 73.80 48.22 -11.73
CA SER B 25 72.44 48.60 -12.00
C SER B 25 71.92 47.65 -13.08
N ARG B 26 70.84 48.03 -13.74
CA ARG B 26 70.22 47.18 -14.73
C ARG B 26 71.12 47.01 -15.95
N CYS B 27 71.83 45.88 -16.03
CA CYS B 27 72.52 45.50 -17.25
C CYS B 27 71.62 44.59 -18.07
N ASP B 28 72.19 43.96 -19.09
CA ASP B 28 71.58 42.86 -19.81
C ASP B 28 72.51 41.67 -19.65
N SER B 29 72.24 40.84 -18.62
CA SER B 29 73.06 39.67 -18.40
C SER B 29 72.48 38.46 -19.10
N PRO B 30 73.29 37.55 -19.63
CA PRO B 30 72.74 36.27 -20.09
C PRO B 30 72.19 35.42 -18.98
N ILE B 31 72.58 35.67 -17.74
CA ILE B 31 72.15 34.86 -16.60
C ILE B 31 71.04 35.59 -15.87
N ALA B 32 70.30 36.44 -16.60
CA ALA B 32 69.21 37.19 -16.02
C ALA B 32 68.21 36.27 -15.35
N ILE B 33 67.97 36.54 -14.06
CA ILE B 33 67.23 35.62 -13.20
C ILE B 33 65.75 35.94 -13.30
N GLU B 34 64.98 34.94 -13.71
CA GLU B 34 63.53 34.96 -13.62
C GLU B 34 63.13 33.74 -12.80
N GLU B 35 61.86 33.72 -12.37
CA GLU B 35 61.21 32.57 -11.73
C GLU B 35 62.07 31.97 -10.64
N VAL B 36 62.30 32.75 -9.62
CA VAL B 36 62.86 32.25 -8.38
C VAL B 36 61.75 31.53 -7.63
N ARG B 37 62.08 30.35 -7.09
CA ARG B 37 61.09 29.50 -6.45
C ARG B 37 61.65 29.00 -5.12
N GLY B 38 61.46 29.80 -4.08
CA GLY B 38 61.83 29.41 -2.72
C GLY B 38 60.62 28.82 -2.04
N ASP B 39 59.97 27.91 -2.74
CA ASP B 39 58.69 27.38 -2.36
C ASP B 39 58.77 25.97 -1.78
N ALA B 40 59.91 25.32 -1.92
CA ALA B 40 60.14 24.00 -1.33
C ALA B 40 60.61 24.19 0.11
N HIS B 41 61.12 23.11 0.70
CA HIS B 41 61.46 23.06 2.11
C HIS B 41 62.92 22.74 2.40
N ALA B 42 63.63 22.14 1.46
CA ALA B 42 64.87 21.44 1.76
C ALA B 42 66.10 22.33 1.66
N GLY B 43 65.96 23.62 1.91
CA GLY B 43 67.06 24.52 1.67
C GLY B 43 67.34 24.80 0.21
N VAL B 44 66.44 24.40 -0.68
CA VAL B 44 66.69 24.37 -2.12
C VAL B 44 65.87 25.45 -2.81
N ILE B 45 66.44 26.01 -3.86
CA ILE B 45 65.71 26.85 -4.80
C ILE B 45 66.01 26.36 -6.20
N ARG B 46 64.96 26.27 -6.99
CA ARG B 46 65.05 26.10 -8.42
C ARG B 46 65.01 27.48 -9.06
N ILE B 47 65.97 27.75 -9.93
CA ILE B 47 66.13 29.05 -10.57
C ILE B 47 66.17 28.82 -12.07
N GLN B 48 65.75 29.84 -12.83
CA GLN B 48 66.04 29.90 -14.26
C GLN B 48 66.91 31.11 -14.53
N THR B 49 68.10 30.84 -15.02
CA THR B 49 68.84 31.83 -15.78
C THR B 49 68.25 31.90 -17.17
N SER B 50 68.40 33.06 -17.80
CA SER B 50 68.18 33.11 -19.23
C SER B 50 69.29 32.40 -19.99
N ALA B 51 70.43 32.14 -19.33
CA ALA B 51 71.49 31.37 -19.93
C ALA B 51 71.20 29.88 -19.84
N MET B 52 71.55 29.17 -20.89
CA MET B 52 71.35 27.73 -21.02
C MET B 52 72.73 27.11 -20.87
N PHE B 53 73.09 26.81 -19.63
CA PHE B 53 74.25 25.97 -19.38
C PHE B 53 73.83 24.51 -19.49
N GLY B 54 74.80 23.61 -19.43
CA GLY B 54 74.53 22.20 -19.65
C GLY B 54 75.54 21.62 -20.61
N LEU B 55 75.06 20.91 -21.63
CA LEU B 55 75.95 20.53 -22.71
C LEU B 55 76.46 21.79 -23.40
N LYS B 56 77.38 21.59 -24.33
CA LYS B 56 77.90 22.71 -25.10
C LYS B 56 76.87 23.11 -26.13
N THR B 57 77.28 23.92 -27.11
CA THR B 57 76.46 24.17 -28.28
C THR B 57 76.01 22.86 -28.92
N ASP B 58 76.89 21.86 -28.95
CA ASP B 58 76.64 20.68 -29.77
C ASP B 58 76.19 19.44 -29.01
N GLY B 59 77.05 18.83 -28.16
CA GLY B 59 76.74 17.50 -27.67
C GLY B 59 77.30 16.93 -26.38
N VAL B 60 78.06 17.66 -25.56
CA VAL B 60 78.89 17.00 -24.55
C VAL B 60 78.80 17.72 -23.20
N ASP B 61 78.77 16.91 -22.13
CA ASP B 61 79.16 17.33 -20.79
C ASP B 61 78.32 18.43 -20.18
N LEU B 62 77.20 18.02 -19.55
CA LEU B 62 76.36 18.86 -18.70
C LEU B 62 77.15 19.90 -17.90
N ALA B 63 78.32 19.53 -17.40
CA ALA B 63 79.09 20.41 -16.53
C ALA B 63 79.87 21.48 -17.28
N TYR B 64 79.54 21.77 -18.54
CA TYR B 64 80.08 22.92 -19.24
C TYR B 64 79.04 24.03 -19.24
N MET B 65 79.37 25.12 -19.92
CA MET B 65 78.78 26.43 -19.60
C MET B 65 78.65 27.23 -20.89
N SER B 66 77.41 27.39 -21.36
CA SER B 66 77.10 28.17 -22.54
C SER B 66 76.18 29.31 -22.17
N PHE B 67 76.72 30.53 -22.13
CA PHE B 67 75.93 31.76 -22.10
C PHE B 67 76.12 32.48 -23.42
N MET B 68 75.43 33.62 -23.54
CA MET B 68 75.52 34.46 -24.72
C MET B 68 76.51 35.58 -24.46
N ASN B 69 77.51 35.69 -25.34
CA ASN B 69 78.41 36.83 -25.41
C ASN B 69 78.34 37.34 -26.84
N GLY B 70 77.90 38.58 -26.99
CA GLY B 70 77.58 39.09 -28.31
C GLY B 70 76.20 38.62 -28.73
N LYS B 71 76.03 38.48 -30.04
CA LYS B 71 74.97 37.63 -30.56
C LYS B 71 75.26 36.14 -30.33
N THR B 72 76.46 35.80 -29.90
CA THR B 72 77.00 34.45 -29.96
C THR B 72 76.96 33.79 -28.59
N GLN B 73 76.96 32.47 -28.62
CA GLN B 73 77.11 31.68 -27.41
C GLN B 73 78.56 31.75 -26.92
N LYS B 74 78.81 31.10 -25.78
CA LYS B 74 80.18 30.78 -25.39
C LYS B 74 80.12 29.49 -24.56
N SER B 75 80.22 28.36 -25.24
CA SER B 75 80.00 27.04 -24.63
C SER B 75 81.34 26.53 -24.09
N ILE B 76 81.60 26.86 -22.83
CA ILE B 76 82.88 26.60 -22.18
C ILE B 76 82.62 26.09 -20.76
N LYS B 77 83.66 25.99 -19.95
CA LYS B 77 83.57 25.33 -18.65
C LYS B 77 82.86 26.19 -17.59
N ILE B 78 82.24 25.50 -16.63
CA ILE B 78 81.38 26.08 -15.59
C ILE B 78 82.18 26.67 -14.42
N ASP B 79 83.49 26.79 -14.59
CA ASP B 79 84.48 26.75 -13.52
C ASP B 79 84.09 27.34 -12.16
N ASN B 80 83.47 28.51 -12.14
CA ASN B 80 83.30 29.29 -10.89
C ASN B 80 81.91 29.88 -10.78
N LEU B 81 80.89 29.04 -10.97
CA LEU B 81 79.53 29.45 -10.69
C LEU B 81 79.39 29.91 -9.25
N HIS B 82 78.53 30.91 -9.04
CA HIS B 82 78.11 31.28 -7.69
C HIS B 82 76.65 31.73 -7.72
N VAL B 83 75.76 30.86 -7.23
CA VAL B 83 74.49 31.31 -6.68
C VAL B 83 74.76 31.76 -5.26
N ARG B 84 74.05 32.79 -4.82
CA ARG B 84 74.12 33.13 -3.42
C ARG B 84 72.94 34.00 -3.03
N THR B 85 72.79 34.14 -1.73
CA THR B 85 71.72 34.84 -1.04
C THR B 85 72.42 35.55 0.10
N SER B 86 71.70 35.80 1.19
CA SER B 86 72.30 36.22 2.45
C SER B 86 73.64 35.54 2.76
N ALA B 87 73.77 34.26 2.42
CA ALA B 87 75.03 33.56 2.40
C ALA B 87 75.26 32.92 1.04
N PRO B 88 76.47 32.45 0.76
CA PRO B 88 76.68 31.68 -0.46
C PRO B 88 75.93 30.36 -0.43
N CYS B 89 75.21 30.10 -1.51
CA CYS B 89 74.43 28.89 -1.64
C CYS B 89 75.32 27.72 -1.99
N SER B 90 74.70 26.56 -2.16
CA SER B 90 75.34 25.38 -2.69
C SER B 90 74.57 24.95 -3.92
N LEU B 91 75.27 24.85 -5.04
CA LEU B 91 74.72 24.26 -6.24
C LEU B 91 74.23 22.85 -5.94
N VAL B 92 73.14 22.45 -6.61
CA VAL B 92 72.65 21.07 -6.58
C VAL B 92 72.79 20.42 -7.94
N SER B 93 72.26 21.05 -8.98
CA SER B 93 72.42 20.56 -10.34
C SER B 93 71.87 21.59 -11.30
N HIS B 94 72.39 21.56 -12.52
CA HIS B 94 71.89 22.37 -13.61
C HIS B 94 71.40 21.47 -14.74
N HIS B 95 70.38 21.96 -15.45
CA HIS B 95 69.91 21.31 -16.66
C HIS B 95 69.15 22.35 -17.48
N GLY B 96 69.66 22.63 -18.67
CA GLY B 96 68.96 23.55 -19.56
C GLY B 96 69.23 24.98 -19.16
N TYR B 97 68.16 25.78 -19.11
CA TYR B 97 68.23 27.13 -18.58
C TYR B 97 68.29 27.17 -17.06
N TYR B 98 68.19 26.03 -16.41
CA TYR B 98 67.66 25.94 -15.07
C TYR B 98 68.68 25.33 -14.14
N ILE B 99 68.78 25.88 -12.93
CA ILE B 99 69.69 25.40 -11.92
C ILE B 99 68.92 25.18 -10.63
N LEU B 100 69.29 24.11 -9.92
CA LEU B 100 68.85 23.87 -8.56
C LEU B 100 70.03 24.08 -7.63
N ALA B 101 69.79 24.76 -6.52
CA ALA B 101 70.86 25.10 -5.60
C ALA B 101 70.30 25.15 -4.19
N GLN B 102 71.07 24.61 -3.25
CA GLN B 102 70.69 24.63 -1.84
C GLN B 102 71.12 25.96 -1.25
N CYS B 103 70.14 26.77 -0.88
CA CYS B 103 70.36 28.11 -0.34
C CYS B 103 69.82 28.20 1.08
N PRO B 104 70.35 29.13 1.88
CA PRO B 104 69.66 29.52 3.10
C PRO B 104 68.59 30.55 2.79
N PRO B 105 67.83 30.97 3.79
CA PRO B 105 66.91 32.08 3.58
C PRO B 105 67.64 33.34 3.18
N GLY B 106 66.91 34.20 2.50
CA GLY B 106 67.47 35.45 2.05
C GLY B 106 66.41 36.37 1.49
N ASP B 107 66.53 37.66 1.81
CA ASP B 107 65.61 38.63 1.24
C ASP B 107 65.68 38.66 -0.27
N THR B 108 66.85 38.38 -0.82
CA THR B 108 67.11 38.45 -2.25
C THR B 108 67.62 37.12 -2.77
N VAL B 109 67.95 37.11 -4.05
CA VAL B 109 68.71 36.04 -4.67
C VAL B 109 69.72 36.69 -5.59
N THR B 110 70.93 36.14 -5.58
CA THR B 110 72.09 36.79 -6.18
C THR B 110 72.95 35.71 -6.83
N VAL B 111 73.03 35.75 -8.15
CA VAL B 111 73.60 34.68 -8.95
C VAL B 111 74.80 35.21 -9.71
N GLY B 112 75.73 34.32 -10.02
CA GLY B 112 76.83 34.73 -10.86
C GLY B 112 77.94 33.72 -11.00
N PHE B 113 78.46 33.62 -12.21
CA PHE B 113 79.64 32.82 -12.48
C PHE B 113 80.85 33.75 -12.61
N HIS B 114 81.96 33.21 -13.07
CA HIS B 114 83.13 34.00 -13.41
C HIS B 114 83.66 33.48 -14.74
N ASP B 115 83.44 34.25 -15.80
CA ASP B 115 83.99 33.89 -17.09
C ASP B 115 85.51 33.77 -17.04
N GLY B 116 86.16 34.59 -16.21
CA GLY B 116 87.59 34.61 -16.08
C GLY B 116 88.20 35.99 -16.25
N PRO B 117 87.74 36.76 -17.25
CA PRO B 117 88.13 38.17 -17.30
C PRO B 117 87.27 39.07 -16.44
N ASN B 118 86.06 38.63 -16.07
CA ASN B 118 85.10 39.51 -15.42
C ASN B 118 84.23 38.70 -14.48
N ARG B 119 83.69 39.38 -13.47
CA ARG B 119 82.79 38.72 -12.53
C ARG B 119 81.48 38.37 -13.20
N HIS B 120 80.77 39.37 -13.70
CA HIS B 120 79.67 39.14 -14.64
C HIS B 120 78.55 38.32 -14.00
N THR B 121 77.96 38.91 -12.98
CA THR B 121 76.96 38.29 -12.12
C THR B 121 75.58 38.84 -12.43
N CYS B 122 74.58 38.29 -11.75
CA CYS B 122 73.23 38.83 -11.82
C CYS B 122 72.47 38.56 -10.54
N THR B 123 71.65 39.53 -10.15
CA THR B 123 71.05 39.56 -8.83
C THR B 123 69.60 40.00 -8.97
N VAL B 124 68.80 39.67 -7.96
CA VAL B 124 67.36 39.83 -8.05
C VAL B 124 66.76 39.83 -6.66
N ALA B 125 65.59 40.43 -6.53
CA ALA B 125 64.79 40.34 -5.32
C ALA B 125 63.93 39.09 -5.36
N HIS B 126 63.87 38.40 -4.22
CA HIS B 126 62.87 37.38 -4.01
C HIS B 126 62.85 36.96 -2.55
N LYS B 127 61.66 36.98 -1.96
CA LYS B 127 61.48 36.56 -0.59
C LYS B 127 61.72 35.06 -0.50
N VAL B 128 62.72 34.67 0.29
CA VAL B 128 63.09 33.27 0.45
C VAL B 128 62.98 32.91 1.93
N GLU B 129 62.50 31.70 2.19
CA GLU B 129 62.55 31.10 3.50
C GLU B 129 62.72 29.60 3.34
N PHE B 130 63.09 28.95 4.44
CA PHE B 130 63.08 27.49 4.50
C PHE B 130 62.56 27.05 5.85
N ARG B 131 61.26 26.93 5.92
CA ARG B 131 60.65 26.09 6.91
C ARG B 131 60.88 24.64 6.52
N PRO B 132 61.41 23.80 7.41
CA PRO B 132 61.25 22.37 7.21
C PRO B 132 59.85 21.94 7.56
N VAL B 133 59.41 20.87 6.93
CA VAL B 133 58.11 20.32 7.25
C VAL B 133 58.20 19.70 8.64
N GLY B 134 57.30 20.10 9.50
CA GLY B 134 57.28 19.67 10.88
C GLY B 134 56.84 20.82 11.74
N ARG B 135 56.44 20.49 12.96
CA ARG B 135 56.04 21.51 13.91
C ARG B 135 57.23 22.24 14.52
N GLU B 136 58.46 21.89 14.12
CA GLU B 136 59.64 22.66 14.47
C GLU B 136 59.93 23.67 13.38
N LYS B 137 60.11 24.93 13.78
CA LYS B 137 60.44 26.00 12.86
C LYS B 137 61.94 26.26 12.94
N TYR B 138 62.70 25.35 12.34
CA TYR B 138 64.13 25.55 12.23
C TYR B 138 64.44 26.68 11.27
N ARG B 139 65.73 26.94 11.09
CA ARG B 139 66.25 27.78 10.04
C ARG B 139 67.10 27.00 9.06
N HIS B 140 67.25 25.70 9.25
CA HIS B 140 68.25 24.94 8.52
C HIS B 140 68.06 23.44 8.74
N PRO B 141 68.36 22.58 7.78
CA PRO B 141 68.15 21.14 8.01
C PRO B 141 69.25 20.56 8.88
N PRO B 142 68.92 19.71 9.84
CA PRO B 142 69.96 19.09 10.67
C PRO B 142 70.54 17.84 10.01
N GLU B 143 71.42 17.18 10.76
CA GLU B 143 72.00 15.91 10.35
C GLU B 143 71.13 14.71 10.72
N HIS B 144 70.25 14.87 11.70
CA HIS B 144 69.51 13.76 12.27
C HIS B 144 68.06 14.17 12.41
N GLY B 145 67.28 13.37 13.11
CA GLY B 145 65.86 13.58 13.25
C GLY B 145 65.06 12.65 12.37
N VAL B 146 63.75 12.75 12.53
CA VAL B 146 62.84 11.88 11.81
C VAL B 146 62.75 12.34 10.36
N GLU B 147 62.43 11.40 9.48
CA GLU B 147 62.10 11.71 8.09
C GLU B 147 60.58 11.77 7.95
N LEU B 148 60.12 12.71 7.13
CA LEU B 148 58.70 12.92 6.95
C LEU B 148 58.50 13.70 5.66
N PRO B 149 57.29 13.69 5.10
CA PRO B 149 57.11 14.01 3.68
C PRO B 149 57.27 15.48 3.32
N CYS B 150 58.48 15.89 3.00
CA CYS B 150 58.73 17.24 2.55
C CYS B 150 58.48 17.40 1.06
N ASN B 151 58.49 18.65 0.63
CA ASN B 151 58.45 19.01 -0.78
C ASN B 151 59.81 19.55 -1.19
N ARG B 152 60.26 19.13 -2.37
CA ARG B 152 61.66 19.27 -2.71
C ARG B 152 61.82 18.95 -4.18
N TYR B 153 62.88 19.47 -4.77
CA TYR B 153 63.19 19.25 -6.18
C TYR B 153 64.26 18.18 -6.33
N THR B 154 64.29 17.59 -7.52
CA THR B 154 65.13 16.44 -7.77
C THR B 154 66.56 16.87 -8.08
N HIS B 155 67.44 15.89 -8.04
CA HIS B 155 68.77 16.08 -8.59
C HIS B 155 68.80 15.97 -10.10
N LYS B 156 67.83 15.29 -10.68
CA LYS B 156 68.02 14.65 -11.97
C LYS B 156 67.42 15.47 -13.10
N ARG B 157 67.60 14.94 -14.31
CA ARG B 157 67.19 15.53 -15.57
C ARG B 157 66.15 14.71 -16.30
N ALA B 158 66.14 13.40 -16.12
CA ALA B 158 65.26 12.49 -16.87
C ALA B 158 63.84 12.76 -16.36
N ASP B 159 63.26 13.84 -16.86
CA ASP B 159 62.14 14.49 -16.20
C ASP B 159 61.21 15.06 -17.24
N GLN B 160 59.92 14.76 -17.07
CA GLN B 160 58.89 15.18 -18.00
C GLN B 160 57.63 15.65 -17.30
N GLY B 161 57.61 15.64 -15.95
CA GLY B 161 56.37 15.87 -15.21
C GLY B 161 55.67 17.16 -15.56
N HIS B 162 56.41 18.15 -16.06
CA HIS B 162 55.81 19.34 -16.64
C HIS B 162 56.66 19.79 -17.81
N TYR B 163 56.11 20.71 -18.59
CA TYR B 163 56.86 21.34 -19.65
C TYR B 163 56.33 22.75 -19.83
N VAL B 164 57.24 23.67 -20.03
CA VAL B 164 56.91 25.07 -20.25
C VAL B 164 57.05 25.37 -21.73
N GLU B 165 56.21 26.27 -22.22
CA GLU B 165 56.32 26.73 -23.59
C GLU B 165 57.67 27.38 -23.80
N MET B 166 58.36 26.99 -24.86
CA MET B 166 59.60 27.67 -25.26
C MET B 166 59.61 27.82 -26.78
N HIS B 167 58.96 28.87 -27.26
CA HIS B 167 58.97 29.21 -28.68
C HIS B 167 60.06 30.24 -28.93
N GLN B 168 60.01 30.88 -30.10
CA GLN B 168 61.17 31.51 -30.68
C GLN B 168 61.60 32.70 -29.86
N PRO B 169 62.76 33.26 -30.15
CA PRO B 169 63.04 34.63 -29.75
C PRO B 169 62.43 35.59 -30.75
N GLY B 170 62.11 36.77 -30.26
CA GLY B 170 61.95 37.90 -31.12
C GLY B 170 63.31 38.35 -31.60
N LEU B 171 63.31 39.48 -32.29
CA LEU B 171 64.57 40.06 -32.70
C LEU B 171 65.37 40.51 -31.48
N VAL B 172 66.58 40.98 -31.72
CA VAL B 172 67.39 41.64 -30.70
C VAL B 172 68.15 42.77 -31.38
N ALA B 173 68.56 43.74 -30.57
CA ALA B 173 69.37 44.83 -31.07
C ALA B 173 70.80 44.36 -31.24
N ASP B 174 71.48 44.88 -32.26
CA ASP B 174 72.93 44.73 -32.33
C ASP B 174 73.47 45.85 -33.22
N HIS B 175 73.86 46.95 -32.60
CA HIS B 175 74.38 48.09 -33.33
C HIS B 175 75.85 47.94 -33.67
N SER B 176 76.48 46.84 -33.28
CA SER B 176 77.76 46.49 -33.86
C SER B 176 77.62 46.25 -35.36
N LEU B 177 76.43 45.83 -35.80
CA LEU B 177 76.16 45.68 -37.22
C LEU B 177 76.31 47.00 -37.95
N LEU B 178 75.60 48.02 -37.48
CA LEU B 178 75.44 49.26 -38.23
C LEU B 178 76.75 50.03 -38.22
N SER B 179 77.67 49.58 -39.06
CA SER B 179 78.92 50.28 -39.30
C SER B 179 78.64 51.42 -40.28
N ILE B 180 79.70 52.00 -40.86
CA ILE B 180 79.58 53.09 -41.81
C ILE B 180 80.29 52.69 -43.10
N HIS B 181 79.62 52.90 -44.23
CA HIS B 181 80.20 52.71 -45.57
C HIS B 181 80.87 54.00 -46.06
N SER B 182 81.69 54.59 -45.18
CA SER B 182 82.52 55.77 -45.42
C SER B 182 81.74 57.06 -45.63
N ALA B 183 80.45 56.99 -45.95
CA ALA B 183 79.52 58.09 -45.73
C ALA B 183 78.13 57.62 -45.28
N LYS B 184 77.78 56.36 -45.50
CA LYS B 184 76.45 55.84 -45.26
C LYS B 184 76.54 54.80 -44.16
N VAL B 185 75.44 54.61 -43.44
CA VAL B 185 75.43 53.63 -42.37
C VAL B 185 75.25 52.25 -42.97
N LYS B 186 76.10 51.32 -42.53
CA LYS B 186 76.33 50.04 -43.19
C LYS B 186 75.95 48.93 -42.21
N ILE B 187 74.92 48.19 -42.57
CA ILE B 187 74.52 47.02 -41.82
C ILE B 187 75.24 45.81 -42.39
N THR B 188 75.45 44.80 -41.55
CA THR B 188 75.97 43.51 -41.98
C THR B 188 75.08 42.40 -41.43
N VAL B 189 75.54 41.16 -41.54
CA VAL B 189 74.74 40.01 -41.09
C VAL B 189 75.65 39.04 -40.34
N PRO B 190 75.08 38.28 -39.37
CA PRO B 190 75.90 37.28 -38.67
C PRO B 190 76.45 36.19 -39.58
N SER B 191 75.55 35.42 -40.19
CA SER B 191 75.90 34.25 -40.98
C SER B 191 74.96 34.10 -42.16
N GLY B 192 74.40 35.21 -42.62
CA GLY B 192 73.22 35.18 -43.46
C GLY B 192 71.93 35.26 -42.68
N ALA B 193 71.99 35.59 -41.39
CA ALA B 193 70.78 35.73 -40.60
C ALA B 193 69.92 36.86 -41.14
N GLN B 194 68.71 36.96 -40.60
CA GLN B 194 67.68 37.82 -41.14
C GLN B 194 67.66 39.13 -40.36
N VAL B 195 68.12 40.19 -41.00
CA VAL B 195 68.31 41.50 -40.36
C VAL B 195 67.21 42.42 -40.84
N LYS B 196 66.45 42.96 -39.90
CA LYS B 196 65.20 43.66 -40.16
C LYS B 196 65.49 45.15 -40.07
N TYR B 197 65.41 45.86 -41.21
CA TYR B 197 66.13 47.12 -41.38
C TYR B 197 65.37 48.19 -42.15
N TYR B 198 65.54 49.44 -41.70
CA TYR B 198 65.12 50.72 -42.29
C TYR B 198 65.64 51.76 -41.30
N CYS B 199 65.56 53.04 -41.68
CA CYS B 199 65.96 54.12 -40.80
C CYS B 199 64.82 55.12 -40.74
N LYS B 200 64.97 56.15 -39.91
CA LYS B 200 63.91 57.15 -39.81
C LYS B 200 63.66 57.79 -41.18
N CYS B 201 64.72 57.97 -41.97
CA CYS B 201 64.57 58.47 -43.32
C CYS B 201 63.89 57.38 -44.16
N PRO B 202 63.54 57.68 -45.41
CA PRO B 202 63.08 56.61 -46.33
C PRO B 202 64.20 55.90 -47.09
N ASP B 203 64.40 54.62 -46.78
CA ASP B 203 65.29 53.69 -47.47
C ASP B 203 64.65 52.29 -47.41
N VAL B 204 65.46 51.22 -47.53
CA VAL B 204 64.95 49.83 -47.52
C VAL B 204 64.09 49.61 -46.28
N ARG B 205 62.87 49.10 -46.47
CA ARG B 205 61.86 49.16 -45.42
C ARG B 205 61.63 47.87 -44.64
N GLU B 206 61.89 46.68 -45.20
CA GLU B 206 61.82 45.47 -44.38
C GLU B 206 63.19 45.09 -43.85
N GLY B 207 64.05 44.64 -44.75
CA GLY B 207 65.34 44.07 -44.40
C GLY B 207 65.15 42.58 -44.22
N ILE B 208 65.39 41.81 -45.28
CA ILE B 208 65.60 40.37 -45.18
C ILE B 208 66.73 40.10 -46.15
N THR B 209 67.97 40.19 -45.69
CA THR B 209 69.07 40.47 -46.60
C THR B 209 70.38 39.91 -46.07
N SER B 210 71.38 39.94 -46.95
CA SER B 210 72.78 39.91 -46.56
C SER B 210 73.17 41.32 -46.16
N SER B 211 74.47 41.60 -46.07
CA SER B 211 74.94 42.92 -45.69
C SER B 211 74.46 43.99 -46.66
N ASP B 212 73.55 44.84 -46.21
CA ASP B 212 73.09 45.99 -46.98
C ASP B 212 73.88 47.23 -46.60
N HIS B 213 73.72 48.25 -47.43
CA HIS B 213 74.08 49.61 -47.12
C HIS B 213 72.80 50.38 -46.81
N THR B 214 72.92 51.70 -46.68
CA THR B 214 71.78 52.57 -46.46
C THR B 214 71.95 53.80 -47.33
N THR B 215 71.14 53.91 -48.37
CA THR B 215 71.26 55.05 -49.26
C THR B 215 70.95 56.35 -48.53
N THR B 216 69.85 56.38 -47.77
CA THR B 216 69.29 57.65 -47.31
C THR B 216 69.92 58.17 -46.02
N CYS B 217 69.67 57.49 -44.91
CA CYS B 217 70.16 57.99 -43.63
C CYS B 217 71.66 57.75 -43.50
N THR B 218 72.25 58.43 -42.53
CA THR B 218 73.68 58.39 -42.24
C THR B 218 73.98 58.00 -40.81
N ASP B 219 73.16 58.46 -39.86
CA ASP B 219 73.45 58.27 -38.46
C ASP B 219 73.10 56.85 -38.04
N VAL B 220 74.01 56.23 -37.30
CA VAL B 220 73.77 54.92 -36.72
C VAL B 220 72.57 54.95 -35.79
N LYS B 221 72.30 56.09 -35.17
CA LYS B 221 71.34 56.21 -34.08
C LYS B 221 69.91 56.40 -34.56
N GLN B 222 69.63 56.15 -35.84
CA GLN B 222 68.28 56.32 -36.37
C GLN B 222 67.92 55.17 -37.29
N CYS B 223 68.37 53.97 -36.95
CA CYS B 223 68.22 52.82 -37.84
C CYS B 223 67.88 51.57 -37.05
N ARG B 224 67.44 50.55 -37.78
CA ARG B 224 66.87 49.32 -37.22
C ARG B 224 67.92 48.21 -37.27
N ALA B 225 68.75 48.13 -36.23
CA ALA B 225 69.72 47.04 -36.09
C ALA B 225 69.01 45.88 -35.41
N TYR B 226 68.54 44.93 -36.22
CA TYR B 226 67.72 43.83 -35.72
C TYR B 226 68.32 42.50 -36.16
N LEU B 227 68.01 41.45 -35.39
CA LEU B 227 68.50 40.09 -35.64
C LEU B 227 67.33 39.12 -35.47
N ILE B 228 66.61 38.86 -36.56
CA ILE B 228 65.71 37.72 -36.60
C ILE B 228 66.59 36.51 -36.84
N ASP B 229 66.93 35.80 -35.77
CA ASP B 229 67.89 34.71 -35.79
C ASP B 229 67.26 33.47 -35.17
N ASN B 230 66.06 33.15 -35.63
CA ASN B 230 65.25 32.13 -35.01
C ASN B 230 65.61 30.72 -35.49
N LYS B 231 66.89 30.39 -35.44
CA LYS B 231 67.33 29.02 -35.64
C LYS B 231 67.31 28.22 -34.34
N LYS B 232 67.21 28.89 -33.20
CA LYS B 232 67.11 28.23 -31.90
C LYS B 232 66.10 28.98 -31.05
N TRP B 233 65.15 28.25 -30.48
CA TRP B 233 64.11 28.84 -29.67
C TRP B 233 64.69 29.33 -28.34
N VAL B 234 63.82 29.89 -27.50
CA VAL B 234 64.21 30.44 -26.21
C VAL B 234 63.18 30.10 -25.15
N TYR B 235 63.52 30.42 -23.91
CA TYR B 235 62.53 30.50 -22.86
C TYR B 235 61.70 31.75 -23.07
N ASN B 236 60.43 31.67 -22.68
CA ASN B 236 59.48 32.75 -22.91
C ASN B 236 59.49 33.68 -21.70
N SER B 237 60.65 34.27 -21.49
CA SER B 237 60.83 35.22 -20.40
C SER B 237 59.92 36.42 -20.60
N GLY B 238 59.51 37.00 -19.48
CA GLY B 238 58.89 38.31 -19.52
C GLY B 238 59.82 39.36 -20.06
N ARG B 239 61.13 39.14 -19.91
CA ARG B 239 62.12 40.07 -20.42
C ARG B 239 62.58 39.71 -21.82
N LEU B 240 61.70 39.09 -22.60
CA LEU B 240 61.85 38.79 -24.00
C LEU B 240 60.94 39.70 -24.83
N PRO B 241 61.41 40.24 -25.96
CA PRO B 241 60.46 40.78 -26.92
C PRO B 241 59.88 39.69 -27.79
N ARG B 242 58.57 39.77 -28.01
CA ARG B 242 57.85 38.77 -28.78
C ARG B 242 58.45 38.62 -30.17
N GLY B 243 58.53 37.39 -30.63
CA GLY B 243 58.69 37.14 -32.05
C GLY B 243 57.34 37.30 -32.69
N GLU B 244 57.15 38.44 -33.36
CA GLU B 244 55.81 38.89 -33.75
C GLU B 244 55.14 37.95 -34.74
N GLY B 245 55.91 37.11 -35.43
CA GLY B 245 55.35 36.36 -36.54
C GLY B 245 54.34 35.32 -36.10
N ASP B 246 54.68 34.55 -35.09
CA ASP B 246 53.97 33.30 -34.85
C ASP B 246 54.34 32.73 -33.49
N THR B 247 53.45 31.89 -32.98
CA THR B 247 53.76 30.96 -31.89
C THR B 247 54.42 29.73 -32.51
N PHE B 248 55.73 29.80 -32.74
CA PHE B 248 56.43 28.61 -33.18
C PHE B 248 56.37 27.52 -32.11
N LYS B 249 56.69 26.30 -32.52
CA LYS B 249 56.80 25.13 -31.67
C LYS B 249 58.00 25.30 -30.75
N GLY B 250 58.26 24.27 -29.94
CA GLY B 250 59.29 24.29 -28.92
C GLY B 250 58.75 24.09 -27.51
N LYS B 251 57.73 23.25 -27.37
CA LYS B 251 57.33 22.78 -26.05
C LYS B 251 58.48 22.01 -25.44
N LEU B 252 58.90 22.41 -24.24
CA LEU B 252 60.12 21.91 -23.64
C LEU B 252 59.93 21.70 -22.15
N HIS B 253 60.44 20.56 -21.67
CA HIS B 253 60.20 20.08 -20.33
C HIS B 253 60.76 21.00 -19.28
N VAL B 254 60.50 20.67 -18.03
CA VAL B 254 61.23 21.18 -16.87
C VAL B 254 61.97 20.01 -16.23
N PRO B 255 63.26 20.13 -15.93
CA PRO B 255 63.93 19.08 -15.15
C PRO B 255 63.45 18.97 -13.72
N PHE B 256 63.55 20.08 -13.01
CA PHE B 256 63.48 20.07 -11.56
C PHE B 256 62.02 20.16 -11.15
N VAL B 257 61.37 19.01 -11.21
CA VAL B 257 59.98 18.90 -10.79
C VAL B 257 60.00 18.93 -9.26
N PRO B 258 58.99 19.51 -8.60
CA PRO B 258 58.86 19.31 -7.16
C PRO B 258 58.35 17.92 -6.87
N VAL B 259 59.08 17.18 -6.05
CA VAL B 259 58.79 15.78 -5.77
C VAL B 259 58.60 15.59 -4.27
N LYS B 260 58.02 14.44 -3.93
CA LYS B 260 57.68 14.12 -2.55
C LYS B 260 58.83 13.35 -1.91
N ALA B 261 59.96 14.03 -1.84
CA ALA B 261 61.06 13.50 -1.07
C ALA B 261 60.71 13.54 0.41
N LYS B 262 61.25 12.59 1.15
CA LYS B 262 61.25 12.64 2.60
C LYS B 262 62.55 13.30 2.99
N CYS B 263 62.51 14.59 3.28
CA CYS B 263 63.70 15.26 3.75
C CYS B 263 64.18 14.61 5.03
N ILE B 264 65.49 14.44 5.13
CA ILE B 264 66.10 14.35 6.44
C ILE B 264 65.61 15.60 7.16
N ALA B 265 65.05 15.43 8.35
CA ALA B 265 64.19 16.49 8.84
C ALA B 265 64.32 16.65 10.35
N THR B 266 63.39 17.41 10.91
CA THR B 266 63.54 18.05 12.19
C THR B 266 63.22 17.06 13.30
N LEU B 267 63.55 17.49 14.51
CA LEU B 267 63.22 16.76 15.72
C LEU B 267 63.55 17.69 16.87
N ALA B 268 62.66 17.81 17.81
CA ALA B 268 62.85 18.66 18.95
C ALA B 268 63.22 17.83 20.18
N PRO B 269 64.06 18.35 21.08
CA PRO B 269 64.48 17.55 22.23
C PRO B 269 63.31 17.07 23.07
N GLU B 270 63.48 15.91 23.67
CA GLU B 270 62.39 15.26 24.35
C GLU B 270 61.90 16.11 25.51
N PRO B 271 60.64 15.99 25.89
CA PRO B 271 60.12 16.74 27.03
C PRO B 271 60.52 16.11 28.35
N LEU B 272 60.32 16.88 29.42
CA LEU B 272 60.47 16.41 30.78
C LEU B 272 59.07 16.22 31.34
N VAL B 273 58.62 14.99 31.40
CA VAL B 273 57.29 14.71 31.90
C VAL B 273 57.32 14.76 33.42
N GLU B 274 56.34 15.46 33.98
CA GLU B 274 56.22 15.60 35.42
C GLU B 274 54.75 15.38 35.78
N HIS B 275 54.53 14.54 36.76
CA HIS B 275 53.19 14.22 37.19
C HIS B 275 52.64 15.26 38.16
N LYS B 276 51.34 15.53 38.01
CA LYS B 276 50.55 16.09 39.09
C LYS B 276 49.15 15.51 38.98
N HIS B 277 48.28 15.91 39.90
CA HIS B 277 46.91 15.42 39.97
C HIS B 277 46.13 15.89 38.75
N ARG B 278 45.91 14.97 37.82
CA ARG B 278 45.17 15.26 36.59
C ARG B 278 45.77 16.44 35.85
N THR B 279 47.09 16.59 35.94
CA THR B 279 47.76 17.75 35.41
C THR B 279 49.18 17.36 35.02
N LEU B 280 49.57 17.71 33.81
CA LEU B 280 50.93 17.55 33.33
C LEU B 280 51.66 18.87 33.47
N ILE B 281 52.48 19.00 34.50
CA ILE B 281 53.56 19.96 34.41
C ILE B 281 54.56 19.40 33.43
N LEU B 282 55.08 20.27 32.59
CA LEU B 282 56.07 19.89 31.60
C LEU B 282 57.10 21.01 31.55
N HIS B 283 58.20 20.83 32.26
CA HIS B 283 59.36 21.67 31.99
C HIS B 283 59.89 21.32 30.61
N LEU B 284 60.05 22.32 29.77
CA LEU B 284 60.28 22.09 28.36
C LEU B 284 61.34 23.05 27.85
N HIS B 285 62.11 22.56 26.89
CA HIS B 285 63.36 23.18 26.53
C HIS B 285 63.74 22.80 25.11
N PRO B 286 63.26 23.53 24.11
CA PRO B 286 63.52 23.16 22.73
C PRO B 286 64.83 23.69 22.18
N ASP B 287 65.12 23.29 20.94
CA ASP B 287 66.21 23.82 20.16
C ASP B 287 65.79 25.04 19.37
N HIS B 288 64.59 25.00 18.83
CA HIS B 288 64.08 26.00 17.92
C HIS B 288 62.60 26.20 18.21
N PRO B 289 61.94 27.17 17.59
CA PRO B 289 60.51 27.37 17.85
C PRO B 289 59.72 26.14 17.41
N THR B 290 59.05 25.53 18.38
CA THR B 290 58.33 24.28 18.21
C THR B 290 56.86 24.53 18.44
N LEU B 291 56.03 24.16 17.47
CA LEU B 291 54.58 24.26 17.65
C LEU B 291 54.13 23.05 18.44
N LEU B 292 53.81 23.27 19.71
CA LEU B 292 53.17 22.26 20.51
C LEU B 292 51.67 22.37 20.40
N THR B 293 51.00 21.24 20.50
CA THR B 293 49.55 21.26 20.54
C THR B 293 49.01 19.93 21.06
N THR B 294 47.76 19.98 21.51
CA THR B 294 47.13 18.87 22.22
C THR B 294 45.68 18.74 21.79
N ARG B 295 45.03 17.70 22.30
CA ARG B 295 43.61 17.44 22.02
C ARG B 295 43.01 16.72 23.22
N SER B 296 42.33 17.46 24.09
CA SER B 296 41.63 16.80 25.18
C SER B 296 40.53 15.97 24.58
N LEU B 297 40.66 14.65 24.67
CA LEU B 297 39.88 13.73 23.87
C LEU B 297 38.43 13.64 24.25
N GLY B 298 37.95 14.42 25.21
CA GLY B 298 36.52 14.54 25.36
C GLY B 298 35.89 15.09 24.10
N SER B 299 34.59 14.91 24.00
CA SER B 299 33.86 15.58 22.93
C SER B 299 34.00 17.09 23.05
N ASP B 300 34.30 17.59 24.25
CA ASP B 300 34.94 18.89 24.40
C ASP B 300 36.41 18.72 24.01
N ALA B 301 36.77 19.25 22.85
CA ALA B 301 38.14 19.11 22.37
C ALA B 301 39.12 19.86 23.26
N ASN B 302 38.85 21.14 23.48
CA ASN B 302 39.73 22.07 24.19
C ASN B 302 41.20 21.92 23.79
N PRO B 303 41.54 22.16 22.54
CA PRO B 303 42.94 22.09 22.13
C PRO B 303 43.70 23.34 22.48
N THR B 304 45.00 23.27 22.26
CA THR B 304 45.92 24.36 22.52
C THR B 304 46.98 24.36 21.45
N ARG B 305 47.46 25.54 21.09
CA ARG B 305 48.56 25.71 20.16
C ARG B 305 49.46 26.81 20.71
N GLN B 306 50.77 26.57 20.68
CA GLN B 306 51.70 27.65 20.92
C GLN B 306 53.08 27.25 20.42
N TRP B 307 53.63 28.05 19.53
CA TRP B 307 55.02 27.93 19.19
C TRP B 307 55.85 28.20 20.43
N ILE B 308 56.77 27.29 20.72
CA ILE B 308 57.65 27.42 21.87
C ILE B 308 59.07 27.43 21.34
N GLU B 309 59.74 28.56 21.53
CA GLU B 309 61.18 28.67 21.34
C GLU B 309 61.90 28.95 22.63
N ARG B 310 61.29 29.68 23.51
CA ARG B 310 61.86 29.94 24.81
C ARG B 310 61.50 28.79 25.73
N PRO B 311 62.45 28.21 26.46
CA PRO B 311 62.11 27.11 27.37
C PRO B 311 61.09 27.55 28.40
N THR B 312 60.10 26.69 28.62
CA THR B 312 58.93 27.06 29.38
C THR B 312 58.36 25.85 30.09
N THR B 313 58.12 25.99 31.38
CA THR B 313 57.31 25.04 32.11
C THR B 313 55.85 25.37 31.85
N VAL B 314 55.13 24.41 31.28
CA VAL B 314 53.73 24.59 30.89
C VAL B 314 52.85 23.69 31.72
N ASN B 315 51.55 23.74 31.47
CA ASN B 315 50.59 22.94 32.21
C ASN B 315 49.46 22.54 31.30
N PHE B 316 48.84 21.41 31.64
CA PHE B 316 47.75 20.86 30.85
C PHE B 316 46.78 20.17 31.80
N THR B 317 45.58 20.71 31.91
CA THR B 317 44.55 20.06 32.71
C THR B 317 44.09 18.83 31.97
N VAL B 318 44.71 17.70 32.26
CA VAL B 318 44.26 16.46 31.65
C VAL B 318 42.99 16.00 32.35
N THR B 319 42.12 15.39 31.57
CA THR B 319 40.83 14.92 32.03
C THR B 319 40.93 13.45 32.42
N GLY B 320 39.79 12.84 32.65
CA GLY B 320 39.77 11.44 33.03
C GLY B 320 40.10 10.52 31.88
N GLU B 321 39.56 10.80 30.70
CA GLU B 321 39.64 9.84 29.62
C GLU B 321 40.96 9.89 28.88
N GLY B 322 41.58 11.06 28.76
CA GLY B 322 42.91 11.13 28.21
C GLY B 322 43.18 12.46 27.52
N LEU B 323 44.47 12.67 27.26
CA LEU B 323 44.97 13.78 26.46
C LEU B 323 46.08 13.25 25.58
N GLU B 324 46.38 13.98 24.51
CA GLU B 324 47.53 13.68 23.67
C GLU B 324 48.38 14.92 23.51
N TYR B 325 49.63 14.69 23.10
CA TYR B 325 50.71 15.64 23.31
C TYR B 325 51.70 15.49 22.17
N THR B 326 52.07 16.61 21.55
CA THR B 326 52.76 16.61 20.26
C THR B 326 53.98 17.51 20.30
N TRP B 327 55.09 16.98 20.81
CA TRP B 327 56.32 17.76 20.95
C TRP B 327 56.97 17.93 19.59
N GLY B 328 56.44 18.86 18.81
CA GLY B 328 56.99 19.01 17.50
C GLY B 328 56.63 17.80 16.66
N ASN B 329 57.38 17.62 15.57
CA ASN B 329 57.17 16.46 14.73
C ASN B 329 57.62 15.17 15.38
N HIS B 330 58.17 15.22 16.58
CA HIS B 330 58.23 14.03 17.42
C HIS B 330 56.83 13.43 17.51
N PRO B 331 56.69 12.10 17.56
CA PRO B 331 55.35 11.53 17.42
C PRO B 331 54.42 11.95 18.54
N PRO B 332 53.11 11.83 18.33
CA PRO B 332 52.17 12.24 19.37
C PRO B 332 52.16 11.26 20.52
N LYS B 333 52.23 11.80 21.73
CA LYS B 333 52.09 11.02 22.94
C LYS B 333 50.64 10.96 23.36
N ARG B 334 50.37 10.20 24.40
CA ARG B 334 49.03 10.02 24.94
C ARG B 334 49.19 9.75 26.43
N VAL B 335 48.16 10.03 27.21
CA VAL B 335 48.30 9.97 28.66
C VAL B 335 46.98 9.59 29.35
N TRP B 336 47.03 8.57 30.22
CA TRP B 336 45.95 8.30 31.15
C TRP B 336 46.21 9.17 32.37
N ALA B 337 45.28 10.08 32.62
CA ALA B 337 45.20 10.77 33.90
C ALA B 337 43.84 10.44 34.46
N GLN B 338 43.80 9.33 35.18
CA GLN B 338 42.72 9.13 36.14
C GLN B 338 43.11 9.90 37.39
N GLU B 339 42.46 9.58 38.49
CA GLU B 339 42.73 10.20 39.77
C GLU B 339 44.19 10.21 40.14
N SER B 340 44.56 11.11 41.04
CA SER B 340 45.69 10.86 41.92
C SER B 340 45.46 11.46 43.31
N GLY B 341 44.26 11.93 43.62
CA GLY B 341 43.94 12.58 44.86
C GLY B 341 43.41 11.66 45.92
N GLU B 342 43.54 10.35 45.71
CA GLU B 342 43.34 9.33 46.73
C GLU B 342 41.87 9.15 47.15
N GLY B 343 40.94 9.19 46.17
CA GLY B 343 39.61 8.61 46.32
C GLY B 343 38.81 8.94 47.57
N ASN B 344 38.61 7.92 48.42
CA ASN B 344 38.01 8.10 49.75
C ASN B 344 38.27 6.88 50.63
N PRO B 345 39.49 6.69 51.09
CA PRO B 345 39.70 5.97 52.35
C PRO B 345 39.14 6.79 53.50
N HIS B 346 39.13 6.21 54.69
CA HIS B 346 38.42 6.86 55.78
C HIS B 346 38.83 6.32 57.15
N GLY B 347 39.41 7.20 57.99
CA GLY B 347 39.58 6.95 59.41
C GLY B 347 39.42 8.17 60.31
N TRP B 348 39.11 9.32 59.70
CA TRP B 348 38.98 10.63 60.32
C TRP B 348 37.51 10.98 60.27
N PRO B 349 37.00 12.11 60.81
CA PRO B 349 35.64 12.49 60.43
C PRO B 349 35.43 12.94 58.98
N HIS B 350 36.00 14.07 58.53
CA HIS B 350 35.67 14.59 57.19
C HIS B 350 36.80 15.23 56.41
N GLU B 351 37.90 15.63 57.03
CA GLU B 351 38.98 16.27 56.27
C GLU B 351 39.63 15.32 55.26
N VAL B 352 39.37 14.02 55.35
CA VAL B 352 39.83 13.08 54.32
C VAL B 352 38.89 13.02 53.12
N VAL B 353 37.69 13.60 53.24
CA VAL B 353 36.75 13.66 52.12
C VAL B 353 37.22 14.58 51.01
N VAL B 354 38.23 15.41 51.29
CA VAL B 354 38.88 16.23 50.27
C VAL B 354 39.31 15.36 49.09
N TYR B 355 39.73 14.12 49.39
CA TYR B 355 40.03 13.15 48.35
C TYR B 355 38.88 13.01 47.36
N TYR B 356 37.64 12.96 47.87
CA TYR B 356 36.48 12.88 47.00
C TYR B 356 36.21 14.21 46.32
N TYR B 357 36.61 15.31 46.96
CA TYR B 357 36.46 16.63 46.36
C TYR B 357 37.52 16.87 45.30
N ASN B 358 38.73 16.41 45.57
CA ASN B 358 39.84 16.62 44.67
C ASN B 358 39.68 15.80 43.39
N ARG B 359 38.82 14.77 43.41
CA ARG B 359 38.48 14.00 42.23
C ARG B 359 37.27 14.58 41.51
N TYR B 360 36.37 15.23 42.25
CA TYR B 360 35.17 15.87 41.69
C TYR B 360 35.11 17.33 42.14
N PRO B 361 35.98 18.18 41.65
CA PRO B 361 35.83 19.62 41.92
C PRO B 361 34.93 20.32 40.92
N LEU B 362 33.85 19.67 40.52
CA LEU B 362 32.75 20.35 39.87
C LEU B 362 31.41 19.94 40.46
N THR B 363 31.25 18.67 40.81
CA THR B 363 29.98 18.17 41.30
C THR B 363 29.88 18.22 42.80
N THR B 364 31.00 18.19 43.50
CA THR B 364 30.96 18.22 44.95
C THR B 364 30.70 19.61 45.47
N ILE B 365 31.20 20.63 44.78
CA ILE B 365 30.94 22.00 45.19
C ILE B 365 29.44 22.25 45.18
N ILE B 366 28.76 21.74 44.16
CA ILE B 366 27.31 21.83 44.12
C ILE B 366 26.67 20.67 44.85
N GLY B 367 27.29 19.50 44.81
CA GLY B 367 26.72 18.35 45.49
C GLY B 367 26.79 18.51 47.00
N LEU B 368 27.85 19.12 47.49
CA LEU B 368 27.92 19.43 48.92
C LEU B 368 26.92 20.51 49.26
N CYS B 369 26.95 21.63 48.51
CA CYS B 369 26.00 22.70 48.75
C CYS B 369 24.56 22.21 48.60
N THR B 370 24.34 21.23 47.74
CA THR B 370 23.08 20.50 47.76
C THR B 370 22.89 19.82 49.11
N CYS B 371 23.90 19.08 49.55
CA CYS B 371 23.81 18.42 50.85
C CYS B 371 23.70 19.43 51.98
N VAL B 372 24.33 20.60 51.82
CA VAL B 372 24.17 21.67 52.78
C VAL B 372 22.79 22.29 52.63
N ALA B 373 22.25 22.30 51.42
CA ALA B 373 20.95 22.90 51.20
C ALA B 373 19.85 22.08 51.85
N ILE B 374 19.83 20.77 51.58
CA ILE B 374 18.72 19.95 52.01
C ILE B 374 18.65 19.87 53.53
N ILE B 375 19.79 19.99 54.21
CA ILE B 375 19.76 20.01 55.66
C ILE B 375 19.19 21.34 56.15
N MET B 376 19.43 22.41 55.41
CA MET B 376 18.79 23.68 55.73
C MET B 376 17.32 23.63 55.39
N VAL B 377 16.96 22.94 54.31
CA VAL B 377 15.55 22.60 54.09
C VAL B 377 15.04 21.80 55.27
N SER B 378 15.71 20.67 55.55
CA SER B 378 15.32 19.83 56.67
C SER B 378 15.48 20.54 58.01
N CYS B 379 16.24 21.63 58.05
CA CYS B 379 16.24 22.45 59.26
C CYS B 379 14.93 23.20 59.38
N VAL B 380 14.65 24.11 58.43
CA VAL B 380 13.52 25.02 58.57
C VAL B 380 12.21 24.26 58.58
N THR B 381 12.12 23.17 57.82
CA THR B 381 10.94 22.33 57.90
C THR B 381 10.84 21.71 59.29
N SER B 382 11.98 21.31 59.85
CA SER B 382 11.99 20.83 61.21
C SER B 382 11.71 21.95 62.20
N VAL B 383 12.16 23.17 61.90
CA VAL B 383 11.80 24.31 62.74
C VAL B 383 10.28 24.43 62.81
N TRP B 384 9.63 24.64 61.67
CA TRP B 384 8.18 24.80 61.64
C TRP B 384 7.51 23.56 62.21
N LEU B 385 7.83 22.40 61.68
CA LEU B 385 7.18 21.17 62.14
C LEU B 385 7.75 20.67 63.46
N LEU B 386 8.53 21.49 64.16
CA LEU B 386 8.71 21.32 65.60
C LEU B 386 8.14 22.51 66.38
N CYS B 387 8.52 23.73 66.01
CA CYS B 387 8.11 24.88 66.81
C CYS B 387 6.62 25.12 66.70
N ARG B 388 6.04 24.91 65.51
CA ARG B 388 4.58 24.97 65.40
C ARG B 388 3.95 23.89 66.25
N THR B 389 4.49 22.68 66.16
CA THR B 389 4.02 21.58 66.97
C THR B 389 4.53 21.66 68.40
N ARG B 390 5.48 22.54 68.68
CA ARG B 390 5.80 22.91 70.05
C ARG B 390 4.95 24.07 70.52
N ASN B 391 4.58 24.97 69.61
CA ASN B 391 3.56 25.96 69.92
C ASN B 391 2.23 25.28 70.14
N LEU B 392 1.91 24.31 69.32
CA LEU B 392 0.84 23.38 69.62
C LEU B 392 1.34 22.36 70.61
N CYS B 393 0.39 21.66 71.24
CA CYS B 393 0.57 20.76 72.36
C CYS B 393 0.92 21.50 73.65
N ILE B 394 1.10 22.83 73.62
CA ILE B 394 1.03 23.67 74.80
C ILE B 394 -0.17 24.60 74.74
N THR B 395 -0.64 24.93 73.56
CA THR B 395 -1.84 25.72 73.43
C THR B 395 -3.02 24.89 73.93
N PRO B 396 -3.12 23.60 73.61
CA PRO B 396 -4.14 22.80 74.29
C PRO B 396 -3.89 22.65 75.78
N TYR B 397 -2.64 22.76 76.22
CA TYR B 397 -2.24 22.47 77.59
C TYR B 397 -2.06 23.74 78.41
N LYS B 398 -1.19 24.63 77.96
CA LYS B 398 -1.00 25.95 78.58
C LYS B 398 -2.00 26.96 78.00
N LEU B 399 -3.26 26.64 78.19
CA LEU B 399 -4.33 27.62 78.18
C LEU B 399 -5.39 27.33 79.23
N ALA B 400 -5.21 26.31 80.06
CA ALA B 400 -6.21 25.83 81.00
C ALA B 400 -5.58 25.81 82.37
N PRO B 401 -4.83 26.82 82.71
CA PRO B 401 -3.41 26.58 83.00
C PRO B 401 -3.10 25.58 84.09
N ASN B 402 -4.11 25.08 84.80
CA ASN B 402 -3.95 23.93 85.68
C ASN B 402 -3.38 22.74 84.92
N ALA B 403 -4.17 22.17 84.01
CA ALA B 403 -3.70 21.27 82.96
C ALA B 403 -2.87 20.11 83.52
N GLN B 404 -3.56 19.21 84.21
CA GLN B 404 -2.89 18.05 84.82
C GLN B 404 -2.65 16.97 83.78
N VAL B 405 -1.51 17.05 83.09
CA VAL B 405 -1.05 15.99 82.18
C VAL B 405 0.47 15.90 82.28
N PRO B 406 1.06 14.84 82.95
CA PRO B 406 2.53 14.64 82.93
C PRO B 406 3.04 13.90 81.70
N ILE B 407 2.55 14.30 80.53
CA ILE B 407 3.07 13.85 79.23
C ILE B 407 3.48 15.13 78.52
N LEU B 408 4.04 16.08 79.27
CA LEU B 408 4.94 17.03 78.63
C LEU B 408 6.14 16.34 78.03
N LEU B 409 6.48 15.13 78.48
CA LEU B 409 7.67 14.43 78.02
C LEU B 409 7.50 13.90 76.60
N ALA B 410 7.16 14.79 75.67
CA ALA B 410 7.14 14.52 74.24
C ALA B 410 7.73 15.65 73.42
N LEU B 411 7.69 16.89 73.90
CA LEU B 411 8.36 18.02 73.26
C LEU B 411 9.68 18.33 73.95
N LEU B 412 9.62 18.68 75.24
CA LEU B 412 10.78 19.12 76.02
C LEU B 412 11.57 20.21 75.28
N CYS B 413 10.84 21.11 74.64
CA CYS B 413 11.37 22.40 74.22
C CYS B 413 10.47 23.53 74.71
N CYS B 414 9.19 23.24 74.89
CA CYS B 414 8.27 24.09 75.64
C CYS B 414 7.94 23.34 76.93
N ILE B 415 8.25 23.97 78.06
CA ILE B 415 8.62 23.27 79.29
C ILE B 415 7.91 23.91 80.48
N LYS B 416 8.27 23.49 81.72
CA LYS B 416 7.68 23.99 82.98
C LYS B 416 6.19 23.72 83.18
N PRO B 417 5.82 22.50 83.58
CA PRO B 417 4.46 22.28 84.11
C PRO B 417 4.20 23.01 85.41
N THR B 418 2.99 22.81 85.96
CA THR B 418 2.54 23.44 87.20
C THR B 418 2.53 22.46 88.36
N ARG B 419 3.54 21.58 88.45
CA ARG B 419 3.55 20.49 89.44
C ARG B 419 2.34 19.59 89.28
N ALA B 420 1.83 19.47 88.08
CA ALA B 420 0.62 18.71 87.83
C ALA B 420 0.42 18.52 86.33
N GLN C 101 -30.78 38.27 88.79
CA GLN C 101 -30.22 39.29 87.93
C GLN C 101 -28.69 39.19 87.88
N ARG C 102 -28.16 37.99 88.10
CA ARG C 102 -26.72 37.78 88.06
C ARG C 102 -26.17 37.75 86.63
N MET C 103 -27.03 37.61 85.63
CA MET C 103 -26.58 37.57 84.24
C MET C 103 -26.06 38.91 83.75
N CYS C 104 -26.38 40.01 84.45
CA CYS C 104 -25.91 41.34 84.11
C CYS C 104 -25.20 42.04 85.25
N MET C 105 -25.56 41.75 86.49
CA MET C 105 -24.88 42.37 87.63
C MET C 105 -23.47 41.84 87.78
N LYS C 106 -23.33 40.51 87.88
CA LYS C 106 -22.02 39.91 88.06
C LYS C 106 -21.11 40.17 86.87
N LEU C 107 -21.69 40.24 85.67
CA LEU C 107 -20.87 40.36 84.46
C LEU C 107 -20.30 41.76 84.31
N GLU C 108 -21.13 42.78 84.52
CA GLU C 108 -20.67 44.16 84.41
C GLU C 108 -19.53 44.44 85.37
N SER C 109 -19.48 43.73 86.49
CA SER C 109 -18.38 43.86 87.43
C SER C 109 -17.08 43.33 86.87
N ASP C 110 -17.13 42.41 85.91
CA ASP C 110 -15.94 41.74 85.43
C ASP C 110 -15.13 42.62 84.50
N LYS C 111 -13.85 42.26 84.35
CA LYS C 111 -12.90 43.04 83.57
C LYS C 111 -12.77 42.49 82.15
N THR C 112 -13.90 42.46 81.47
CA THR C 112 -13.89 42.26 80.03
C THR C 112 -13.55 43.58 79.34
N PHE C 113 -13.07 43.48 78.11
CA PHE C 113 -12.64 44.66 77.37
C PHE C 113 -13.06 44.60 75.91
N PRO C 114 -13.88 45.53 75.41
CA PRO C 114 -14.27 45.46 74.00
C PRO C 114 -13.15 45.90 73.08
N ILE C 115 -13.11 45.24 71.92
CA ILE C 115 -12.08 45.47 70.91
C ILE C 115 -12.68 46.41 69.88
N MET C 116 -12.34 47.68 70.00
CA MET C 116 -12.80 48.67 69.04
C MET C 116 -11.93 48.61 67.80
N LEU C 117 -12.54 48.27 66.67
CA LEU C 117 -11.89 48.38 65.36
C LEU C 117 -12.22 49.77 64.84
N ASN C 118 -11.34 50.72 65.11
CA ASN C 118 -11.58 52.14 64.80
C ASN C 118 -12.87 52.61 65.46
N GLY C 119 -12.99 52.32 66.75
CA GLY C 119 -14.18 52.66 67.50
C GLY C 119 -15.27 51.62 67.45
N GLN C 120 -15.22 50.70 66.50
CA GLN C 120 -16.29 49.73 66.29
C GLN C 120 -15.96 48.46 67.05
N VAL C 121 -16.74 48.18 68.09
CA VAL C 121 -16.57 46.96 68.86
C VAL C 121 -16.91 45.76 67.97
N ASN C 122 -16.00 44.79 67.93
CA ASN C 122 -16.22 43.54 67.22
C ASN C 122 -16.07 42.32 68.12
N GLY C 123 -15.59 42.50 69.34
CA GLY C 123 -15.50 41.39 70.28
C GLY C 123 -14.93 41.90 71.59
N TYR C 124 -14.85 40.99 72.54
CA TYR C 124 -14.51 41.31 73.92
C TYR C 124 -13.25 40.55 74.33
N ALA C 125 -12.19 41.29 74.60
CA ALA C 125 -10.98 40.72 75.18
C ALA C 125 -11.19 40.51 76.66
N CYS C 126 -11.39 39.27 77.06
CA CYS C 126 -11.65 38.90 78.44
C CYS C 126 -10.43 38.21 79.03
N VAL C 127 -10.22 38.44 80.33
CA VAL C 127 -9.03 38.00 81.04
C VAL C 127 -9.47 36.84 81.93
N VAL C 128 -9.08 35.62 81.57
CA VAL C 128 -9.66 34.41 82.16
C VAL C 128 -8.54 33.50 82.64
N GLY C 129 -8.60 33.13 83.92
CA GLY C 129 -7.73 32.13 84.50
C GLY C 129 -6.26 32.36 84.25
N GLY C 130 -5.72 33.45 84.80
CA GLY C 130 -4.39 33.88 84.45
C GLY C 130 -4.39 34.69 83.19
N ARG C 131 -4.12 33.99 82.09
CA ARG C 131 -3.86 34.58 80.80
C ARG C 131 -5.12 35.24 80.23
N VAL C 132 -4.93 36.03 79.17
CA VAL C 132 -6.02 36.71 78.46
C VAL C 132 -6.29 35.96 77.17
N PHE C 133 -7.57 35.92 76.79
CA PHE C 133 -8.03 35.27 75.56
C PHE C 133 -8.72 36.30 74.69
N LYS C 134 -7.96 36.94 73.82
CA LYS C 134 -8.52 37.84 72.84
C LYS C 134 -8.97 37.04 71.61
N PRO C 135 -10.22 37.16 71.17
CA PRO C 135 -10.59 36.55 69.89
C PRO C 135 -9.76 37.14 68.76
N LEU C 136 -9.12 36.25 68.01
CA LEU C 136 -8.07 36.65 67.09
C LEU C 136 -8.62 37.31 65.83
N HIS C 137 -9.64 36.70 65.22
CA HIS C 137 -10.25 37.31 64.04
C HIS C 137 -10.89 38.64 64.38
N VAL C 138 -11.33 38.83 65.62
CA VAL C 138 -11.65 40.16 66.08
C VAL C 138 -10.35 40.96 66.13
N GLU C 139 -10.38 42.16 65.57
CA GLU C 139 -9.21 43.02 65.51
C GLU C 139 -9.60 44.43 65.91
N GLY C 140 -8.58 45.23 66.18
CA GLY C 140 -8.75 46.57 66.75
C GLY C 140 -8.05 46.69 68.10
N ARG C 141 -7.93 47.94 68.54
CA ARG C 141 -7.31 48.22 69.81
C ARG C 141 -8.27 47.86 70.95
N ILE C 142 -7.80 48.05 72.19
CA ILE C 142 -8.55 47.67 73.38
C ILE C 142 -8.43 48.79 74.41
N ASP C 143 -9.46 48.88 75.26
CA ASP C 143 -9.51 49.83 76.37
C ASP C 143 -8.74 49.35 77.60
N ASN C 144 -7.45 49.07 77.41
CA ASN C 144 -6.55 48.88 78.54
C ASN C 144 -5.10 48.95 78.08
N GLU C 145 -4.34 49.90 78.66
CA GLU C 145 -2.93 50.04 78.31
C GLU C 145 -2.11 48.85 78.73
N GLN C 146 -2.56 48.11 79.75
CA GLN C 146 -1.97 46.83 80.11
C GLN C 146 -2.37 45.71 79.16
N LEU C 147 -3.15 46.02 78.12
CA LEU C 147 -3.58 45.08 77.11
C LEU C 147 -3.47 45.62 75.70
N ALA C 148 -3.26 46.93 75.52
CA ALA C 148 -3.21 47.56 74.20
C ALA C 148 -1.80 47.58 73.63
N ALA C 149 -0.79 47.75 74.48
CA ALA C 149 0.60 47.71 74.06
C ALA C 149 1.21 46.33 74.19
N ILE C 150 0.37 45.29 74.04
CA ILE C 150 0.74 43.91 74.33
C ILE C 150 0.73 43.14 73.01
N LYS C 151 1.88 42.59 72.65
CA LYS C 151 2.04 41.88 71.38
C LYS C 151 1.65 40.42 71.56
N LEU C 152 0.96 39.87 70.56
CA LEU C 152 0.50 38.49 70.62
C LEU C 152 0.42 37.88 69.23
N LYS C 153 0.99 36.68 69.09
CA LYS C 153 0.89 35.84 67.91
C LYS C 153 -0.45 35.12 67.86
N LYS C 154 -0.56 34.08 67.04
CA LYS C 154 -1.83 33.44 66.73
C LYS C 154 -1.93 32.06 67.35
N ALA C 155 -3.07 31.78 67.99
CA ALA C 155 -3.54 30.41 68.22
C ALA C 155 -4.50 30.01 67.11
N SER C 156 -3.99 30.11 65.89
CA SER C 156 -4.83 30.10 64.70
C SER C 156 -5.61 28.81 64.53
N ILE C 157 -5.14 27.70 65.11
CA ILE C 157 -5.94 26.48 65.03
C ILE C 157 -7.23 26.67 65.81
N TYR C 158 -7.16 27.41 66.91
CA TYR C 158 -8.35 27.80 67.66
C TYR C 158 -8.86 29.18 67.31
N ASP C 159 -8.03 30.02 66.65
CA ASP C 159 -8.41 31.38 66.26
C ASP C 159 -8.47 32.31 67.48
N LEU C 160 -7.50 32.17 68.38
CA LEU C 160 -7.40 32.99 69.59
C LEU C 160 -6.04 33.64 69.70
N GLU C 161 -5.97 34.66 70.55
CA GLU C 161 -4.73 35.12 71.15
C GLU C 161 -4.74 34.73 72.63
N TYR C 162 -3.75 35.26 73.36
CA TYR C 162 -3.23 34.57 74.52
C TYR C 162 -2.60 35.60 75.46
N GLY C 163 -1.98 35.13 76.54
CA GLY C 163 -1.42 36.02 77.55
C GLY C 163 -0.20 35.40 78.20
N ASP C 164 0.73 36.21 78.76
CA ASP C 164 0.91 37.66 78.64
C ASP C 164 -0.25 38.51 79.15
N VAL C 165 -0.47 38.39 80.45
CA VAL C 165 -1.28 39.32 81.23
C VAL C 165 -0.34 39.99 82.24
N PRO C 166 -0.27 41.32 82.30
CA PRO C 166 0.60 41.93 83.31
C PRO C 166 0.15 41.62 84.73
N GLN C 167 1.10 41.73 85.65
CA GLN C 167 0.90 41.29 87.03
C GLN C 167 0.00 42.22 87.84
N CYS C 168 -0.37 43.38 87.30
CA CYS C 168 -1.17 44.31 88.07
C CYS C 168 -2.61 43.81 88.20
N MET C 169 -3.18 43.32 87.10
CA MET C 169 -4.51 42.73 87.12
C MET C 169 -4.49 41.29 87.61
N LYS C 170 -3.31 40.69 87.72
CA LYS C 170 -3.19 39.37 88.31
C LYS C 170 -3.76 39.38 89.73
N SER C 171 -4.07 38.18 90.22
CA SER C 171 -4.63 37.86 91.52
C SER C 171 -6.14 38.09 91.58
N ASP C 172 -6.77 38.61 90.52
CA ASP C 172 -8.21 38.43 90.36
C ASP C 172 -8.53 38.51 88.86
N THR C 173 -8.55 37.36 88.20
CA THR C 173 -9.03 37.29 86.82
C THR C 173 -9.77 35.96 86.58
N LEU C 174 -11.08 36.01 86.84
CA LEU C 174 -12.06 35.08 86.30
C LEU C 174 -11.64 33.62 86.45
N GLN C 175 -11.33 33.25 87.69
CA GLN C 175 -11.05 31.86 87.99
C GLN C 175 -12.29 31.00 87.68
N TYR C 176 -12.05 29.72 87.43
CA TYR C 176 -13.12 28.89 86.92
C TYR C 176 -12.81 27.42 87.14
N THR C 177 -13.83 26.59 86.88
CA THR C 177 -13.68 25.16 86.75
C THR C 177 -13.66 24.79 85.28
N SER C 178 -12.75 23.90 84.91
CA SER C 178 -12.63 23.52 83.50
C SER C 178 -13.86 22.77 83.03
N ASP C 179 -14.43 21.92 83.87
CA ASP C 179 -15.60 21.15 83.48
C ASP C 179 -16.83 22.04 83.50
N LYS C 180 -17.98 21.42 83.23
CA LYS C 180 -19.25 22.12 83.34
C LYS C 180 -20.37 21.09 83.42
N PRO C 181 -21.29 21.19 84.38
CA PRO C 181 -22.52 20.39 84.28
C PRO C 181 -23.48 21.01 83.29
N PRO C 182 -24.66 20.45 83.12
CA PRO C 182 -25.69 21.15 82.33
C PRO C 182 -26.19 22.40 83.02
N GLY C 183 -25.33 23.42 83.08
CA GLY C 183 -25.57 24.58 83.89
C GLY C 183 -26.16 25.73 83.11
N PHE C 184 -26.80 26.63 83.85
CA PHE C 184 -27.41 27.83 83.27
C PHE C 184 -26.41 28.99 83.30
N TYR C 185 -25.29 28.77 82.62
CA TYR C 185 -24.27 29.78 82.48
C TYR C 185 -24.84 30.99 81.76
N ASN C 186 -24.42 32.19 82.19
CA ASN C 186 -25.15 33.40 81.85
C ASN C 186 -24.23 34.55 81.54
N TRP C 187 -24.72 35.47 80.71
CA TRP C 187 -24.00 36.68 80.40
C TRP C 187 -24.96 37.73 79.86
N HIS C 188 -24.42 38.74 79.18
CA HIS C 188 -25.16 39.95 78.83
C HIS C 188 -26.41 39.62 78.02
N HIS C 189 -26.25 38.80 76.99
CA HIS C 189 -27.36 38.43 76.11
C HIS C 189 -28.06 37.16 76.55
N GLY C 190 -27.98 36.81 77.83
CA GLY C 190 -28.80 35.77 78.42
C GLY C 190 -28.00 34.55 78.84
N ALA C 191 -28.73 33.46 79.05
CA ALA C 191 -28.19 32.23 79.63
C ALA C 191 -28.15 31.11 78.60
N VAL C 192 -27.30 30.12 78.90
CA VAL C 192 -27.12 28.94 78.08
C VAL C 192 -27.24 27.71 78.96
N GLN C 193 -27.79 26.65 78.37
CA GLN C 193 -27.70 25.35 78.99
C GLN C 193 -27.71 24.30 77.88
N TYR C 194 -26.90 23.28 78.05
CA TYR C 194 -26.97 22.11 77.18
C TYR C 194 -26.45 20.91 77.96
N GLU C 195 -26.93 19.73 77.58
CA GLU C 195 -26.88 18.58 78.46
C GLU C 195 -25.53 17.85 78.44
N ASN C 196 -24.83 17.80 77.30
CA ASN C 196 -23.53 17.13 77.25
C ASN C 196 -22.38 18.07 76.89
N ASN C 197 -22.36 18.63 75.69
CA ASN C 197 -21.12 19.13 75.10
C ASN C 197 -21.25 20.51 74.50
N ARG C 198 -22.34 20.78 73.82
CA ARG C 198 -22.54 22.01 73.07
C ARG C 198 -23.08 23.11 73.98
N PHE C 199 -23.50 24.22 73.37
CA PHE C 199 -23.95 25.41 74.08
C PHE C 199 -24.95 26.12 73.18
N THR C 200 -26.18 26.29 73.64
CA THR C 200 -27.24 26.87 72.82
C THR C 200 -28.10 27.81 73.63
N VAL C 201 -28.41 28.96 73.05
CA VAL C 201 -29.09 30.05 73.75
C VAL C 201 -30.33 30.43 72.96
N PRO C 202 -31.27 31.14 73.59
CA PRO C 202 -32.43 31.62 72.84
C PRO C 202 -32.05 32.52 71.68
N ARG C 203 -32.90 32.51 70.66
CA ARG C 203 -32.62 33.21 69.42
C ARG C 203 -32.62 34.71 69.64
N GLY C 204 -31.91 35.41 68.75
CA GLY C 204 -31.72 36.83 68.90
C GLY C 204 -30.67 37.20 69.90
N VAL C 205 -29.83 36.24 70.31
CA VAL C 205 -28.77 36.54 71.27
C VAL C 205 -27.79 37.55 70.69
N GLY C 206 -27.56 37.48 69.39
CA GLY C 206 -26.51 38.28 68.77
C GLY C 206 -25.16 37.60 68.90
N GLY C 207 -24.49 37.40 67.76
CA GLY C 207 -23.17 36.80 67.71
C GLY C 207 -22.14 37.74 67.11
N LYS C 208 -22.62 38.78 66.44
CA LYS C 208 -21.75 39.82 65.91
C LYS C 208 -21.44 40.83 67.01
N GLY C 209 -20.17 41.24 67.07
CA GLY C 209 -19.75 42.17 68.11
C GLY C 209 -19.79 41.63 69.51
N ASP C 210 -20.06 40.34 69.69
CA ASP C 210 -20.23 39.72 70.99
C ASP C 210 -19.24 38.63 71.28
N SER C 211 -18.67 37.98 70.26
CA SER C 211 -17.80 36.84 70.49
C SER C 211 -16.57 37.28 71.26
N GLY C 212 -16.40 36.72 72.45
CA GLY C 212 -15.53 37.27 73.46
C GLY C 212 -16.21 37.31 74.81
N ARG C 213 -17.52 37.11 74.86
CA ARG C 213 -18.20 36.96 76.14
C ARG C 213 -17.60 35.73 76.83
N PRO C 214 -17.08 35.85 78.05
CA PRO C 214 -16.85 34.65 78.84
C PRO C 214 -18.16 34.08 79.33
N ILE C 215 -18.15 32.78 79.63
CA ILE C 215 -19.36 32.01 79.86
C ILE C 215 -19.46 31.66 81.34
N LEU C 216 -20.14 32.50 82.10
CA LEU C 216 -20.03 32.49 83.55
C LEU C 216 -21.23 31.81 84.21
N ASP C 217 -20.93 31.05 85.25
CA ASP C 217 -21.96 30.49 86.11
C ASP C 217 -22.65 31.63 86.85
N ASN C 218 -23.80 31.33 87.47
CA ASN C 218 -24.33 32.21 88.49
C ASN C 218 -23.30 32.42 89.58
N LYS C 219 -22.54 31.37 89.89
CA LYS C 219 -21.37 31.50 90.76
C LYS C 219 -20.34 32.45 90.18
N GLY C 220 -20.19 32.46 88.85
CA GLY C 220 -19.28 33.35 88.16
C GLY C 220 -18.03 32.67 87.65
N ARG C 221 -18.18 31.45 87.14
CA ARG C 221 -17.07 30.62 86.72
C ARG C 221 -17.12 30.39 85.21
N VAL C 222 -16.02 30.70 84.54
CA VAL C 222 -15.93 30.66 83.07
C VAL C 222 -15.65 29.23 82.63
N VAL C 223 -16.65 28.59 82.02
CA VAL C 223 -16.46 27.28 81.40
C VAL C 223 -16.29 27.37 79.90
N ALA C 224 -16.28 28.56 79.33
CA ALA C 224 -16.22 28.69 77.88
C ALA C 224 -16.08 30.16 77.52
N ILE C 225 -15.75 30.41 76.25
CA ILE C 225 -15.83 31.73 75.65
C ILE C 225 -16.46 31.56 74.28
N VAL C 226 -17.22 32.58 73.87
CA VAL C 226 -18.00 32.51 72.65
C VAL C 226 -17.08 32.41 71.44
N LEU C 227 -17.47 31.57 70.48
CA LEU C 227 -16.99 31.65 69.11
C LEU C 227 -18.07 32.13 68.15
N GLY C 228 -19.34 32.11 68.55
CA GLY C 228 -20.41 32.48 67.64
C GLY C 228 -21.58 31.54 67.75
N GLY C 229 -21.85 30.79 66.68
CA GLY C 229 -22.86 29.76 66.72
C GLY C 229 -24.13 30.13 66.00
N VAL C 230 -24.33 29.53 64.83
CA VAL C 230 -25.36 29.96 63.89
C VAL C 230 -26.74 29.93 64.51
N ASN C 231 -27.62 30.80 64.00
CA ASN C 231 -29.05 30.63 64.21
C ASN C 231 -29.45 29.22 63.83
N GLU C 232 -29.95 28.48 64.80
CA GLU C 232 -30.25 27.06 64.64
C GLU C 232 -31.72 26.79 64.41
N GLY C 233 -32.59 27.60 64.97
CA GLY C 233 -34.01 27.31 64.98
C GLY C 233 -34.72 28.40 65.75
N SER C 234 -35.59 28.01 66.69
CA SER C 234 -36.17 29.00 67.58
C SER C 234 -35.18 29.47 68.64
N ARG C 235 -34.12 28.69 68.89
CA ARG C 235 -32.96 29.10 69.67
C ARG C 235 -31.78 29.27 68.72
N THR C 236 -30.60 29.57 69.30
CA THR C 236 -29.38 29.79 68.54
C THR C 236 -28.23 29.05 69.23
N ALA C 237 -27.28 28.61 68.41
CA ALA C 237 -26.15 27.83 68.90
C ALA C 237 -25.21 28.69 69.73
N LEU C 238 -24.15 28.04 70.20
CA LEU C 238 -22.91 28.71 70.54
C LEU C 238 -21.76 27.76 70.23
N SER C 239 -21.03 28.04 69.16
CA SER C 239 -19.65 27.58 69.12
C SER C 239 -18.91 28.34 70.19
N VAL C 240 -17.97 27.68 70.83
CA VAL C 240 -17.22 28.27 71.92
C VAL C 240 -15.76 27.83 71.83
N VAL C 241 -14.97 28.31 72.77
CA VAL C 241 -13.72 27.69 73.16
C VAL C 241 -13.84 27.39 74.65
N THR C 242 -13.56 26.15 75.02
CA THR C 242 -13.88 25.66 76.36
C THR C 242 -12.84 24.64 76.76
N TRP C 243 -13.17 23.81 77.76
CA TRP C 243 -12.22 22.88 78.34
C TRP C 243 -12.83 21.50 78.48
N ASN C 244 -12.01 20.50 78.22
CA ASN C 244 -12.39 19.11 78.37
C ASN C 244 -12.65 18.80 79.84
N GLN C 245 -13.33 17.68 80.08
CA GLN C 245 -13.41 17.13 81.42
C GLN C 245 -12.02 16.91 82.00
N LYS C 246 -11.04 16.57 81.16
CA LYS C 246 -9.65 16.47 81.57
C LYS C 246 -8.98 17.83 81.72
N GLY C 247 -9.69 18.93 81.50
CA GLY C 247 -9.11 20.25 81.54
C GLY C 247 -8.47 20.70 80.24
N VAL C 248 -8.42 19.82 79.24
CA VAL C 248 -7.79 20.17 77.97
C VAL C 248 -8.61 21.26 77.30
N THR C 249 -7.96 22.38 77.00
CA THR C 249 -8.56 23.44 76.22
C THR C 249 -8.90 22.93 74.82
N VAL C 250 -10.18 23.01 74.46
CA VAL C 250 -10.67 22.63 73.14
C VAL C 250 -11.53 23.77 72.62
N LYS C 251 -12.00 23.61 71.38
CA LYS C 251 -13.06 24.41 70.82
C LYS C 251 -14.20 23.52 70.38
N ASP C 252 -15.42 23.96 70.66
CA ASP C 252 -16.63 23.30 70.23
C ASP C 252 -17.32 24.19 69.19
N THR C 253 -17.78 23.58 68.11
CA THR C 253 -18.24 24.32 66.95
C THR C 253 -19.22 23.49 66.14
N PRO C 254 -20.48 23.90 66.00
CA PRO C 254 -21.36 23.22 65.04
C PRO C 254 -21.03 23.62 63.61
N GLU C 255 -21.71 22.95 62.68
CA GLU C 255 -21.41 23.13 61.28
C GLU C 255 -21.83 24.53 60.83
N GLY C 256 -20.91 25.23 60.19
CA GLY C 256 -21.20 26.56 59.69
C GLY C 256 -21.44 27.55 60.80
N SER C 257 -20.41 27.84 61.59
CA SER C 257 -20.55 28.77 62.71
C SER C 257 -20.56 30.21 62.17
N GLU C 258 -20.47 31.16 63.09
CA GLU C 258 -20.72 32.56 62.81
C GLU C 258 -19.43 33.37 62.74
N PRO C 259 -19.48 34.58 62.21
CA PRO C 259 -18.42 35.55 62.41
C PRO C 259 -18.52 36.17 63.81
N TRP C 260 -17.60 37.09 64.08
CA TRP C 260 -17.42 37.65 65.42
C TRP C 260 -17.75 39.13 65.47
N TYR D 1 24.58 49.47 -9.59
CA TYR D 1 23.57 48.89 -10.50
C TYR D 1 23.56 47.37 -10.47
N GLU D 2 24.19 46.78 -9.45
CA GLU D 2 24.28 45.32 -9.41
C GLU D 2 22.90 44.77 -9.14
N HIS D 3 22.20 44.39 -10.20
CA HIS D 3 20.75 44.22 -10.16
C HIS D 3 20.40 42.92 -9.49
N THR D 4 20.30 42.97 -8.17
CA THR D 4 19.71 41.88 -7.41
C THR D 4 18.28 41.64 -7.89
N ALA D 5 17.87 40.37 -7.87
CA ALA D 5 16.51 40.03 -8.26
C ALA D 5 16.17 38.64 -7.74
N VAL D 6 15.18 38.55 -6.87
CA VAL D 6 14.54 37.27 -6.62
C VAL D 6 13.90 36.83 -7.92
N MET D 7 13.87 35.53 -8.14
CA MET D 7 13.57 35.00 -9.46
C MET D 7 13.01 33.59 -9.39
N PRO D 8 11.83 33.32 -9.95
CA PRO D 8 11.25 31.98 -9.81
C PRO D 8 12.04 30.94 -10.56
N ASN D 9 12.25 29.80 -9.91
CA ASN D 9 12.89 28.67 -10.56
C ASN D 9 11.87 28.01 -11.47
N LYS D 10 12.04 28.26 -12.77
CA LYS D 10 11.20 27.65 -13.79
C LYS D 10 11.94 27.79 -15.10
N VAL D 11 11.93 26.73 -15.90
CA VAL D 11 13.03 26.53 -16.83
C VAL D 11 12.82 27.34 -18.11
N GLY D 12 11.69 27.17 -18.77
CA GLY D 12 11.65 27.41 -20.20
C GLY D 12 11.01 28.73 -20.57
N ILE D 13 11.36 29.79 -19.86
CA ILE D 13 10.65 31.06 -20.04
C ILE D 13 11.53 32.21 -19.55
N PRO D 14 11.70 33.29 -20.30
CA PRO D 14 12.54 34.38 -19.82
C PRO D 14 11.85 35.19 -18.74
N TYR D 15 12.66 36.05 -18.11
CA TYR D 15 12.32 36.74 -16.87
C TYR D 15 12.69 38.22 -16.98
N LYS D 16 12.14 38.88 -17.99
CA LYS D 16 12.75 40.10 -18.52
C LYS D 16 12.71 41.25 -17.54
N ALA D 17 13.53 41.17 -16.49
CA ALA D 17 13.64 42.25 -15.53
C ALA D 17 14.21 43.51 -16.17
N LEU D 18 14.31 44.59 -15.40
CA LEU D 18 14.69 45.90 -15.91
C LEU D 18 15.71 46.52 -14.98
N VAL D 19 16.82 46.98 -15.55
CA VAL D 19 17.89 47.63 -14.79
C VAL D 19 17.51 49.09 -14.59
N GLU D 20 17.20 49.46 -13.35
CA GLU D 20 16.92 50.85 -13.00
C GLU D 20 18.14 51.49 -12.36
N ARG D 21 19.18 51.64 -13.16
CA ARG D 21 20.36 52.37 -12.71
C ARG D 21 20.03 53.85 -12.65
N PRO D 22 20.15 54.53 -11.49
CA PRO D 22 19.95 55.98 -11.50
C PRO D 22 21.08 56.68 -12.25
N GLY D 23 20.73 57.32 -13.36
CA GLY D 23 21.64 58.21 -14.05
C GLY D 23 21.73 57.99 -15.54
N TYR D 24 21.70 56.73 -15.96
CA TYR D 24 21.76 56.38 -17.37
C TYR D 24 20.49 55.64 -17.76
N ALA D 25 20.37 55.35 -19.05
CA ALA D 25 19.16 54.74 -19.55
C ALA D 25 19.02 53.33 -18.98
N PRO D 26 17.81 52.91 -18.59
CA PRO D 26 17.64 51.55 -18.12
C PRO D 26 17.84 50.56 -19.25
N VAL D 27 18.07 49.30 -18.84
CA VAL D 27 18.23 48.22 -19.79
C VAL D 27 17.42 47.03 -19.28
N HIS D 28 16.76 46.36 -20.21
CA HIS D 28 16.00 45.17 -19.91
C HIS D 28 16.91 43.98 -19.71
N LEU D 29 16.40 43.01 -18.97
CA LEU D 29 16.98 41.68 -18.94
C LEU D 29 16.19 40.75 -19.85
N GLN D 30 16.78 39.59 -20.10
CA GLN D 30 16.01 38.46 -20.58
C GLN D 30 16.71 37.22 -20.01
N ILE D 31 16.28 36.80 -18.84
CA ILE D 31 16.94 35.71 -18.12
C ILE D 31 16.06 34.49 -18.24
N GLN D 32 16.50 33.55 -19.07
CA GLN D 32 15.82 32.29 -19.30
C GLN D 32 16.68 31.17 -18.73
N LEU D 33 16.23 30.61 -17.61
CA LEU D 33 16.92 29.49 -16.97
C LEU D 33 16.67 28.22 -17.79
N VAL D 34 17.37 28.12 -18.91
CA VAL D 34 17.15 27.04 -19.87
C VAL D 34 17.27 25.67 -19.25
N ASN D 35 18.02 25.54 -18.15
CA ASN D 35 18.16 24.25 -17.50
C ASN D 35 18.37 24.45 -16.00
N THR D 36 18.02 23.42 -15.24
CA THR D 36 18.18 23.35 -13.80
C THR D 36 18.78 21.99 -13.43
N ARG D 37 19.85 21.61 -14.10
CA ARG D 37 20.45 20.32 -13.83
C ARG D 37 21.24 20.39 -12.54
N ILE D 38 21.13 19.32 -11.75
CA ILE D 38 21.33 19.38 -10.30
C ILE D 38 22.67 18.77 -9.90
N ILE D 39 22.84 17.48 -10.13
CA ILE D 39 24.09 16.78 -9.88
C ILE D 39 24.34 16.86 -8.38
N PRO D 40 23.60 16.11 -7.57
CA PRO D 40 23.90 16.06 -6.15
C PRO D 40 25.19 15.30 -5.89
N SER D 41 25.65 15.43 -4.66
CA SER D 41 26.78 14.65 -4.19
C SER D 41 26.33 13.23 -3.93
N THR D 42 27.11 12.27 -4.42
CA THR D 42 26.71 10.88 -4.41
C THR D 42 27.91 9.99 -4.15
N ASN D 43 27.65 8.69 -4.06
CA ASN D 43 28.68 7.69 -3.86
C ASN D 43 28.21 6.39 -4.49
N LEU D 44 29.05 5.82 -5.35
CA LEU D 44 28.77 4.50 -5.87
C LEU D 44 28.98 3.48 -4.76
N GLU D 45 27.89 2.88 -4.31
CA GLU D 45 27.93 1.97 -3.16
C GLU D 45 28.14 0.54 -3.59
N TYR D 46 27.35 0.09 -4.56
CA TYR D 46 27.58 -1.21 -5.15
C TYR D 46 26.75 -1.31 -6.41
N ILE D 47 27.34 -1.86 -7.44
CA ILE D 47 26.57 -2.32 -8.56
C ILE D 47 25.92 -3.62 -8.14
N THR D 48 24.71 -3.85 -8.63
CA THR D 48 24.16 -5.19 -8.66
C THR D 48 23.72 -5.51 -10.06
N CYS D 49 23.36 -6.76 -10.23
CA CYS D 49 23.08 -7.36 -11.52
C CYS D 49 22.61 -8.78 -11.20
N LYS D 50 22.18 -9.48 -12.22
CA LYS D 50 21.80 -10.86 -12.00
C LYS D 50 23.04 -11.74 -11.98
N TYR D 51 23.00 -12.72 -11.10
CA TYR D 51 24.10 -13.64 -10.95
C TYR D 51 24.33 -14.42 -12.23
N LYS D 52 25.38 -15.24 -12.24
CA LYS D 52 25.44 -16.40 -13.12
C LYS D 52 26.10 -17.52 -12.34
N THR D 53 25.36 -18.59 -12.11
CA THR D 53 25.87 -19.75 -11.42
C THR D 53 26.82 -20.48 -12.36
N LYS D 54 28.00 -19.91 -12.51
CA LYS D 54 29.02 -20.45 -13.42
C LYS D 54 29.71 -21.58 -12.68
N VAL D 55 29.05 -22.73 -12.70
CA VAL D 55 29.43 -23.93 -11.97
C VAL D 55 30.83 -24.38 -12.37
N PRO D 56 31.78 -24.51 -11.45
CA PRO D 56 32.96 -25.30 -11.76
C PRO D 56 32.62 -26.77 -11.81
N SER D 57 33.29 -27.46 -12.69
CA SER D 57 32.92 -28.80 -13.06
C SER D 57 33.16 -29.76 -11.91
N PRO D 58 32.15 -30.51 -11.46
CA PRO D 58 32.29 -31.27 -10.21
C PRO D 58 33.32 -32.37 -10.30
N VAL D 59 33.84 -32.73 -9.14
CA VAL D 59 34.72 -33.87 -9.01
C VAL D 59 33.87 -35.12 -8.87
N VAL D 60 34.40 -36.22 -9.41
CA VAL D 60 33.79 -37.53 -9.25
C VAL D 60 34.90 -38.50 -8.92
N LYS D 61 35.09 -38.76 -7.63
CA LYS D 61 35.95 -39.84 -7.20
C LYS D 61 35.16 -41.14 -7.22
N CYS D 62 35.80 -42.18 -7.74
CA CYS D 62 35.06 -43.39 -8.08
C CYS D 62 34.87 -44.33 -6.91
N CYS D 63 35.82 -44.38 -5.98
CA CYS D 63 35.71 -45.29 -4.84
C CYS D 63 36.27 -44.58 -3.63
N GLY D 64 35.39 -43.89 -2.90
CA GLY D 64 35.70 -43.24 -1.66
C GLY D 64 35.47 -41.74 -1.73
N ALA D 65 35.65 -41.10 -0.59
CA ALA D 65 35.20 -39.74 -0.40
C ALA D 65 36.21 -38.73 -0.92
N THR D 66 35.69 -37.55 -1.24
CA THR D 66 36.49 -36.38 -1.58
C THR D 66 35.95 -35.23 -0.75
N GLN D 67 36.59 -34.95 0.36
CA GLN D 67 36.17 -33.84 1.20
C GLN D 67 36.34 -32.53 0.46
N CYS D 68 35.31 -31.69 0.51
CA CYS D 68 35.37 -30.35 -0.07
C CYS D 68 35.90 -29.36 0.95
N THR D 69 36.44 -28.26 0.43
CA THR D 69 36.86 -27.14 1.23
C THR D 69 36.13 -25.88 0.78
N SER D 70 36.06 -24.92 1.68
CA SER D 70 35.32 -23.68 1.43
C SER D 70 36.25 -22.71 0.70
N LYS D 71 36.27 -22.82 -0.62
CA LYS D 71 37.09 -21.94 -1.41
C LYS D 71 36.56 -20.51 -1.28
N PRO D 72 37.41 -19.50 -1.49
CA PRO D 72 36.99 -18.12 -1.25
C PRO D 72 36.17 -17.49 -2.36
N HIS D 73 35.65 -18.26 -3.30
CA HIS D 73 34.82 -17.66 -4.33
C HIS D 73 33.57 -17.06 -3.69
N PRO D 74 32.96 -16.05 -4.32
CA PRO D 74 31.76 -15.47 -3.73
C PRO D 74 30.62 -16.46 -3.67
N ASP D 75 30.11 -16.68 -2.46
CA ASP D 75 29.04 -17.64 -2.21
C ASP D 75 29.44 -19.01 -2.72
N TYR D 76 30.64 -19.43 -2.35
CA TYR D 76 31.15 -20.70 -2.82
C TYR D 76 30.41 -21.83 -2.15
N GLN D 77 29.34 -22.28 -2.78
CA GLN D 77 28.57 -23.40 -2.29
C GLN D 77 29.18 -24.68 -2.83
N CYS D 78 29.51 -25.59 -1.92
CA CYS D 78 30.09 -26.87 -2.29
C CYS D 78 29.63 -27.91 -1.29
N GLN D 79 29.19 -29.05 -1.79
CA GLN D 79 28.69 -30.12 -0.94
C GLN D 79 29.10 -31.44 -1.56
N VAL D 80 29.81 -32.24 -0.78
CA VAL D 80 30.17 -33.58 -1.21
C VAL D 80 28.90 -34.42 -1.33
N PHE D 81 28.92 -35.37 -2.24
CA PHE D 81 27.82 -36.31 -2.39
C PHE D 81 28.36 -37.68 -2.73
N THR D 82 27.73 -38.69 -2.15
CA THR D 82 28.04 -40.07 -2.44
C THR D 82 26.82 -40.73 -3.07
N GLY D 83 26.90 -42.04 -3.25
CA GLY D 83 25.78 -42.81 -3.73
C GLY D 83 25.37 -42.41 -5.13
N VAL D 84 26.32 -42.48 -6.06
CA VAL D 84 26.07 -42.21 -7.46
C VAL D 84 26.59 -43.39 -8.29
N TYR D 85 26.44 -43.26 -9.59
CA TYR D 85 26.78 -44.31 -10.54
C TYR D 85 26.77 -43.61 -11.90
N PRO D 86 27.67 -42.66 -12.10
CA PRO D 86 27.44 -41.60 -13.09
C PRO D 86 27.50 -42.04 -14.54
N PHE D 87 26.34 -42.14 -15.17
CA PHE D 87 26.28 -42.43 -16.60
C PHE D 87 26.97 -41.33 -17.39
N MET D 88 28.10 -41.65 -17.99
CA MET D 88 28.85 -40.69 -18.81
C MET D 88 29.36 -41.42 -20.05
N TRP D 89 28.52 -41.48 -21.08
CA TRP D 89 28.89 -41.86 -22.44
C TRP D 89 29.21 -43.34 -22.64
N GLY D 90 29.33 -44.11 -21.55
CA GLY D 90 29.62 -45.53 -21.65
C GLY D 90 28.81 -46.27 -20.61
N GLY D 91 27.61 -45.76 -20.35
CA GLY D 91 26.97 -46.10 -19.10
C GLY D 91 27.75 -45.42 -17.99
N ALA D 92 27.67 -46.00 -16.80
CA ALA D 92 28.52 -45.50 -15.71
C ALA D 92 29.98 -45.75 -16.06
N TYR D 93 30.87 -45.18 -15.24
CA TYR D 93 32.29 -45.40 -15.44
C TYR D 93 33.01 -45.76 -14.15
N CYS D 94 32.52 -45.26 -13.01
CA CYS D 94 33.12 -45.62 -11.73
C CYS D 94 32.59 -46.99 -11.29
N PHE D 95 33.51 -47.93 -11.02
CA PHE D 95 33.12 -49.32 -10.88
C PHE D 95 32.50 -49.64 -9.53
N CYS D 96 32.76 -48.84 -8.50
CA CYS D 96 32.03 -49.01 -7.25
C CYS D 96 30.56 -48.63 -7.46
N ASP D 97 29.77 -48.73 -6.39
CA ASP D 97 28.34 -48.46 -6.46
C ASP D 97 27.80 -47.58 -5.35
N THR D 98 28.48 -47.47 -4.23
CA THR D 98 28.14 -46.49 -3.19
C THR D 98 29.33 -45.62 -2.85
N GLU D 99 30.53 -46.18 -2.94
CA GLU D 99 31.74 -45.40 -2.79
C GLU D 99 31.97 -44.45 -3.95
N ASN D 100 31.20 -44.59 -5.03
CA ASN D 100 31.14 -43.57 -6.07
C ASN D 100 30.78 -42.25 -5.42
N THR D 101 31.71 -41.30 -5.47
CA THR D 101 31.55 -40.01 -4.82
C THR D 101 31.51 -38.93 -5.87
N GLN D 102 30.71 -37.90 -5.58
CA GLN D 102 30.52 -36.76 -6.47
C GLN D 102 30.54 -35.52 -5.60
N MET D 103 31.46 -34.61 -5.90
CA MET D 103 31.61 -33.37 -5.15
C MET D 103 31.17 -32.25 -6.07
N SER D 104 30.02 -31.67 -5.78
CA SER D 104 29.51 -30.54 -6.53
C SER D 104 29.96 -29.25 -5.87
N GLU D 105 30.35 -28.30 -6.70
CA GLU D 105 30.75 -26.99 -6.24
C GLU D 105 30.22 -25.94 -7.21
N ALA D 106 29.72 -24.85 -6.65
CA ALA D 106 29.20 -23.76 -7.46
C ALA D 106 29.36 -22.47 -6.70
N TYR D 107 29.87 -21.44 -7.38
CA TYR D 107 29.97 -20.12 -6.82
C TYR D 107 29.22 -19.14 -7.70
N VAL D 108 28.94 -18.01 -7.13
CA VAL D 108 28.23 -16.93 -7.80
C VAL D 108 29.25 -16.04 -8.48
N GLU D 109 28.89 -15.53 -9.64
CA GLU D 109 29.76 -14.63 -10.37
C GLU D 109 28.91 -13.62 -11.11
N ARG D 110 29.47 -12.43 -11.28
CA ARG D 110 28.85 -11.39 -12.07
C ARG D 110 28.55 -11.91 -13.47
N SER D 111 27.35 -11.60 -13.97
CA SER D 111 27.06 -11.87 -15.36
C SER D 111 27.94 -11.04 -16.25
N GLU D 112 27.94 -11.39 -17.53
CA GLU D 112 28.54 -10.50 -18.51
C GLU D 112 27.69 -9.26 -18.67
N GLU D 113 26.39 -9.37 -18.41
CA GLU D 113 25.51 -8.21 -18.43
C GLU D 113 25.76 -7.29 -17.25
N CYS D 114 26.39 -7.79 -16.19
CA CYS D 114 26.67 -6.96 -15.03
C CYS D 114 27.50 -5.74 -15.42
N SER D 115 28.37 -5.89 -16.41
CA SER D 115 29.18 -4.77 -16.84
C SER D 115 28.33 -3.66 -17.42
N ILE D 116 27.21 -4.02 -18.06
CA ILE D 116 26.51 -3.13 -18.97
C ILE D 116 25.06 -2.94 -18.59
N ASP D 117 24.38 -4.01 -18.24
CA ASP D 117 22.97 -3.98 -17.82
C ASP D 117 22.98 -4.30 -16.34
N HIS D 118 22.90 -3.25 -15.54
CA HIS D 118 23.14 -3.39 -14.12
C HIS D 118 22.47 -2.27 -13.38
N ALA D 119 21.78 -2.62 -12.31
CA ALA D 119 21.31 -1.59 -11.41
C ALA D 119 22.51 -1.03 -10.66
N LYS D 120 22.28 0.08 -9.97
CA LYS D 120 23.39 0.81 -9.39
C LYS D 120 22.87 1.63 -8.23
N ALA D 121 23.31 1.28 -7.03
CA ALA D 121 22.87 1.98 -5.83
C ALA D 121 23.71 3.22 -5.61
N TYR D 122 23.20 4.09 -4.74
CA TYR D 122 23.91 5.29 -4.37
C TYR D 122 23.43 5.78 -3.02
N LYS D 123 24.36 6.31 -2.23
CA LYS D 123 24.01 7.19 -1.12
C LYS D 123 24.11 8.62 -1.65
N VAL D 124 23.00 9.32 -1.66
CA VAL D 124 22.86 10.58 -2.38
C VAL D 124 22.72 11.70 -1.36
N HIS D 125 23.66 12.62 -1.43
CA HIS D 125 23.64 13.87 -0.70
C HIS D 125 23.14 14.99 -1.62
N THR D 126 23.34 16.25 -1.24
CA THR D 126 22.63 17.34 -1.90
C THR D 126 23.36 17.96 -3.10
N GLY D 127 24.68 18.13 -3.02
CA GLY D 127 25.45 18.75 -4.10
C GLY D 127 24.99 20.15 -4.48
N THR D 128 25.11 20.48 -5.77
CA THR D 128 25.10 21.87 -6.23
C THR D 128 24.51 21.96 -7.63
N VAL D 129 23.47 22.79 -7.80
CA VAL D 129 22.69 22.79 -9.04
C VAL D 129 23.27 23.80 -10.03
N GLN D 130 22.94 23.58 -11.32
CA GLN D 130 23.57 24.26 -12.46
C GLN D 130 22.51 24.71 -13.47
N ALA D 131 22.95 25.39 -14.53
CA ALA D 131 22.06 25.93 -15.55
C ALA D 131 22.87 26.51 -16.71
N MET D 132 22.38 26.35 -17.95
CA MET D 132 23.00 26.96 -19.14
C MET D 132 22.35 28.29 -19.48
N VAL D 133 22.28 29.19 -18.52
CA VAL D 133 21.44 30.39 -18.61
C VAL D 133 21.73 31.15 -19.89
N ASN D 134 20.73 31.25 -20.77
CA ASN D 134 20.83 32.22 -21.84
C ASN D 134 20.38 33.55 -21.29
N ILE D 135 21.13 34.59 -21.63
CA ILE D 135 20.61 35.94 -21.62
C ILE D 135 20.92 36.54 -22.98
N THR D 136 19.87 36.85 -23.73
CA THR D 136 20.00 37.70 -24.91
C THR D 136 19.89 39.14 -24.44
N TYR D 137 20.97 39.59 -23.79
CA TYR D 137 20.91 40.79 -22.98
C TYR D 137 20.81 42.07 -23.81
N GLY D 138 19.98 43.00 -23.32
CA GLY D 138 20.04 44.39 -23.69
C GLY D 138 20.12 44.65 -25.17
N SER D 139 21.29 45.15 -25.57
CA SER D 139 21.72 45.13 -26.96
C SER D 139 22.84 44.13 -27.20
N VAL D 140 23.38 43.51 -26.15
CA VAL D 140 24.37 42.45 -26.33
C VAL D 140 23.76 41.32 -27.14
N SER D 141 22.53 40.95 -26.80
CA SER D 141 21.70 40.01 -27.54
C SER D 141 22.13 38.57 -27.39
N TRP D 142 23.19 38.27 -26.64
CA TRP D 142 23.58 36.87 -26.50
C TRP D 142 24.60 36.57 -25.41
N ARG D 143 24.29 35.54 -24.62
CA ARG D 143 25.28 34.75 -23.91
C ARG D 143 24.53 33.50 -23.48
N SER D 144 25.09 32.33 -23.75
CA SER D 144 24.50 31.07 -23.31
C SER D 144 25.56 30.33 -22.51
N ALA D 145 25.57 30.58 -21.20
CA ALA D 145 26.64 30.17 -20.32
C ALA D 145 26.16 29.20 -19.25
N ASP D 146 27.05 28.29 -18.88
CA ASP D 146 26.79 27.35 -17.82
C ASP D 146 27.23 27.97 -16.50
N VAL D 147 26.36 27.90 -15.50
CA VAL D 147 26.55 28.60 -14.24
C VAL D 147 26.30 27.65 -13.09
N TYR D 148 26.38 28.19 -11.89
CA TYR D 148 26.09 27.51 -10.64
C TYR D 148 24.95 28.23 -9.93
N VAL D 149 24.72 27.79 -8.70
CA VAL D 149 23.65 28.31 -7.84
C VAL D 149 24.19 28.92 -6.57
N ASN D 150 25.38 28.54 -6.16
CA ASN D 150 25.92 28.99 -4.89
C ASN D 150 26.17 30.49 -4.94
N GLY D 151 25.63 31.21 -3.97
CA GLY D 151 25.47 32.64 -4.11
C GLY D 151 26.71 33.48 -3.93
N GLU D 152 27.83 33.02 -4.47
CA GLU D 152 28.96 33.90 -4.72
C GLU D 152 29.70 33.57 -6.00
N THR D 153 29.19 32.65 -6.81
CA THR D 153 29.87 32.25 -8.04
C THR D 153 29.48 33.19 -9.17
N PRO D 154 30.41 33.90 -9.77
CA PRO D 154 30.15 34.52 -11.07
C PRO D 154 30.43 33.55 -12.22
N ALA D 155 30.02 33.98 -13.41
CA ALA D 155 30.42 33.30 -14.64
C ALA D 155 30.52 34.36 -15.72
N LYS D 156 31.73 34.87 -15.91
CA LYS D 156 31.99 35.93 -16.89
C LYS D 156 32.16 35.29 -18.27
N ILE D 157 31.02 34.86 -18.80
CA ILE D 157 30.92 34.34 -20.15
C ILE D 157 29.97 35.26 -20.90
N GLY D 158 30.47 35.89 -21.95
CA GLY D 158 29.81 37.01 -22.57
C GLY D 158 30.52 38.28 -22.15
N ASP D 159 29.79 39.17 -21.48
CA ASP D 159 30.39 40.33 -20.83
C ASP D 159 29.88 40.57 -19.43
N ALA D 160 28.76 39.97 -19.05
CA ALA D 160 28.13 40.24 -17.78
C ALA D 160 28.59 39.25 -16.73
N LYS D 161 28.68 39.74 -15.50
CA LYS D 161 29.00 38.94 -14.34
C LYS D 161 27.74 38.73 -13.53
N LEU D 162 27.42 37.47 -13.24
CA LEU D 162 26.12 37.10 -12.72
C LEU D 162 26.27 36.13 -11.58
N ILE D 163 25.57 36.40 -10.49
CA ILE D 163 25.62 35.58 -9.28
C ILE D 163 24.22 35.10 -9.02
N ILE D 164 24.11 33.81 -8.74
CA ILE D 164 22.86 33.09 -8.72
C ILE D 164 22.72 32.43 -7.36
N GLY D 165 21.49 32.37 -6.88
CA GLY D 165 21.15 31.60 -5.72
C GLY D 165 21.91 32.02 -4.48
N PRO D 166 21.98 31.16 -3.46
CA PRO D 166 21.43 29.81 -3.38
C PRO D 166 19.92 29.79 -3.37
N LEU D 167 19.34 28.83 -4.08
CA LEU D 167 17.91 28.72 -4.12
C LEU D 167 17.37 28.32 -2.75
N SER D 168 16.13 28.71 -2.49
CA SER D 168 15.48 28.39 -1.23
C SER D 168 14.80 27.03 -1.25
N SER D 169 14.62 26.44 -2.43
CA SER D 169 13.79 25.25 -2.58
C SER D 169 14.69 24.02 -2.64
N ALA D 170 15.13 23.60 -1.47
CA ALA D 170 16.15 22.57 -1.36
C ALA D 170 15.62 21.16 -1.54
N TRP D 171 14.44 20.98 -2.13
CA TRP D 171 13.94 19.64 -2.37
C TRP D 171 14.81 18.98 -3.41
N SER D 172 15.71 18.14 -2.95
CA SER D 172 16.37 17.23 -3.86
C SER D 172 15.37 16.13 -4.18
N PRO D 173 14.90 16.01 -5.43
CA PRO D 173 13.93 14.95 -5.72
C PRO D 173 14.50 13.58 -5.50
N PHE D 174 15.81 13.42 -5.67
CA PHE D 174 16.47 12.22 -5.19
C PHE D 174 16.27 12.09 -3.69
N ASP D 175 15.97 10.87 -3.25
CA ASP D 175 16.01 10.56 -1.84
C ASP D 175 17.46 10.35 -1.42
N ASN D 176 17.66 10.00 -0.15
CA ASN D 176 19.00 9.69 0.33
C ASN D 176 19.55 8.48 -0.40
N LYS D 177 18.79 7.40 -0.42
CA LYS D 177 19.18 6.15 -1.06
C LYS D 177 18.50 6.06 -2.40
N VAL D 178 19.27 5.71 -3.43
CA VAL D 178 18.79 5.67 -4.80
C VAL D 178 19.38 4.45 -5.48
N VAL D 179 18.56 3.82 -6.30
CA VAL D 179 19.03 2.83 -7.27
C VAL D 179 18.87 3.44 -8.64
N VAL D 180 19.75 3.04 -9.54
CA VAL D 180 19.84 3.61 -10.87
C VAL D 180 20.00 2.48 -11.87
N TYR D 181 19.33 2.60 -13.00
CA TYR D 181 19.30 1.52 -13.99
C TYR D 181 19.21 2.13 -15.39
N GLY D 182 20.36 2.29 -16.03
CA GLY D 182 20.41 2.59 -17.44
C GLY D 182 19.97 4.01 -17.73
N HIS D 183 18.67 4.27 -17.59
CA HIS D 183 18.15 5.62 -17.51
C HIS D 183 17.07 5.79 -16.47
N GLU D 184 16.39 4.72 -16.08
CA GLU D 184 15.31 4.81 -15.11
C GLU D 184 15.90 4.81 -13.71
N VAL D 185 15.66 5.90 -12.99
CA VAL D 185 16.26 6.13 -11.69
C VAL D 185 15.19 5.91 -10.64
N TYR D 186 15.53 5.13 -9.62
CA TYR D 186 14.60 4.69 -8.59
C TYR D 186 15.12 5.13 -7.24
N ASN D 187 14.32 5.94 -6.56
CA ASN D 187 14.67 6.46 -5.24
C ASN D 187 14.38 5.40 -4.18
N TYR D 188 15.07 4.29 -4.33
CA TYR D 188 14.76 3.06 -3.61
C TYR D 188 15.66 2.90 -2.40
N ASP D 189 15.06 2.46 -1.31
CA ASP D 189 15.81 2.09 -0.11
C ASP D 189 16.46 0.74 -0.38
N PHE D 190 17.51 0.77 -1.17
CA PHE D 190 18.28 -0.44 -1.39
C PHE D 190 18.80 -0.93 -0.05
N PRO D 191 18.83 -2.25 0.20
CA PRO D 191 19.13 -2.71 1.55
C PRO D 191 20.50 -2.25 2.02
N GLU D 192 21.56 -2.74 1.38
CA GLU D 192 22.92 -2.25 1.52
C GLU D 192 23.83 -3.17 0.72
N TYR D 193 25.05 -2.76 0.47
CA TYR D 193 26.11 -3.71 0.16
C TYR D 193 26.22 -4.72 1.29
N GLY D 194 26.53 -5.95 0.94
CA GLY D 194 26.90 -6.91 1.93
C GLY D 194 25.77 -7.64 2.63
N THR D 195 24.51 -7.33 2.33
CA THR D 195 23.38 -7.81 3.13
C THR D 195 22.23 -8.40 2.34
N GLY D 196 22.06 -8.03 1.07
CA GLY D 196 20.78 -8.19 0.39
C GLY D 196 20.24 -9.59 0.36
N LYS D 197 19.03 -9.77 0.87
CA LYS D 197 18.43 -11.08 0.97
C LYS D 197 18.26 -11.69 -0.41
N ALA D 198 18.48 -12.99 -0.50
CA ALA D 198 18.41 -13.67 -1.78
C ALA D 198 17.01 -13.59 -2.36
N GLY D 199 16.94 -13.35 -3.65
CA GLY D 199 15.70 -13.07 -4.34
C GLY D 199 15.37 -11.61 -4.29
N SER D 200 15.51 -11.00 -3.12
CA SER D 200 15.30 -9.57 -3.01
C SER D 200 16.36 -8.84 -3.80
N PHE D 201 16.11 -7.55 -4.01
CA PHE D 201 17.04 -6.71 -4.74
C PHE D 201 18.41 -6.74 -4.07
N GLY D 202 19.43 -6.77 -4.91
CA GLY D 202 20.78 -6.86 -4.39
C GLY D 202 21.13 -8.22 -3.81
N ASP D 203 20.69 -9.28 -4.46
CA ASP D 203 21.21 -10.59 -4.07
C ASP D 203 22.68 -10.69 -4.41
N LEU D 204 23.06 -10.19 -5.59
CA LEU D 204 24.45 -9.93 -5.93
C LEU D 204 24.73 -8.48 -5.60
N GLN D 205 25.86 -8.24 -4.97
CA GLN D 205 26.25 -6.89 -4.58
C GLN D 205 27.75 -6.78 -4.77
N SER D 206 28.14 -6.24 -5.91
CA SER D 206 29.53 -5.95 -6.21
C SER D 206 29.75 -4.45 -6.09
N ARG D 207 30.88 -4.09 -5.48
CA ARG D 207 31.23 -2.68 -5.31
C ARG D 207 31.21 -1.96 -6.65
N THR D 208 31.94 -2.50 -7.62
CA THR D 208 31.88 -2.03 -8.98
C THR D 208 31.93 -3.24 -9.90
N SER D 209 32.11 -2.98 -11.19
CA SER D 209 32.14 -4.05 -12.16
C SER D 209 33.46 -4.80 -12.09
N THR D 210 34.55 -4.08 -11.91
CA THR D 210 35.86 -4.69 -11.80
C THR D 210 36.00 -5.50 -10.52
N SER D 211 35.27 -5.15 -9.47
CA SER D 211 35.50 -5.71 -8.15
C SER D 211 35.25 -7.21 -8.14
N ASN D 212 36.33 -7.98 -8.01
CA ASN D 212 36.20 -9.43 -7.99
C ASN D 212 35.45 -9.90 -6.76
N ASP D 213 35.62 -9.21 -5.64
CA ASP D 213 34.87 -9.52 -4.45
C ASP D 213 33.46 -8.96 -4.55
N LEU D 214 32.53 -9.58 -3.83
CA LEU D 214 31.16 -9.14 -3.83
C LEU D 214 30.45 -9.77 -2.64
N TYR D 215 29.14 -9.61 -2.60
CA TYR D 215 28.27 -10.29 -1.66
C TYR D 215 27.15 -10.95 -2.44
N ALA D 216 27.10 -12.28 -2.37
CA ALA D 216 26.13 -13.07 -3.11
C ALA D 216 25.33 -13.90 -2.12
N ASN D 217 24.32 -13.30 -1.53
CA ASN D 217 23.28 -14.07 -0.85
C ASN D 217 22.27 -14.40 -1.93
N THR D 218 22.44 -15.57 -2.52
CA THR D 218 21.50 -16.13 -3.48
C THR D 218 20.79 -17.35 -2.96
N ASN D 219 21.12 -17.81 -1.75
CA ASN D 219 20.56 -19.05 -1.22
C ASN D 219 20.86 -20.21 -2.16
N LEU D 220 22.04 -20.16 -2.77
CA LEU D 220 22.47 -21.21 -3.66
C LEU D 220 22.67 -22.49 -2.86
N LYS D 221 21.86 -23.50 -3.16
CA LYS D 221 21.91 -24.78 -2.46
C LYS D 221 22.02 -25.88 -3.50
N LEU D 222 23.16 -26.54 -3.54
CA LEU D 222 23.34 -27.66 -4.42
C LEU D 222 22.59 -28.87 -3.91
N GLN D 223 22.05 -29.65 -4.83
CA GLN D 223 21.42 -30.93 -4.52
C GLN D 223 22.13 -32.03 -5.29
N ARG D 224 21.94 -33.26 -4.83
CA ARG D 224 22.68 -34.34 -5.42
C ARG D 224 22.12 -34.65 -6.81
N PRO D 225 22.97 -34.97 -7.78
CA PRO D 225 22.44 -35.35 -9.08
C PRO D 225 21.72 -36.68 -9.00
N GLN D 226 20.79 -36.86 -9.92
CA GLN D 226 19.83 -37.94 -9.87
C GLN D 226 20.35 -39.20 -10.56
N ALA D 227 20.01 -40.35 -9.96
CA ALA D 227 20.03 -41.66 -10.60
C ALA D 227 21.33 -41.94 -11.34
N GLY D 228 22.45 -41.60 -10.72
CA GLY D 228 23.75 -41.92 -11.28
C GLY D 228 23.97 -41.29 -12.63
N ILE D 229 23.83 -39.96 -12.71
CA ILE D 229 24.15 -39.21 -13.92
C ILE D 229 24.92 -37.97 -13.53
N VAL D 230 25.85 -37.58 -14.40
CA VAL D 230 26.66 -36.39 -14.21
C VAL D 230 25.81 -35.17 -14.49
N HIS D 231 25.58 -34.36 -13.47
CA HIS D 231 25.12 -32.99 -13.63
C HIS D 231 25.17 -32.36 -12.24
N THR D 232 24.73 -31.10 -12.17
CA THR D 232 24.90 -30.28 -10.98
C THR D 232 23.57 -29.60 -10.68
N PRO D 233 22.75 -30.18 -9.86
CA PRO D 233 21.60 -29.43 -9.37
C PRO D 233 22.05 -28.22 -8.59
N PHE D 234 21.81 -27.05 -9.14
CA PHE D 234 21.96 -25.81 -8.39
C PHE D 234 20.57 -25.25 -8.22
N THR D 235 20.13 -25.19 -6.97
CA THR D 235 18.82 -24.68 -6.60
C THR D 235 19.03 -23.29 -6.04
N GLN D 236 18.41 -22.32 -6.68
CA GLN D 236 18.81 -20.94 -6.47
C GLN D 236 17.63 -20.04 -6.80
N ALA D 237 17.58 -18.94 -6.10
CA ALA D 237 16.64 -17.89 -6.42
C ALA D 237 17.10 -17.17 -7.68
N PRO D 238 16.28 -17.09 -8.74
CA PRO D 238 16.59 -16.13 -9.79
C PRO D 238 16.68 -14.74 -9.20
N SER D 239 17.44 -13.88 -9.86
CA SER D 239 17.98 -12.76 -9.13
C SER D 239 16.92 -11.73 -8.77
N GLY D 240 17.21 -11.00 -7.70
CA GLY D 240 16.57 -9.75 -7.43
C GLY D 240 16.93 -8.63 -8.38
N PHE D 241 17.77 -8.91 -9.37
CA PHE D 241 17.90 -8.10 -10.56
C PHE D 241 17.00 -8.57 -11.69
N GLU D 242 16.57 -9.83 -11.65
CA GLU D 242 15.59 -10.31 -12.62
C GLU D 242 14.23 -9.72 -12.32
N ARG D 243 13.67 -10.03 -11.16
CA ARG D 243 12.73 -9.10 -10.58
C ARG D 243 13.50 -7.85 -10.23
N TRP D 244 12.77 -6.74 -10.05
CA TRP D 244 13.27 -5.37 -10.13
C TRP D 244 13.36 -4.92 -11.58
N LYS D 245 13.09 -5.79 -12.54
CA LYS D 245 12.88 -5.41 -13.92
C LYS D 245 11.47 -5.69 -14.41
N ARG D 246 10.68 -6.48 -13.67
CA ARG D 246 9.28 -6.71 -14.03
C ARG D 246 8.34 -6.80 -12.83
N ASP D 247 8.82 -6.60 -11.60
CA ASP D 247 7.96 -6.37 -10.45
C ASP D 247 8.48 -5.17 -9.67
N LYS D 248 9.04 -4.22 -10.38
CA LYS D 248 9.74 -3.07 -9.82
C LYS D 248 8.77 -2.00 -9.36
N GLY D 249 9.32 -0.82 -9.09
CA GLY D 249 8.57 0.40 -8.96
C GLY D 249 8.86 1.34 -10.13
N ALA D 250 8.11 2.42 -10.17
CA ALA D 250 8.17 3.32 -11.31
C ALA D 250 9.30 4.31 -11.17
N PRO D 251 9.73 4.93 -12.27
CA PRO D 251 10.90 5.81 -12.19
C PRO D 251 10.61 7.22 -11.77
N LEU D 252 11.65 7.79 -11.15
CA LEU D 252 11.57 9.11 -10.58
C LEU D 252 11.34 10.16 -11.65
N ASN D 253 11.75 9.89 -12.88
CA ASN D 253 11.33 10.73 -14.00
C ASN D 253 9.90 10.45 -14.43
N ASP D 254 9.19 9.59 -13.70
CA ASP D 254 7.77 9.39 -13.85
C ASP D 254 6.99 9.45 -12.54
N VAL D 255 7.66 9.66 -11.39
CA VAL D 255 6.95 9.79 -10.12
C VAL D 255 7.45 10.92 -9.25
N ALA D 256 8.47 11.66 -9.69
CA ALA D 256 9.01 12.71 -8.85
C ALA D 256 7.96 13.79 -8.59
N PRO D 257 8.16 14.60 -7.57
CA PRO D 257 7.43 15.88 -7.49
C PRO D 257 8.16 17.06 -8.11
N PHE D 258 7.47 18.20 -8.08
CA PHE D 258 7.94 19.53 -8.47
C PHE D 258 8.78 19.58 -9.74
N GLY D 259 8.46 18.71 -10.67
CA GLY D 259 8.80 18.89 -12.08
C GLY D 259 10.22 18.72 -12.57
N CYS D 260 10.71 17.48 -12.59
CA CYS D 260 12.09 17.16 -12.84
C CYS D 260 12.17 16.12 -13.94
N SER D 261 13.32 16.11 -14.61
CA SER D 261 13.68 15.06 -15.54
C SER D 261 15.07 14.58 -15.17
N ILE D 262 15.46 13.42 -15.70
CA ILE D 262 16.55 12.63 -15.15
C ILE D 262 17.45 12.13 -16.28
N ALA D 263 18.70 11.82 -15.94
CA ALA D 263 19.62 11.20 -16.88
C ALA D 263 20.65 10.33 -16.16
N LEU D 264 21.05 9.24 -16.82
CA LEU D 264 22.25 8.48 -16.44
C LEU D 264 23.40 9.08 -17.23
N GLU D 265 23.98 10.07 -16.65
CA GLU D 265 24.81 11.13 -17.19
C GLU D 265 25.29 11.62 -15.83
N PRO D 266 25.80 12.83 -15.61
CA PRO D 266 26.25 13.18 -14.25
C PRO D 266 25.26 13.03 -13.08
N LEU D 267 24.08 12.42 -13.28
CA LEU D 267 23.08 12.11 -12.25
C LEU D 267 22.36 13.38 -11.89
N ARG D 268 22.14 14.19 -12.89
CA ARG D 268 21.39 15.40 -12.72
C ARG D 268 19.92 15.08 -12.64
N ALA D 269 19.16 16.06 -12.18
CA ALA D 269 17.71 16.02 -12.22
C ALA D 269 17.27 17.35 -12.84
N GLU D 270 17.13 17.35 -14.17
CA GLU D 270 16.97 18.59 -14.91
C GLU D 270 15.68 19.30 -14.54
N ASN D 271 15.73 20.63 -14.67
CA ASN D 271 14.56 21.45 -14.93
C ASN D 271 13.55 21.40 -13.79
N CYS D 272 14.03 21.22 -12.57
CA CYS D 272 13.19 21.14 -11.40
C CYS D 272 12.64 22.52 -11.07
N ALA D 273 11.43 22.77 -11.53
CA ALA D 273 10.77 24.06 -11.34
C ALA D 273 10.18 24.11 -9.94
N VAL D 274 10.87 24.76 -9.03
CA VAL D 274 10.31 24.96 -7.70
C VAL D 274 11.01 26.10 -6.98
N GLY D 275 10.23 26.99 -6.38
CA GLY D 275 10.76 28.06 -5.60
C GLY D 275 11.40 29.16 -6.44
N SER D 276 12.19 29.96 -5.74
CA SER D 276 12.80 31.16 -6.31
C SER D 276 14.31 31.08 -6.14
N ILE D 277 15.00 31.96 -6.88
CA ILE D 277 16.45 32.03 -6.87
C ILE D 277 16.84 33.51 -6.75
N PRO D 278 17.55 33.92 -5.68
CA PRO D 278 17.98 35.32 -5.58
C PRO D 278 19.16 35.68 -6.46
N ILE D 279 18.88 36.15 -7.67
CA ILE D 279 19.89 36.32 -8.68
C ILE D 279 20.27 37.80 -8.78
N SER D 280 21.55 38.03 -9.02
CA SER D 280 22.14 39.36 -9.01
C SER D 280 23.22 39.42 -10.06
N ILE D 281 23.22 40.49 -10.86
CA ILE D 281 24.12 40.62 -12.00
C ILE D 281 24.86 41.94 -11.88
N ASP D 282 26.11 41.93 -12.33
CA ASP D 282 26.90 43.14 -12.56
C ASP D 282 27.07 43.27 -14.07
N ILE D 283 26.28 44.17 -14.65
CA ILE D 283 26.27 44.44 -16.08
C ILE D 283 27.57 45.15 -16.46
N PRO D 284 28.05 45.04 -17.70
CA PRO D 284 29.11 45.97 -18.13
C PRO D 284 28.53 47.36 -18.35
N ASP D 285 29.12 48.34 -17.67
CA ASP D 285 28.65 49.72 -17.78
C ASP D 285 28.74 50.22 -19.21
N ALA D 286 29.66 49.67 -20.01
CA ALA D 286 29.73 50.04 -21.42
C ALA D 286 28.45 49.70 -22.14
N ALA D 287 27.79 48.61 -21.75
CA ALA D 287 26.54 48.23 -22.40
C ALA D 287 25.42 49.21 -22.10
N PHE D 288 25.52 49.97 -21.01
CA PHE D 288 24.51 50.98 -20.75
C PHE D 288 24.53 52.06 -21.82
N THR D 289 23.35 52.60 -22.08
CA THR D 289 23.19 53.83 -22.81
C THR D 289 22.92 54.93 -21.81
N ARG D 290 23.57 56.07 -21.99
CA ARG D 290 23.31 57.18 -21.10
C ARG D 290 21.90 57.70 -21.31
N ILE D 291 21.37 58.33 -20.26
CA ILE D 291 19.95 58.64 -20.22
C ILE D 291 19.58 59.69 -21.26
N SER D 292 20.52 60.56 -21.62
CA SER D 292 20.23 61.69 -22.49
C SER D 292 20.20 61.34 -23.96
N GLU D 293 20.15 60.05 -24.30
CA GLU D 293 20.19 59.59 -25.68
C GLU D 293 18.99 58.75 -26.06
N THR D 294 18.31 58.16 -25.10
CA THR D 294 17.06 57.47 -25.38
C THR D 294 15.92 58.49 -25.37
N PRO D 295 14.90 58.33 -26.21
CA PRO D 295 13.79 59.28 -26.17
C PRO D 295 13.04 59.20 -24.85
N THR D 296 12.68 60.37 -24.34
CA THR D 296 11.75 60.46 -23.23
C THR D 296 10.33 60.34 -23.78
N VAL D 297 9.54 59.47 -23.17
CA VAL D 297 8.32 58.95 -23.77
C VAL D 297 7.08 59.47 -23.07
N SER D 298 7.22 60.24 -22.00
CA SER D 298 6.09 60.64 -21.17
C SER D 298 5.07 61.47 -21.93
N ASP D 299 3.96 61.81 -21.28
CA ASP D 299 2.78 62.38 -21.92
C ASP D 299 2.21 61.40 -22.95
N LEU D 300 2.21 60.14 -22.58
CA LEU D 300 1.76 59.03 -23.42
C LEU D 300 0.35 58.61 -22.99
N GLU D 301 -0.10 57.49 -23.55
CA GLU D 301 -1.29 56.81 -23.04
C GLU D 301 -1.19 55.34 -23.41
N CYS D 302 -1.69 54.49 -22.51
CA CYS D 302 -1.72 53.04 -22.71
C CYS D 302 -3.13 52.51 -22.54
N LYS D 303 -3.48 51.51 -23.35
CA LYS D 303 -4.74 50.82 -23.16
C LYS D 303 -4.66 49.46 -23.82
N ILE D 304 -5.25 48.46 -23.16
CA ILE D 304 -5.49 47.20 -23.81
C ILE D 304 -6.42 47.41 -24.99
N THR D 305 -6.41 46.47 -25.89
CA THR D 305 -7.36 46.43 -26.99
C THR D 305 -8.02 45.07 -27.11
N GLU D 306 -7.29 43.99 -26.85
CA GLU D 306 -7.88 42.66 -26.75
C GLU D 306 -7.03 41.90 -25.75
N CYS D 307 -7.40 42.00 -24.48
CA CYS D 307 -6.65 41.29 -23.45
C CYS D 307 -7.18 39.88 -23.32
N THR D 308 -6.26 38.92 -23.38
CA THR D 308 -6.58 37.52 -23.28
C THR D 308 -6.12 37.03 -21.90
N TYR D 309 -7.08 36.56 -21.12
CA TYR D 309 -6.90 36.23 -19.71
C TYR D 309 -6.23 34.87 -19.58
N ALA D 310 -4.96 34.81 -19.99
CA ALA D 310 -4.39 33.54 -20.42
C ALA D 310 -2.88 33.46 -20.20
N SER D 311 -2.29 32.41 -20.77
CA SER D 311 -0.90 31.99 -20.59
C SER D 311 -0.05 32.44 -21.76
N ASP D 312 -0.40 31.98 -22.95
CA ASP D 312 0.24 32.48 -24.16
C ASP D 312 0.07 33.99 -24.21
N PHE D 313 0.99 34.65 -24.88
CA PHE D 313 0.99 36.10 -24.88
C PHE D 313 -0.18 36.61 -25.71
N GLY D 314 -1.38 36.47 -25.20
CA GLY D 314 -2.57 36.87 -25.90
C GLY D 314 -2.98 38.30 -25.57
N GLY D 315 -2.53 38.78 -24.41
CA GLY D 315 -2.83 40.14 -24.03
C GLY D 315 -2.08 41.13 -24.90
N ILE D 316 -2.80 42.14 -25.39
CA ILE D 316 -2.21 43.18 -26.21
C ILE D 316 -2.65 44.53 -25.70
N ALA D 317 -1.89 45.56 -26.07
CA ALA D 317 -2.24 46.92 -25.67
C ALA D 317 -1.49 47.90 -26.54
N THR D 318 -2.24 48.74 -27.24
CA THR D 318 -1.61 49.88 -27.88
C THR D 318 -1.12 50.84 -26.83
N VAL D 319 -0.13 51.64 -27.20
CA VAL D 319 0.41 52.67 -26.33
C VAL D 319 0.61 53.91 -27.18
N ALA D 320 -0.05 55.00 -26.81
CA ALA D 320 0.10 56.27 -27.51
C ALA D 320 1.45 56.85 -27.09
N TYR D 321 2.50 56.38 -27.75
CA TYR D 321 3.84 56.84 -27.42
C TYR D 321 3.99 58.31 -27.75
N LYS D 322 4.56 59.04 -26.81
CA LYS D 322 4.79 60.49 -26.93
C LYS D 322 6.27 60.71 -26.66
N SER D 323 7.08 60.57 -27.69
CA SER D 323 8.52 60.57 -27.55
C SER D 323 9.08 61.98 -27.72
N SER D 324 10.37 62.11 -27.44
CA SER D 324 11.13 63.32 -27.67
C SER D 324 12.10 63.13 -28.83
N LYS D 325 12.97 62.15 -28.72
CA LYS D 325 13.77 61.67 -29.83
C LYS D 325 13.02 60.51 -30.48
N ALA D 326 13.69 59.78 -31.36
CA ALA D 326 13.14 58.57 -31.96
C ALA D 326 14.17 57.47 -31.87
N GLY D 327 13.73 56.29 -31.46
CA GLY D 327 14.64 55.17 -31.33
C GLY D 327 14.02 54.05 -30.53
N ASN D 328 14.87 53.28 -29.87
CA ASN D 328 14.42 52.16 -29.07
C ASN D 328 14.08 52.61 -27.66
N CYS D 329 13.34 51.77 -26.98
CA CYS D 329 12.83 52.05 -25.65
C CYS D 329 12.57 50.73 -24.96
N PRO D 330 13.44 50.26 -24.07
CA PRO D 330 13.15 49.01 -23.38
C PRO D 330 11.94 49.15 -22.48
N ILE D 331 11.23 48.03 -22.32
CA ILE D 331 9.95 48.01 -21.63
C ILE D 331 9.91 46.86 -20.65
N HIS D 332 9.11 47.03 -19.61
CA HIS D 332 8.89 45.99 -18.62
C HIS D 332 7.76 46.45 -17.72
N SER D 333 7.04 45.49 -17.17
CA SER D 333 6.06 45.71 -16.13
C SER D 333 6.71 45.36 -14.80
N PRO D 334 7.14 46.35 -14.00
CA PRO D 334 7.74 45.99 -12.71
C PRO D 334 6.82 45.17 -11.83
N SER D 335 5.52 45.34 -11.98
CA SER D 335 4.59 44.42 -11.35
C SER D 335 4.64 43.09 -12.08
N GLY D 336 4.62 42.01 -11.32
CA GLY D 336 4.63 40.69 -11.90
C GLY D 336 3.31 40.23 -12.47
N VAL D 337 2.30 41.09 -12.46
CA VAL D 337 1.00 40.73 -12.98
C VAL D 337 1.09 40.41 -14.46
N ALA D 338 1.80 41.25 -15.20
CA ALA D 338 1.88 41.16 -16.64
C ALA D 338 3.28 40.73 -17.06
N VAL D 339 3.34 39.75 -17.95
CA VAL D 339 4.58 39.28 -18.53
C VAL D 339 4.50 39.60 -20.01
N ILE D 340 5.56 40.22 -20.53
CA ILE D 340 5.55 40.85 -21.84
C ILE D 340 6.50 40.11 -22.75
N LYS D 341 6.08 39.93 -24.00
CA LYS D 341 6.91 39.25 -24.98
C LYS D 341 8.00 40.15 -25.51
N GLU D 342 7.70 41.44 -25.68
CA GLU D 342 8.65 42.40 -26.19
C GLU D 342 9.48 42.97 -25.05
N ASN D 343 10.79 42.86 -25.18
CA ASN D 343 11.69 43.56 -24.28
C ASN D 343 11.84 45.02 -24.68
N ASP D 344 11.83 45.28 -25.97
CA ASP D 344 12.19 46.56 -26.53
C ASP D 344 11.19 46.92 -27.61
N VAL D 345 10.87 48.21 -27.71
CA VAL D 345 9.98 48.71 -28.74
C VAL D 345 10.68 49.86 -29.45
N THR D 346 10.61 49.85 -30.77
CA THR D 346 11.13 50.93 -31.57
C THR D 346 10.13 52.08 -31.59
N LEU D 347 10.65 53.29 -31.67
CA LEU D 347 9.80 54.48 -31.63
C LEU D 347 10.24 55.50 -32.66
N ALA D 348 9.27 55.95 -33.46
CA ALA D 348 9.41 57.17 -34.22
C ALA D 348 9.07 58.34 -33.30
N GLU D 349 8.91 59.52 -33.87
CA GLU D 349 8.58 60.68 -33.07
C GLU D 349 7.13 60.60 -32.63
N SER D 350 6.90 60.00 -31.47
CA SER D 350 5.61 59.98 -30.80
C SER D 350 4.55 59.31 -31.67
N GLY D 351 4.79 58.03 -31.94
CA GLY D 351 3.85 57.18 -32.63
C GLY D 351 3.06 56.31 -31.68
N SER D 352 2.76 55.09 -32.13
CA SER D 352 2.05 54.13 -31.32
C SER D 352 2.45 52.73 -31.75
N PHE D 353 2.68 51.86 -30.78
CA PHE D 353 3.10 50.49 -31.07
C PHE D 353 2.53 49.56 -30.02
N THR D 354 1.76 48.58 -30.48
CA THR D 354 1.22 47.56 -29.61
C THR D 354 2.30 46.57 -29.24
N PHE D 355 2.19 46.02 -28.03
CA PHE D 355 2.98 44.88 -27.60
C PHE D 355 2.06 43.75 -27.20
N HIS D 356 2.67 42.62 -26.89
CA HIS D 356 1.97 41.42 -26.47
C HIS D 356 2.28 41.14 -25.02
N PHE D 357 1.36 40.49 -24.32
CA PHE D 357 1.61 40.12 -22.93
C PHE D 357 0.63 39.04 -22.50
N SER D 358 0.70 38.69 -21.22
CA SER D 358 -0.18 37.72 -20.60
C SER D 358 -0.32 38.06 -19.13
N THR D 359 -1.51 37.82 -18.59
CA THR D 359 -1.84 38.19 -17.22
C THR D 359 -2.65 37.07 -16.58
N ALA D 360 -3.05 37.30 -15.33
CA ALA D 360 -3.84 36.37 -14.57
C ALA D 360 -4.98 37.00 -13.80
N ASN D 361 -5.09 38.32 -13.78
CA ASN D 361 -6.16 39.01 -13.09
C ASN D 361 -7.09 39.66 -14.09
N ILE D 362 -8.39 39.51 -13.83
CA ILE D 362 -9.42 39.92 -14.78
C ILE D 362 -9.25 41.39 -15.14
N HIS D 363 -8.86 42.19 -14.16
CA HIS D 363 -8.65 43.61 -14.32
C HIS D 363 -7.16 43.88 -14.20
N PRO D 364 -6.39 43.70 -15.27
CA PRO D 364 -4.95 43.89 -15.13
C PRO D 364 -4.59 45.35 -14.96
N ALA D 365 -4.31 45.71 -13.71
CA ALA D 365 -3.81 47.05 -13.36
C ALA D 365 -2.31 46.96 -13.10
N PHE D 366 -1.56 46.82 -14.19
CA PHE D 366 -0.13 46.68 -14.11
C PHE D 366 0.54 47.92 -14.67
N LYS D 367 1.57 48.38 -13.96
CA LYS D 367 2.38 49.47 -14.48
C LYS D 367 3.20 48.97 -15.64
N LEU D 368 3.53 49.89 -16.55
CA LEU D 368 4.44 49.61 -17.65
C LEU D 368 5.46 50.72 -17.70
N GLN D 369 6.73 50.33 -17.65
CA GLN D 369 7.84 51.26 -17.54
C GLN D 369 8.50 51.32 -18.91
N VAL D 370 8.08 52.29 -19.72
CA VAL D 370 8.61 52.43 -21.08
C VAL D 370 9.81 53.37 -20.97
N CYS D 371 10.95 52.78 -20.64
CA CYS D 371 12.24 53.45 -20.57
C CYS D 371 12.15 54.76 -19.80
N THR D 372 11.87 54.59 -18.51
CA THR D 372 11.65 55.67 -17.55
C THR D 372 10.41 56.47 -17.89
N SER D 373 9.28 55.78 -17.98
CA SER D 373 7.98 56.44 -17.99
C SER D 373 6.95 55.39 -17.61
N ALA D 374 6.37 55.53 -16.43
CA ALA D 374 5.41 54.57 -15.95
C ALA D 374 4.03 54.84 -16.52
N VAL D 375 3.22 53.79 -16.57
CA VAL D 375 1.84 53.96 -17.00
C VAL D 375 1.04 52.73 -16.59
N THR D 376 -0.18 52.97 -16.15
CA THR D 376 -1.12 51.90 -15.86
C THR D 376 -1.84 51.53 -17.15
N CYS D 377 -1.72 50.26 -17.53
CA CYS D 377 -2.45 49.71 -18.67
C CYS D 377 -3.69 48.96 -18.17
N LYS D 378 -4.53 49.70 -17.46
CA LYS D 378 -5.74 49.13 -16.89
C LYS D 378 -6.66 48.60 -17.99
N GLY D 379 -7.44 47.58 -17.65
CA GLY D 379 -8.45 47.11 -18.58
C GLY D 379 -9.15 45.85 -18.11
N ASP D 380 -9.54 45.02 -19.06
CA ASP D 380 -10.28 43.80 -18.78
C ASP D 380 -9.98 42.77 -19.85
N CYS D 381 -10.04 41.50 -19.47
CA CYS D 381 -9.51 40.41 -20.28
C CYS D 381 -10.56 39.35 -20.50
N LYS D 382 -10.27 38.45 -21.46
CA LYS D 382 -11.20 37.44 -21.93
C LYS D 382 -10.60 36.05 -21.75
N PRO D 383 -11.36 35.06 -21.29
CA PRO D 383 -10.84 33.70 -21.18
C PRO D 383 -10.72 33.01 -22.53
N PRO D 384 -9.69 32.17 -22.75
CA PRO D 384 -9.63 31.36 -23.97
C PRO D 384 -10.37 30.04 -23.93
N LYS D 385 -10.09 29.21 -24.95
CA LYS D 385 -10.88 28.04 -25.27
C LYS D 385 -10.08 26.74 -25.46
N ASP D 386 -8.75 26.78 -25.56
CA ASP D 386 -7.97 25.81 -26.36
C ASP D 386 -6.75 25.27 -25.60
N HIS D 387 -6.95 24.74 -24.40
CA HIS D 387 -5.87 24.54 -23.41
C HIS D 387 -5.32 23.10 -23.34
N ILE D 388 -4.63 22.65 -24.39
CA ILE D 388 -3.85 21.41 -24.26
C ILE D 388 -2.50 21.44 -25.00
N VAL D 389 -1.50 22.19 -24.51
CA VAL D 389 -0.18 22.27 -25.16
C VAL D 389 0.71 22.62 -23.98
N ASP D 390 2.06 22.75 -24.15
CA ASP D 390 3.09 22.70 -23.09
C ASP D 390 2.94 23.85 -22.09
N TYR D 391 3.99 24.44 -21.52
CA TYR D 391 3.80 25.22 -20.28
C TYR D 391 3.83 26.73 -20.49
N PRO D 392 3.29 27.50 -19.53
CA PRO D 392 2.91 28.88 -19.80
C PRO D 392 4.06 29.88 -19.72
N ALA D 393 3.73 31.12 -20.09
CA ALA D 393 4.57 32.29 -19.92
C ALA D 393 4.04 33.23 -18.84
N GLN D 394 2.93 32.89 -18.21
CA GLN D 394 2.21 33.76 -17.32
C GLN D 394 2.74 33.67 -15.91
N HIS D 395 2.69 32.46 -15.35
CA HIS D 395 3.33 32.04 -14.09
C HIS D 395 3.25 33.09 -13.00
N THR D 396 2.10 33.75 -12.88
CA THR D 396 1.92 34.88 -12.01
C THR D 396 0.60 34.83 -11.27
N GLU D 397 0.07 33.63 -11.06
CA GLU D 397 -1.25 33.50 -10.45
C GLU D 397 -1.21 33.97 -9.02
N SER D 398 -2.20 34.78 -8.65
CA SER D 398 -2.33 35.29 -7.30
C SER D 398 -3.81 35.53 -7.03
N PHE D 399 -4.11 36.30 -6.00
CA PHE D 399 -5.48 36.62 -5.68
C PHE D 399 -6.06 37.56 -6.72
N THR D 400 -7.19 37.17 -7.31
CA THR D 400 -7.83 37.92 -8.39
C THR D 400 -9.34 37.98 -8.22
N TRP D 408 -13.77 40.97 -7.05
CA TRP D 408 -14.20 42.01 -6.12
C TRP D 408 -15.60 42.51 -6.41
N SER D 409 -16.27 41.90 -7.39
CA SER D 409 -17.55 42.43 -7.84
C SER D 409 -18.65 42.27 -6.79
N TRP D 410 -18.47 41.38 -5.80
CA TRP D 410 -19.40 41.23 -4.67
C TRP D 410 -18.62 41.10 -3.39
N LEU D 411 -17.59 41.90 -3.24
CA LEU D 411 -16.74 41.83 -2.05
C LEU D 411 -16.53 43.22 -1.45
N LYS D 412 -16.45 44.23 -2.30
CA LYS D 412 -16.09 45.56 -1.81
C LYS D 412 -17.23 46.18 -1.01
N VAL D 413 -18.35 46.45 -1.67
CA VAL D 413 -19.53 46.96 -0.97
C VAL D 413 -20.26 45.82 -0.27
N LEU D 414 -20.00 44.57 -0.64
CA LEU D 414 -20.52 43.45 0.12
C LEU D 414 -19.99 43.49 1.54
N VAL D 415 -18.68 43.36 1.70
CA VAL D 415 -18.11 43.25 3.04
C VAL D 415 -18.17 44.59 3.74
N GLY D 416 -18.02 45.67 3.00
CA GLY D 416 -18.35 46.98 3.55
C GLY D 416 -19.80 47.05 4.00
N GLY D 417 -20.68 46.32 3.31
CA GLY D 417 -22.05 46.17 3.74
C GLY D 417 -22.16 45.18 4.88
N THR D 418 -21.38 44.10 4.83
CA THR D 418 -21.31 43.17 5.96
C THR D 418 -20.86 43.92 7.20
N SER D 419 -19.81 44.71 7.07
CA SER D 419 -19.35 45.52 8.19
C SER D 419 -20.44 46.50 8.61
N ALA D 420 -21.17 47.06 7.64
CA ALA D 420 -22.16 48.09 7.93
C ALA D 420 -23.19 47.62 8.94
N PHE D 421 -23.49 46.33 8.97
CA PHE D 421 -24.36 45.78 10.01
C PHE D 421 -23.72 45.91 11.38
N ILE D 422 -22.46 45.50 11.51
CA ILE D 422 -21.77 45.59 12.78
C ILE D 422 -21.20 46.97 13.03
N VAL D 423 -21.00 47.77 11.98
CA VAL D 423 -20.70 49.18 12.18
C VAL D 423 -21.94 49.88 12.67
N LEU D 424 -23.11 49.45 12.21
CA LEU D 424 -24.37 49.99 12.72
C LEU D 424 -24.55 49.71 14.20
N GLY D 425 -23.86 48.71 14.74
CA GLY D 425 -24.00 48.35 16.13
C GLY D 425 -23.55 49.43 17.08
N LEU D 426 -22.24 49.74 17.05
CA LEU D 426 -21.69 50.72 17.98
C LEU D 426 -22.08 52.15 17.66
N ILE D 427 -22.93 52.38 16.66
CA ILE D 427 -23.61 53.66 16.49
C ILE D 427 -25.08 53.54 16.85
N ALA D 428 -25.56 52.33 17.11
CA ALA D 428 -26.76 52.13 17.91
C ALA D 428 -26.40 52.07 19.39
N THR D 429 -25.49 51.17 19.75
CA THR D 429 -24.89 51.21 21.07
C THR D 429 -24.00 52.45 21.18
N ALA D 430 -23.96 53.01 22.38
CA ALA D 430 -23.32 54.28 22.72
C ALA D 430 -24.12 55.49 22.23
N VAL D 431 -25.15 55.27 21.41
CA VAL D 431 -26.21 56.26 21.25
C VAL D 431 -27.33 55.95 22.22
N VAL D 432 -27.47 54.69 22.61
CA VAL D 432 -28.23 54.39 23.82
C VAL D 432 -27.64 55.16 24.98
N ALA D 433 -26.31 55.26 25.04
CA ALA D 433 -25.66 56.03 26.08
C ALA D 433 -26.07 57.49 26.03
N LEU D 434 -26.34 58.02 24.84
CA LEU D 434 -26.81 59.40 24.72
C LEU D 434 -28.27 59.53 25.12
N VAL D 435 -29.12 58.65 24.60
CA VAL D 435 -30.51 58.62 25.04
C VAL D 435 -30.55 58.36 26.54
N LEU D 436 -29.73 57.43 27.00
CA LEU D 436 -29.48 57.30 28.42
C LEU D 436 -28.97 58.61 29.00
N PHE D 437 -27.91 59.16 28.40
CA PHE D 437 -27.03 60.19 29.00
C PHE D 437 -26.22 59.60 30.14
N ASP E 1 39.80 -10.88 -40.53
CA ASP E 1 40.61 -11.41 -39.41
C ASP E 1 39.82 -12.39 -38.56
N LEU E 2 39.57 -13.56 -39.13
CA LEU E 2 39.06 -14.70 -38.36
C LEU E 2 40.16 -15.47 -37.65
N ASP E 3 41.37 -14.92 -37.61
CA ASP E 3 42.58 -15.62 -37.20
C ASP E 3 43.22 -14.95 -35.99
N THR E 4 42.38 -14.41 -35.11
CA THR E 4 42.81 -13.65 -33.94
C THR E 4 42.37 -14.27 -32.63
N HIS E 5 41.75 -15.46 -32.66
CA HIS E 5 41.27 -16.14 -31.47
C HIS E 5 41.65 -17.60 -31.53
N PHE E 6 42.91 -17.86 -31.87
CA PHE E 6 43.45 -19.20 -31.71
C PHE E 6 43.70 -19.55 -30.25
N THR E 7 43.45 -18.62 -29.34
CA THR E 7 43.30 -18.95 -27.93
C THR E 7 42.33 -20.11 -27.77
N GLN E 8 41.10 -19.95 -28.26
CA GLN E 8 40.13 -21.03 -28.18
C GLN E 8 40.40 -22.08 -29.25
N TYR E 9 40.52 -21.63 -30.49
CA TYR E 9 40.39 -22.52 -31.64
C TYR E 9 41.39 -23.66 -31.59
N LYS E 10 42.68 -23.32 -31.57
CA LYS E 10 43.71 -24.37 -31.53
C LYS E 10 43.59 -25.23 -30.29
N LEU E 11 43.22 -24.62 -29.17
CA LEU E 11 43.49 -25.21 -27.87
C LEU E 11 42.26 -25.82 -27.22
N ALA E 12 41.06 -25.46 -27.70
CA ALA E 12 39.82 -26.03 -27.22
C ALA E 12 39.26 -27.03 -28.22
N ARG E 13 38.53 -28.01 -27.71
CA ARG E 13 37.94 -29.09 -28.50
C ARG E 13 36.42 -29.03 -28.38
N PRO E 14 35.69 -29.66 -29.31
CA PRO E 14 34.22 -29.69 -29.16
C PRO E 14 33.79 -30.61 -28.04
N TYR E 15 33.41 -30.04 -26.91
CA TYR E 15 33.10 -30.86 -25.76
C TYR E 15 31.79 -31.61 -26.00
N ILE E 16 31.64 -32.75 -25.31
CA ILE E 16 30.42 -33.53 -25.33
C ILE E 16 29.91 -33.75 -23.92
N ALA E 17 28.62 -33.47 -23.72
CA ALA E 17 27.99 -33.56 -22.41
C ALA E 17 26.63 -34.19 -22.58
N ASP E 18 25.85 -34.17 -21.51
CA ASP E 18 24.60 -34.92 -21.42
C ASP E 18 23.43 -33.99 -21.67
N CYS E 19 22.91 -34.03 -22.88
CA CYS E 19 21.72 -33.25 -23.22
C CYS E 19 20.52 -33.80 -22.45
N PRO E 20 19.59 -32.95 -21.98
CA PRO E 20 18.55 -33.44 -21.06
C PRO E 20 17.35 -34.13 -21.69
N ASN E 21 16.92 -33.69 -22.87
CA ASN E 21 15.76 -34.28 -23.53
C ASN E 21 16.07 -34.41 -25.03
N CYS E 22 17.17 -35.12 -25.28
CA CYS E 22 17.81 -35.20 -26.58
C CYS E 22 16.95 -35.97 -27.58
N GLY E 23 15.84 -35.36 -27.98
CA GLY E 23 14.91 -35.99 -28.88
C GLY E 23 14.04 -36.98 -28.14
N HIS E 24 14.61 -38.13 -27.78
CA HIS E 24 13.91 -39.08 -26.94
C HIS E 24 13.98 -38.64 -25.48
N SER E 25 15.18 -38.62 -24.94
CA SER E 25 15.45 -38.50 -23.52
C SER E 25 16.90 -38.05 -23.38
N ARG E 26 17.46 -38.23 -22.20
CA ARG E 26 18.82 -37.77 -21.93
C ARG E 26 19.83 -38.58 -22.72
N CYS E 27 20.32 -38.02 -23.83
CA CYS E 27 21.46 -38.59 -24.53
C CYS E 27 22.73 -37.90 -24.03
N ASP E 28 23.83 -38.12 -24.75
CA ASP E 28 25.05 -37.35 -24.61
C ASP E 28 25.32 -36.71 -25.96
N SER E 29 24.84 -35.48 -26.14
CA SER E 29 25.05 -34.79 -27.40
C SER E 29 26.31 -33.93 -27.33
N PRO E 30 27.07 -33.80 -28.42
CA PRO E 30 28.14 -32.80 -28.43
C PRO E 30 27.63 -31.38 -28.38
N ILE E 31 26.37 -31.15 -28.72
CA ILE E 31 25.81 -29.81 -28.75
C ILE E 31 24.98 -29.58 -27.48
N ALA E 32 25.34 -30.28 -26.41
CA ALA E 32 24.64 -30.17 -25.15
C ALA E 32 24.62 -28.72 -24.69
N ILE E 33 23.41 -28.22 -24.45
CA ILE E 33 23.18 -26.80 -24.23
C ILE E 33 23.33 -26.48 -22.75
N GLU E 34 24.25 -25.59 -22.44
CA GLU E 34 24.37 -24.98 -21.14
C GLU E 34 24.26 -23.48 -21.35
N GLU E 35 24.09 -22.75 -20.24
CA GLU E 35 24.13 -21.29 -20.19
C GLU E 35 23.33 -20.63 -21.31
N VAL E 36 22.04 -20.86 -21.25
CA VAL E 36 21.10 -20.11 -22.06
C VAL E 36 20.93 -18.75 -21.43
N ARG E 37 20.95 -17.71 -22.25
CA ARG E 37 20.91 -16.33 -21.77
C ARG E 37 19.89 -15.54 -22.58
N GLY E 38 18.63 -15.60 -22.16
CA GLY E 38 17.58 -14.80 -22.74
C GLY E 38 17.42 -13.52 -21.95
N ASP E 39 18.55 -12.88 -21.70
CA ASP E 39 18.63 -11.76 -20.80
C ASP E 39 18.75 -10.43 -21.51
N ALA E 40 19.02 -10.44 -22.81
CA ALA E 40 19.06 -9.22 -23.60
C ALA E 40 17.65 -8.88 -24.06
N HIS E 41 17.54 -7.97 -25.02
CA HIS E 41 16.28 -7.39 -25.46
C HIS E 41 15.96 -7.60 -26.92
N ALA E 42 16.96 -7.87 -27.76
CA ALA E 42 16.85 -7.68 -29.20
C ALA E 42 16.36 -8.92 -29.92
N GLY E 43 15.56 -9.75 -29.26
CA GLY E 43 15.20 -11.02 -29.86
C GLY E 43 16.32 -12.04 -29.89
N VAL E 44 17.41 -11.79 -29.18
CA VAL E 44 18.65 -12.54 -29.31
C VAL E 44 18.89 -13.37 -28.07
N ILE E 45 19.47 -14.55 -28.28
CA ILE E 45 20.02 -15.35 -27.19
C ILE E 45 21.43 -15.74 -27.57
N ARG E 46 22.32 -15.62 -26.59
CA ARG E 46 23.64 -16.20 -26.65
C ARG E 46 23.57 -17.57 -25.97
N ILE E 47 24.08 -18.59 -26.66
CA ILE E 47 24.02 -19.97 -26.21
C ILE E 47 25.44 -20.51 -26.23
N GLN E 48 25.69 -21.50 -25.37
CA GLN E 48 26.88 -22.33 -25.49
C GLN E 48 26.45 -23.77 -25.75
N THR E 49 26.84 -24.27 -26.91
CA THR E 49 26.93 -25.70 -27.10
C THR E 49 28.21 -26.17 -26.44
N SER E 50 28.21 -27.44 -26.04
CA SER E 50 29.48 -28.07 -25.71
C SER E 50 30.31 -28.32 -26.96
N ALA E 51 29.69 -28.26 -28.14
CA ALA E 51 30.41 -28.38 -29.38
C ALA E 51 31.04 -27.05 -29.76
N MET E 52 32.25 -27.13 -30.31
CA MET E 52 33.05 -26.00 -30.73
C MET E 52 33.00 -25.99 -32.25
N PHE E 53 32.01 -25.31 -32.78
CA PHE E 53 31.99 -25.00 -34.20
C PHE E 53 32.82 -23.75 -34.42
N GLY E 54 33.03 -23.41 -35.69
CA GLY E 54 33.91 -22.31 -36.04
C GLY E 54 34.88 -22.70 -37.12
N LEU E 55 36.16 -22.45 -36.91
CA LEU E 55 37.17 -23.01 -37.80
C LEU E 55 37.12 -24.54 -37.67
N LYS E 56 37.89 -25.20 -38.52
CA LYS E 56 37.99 -26.64 -38.47
C LYS E 56 38.87 -27.02 -37.29
N THR E 57 39.29 -28.29 -37.24
CA THR E 57 40.32 -28.70 -36.31
C THR E 57 41.54 -27.80 -36.41
N ASP E 58 41.90 -27.38 -37.63
CA ASP E 58 43.20 -26.75 -37.84
C ASP E 58 43.15 -25.23 -38.02
N GLY E 59 42.57 -24.71 -39.11
CA GLY E 59 42.78 -23.31 -39.42
C GLY E 59 41.84 -22.48 -40.27
N VAL E 60 40.69 -22.97 -40.71
CA VAL E 60 39.97 -22.31 -41.82
C VAL E 60 38.47 -22.21 -41.53
N ASP E 61 37.91 -21.06 -41.92
CA ASP E 61 36.49 -20.91 -42.20
C ASP E 61 35.56 -21.13 -41.01
N LEU E 62 35.36 -20.07 -40.22
CA LEU E 62 34.34 -19.98 -39.17
C LEU E 62 33.06 -20.74 -39.50
N ALA E 63 32.62 -20.69 -40.75
CA ALA E 63 31.35 -21.27 -41.14
C ALA E 63 31.41 -22.78 -41.33
N TYR E 64 32.42 -23.47 -40.83
CA TYR E 64 32.44 -24.92 -40.77
C TYR E 64 32.07 -25.37 -39.35
N MET E 65 32.12 -26.67 -39.14
CA MET E 65 31.33 -27.31 -38.09
C MET E 65 32.12 -28.49 -37.53
N SER E 66 32.63 -28.33 -36.31
CA SER E 66 33.36 -29.38 -35.61
C SER E 66 32.64 -29.73 -34.32
N PHE E 67 31.98 -30.88 -34.30
CA PHE E 67 31.51 -31.51 -33.07
C PHE E 67 32.31 -32.77 -32.84
N MET E 68 32.00 -33.44 -31.72
CA MET E 68 32.63 -34.69 -31.36
C MET E 68 31.76 -35.85 -31.81
N ASN E 69 32.33 -36.75 -32.59
CA ASN E 69 31.74 -38.04 -32.92
C ASN E 69 32.78 -39.09 -32.54
N GLY E 70 32.40 -39.96 -31.61
CA GLY E 70 33.37 -40.85 -31.00
C GLY E 70 34.16 -40.12 -29.92
N LYS E 71 35.40 -40.56 -29.73
CA LYS E 71 36.40 -39.71 -29.10
C LYS E 71 36.83 -38.56 -30.00
N THR E 72 36.44 -38.58 -31.27
CA THR E 72 37.03 -37.76 -32.32
C THR E 72 36.13 -36.58 -32.66
N GLN E 73 36.76 -35.55 -33.22
CA GLN E 73 36.04 -34.44 -33.78
C GLN E 73 35.36 -34.84 -35.10
N LYS E 74 34.63 -33.90 -35.68
CA LYS E 74 34.23 -34.01 -37.08
C LYS E 74 34.11 -32.59 -37.63
N SER E 75 35.21 -32.07 -38.15
CA SER E 75 35.29 -30.66 -38.56
C SER E 75 34.87 -30.55 -40.02
N ILE E 76 33.57 -30.32 -40.21
CA ILE E 76 32.94 -30.32 -41.52
C ILE E 76 31.97 -29.15 -41.60
N LYS E 77 31.14 -29.10 -42.65
CA LYS E 77 30.32 -27.94 -42.95
C LYS E 77 29.11 -27.83 -42.02
N ILE E 78 28.66 -26.59 -41.82
CA ILE E 78 27.60 -26.20 -40.87
C ILE E 78 26.20 -26.42 -41.42
N ASP E 79 26.09 -27.13 -42.55
CA ASP E 79 25.03 -27.00 -43.54
C ASP E 79 23.63 -26.65 -43.03
N ASN E 80 23.16 -27.32 -41.98
CA ASN E 80 21.74 -27.27 -41.59
C ASN E 80 21.57 -27.11 -40.09
N LEU E 81 22.26 -26.13 -39.52
CA LEU E 81 22.03 -25.76 -38.13
C LEU E 81 20.57 -25.38 -37.91
N HIS E 82 20.05 -25.72 -36.74
CA HIS E 82 18.76 -25.20 -36.28
C HIS E 82 18.79 -24.97 -34.79
N VAL E 83 18.88 -23.71 -34.39
CA VAL E 83 18.38 -23.29 -33.09
C VAL E 83 16.89 -23.07 -33.24
N ARG E 84 16.14 -23.38 -32.20
CA ARG E 84 14.73 -23.01 -32.22
C ARG E 84 14.17 -23.03 -30.81
N THR E 85 12.97 -22.46 -30.72
CA THR E 85 12.21 -22.27 -29.51
C THR E 85 10.78 -22.55 -29.93
N SER E 86 9.81 -21.94 -29.24
CA SER E 86 8.42 -21.92 -29.70
C SER E 86 8.28 -21.79 -31.21
N ALA E 87 9.14 -21.00 -31.85
CA ALA E 87 9.30 -20.98 -33.29
C ALA E 87 10.75 -21.21 -33.66
N PRO E 88 11.04 -21.46 -34.94
CA PRO E 88 12.43 -21.52 -35.36
C PRO E 88 13.12 -20.17 -35.24
N CYS E 89 14.29 -20.18 -34.63
CA CYS E 89 15.06 -18.98 -34.42
C CYS E 89 15.78 -18.59 -35.70
N SER E 90 16.54 -17.52 -35.62
CA SER E 90 17.45 -17.10 -36.66
C SER E 90 18.84 -17.03 -36.06
N LEU E 91 19.78 -17.78 -36.65
CA LEU E 91 21.17 -17.65 -36.31
C LEU E 91 21.63 -16.20 -36.48
N VAL E 92 22.54 -15.78 -35.63
CA VAL E 92 23.22 -14.48 -35.77
C VAL E 92 24.69 -14.67 -36.08
N SER E 93 25.40 -15.44 -35.25
CA SER E 93 26.79 -15.76 -35.51
C SER E 93 27.25 -16.79 -34.49
N HIS E 94 28.25 -17.57 -34.89
CA HIS E 94 28.91 -18.51 -34.02
C HIS E 94 30.39 -18.15 -33.87
N HIS E 95 30.94 -18.44 -32.70
CA HIS E 95 32.36 -18.32 -32.45
C HIS E 95 32.72 -19.22 -31.28
N GLY E 96 33.56 -20.21 -31.52
CA GLY E 96 34.01 -21.06 -30.44
C GLY E 96 32.98 -22.10 -30.10
N TYR E 97 32.71 -22.26 -28.81
CA TYR E 97 31.63 -23.09 -28.33
C TYR E 97 30.27 -22.44 -28.49
N TYR E 98 30.23 -21.19 -28.92
CA TYR E 98 29.17 -20.28 -28.58
C TYR E 98 28.49 -19.77 -29.84
N ILE E 99 27.17 -19.67 -29.77
CA ILE E 99 26.36 -19.18 -30.87
C ILE E 99 25.44 -18.09 -30.36
N LEU E 100 25.24 -17.08 -31.21
CA LEU E 100 24.22 -16.06 -31.01
C LEU E 100 23.14 -16.27 -32.06
N ALA E 101 21.90 -16.17 -31.63
CA ALA E 101 20.78 -16.44 -32.51
C ALA E 101 19.59 -15.58 -32.09
N GLN E 102 18.91 -15.04 -33.09
CA GLN E 102 17.73 -14.23 -32.84
C GLN E 102 16.54 -15.16 -32.70
N CYS E 103 15.97 -15.23 -31.50
CA CYS E 103 14.86 -16.10 -31.17
C CYS E 103 13.64 -15.30 -30.75
N PRO E 104 12.44 -15.85 -30.90
CA PRO E 104 11.30 -15.31 -30.20
C PRO E 104 11.25 -15.83 -28.77
N PRO E 105 10.28 -15.38 -27.98
CA PRO E 105 10.09 -15.96 -26.66
C PRO E 105 9.76 -17.44 -26.76
N GLY E 106 10.08 -18.14 -25.69
CA GLY E 106 9.82 -19.55 -25.63
C GLY E 106 10.04 -20.11 -24.25
N ASP E 107 9.17 -21.01 -23.83
CA ASP E 107 9.35 -21.66 -22.54
C ASP E 107 10.65 -22.44 -22.49
N THR E 108 11.10 -22.95 -23.63
CA THR E 108 12.28 -23.79 -23.73
C THR E 108 13.27 -23.19 -24.71
N VAL E 109 14.36 -23.92 -24.91
CA VAL E 109 15.28 -23.69 -26.01
C VAL E 109 15.64 -25.05 -26.58
N THR E 110 15.72 -25.10 -27.91
CA THR E 110 15.78 -26.36 -28.63
C THR E 110 16.71 -26.17 -29.81
N VAL E 111 17.85 -26.86 -29.78
CA VAL E 111 18.96 -26.63 -30.69
C VAL E 111 19.21 -27.89 -31.49
N GLY E 112 19.76 -27.73 -32.69
CA GLY E 112 20.15 -28.89 -33.44
C GLY E 112 20.58 -28.60 -34.86
N PHE E 113 21.61 -29.31 -35.30
CA PHE E 113 22.05 -29.30 -36.68
C PHE E 113 21.56 -30.56 -37.35
N HIS E 114 22.06 -30.81 -38.56
CA HIS E 114 21.82 -32.07 -39.26
C HIS E 114 23.15 -32.50 -39.86
N ASP E 115 23.76 -33.52 -39.26
CA ASP E 115 24.99 -34.08 -39.81
C ASP E 115 24.77 -34.57 -41.24
N GLY E 116 23.59 -35.08 -41.54
CA GLY E 116 23.26 -35.62 -42.83
C GLY E 116 22.69 -37.03 -42.79
N PRO E 117 23.27 -37.91 -41.97
CA PRO E 117 22.61 -39.20 -41.72
C PRO E 117 21.58 -39.14 -40.62
N ASN E 118 21.62 -38.14 -39.75
CA ASN E 118 20.80 -38.13 -38.57
C ASN E 118 20.46 -36.71 -38.18
N ARG E 119 19.34 -36.54 -37.48
CA ARG E 119 18.94 -35.22 -37.02
C ARG E 119 19.89 -34.73 -35.95
N HIS E 120 19.97 -35.45 -34.82
CA HIS E 120 21.05 -35.28 -33.87
C HIS E 120 21.02 -33.88 -33.25
N THR E 121 19.94 -33.61 -32.54
CA THR E 121 19.61 -32.31 -31.97
C THR E 121 19.83 -32.33 -30.47
N CYS E 122 19.64 -31.17 -29.84
CA CYS E 122 19.64 -31.09 -28.39
C CYS E 122 18.74 -29.96 -27.91
N THR E 123 18.09 -30.20 -26.79
CA THR E 123 17.00 -29.37 -26.33
C THR E 123 17.11 -29.19 -24.83
N VAL E 124 16.49 -28.13 -24.32
CA VAL E 124 16.71 -27.72 -22.94
C VAL E 124 15.57 -26.81 -22.51
N ALA E 125 15.36 -26.75 -21.20
CA ALA E 125 14.45 -25.78 -20.61
C ALA E 125 15.17 -24.47 -20.35
N HIS E 126 14.50 -23.36 -20.68
CA HIS E 126 14.93 -22.05 -20.22
C HIS E 126 13.82 -21.04 -20.48
N LYS E 127 13.48 -20.29 -19.44
CA LYS E 127 12.48 -19.23 -19.57
C LYS E 127 13.06 -18.13 -20.42
N VAL E 128 12.41 -17.85 -21.55
CA VAL E 128 12.84 -16.82 -22.49
C VAL E 128 11.73 -15.80 -22.64
N GLU E 129 12.13 -14.53 -22.74
CA GLU E 129 11.23 -13.47 -23.14
C GLU E 129 12.03 -12.45 -23.92
N PHE E 130 11.32 -11.56 -24.60
CA PHE E 130 11.94 -10.40 -25.21
C PHE E 130 11.02 -9.20 -25.03
N ARG E 131 11.19 -8.54 -23.91
CA ARG E 131 10.79 -7.17 -23.78
C ARG E 131 11.77 -6.30 -24.59
N PRO E 132 11.30 -5.45 -25.48
CA PRO E 132 12.15 -4.35 -25.94
C PRO E 132 12.24 -3.29 -24.86
N VAL E 133 13.35 -2.57 -24.89
CA VAL E 133 13.50 -1.46 -23.97
C VAL E 133 12.55 -0.35 -24.41
N GLY E 134 11.74 0.10 -23.49
CA GLY E 134 10.72 1.10 -23.76
C GLY E 134 9.51 0.78 -22.93
N ARG E 135 8.65 1.77 -22.80
CA ARG E 135 7.40 1.59 -22.08
C ARG E 135 6.37 0.83 -22.89
N GLU E 136 6.70 0.41 -24.12
CA GLU E 136 5.87 -0.50 -24.89
C GLU E 136 6.32 -1.93 -24.64
N LYS E 137 5.38 -2.79 -24.31
CA LYS E 137 5.64 -4.20 -24.08
C LYS E 137 5.25 -4.98 -25.32
N TYR E 138 6.08 -4.85 -26.35
CA TYR E 138 5.88 -5.64 -27.56
C TYR E 138 6.16 -7.12 -27.27
N ARG E 139 6.01 -7.91 -28.32
CA ARG E 139 6.48 -9.29 -28.36
C ARG E 139 7.58 -9.48 -29.39
N HIS E 140 7.99 -8.42 -30.08
CA HIS E 140 8.83 -8.59 -31.26
C HIS E 140 9.33 -7.23 -31.74
N PRO E 141 10.54 -7.13 -32.31
CA PRO E 141 11.03 -5.82 -32.74
C PRO E 141 10.37 -5.40 -34.05
N PRO E 142 9.95 -4.14 -34.18
CA PRO E 142 9.36 -3.68 -35.44
C PRO E 142 10.43 -3.26 -36.44
N GLU E 143 9.95 -2.74 -37.57
CA GLU E 143 10.80 -2.17 -38.60
C GLU E 143 11.15 -0.72 -38.35
N HIS E 144 10.34 -0.02 -37.56
CA HIS E 144 10.46 1.42 -37.40
C HIS E 144 10.35 1.75 -35.92
N GLY E 145 10.22 3.04 -35.61
CA GLY E 145 10.19 3.51 -34.25
C GLY E 145 11.50 4.14 -33.86
N VAL E 146 11.51 4.67 -32.65
CA VAL E 146 12.67 5.38 -32.13
C VAL E 146 13.75 4.37 -31.76
N GLU E 147 15.00 4.81 -31.80
CA GLU E 147 16.13 4.06 -31.27
C GLU E 147 16.44 4.56 -29.87
N LEU E 148 16.78 3.62 -28.99
CA LEU E 148 17.06 3.95 -27.60
C LEU E 148 17.87 2.81 -27.00
N PRO E 149 18.52 3.04 -25.87
CA PRO E 149 19.65 2.19 -25.48
C PRO E 149 19.28 0.81 -24.97
N CYS E 150 19.21 -0.15 -25.87
CA CYS E 150 18.94 -1.53 -25.48
C CYS E 150 20.22 -2.25 -25.07
N ASN E 151 20.02 -3.45 -24.54
CA ASN E 151 21.10 -4.37 -24.23
C ASN E 151 21.03 -5.54 -25.21
N ARG E 152 22.18 -5.95 -25.71
CA ARG E 152 22.22 -6.79 -26.89
C ARG E 152 23.64 -7.29 -27.06
N TYR E 153 23.76 -8.42 -27.75
CA TYR E 153 25.04 -9.04 -28.02
C TYR E 153 25.52 -8.71 -29.43
N THR E 154 26.83 -8.81 -29.61
CA THR E 154 27.45 -8.38 -30.84
C THR E 154 27.33 -9.42 -31.93
N HIS E 155 27.62 -9.01 -33.16
CA HIS E 155 27.81 -9.95 -34.23
C HIS E 155 29.19 -10.58 -34.20
N LYS E 156 30.15 -9.94 -33.55
CA LYS E 156 31.55 -10.12 -33.91
C LYS E 156 32.26 -11.06 -32.94
N ARG E 157 33.54 -11.28 -33.24
CA ARG E 157 34.43 -12.19 -32.53
C ARG E 157 35.59 -11.47 -31.88
N ALA E 158 36.04 -10.35 -32.44
CA ALA E 158 37.23 -9.63 -31.97
C ALA E 158 36.87 -9.02 -30.62
N ASP E 159 36.89 -9.87 -29.60
CA ASP E 159 36.17 -9.62 -28.37
C ASP E 159 36.97 -10.17 -27.20
N GLN E 160 37.14 -9.34 -26.18
CA GLN E 160 37.91 -9.69 -25.00
C GLN E 160 37.25 -9.21 -23.72
N GLY E 161 36.09 -8.56 -23.79
CA GLY E 161 35.50 -7.89 -22.65
C GLY E 161 35.32 -8.78 -21.43
N HIS E 162 35.20 -10.09 -21.64
CA HIS E 162 35.26 -11.06 -20.56
C HIS E 162 35.95 -12.31 -21.06
N TYR E 163 36.30 -13.16 -20.11
CA TYR E 163 36.84 -14.47 -20.44
C TYR E 163 36.42 -15.44 -19.35
N VAL E 164 36.05 -16.63 -19.77
CA VAL E 164 35.66 -17.69 -18.86
C VAL E 164 36.81 -18.68 -18.76
N GLU E 165 36.94 -19.28 -17.58
CA GLU E 165 37.91 -20.33 -17.38
C GLU E 165 37.60 -21.49 -18.31
N MET E 166 38.62 -21.97 -19.03
CA MET E 166 38.48 -23.18 -19.83
C MET E 166 39.75 -24.02 -19.65
N HIS E 167 39.79 -24.81 -18.59
CA HIS E 167 40.87 -25.74 -18.35
C HIS E 167 40.47 -27.11 -18.88
N GLN E 168 41.22 -28.14 -18.48
CA GLN E 168 41.26 -29.38 -19.22
C GLN E 168 39.94 -30.10 -19.16
N PRO E 169 39.78 -31.15 -19.95
CA PRO E 169 38.76 -32.15 -19.66
C PRO E 169 39.28 -33.13 -18.63
N GLY E 170 38.36 -33.68 -17.86
CA GLY E 170 38.62 -34.92 -17.18
C GLY E 170 38.64 -36.04 -18.19
N LEU E 171 38.73 -37.26 -17.67
CA LEU E 171 38.65 -38.41 -18.53
C LEU E 171 37.26 -38.50 -19.15
N VAL E 172 37.09 -39.48 -20.02
CA VAL E 172 35.78 -39.84 -20.54
C VAL E 172 35.75 -41.35 -20.71
N ALA E 173 34.53 -41.89 -20.72
CA ALA E 173 34.35 -43.32 -20.96
C ALA E 173 34.51 -43.62 -22.44
N ASP E 174 35.09 -44.77 -22.76
CA ASP E 174 35.01 -45.28 -24.13
C ASP E 174 35.20 -46.80 -24.06
N HIS E 175 34.08 -47.52 -24.00
CA HIS E 175 34.13 -48.97 -23.94
C HIS E 175 34.30 -49.62 -25.30
N SER E 176 34.36 -48.82 -26.37
CA SER E 176 34.86 -49.34 -27.63
C SER E 176 36.30 -49.79 -27.49
N LEU E 177 37.04 -49.19 -26.57
CA LEU E 177 38.40 -49.63 -26.28
C LEU E 177 38.41 -51.07 -25.80
N LEU E 178 37.63 -51.36 -24.77
CA LEU E 178 37.75 -52.63 -24.04
C LEU E 178 37.21 -53.76 -24.90
N SER E 179 38.01 -54.17 -25.87
CA SER E 179 37.72 -55.34 -26.67
C SER E 179 38.12 -56.58 -25.87
N ILE E 180 38.20 -57.73 -26.52
CA ILE E 180 38.55 -59.00 -25.89
C ILE E 180 39.77 -59.57 -26.61
N HIS E 181 40.76 -60.01 -25.84
CA HIS E 181 41.94 -60.73 -26.34
C HIS E 181 41.69 -62.24 -26.37
N SER E 182 40.54 -62.61 -26.92
CA SER E 182 40.10 -63.99 -27.15
C SER E 182 39.79 -64.79 -25.88
N ALA E 183 40.29 -64.36 -24.72
CA ALA E 183 39.73 -64.74 -23.43
C ALA E 183 39.75 -63.61 -22.42
N LYS E 184 40.56 -62.57 -22.61
CA LYS E 184 40.78 -61.51 -21.66
C LYS E 184 40.28 -60.21 -22.25
N VAL E 185 39.89 -59.28 -21.39
CA VAL E 185 39.39 -58.00 -21.87
C VAL E 185 40.58 -57.12 -22.25
N LYS E 186 40.50 -56.54 -23.45
CA LYS E 186 41.62 -55.94 -24.15
C LYS E 186 41.33 -54.46 -24.34
N ILE E 187 42.13 -53.64 -23.71
CA ILE E 187 42.06 -52.19 -23.90
C ILE E 187 43.01 -51.81 -25.02
N THR E 188 42.70 -50.71 -25.69
CA THR E 188 43.60 -50.12 -26.68
C THR E 188 43.74 -48.63 -26.39
N VAL E 189 44.35 -47.88 -27.32
CA VAL E 189 44.59 -46.45 -27.12
C VAL E 189 44.25 -45.71 -28.40
N PRO E 190 43.82 -44.43 -28.27
CA PRO E 190 43.55 -43.64 -29.49
C PRO E 190 44.76 -43.45 -30.38
N SER E 191 45.78 -42.77 -29.85
CA SER E 191 46.94 -42.36 -30.61
C SER E 191 48.19 -42.43 -29.74
N GLY E 192 48.17 -43.28 -28.73
CA GLY E 192 49.08 -43.19 -27.62
C GLY E 192 48.55 -42.35 -26.48
N ALA E 193 47.26 -42.02 -26.47
CA ALA E 193 46.69 -41.26 -25.39
C ALA E 193 46.76 -42.06 -24.09
N GLN E 194 46.41 -41.40 -23.01
CA GLN E 194 46.65 -41.90 -21.65
C GLN E 194 45.37 -42.55 -21.15
N VAL E 195 45.37 -43.88 -21.07
CA VAL E 195 44.19 -44.67 -20.73
C VAL E 195 44.35 -45.18 -19.31
N LYS E 196 43.39 -44.84 -18.47
CA LYS E 196 43.47 -45.01 -17.02
C LYS E 196 42.67 -46.26 -16.66
N TYR E 197 43.37 -47.31 -16.22
CA TYR E 197 42.83 -48.67 -16.32
C TYR E 197 43.12 -49.56 -15.11
N TYR E 198 42.13 -50.40 -14.77
CA TYR E 198 42.13 -51.51 -13.80
C TYR E 198 40.71 -52.07 -13.90
N CYS E 199 40.48 -53.21 -13.26
CA CYS E 199 39.16 -53.82 -13.24
C CYS E 199 38.80 -54.10 -11.79
N LYS E 200 37.58 -54.57 -11.54
CA LYS E 200 37.19 -54.89 -10.17
C LYS E 200 38.14 -55.92 -9.57
N CYS E 201 38.59 -56.87 -10.39
CA CYS E 201 39.58 -57.84 -9.95
C CYS E 201 40.90 -57.11 -9.74
N PRO E 202 41.92 -57.79 -9.20
CA PRO E 202 43.28 -57.21 -9.18
C PRO E 202 44.11 -57.45 -10.43
N ASP E 203 44.40 -56.38 -11.18
CA ASP E 203 45.31 -56.35 -12.33
C ASP E 203 45.97 -54.97 -12.34
N VAL E 204 46.46 -54.52 -13.52
CA VAL E 204 47.15 -53.22 -13.65
C VAL E 204 46.28 -52.11 -13.06
N ARG E 205 46.87 -51.30 -12.16
CA ARG E 205 46.07 -50.44 -11.30
C ARG E 205 46.00 -48.97 -11.70
N GLU E 206 46.99 -48.41 -12.39
CA GLU E 206 46.83 -47.05 -12.89
C GLU E 206 46.35 -47.05 -14.34
N GLY E 207 47.22 -47.48 -15.24
CA GLY E 207 46.99 -47.39 -16.66
C GLY E 207 47.54 -46.06 -17.15
N ILE E 208 48.78 -46.06 -17.61
CA ILE E 208 49.32 -44.97 -18.41
C ILE E 208 50.14 -45.67 -19.48
N THR E 209 49.52 -46.03 -20.60
CA THR E 209 50.03 -47.12 -21.40
C THR E 209 49.64 -46.96 -22.86
N SER E 210 50.25 -47.81 -23.68
CA SER E 210 49.72 -48.17 -24.98
C SER E 210 48.66 -49.24 -24.77
N SER E 211 48.28 -49.94 -25.83
CA SER E 211 47.27 -50.99 -25.72
C SER E 211 47.71 -52.09 -24.77
N ASP E 212 47.05 -52.18 -23.62
CA ASP E 212 47.27 -53.25 -22.66
C ASP E 212 46.26 -54.36 -22.87
N HIS E 213 46.55 -55.49 -22.24
CA HIS E 213 45.60 -56.55 -22.02
C HIS E 213 45.15 -56.49 -20.55
N THR E 214 44.42 -57.51 -20.12
CA THR E 214 43.98 -57.62 -18.73
C THR E 214 44.18 -59.07 -18.31
N THR E 215 45.15 -59.32 -17.45
CA THR E 215 45.39 -60.68 -17.01
C THR E 215 44.20 -61.22 -16.23
N THR E 216 43.68 -60.44 -15.28
CA THR E 216 42.78 -61.00 -14.26
C THR E 216 41.32 -61.04 -14.71
N CYS E 217 40.68 -59.88 -14.86
CA CYS E 217 39.27 -59.87 -15.19
C CYS E 217 39.05 -60.23 -16.65
N THR E 218 37.80 -60.54 -16.96
CA THR E 218 37.37 -60.96 -18.29
C THR E 218 36.24 -60.10 -18.83
N ASP E 219 35.32 -59.67 -17.97
CA ASP E 219 34.13 -58.98 -18.42
C ASP E 219 34.46 -57.53 -18.73
N VAL E 220 33.96 -57.06 -19.87
CA VAL E 220 34.09 -55.66 -20.24
C VAL E 220 33.43 -54.76 -19.22
N LYS E 221 32.40 -55.26 -18.54
CA LYS E 221 31.53 -54.44 -17.70
C LYS E 221 32.07 -54.24 -16.29
N GLN E 222 33.35 -54.53 -16.04
CA GLN E 222 33.91 -54.37 -14.72
C GLN E 222 35.30 -53.77 -14.81
N CYS E 223 35.50 -52.84 -15.75
CA CYS E 223 36.82 -52.30 -16.04
C CYS E 223 36.74 -50.81 -16.32
N ARG E 224 37.92 -50.18 -16.31
CA ARG E 224 38.06 -48.73 -16.36
C ARG E 224 38.47 -48.31 -17.76
N ALA E 225 37.47 -48.10 -18.63
CA ALA E 225 37.71 -47.57 -19.97
C ALA E 225 37.75 -46.04 -19.87
N TYR E 226 38.95 -45.49 -19.79
CA TYR E 226 39.13 -44.06 -19.56
C TYR E 226 40.04 -43.47 -20.63
N LEU E 227 39.88 -42.16 -20.85
CA LEU E 227 40.67 -41.42 -21.84
C LEU E 227 41.12 -40.11 -21.21
N ILE E 228 42.29 -40.13 -20.60
CA ILE E 228 42.98 -38.89 -20.25
C ILE E 228 43.62 -38.42 -21.55
N ASP E 229 42.95 -37.49 -22.24
CA ASP E 229 43.33 -37.02 -23.56
C ASP E 229 43.44 -35.51 -23.56
N ASN E 230 44.17 -34.99 -22.58
CA ASN E 230 44.20 -33.56 -22.33
C ASN E 230 45.21 -32.85 -23.21
N LYS E 231 45.14 -33.08 -24.51
CA LYS E 231 45.87 -32.28 -25.48
C LYS E 231 45.10 -31.03 -25.89
N LYS E 232 43.81 -30.97 -25.60
CA LYS E 232 42.99 -29.81 -25.88
C LYS E 232 42.04 -29.58 -24.72
N TRP E 233 42.01 -28.35 -24.22
CA TRP E 233 41.17 -28.01 -23.08
C TRP E 233 39.70 -28.00 -23.49
N VAL E 234 38.83 -27.69 -22.53
CA VAL E 234 37.39 -27.67 -22.75
C VAL E 234 36.77 -26.48 -22.03
N TYR E 235 35.48 -26.29 -22.30
CA TYR E 235 34.67 -25.45 -21.44
C TYR E 235 34.39 -26.20 -20.15
N ASN E 236 34.28 -25.44 -19.07
CA ASN E 236 34.12 -25.99 -17.74
C ASN E 236 32.63 -26.16 -17.44
N SER E 237 32.00 -27.00 -18.25
CA SER E 237 30.59 -27.31 -18.10
C SER E 237 30.34 -27.95 -16.75
N GLY E 238 29.15 -27.71 -16.22
CA GLY E 238 28.70 -28.50 -15.09
C GLY E 238 28.55 -29.97 -15.46
N ARG E 239 28.33 -30.26 -16.74
CA ARG E 239 28.21 -31.63 -17.21
C ARG E 239 29.55 -32.19 -17.67
N LEU E 240 30.64 -31.71 -17.08
CA LEU E 240 31.98 -32.21 -17.24
C LEU E 240 32.42 -32.93 -15.98
N PRO E 241 33.10 -34.08 -16.08
CA PRO E 241 33.83 -34.58 -14.93
C PRO E 241 35.18 -33.89 -14.80
N ARG E 242 35.52 -33.53 -13.57
CA ARG E 242 36.76 -32.82 -13.29
C ARG E 242 37.96 -33.60 -13.78
N GLY E 243 38.92 -32.90 -14.36
CA GLY E 243 40.25 -33.44 -14.50
C GLY E 243 40.94 -33.32 -13.16
N GLU E 244 41.04 -34.45 -12.46
CA GLU E 244 41.36 -34.43 -11.04
C GLU E 244 42.75 -33.90 -10.75
N GLY E 245 43.63 -33.88 -11.75
CA GLY E 245 45.03 -33.60 -11.48
C GLY E 245 45.26 -32.17 -11.05
N ASP E 246 44.67 -31.21 -11.76
CA ASP E 246 45.14 -29.84 -11.66
C ASP E 246 44.14 -28.91 -12.33
N THR E 247 44.21 -27.64 -11.92
CA THR E 247 43.65 -26.53 -12.68
C THR E 247 44.65 -26.11 -13.75
N PHE E 248 44.64 -26.82 -14.87
CA PHE E 248 45.47 -26.37 -15.98
C PHE E 248 45.02 -24.99 -16.47
N LYS E 249 45.90 -24.36 -17.24
CA LYS E 249 45.67 -23.09 -17.91
C LYS E 249 44.61 -23.27 -18.99
N GLY E 250 44.33 -22.19 -19.71
CA GLY E 250 43.28 -22.14 -20.70
C GLY E 250 42.22 -21.10 -20.41
N LYS E 251 42.63 -19.97 -19.85
CA LYS E 251 41.73 -18.81 -19.79
C LYS E 251 41.38 -18.38 -21.20
N LEU E 252 40.09 -18.30 -21.49
CA LEU E 252 39.62 -18.11 -22.85
C LEU E 252 38.43 -17.17 -22.88
N HIS E 253 38.45 -16.27 -23.86
CA HIS E 253 37.53 -15.15 -23.93
C HIS E 253 36.10 -15.61 -24.14
N VAL E 254 35.20 -14.65 -24.13
CA VAL E 254 33.84 -14.80 -24.66
C VAL E 254 33.72 -13.88 -25.86
N PRO E 255 33.21 -14.35 -27.00
CA PRO E 255 32.92 -13.44 -28.11
C PRO E 255 31.77 -12.48 -27.83
N PHE E 256 30.62 -13.05 -27.50
CA PHE E 256 29.36 -12.33 -27.55
C PHE E 256 29.16 -11.62 -26.22
N VAL E 257 29.83 -10.48 -26.11
CA VAL E 257 29.72 -9.62 -24.94
C VAL E 257 28.37 -8.94 -25.05
N PRO E 258 27.67 -8.68 -23.95
CA PRO E 258 26.51 -7.79 -24.03
C PRO E 258 26.97 -6.35 -24.17
N VAL E 259 26.47 -5.68 -25.20
CA VAL E 259 26.90 -4.33 -25.55
C VAL E 259 25.70 -3.41 -25.57
N LYS E 260 26.01 -2.11 -25.56
CA LYS E 260 25.00 -1.07 -25.48
C LYS E 260 24.63 -0.64 -26.90
N ALA E 261 24.09 -1.58 -27.64
CA ALA E 261 23.49 -1.25 -28.91
C ALA E 261 22.23 -0.45 -28.69
N LYS E 262 21.94 0.44 -29.63
CA LYS E 262 20.64 1.08 -29.71
C LYS E 262 19.81 0.22 -30.64
N CYS E 263 18.98 -0.64 -30.07
CA CYS E 263 18.08 -1.42 -30.91
C CYS E 263 17.20 -0.49 -31.70
N ILE E 264 16.99 -0.85 -32.97
CA ILE E 264 15.79 -0.41 -33.64
C ILE E 264 14.65 -0.85 -32.74
N ALA E 265 13.77 0.08 -32.39
CA ALA E 265 12.98 -0.18 -31.19
C ALA E 265 11.57 0.36 -31.34
N THR E 266 10.86 0.39 -30.22
CA THR E 266 9.42 0.45 -30.19
C THR E 266 8.94 1.87 -30.41
N LEU E 267 7.64 1.98 -30.60
CA LEU E 267 6.95 3.26 -30.70
C LEU E 267 5.47 2.95 -30.70
N ALA E 268 4.73 3.66 -29.91
CA ALA E 268 3.30 3.44 -29.80
C ALA E 268 2.56 4.53 -30.57
N PRO E 269 1.41 4.21 -31.18
CA PRO E 269 0.70 5.21 -31.98
C PRO E 269 0.34 6.45 -31.19
N GLU E 270 0.31 7.57 -31.89
CA GLU E 270 0.18 8.85 -31.22
C GLU E 270 -1.17 8.92 -30.50
N PRO E 271 -1.26 9.72 -29.44
CA PRO E 271 -2.52 9.88 -28.74
C PRO E 271 -3.46 10.83 -29.47
N LEU E 272 -4.72 10.81 -29.04
CA LEU E 272 -5.72 11.78 -29.47
C LEU E 272 -5.92 12.74 -28.32
N VAL E 273 -5.35 13.92 -28.45
CA VAL E 273 -5.48 14.91 -27.40
C VAL E 273 -6.83 15.57 -27.51
N GLU E 274 -7.51 15.69 -26.38
CA GLU E 274 -8.81 16.32 -26.31
C GLU E 274 -8.82 17.24 -25.11
N HIS E 275 -9.28 18.46 -25.34
CA HIS E 275 -9.31 19.45 -24.29
C HIS E 275 -10.55 19.32 -23.42
N LYS E 276 -10.37 19.57 -22.12
CA LYS E 276 -11.45 19.96 -21.25
C LYS E 276 -10.90 20.94 -20.23
N HIS E 277 -11.76 21.40 -19.34
CA HIS E 277 -11.40 22.38 -18.32
C HIS E 277 -10.43 21.75 -17.33
N ARG E 278 -9.16 22.11 -17.45
CA ARG E 278 -8.11 21.61 -16.57
C ARG E 278 -8.08 20.09 -16.56
N THR E 279 -8.42 19.49 -17.68
CA THR E 279 -8.58 18.05 -17.77
C THR E 279 -8.27 17.60 -19.18
N LEU E 280 -7.41 16.59 -19.29
CA LEU E 280 -7.11 15.94 -20.56
C LEU E 280 -7.94 14.68 -20.67
N ILE E 281 -9.03 14.74 -21.43
CA ILE E 281 -9.54 13.51 -21.99
C ILE E 281 -8.57 13.07 -23.06
N LEU E 282 -8.30 11.78 -23.10
CA LEU E 282 -7.40 11.20 -24.08
C LEU E 282 -8.01 9.89 -24.53
N HIS E 283 -8.71 9.92 -25.67
CA HIS E 283 -9.03 8.67 -26.34
C HIS E 283 -7.73 8.08 -26.86
N LEU E 284 -7.47 6.82 -26.51
CA LEU E 284 -6.16 6.25 -26.73
C LEU E 284 -6.29 4.83 -27.24
N HIS E 285 -5.34 4.45 -28.06
CA HIS E 285 -5.49 3.29 -28.90
C HIS E 285 -4.13 2.75 -29.30
N PRO E 286 -3.52 1.91 -28.49
CA PRO E 286 -2.16 1.43 -28.78
C PRO E 286 -2.11 0.23 -29.70
N ASP E 287 -0.89 -0.16 -30.03
CA ASP E 287 -0.59 -1.39 -30.75
C ASP E 287 -0.40 -2.54 -29.78
N HIS E 288 0.27 -2.28 -28.67
CA HIS E 288 0.68 -3.28 -27.73
C HIS E 288 0.55 -2.70 -26.33
N PRO E 289 0.74 -3.49 -25.28
CA PRO E 289 0.64 -2.94 -23.92
C PRO E 289 1.69 -1.87 -23.70
N THR E 290 1.21 -0.66 -23.43
CA THR E 290 2.04 0.53 -23.29
C THR E 290 1.92 1.05 -21.87
N LEU E 291 3.06 1.20 -21.20
CA LEU E 291 3.06 1.80 -19.87
C LEU E 291 2.98 3.31 -20.02
N LEU E 292 1.83 3.86 -19.74
CA LEU E 292 1.67 5.29 -19.66
C LEU E 292 1.93 5.76 -18.24
N THR E 293 2.46 6.97 -18.12
CA THR E 293 2.62 7.56 -16.81
C THR E 293 2.85 9.06 -16.93
N THR E 294 2.61 9.74 -15.81
CA THR E 294 2.58 11.20 -15.76
C THR E 294 3.22 11.68 -14.47
N ARG E 295 3.35 13.01 -14.36
CA ARG E 295 3.91 13.65 -13.18
C ARG E 295 3.27 15.02 -13.02
N SER E 296 2.26 15.13 -12.16
CA SER E 296 1.71 16.45 -11.90
C SER E 296 2.78 17.26 -11.20
N LEU E 297 3.28 18.28 -11.88
CA LEU E 297 4.52 18.93 -11.51
C LEU E 297 4.43 19.77 -10.26
N GLY E 298 3.31 19.81 -9.57
CA GLY E 298 3.31 20.36 -8.25
C GLY E 298 4.27 19.60 -7.35
N SER E 299 4.63 20.22 -6.23
CA SER E 299 5.35 19.48 -5.22
C SER E 299 4.54 18.30 -4.71
N ASP E 300 3.22 18.35 -4.86
CA ASP E 300 2.41 17.15 -4.91
C ASP E 300 2.61 16.50 -6.27
N ALA E 301 3.34 15.39 -6.29
CA ALA E 301 3.63 14.73 -7.55
C ALA E 301 2.37 14.16 -8.18
N ASN E 302 1.62 13.36 -7.41
CA ASN E 302 0.45 12.62 -7.86
C ASN E 302 0.66 11.95 -9.23
N PRO E 303 1.60 11.04 -9.34
CA PRO E 303 1.80 10.34 -10.60
C PRO E 303 0.81 9.21 -10.78
N THR E 304 0.84 8.63 -11.98
CA THR E 304 -0.02 7.53 -12.37
C THR E 304 0.78 6.59 -13.25
N ARG E 305 0.48 5.31 -13.15
CA ARG E 305 1.06 4.29 -14.00
C ARG E 305 -0.04 3.33 -14.40
N GLN E 306 -0.10 2.97 -15.67
CA GLN E 306 -0.94 1.86 -16.07
C GLN E 306 -0.51 1.38 -17.45
N TRP E 307 -0.17 0.10 -17.54
CA TRP E 307 -0.02 -0.53 -18.83
C TRP E 307 -1.35 -0.49 -19.55
N ILE E 308 -1.33 0.00 -20.79
CA ILE E 308 -2.52 0.08 -21.62
C ILE E 308 -2.25 -0.76 -22.85
N GLU E 309 -3.02 -1.82 -23.00
CA GLU E 309 -3.12 -2.58 -24.23
C GLU E 309 -4.49 -2.49 -24.85
N ARG E 310 -5.51 -2.39 -24.06
CA ARG E 310 -6.84 -2.21 -24.56
C ARG E 310 -7.08 -0.72 -24.79
N PRO E 311 -7.59 -0.31 -25.95
CA PRO E 311 -7.84 1.11 -26.18
C PRO E 311 -8.80 1.68 -25.15
N THR E 312 -8.47 2.85 -24.63
CA THR E 312 -9.14 3.39 -23.47
C THR E 312 -9.12 4.90 -23.53
N THR E 313 -10.28 5.49 -23.34
CA THR E 313 -10.37 6.92 -23.05
C THR E 313 -10.09 7.13 -21.58
N VAL E 314 -9.04 7.89 -21.29
CA VAL E 314 -8.58 8.13 -19.92
C VAL E 314 -8.77 9.60 -19.59
N ASN E 315 -8.39 9.96 -18.36
CA ASN E 315 -8.55 11.33 -17.89
C ASN E 315 -7.40 11.68 -16.97
N PHE E 316 -7.09 12.97 -16.92
CA PHE E 316 -5.99 13.47 -16.10
C PHE E 316 -6.38 14.84 -15.60
N THR E 317 -6.54 14.97 -14.28
CA THR E 317 -6.80 16.26 -13.69
C THR E 317 -5.53 17.07 -13.74
N VAL E 318 -5.34 17.83 -14.79
CA VAL E 318 -4.19 18.70 -14.88
C VAL E 318 -4.41 19.90 -13.97
N THR E 319 -3.33 20.37 -13.39
CA THR E 319 -3.34 21.48 -12.46
C THR E 319 -3.01 22.77 -13.20
N GLY E 320 -2.78 23.83 -12.44
CA GLY E 320 -2.47 25.10 -13.05
C GLY E 320 -1.09 25.14 -13.65
N GLU E 321 -0.10 24.59 -12.96
CA GLU E 321 1.28 24.79 -13.36
C GLU E 321 1.71 23.87 -14.49
N GLY E 322 1.20 22.66 -14.52
CA GLY E 322 1.46 21.79 -15.66
C GLY E 322 1.41 20.32 -15.31
N LEU E 323 1.36 19.51 -16.36
CA LEU E 323 1.49 18.06 -16.27
C LEU E 323 2.35 17.61 -17.43
N GLU E 324 2.92 16.41 -17.31
CA GLU E 324 3.62 15.79 -18.42
C GLU E 324 3.08 14.39 -18.65
N TYR E 325 3.36 13.89 -19.85
CA TYR E 325 2.59 12.80 -20.43
C TYR E 325 3.51 11.96 -21.32
N THR E 326 3.50 10.65 -21.12
CA THR E 326 4.53 9.76 -21.65
C THR E 326 3.91 8.57 -22.38
N TRP E 327 3.55 8.78 -23.64
CA TRP E 327 2.89 7.74 -24.43
C TRP E 327 3.92 6.70 -24.85
N GLY E 328 4.25 5.83 -23.92
CA GLY E 328 5.26 4.86 -24.26
C GLY E 328 6.59 5.55 -24.39
N ASN E 329 7.52 4.88 -25.05
CA ASN E 329 8.83 5.48 -25.30
C ASN E 329 8.79 6.60 -26.30
N HIS E 330 7.62 6.91 -26.86
CA HIS E 330 7.42 8.21 -27.48
C HIS E 330 7.82 9.29 -26.47
N PRO E 331 8.40 10.41 -26.91
CA PRO E 331 8.98 11.34 -25.94
C PRO E 331 7.93 11.92 -25.00
N PRO E 332 8.35 12.44 -23.86
CA PRO E 332 7.40 12.99 -22.90
C PRO E 332 6.83 14.31 -23.40
N LYS E 333 5.51 14.44 -23.32
CA LYS E 333 4.82 15.68 -23.62
C LYS E 333 4.69 16.50 -22.35
N ARG E 334 4.16 17.71 -22.52
CA ARG E 334 3.96 18.64 -21.43
C ARG E 334 2.76 19.49 -21.80
N VAL E 335 2.09 20.05 -20.80
CA VAL E 335 0.82 20.73 -21.05
C VAL E 335 0.57 21.89 -20.08
N TRP E 336 0.28 23.08 -20.60
CA TRP E 336 -0.27 24.18 -19.82
C TRP E 336 -1.77 23.96 -19.77
N ALA E 337 -2.28 23.74 -18.57
CA ALA E 337 -3.70 23.83 -18.30
C ALA E 337 -3.85 24.91 -17.26
N GLN E 338 -3.97 26.14 -17.73
CA GLN E 338 -4.56 27.18 -16.92
C GLN E 338 -6.07 27.02 -17.04
N GLU E 339 -6.80 28.06 -16.67
CA GLU E 339 -8.25 28.05 -16.73
C GLU E 339 -8.78 27.63 -18.08
N SER E 340 -10.04 27.21 -18.09
CA SER E 340 -10.86 27.35 -19.28
C SER E 340 -12.32 27.64 -18.93
N GLY E 341 -12.63 27.91 -17.67
CA GLY E 341 -13.97 28.11 -17.19
C GLY E 341 -14.41 29.55 -17.18
N GLU E 342 -13.64 30.43 -17.84
CA GLU E 342 -14.05 31.79 -18.16
C GLU E 342 -14.11 32.71 -16.94
N GLY E 343 -13.15 32.60 -16.02
CA GLY E 343 -12.82 33.65 -15.07
C GLY E 343 -13.95 34.32 -14.31
N ASN E 344 -14.22 35.60 -14.61
CA ASN E 344 -15.37 36.33 -14.09
C ASN E 344 -15.64 37.60 -14.91
N PRO E 345 -16.13 37.47 -16.13
CA PRO E 345 -16.93 38.54 -16.70
C PRO E 345 -18.24 38.67 -15.94
N HIS E 346 -19.01 39.71 -16.27
CA HIS E 346 -20.17 39.98 -15.43
C HIS E 346 -21.18 40.89 -16.13
N GLY E 347 -22.40 40.36 -16.33
CA GLY E 347 -23.56 41.16 -16.70
C GLY E 347 -24.88 40.70 -16.10
N TRP E 348 -24.83 39.64 -15.31
CA TRP E 348 -25.96 38.96 -14.68
C TRP E 348 -25.85 39.26 -13.19
N PRO E 349 -26.77 38.83 -12.30
CA PRO E 349 -26.41 38.90 -10.87
C PRO E 349 -25.32 37.95 -10.38
N HIS E 350 -25.52 36.62 -10.40
CA HIS E 350 -24.53 35.72 -9.77
C HIS E 350 -24.31 34.39 -10.47
N GLU E 351 -25.19 33.91 -11.34
CA GLU E 351 -24.96 32.63 -11.99
C GLU E 351 -23.74 32.63 -12.90
N VAL E 352 -23.19 33.80 -13.23
CA VAL E 352 -21.91 33.85 -13.96
C VAL E 352 -20.71 33.71 -13.04
N VAL E 353 -20.90 33.80 -11.73
CA VAL E 353 -19.82 33.62 -10.77
C VAL E 353 -19.32 32.17 -10.73
N VAL E 354 -20.10 31.25 -11.31
CA VAL E 354 -19.67 29.87 -11.48
C VAL E 354 -18.30 29.82 -12.14
N TYR E 355 -18.05 30.75 -13.07
CA TYR E 355 -16.74 30.90 -13.68
C TYR E 355 -15.64 31.01 -12.62
N TYR E 356 -15.89 31.79 -11.57
CA TYR E 356 -14.92 31.91 -10.48
C TYR E 356 -14.90 30.65 -9.63
N TYR E 357 -16.01 29.93 -9.57
CA TYR E 357 -16.07 28.68 -8.83
C TYR E 357 -15.41 27.56 -9.61
N ASN E 358 -15.60 27.56 -10.92
CA ASN E 358 -15.06 26.52 -11.77
C ASN E 358 -13.54 26.62 -11.87
N ARG E 359 -12.98 27.78 -11.54
CA ARG E 359 -11.54 27.96 -11.46
C ARG E 359 -10.99 27.66 -10.08
N TYR E 360 -11.81 27.87 -9.05
CA TYR E 360 -11.44 27.59 -7.66
C TYR E 360 -12.49 26.69 -7.01
N PRO E 361 -12.58 25.43 -7.41
CA PRO E 361 -13.45 24.50 -6.68
C PRO E 361 -12.76 23.84 -5.50
N LEU E 362 -11.95 24.60 -4.77
CA LEU E 362 -11.53 24.21 -3.43
C LEU E 362 -11.68 25.34 -2.44
N THR E 363 -11.39 26.57 -2.86
CA THR E 363 -11.39 27.71 -1.95
C THR E 363 -12.72 28.43 -1.96
N THR E 364 -13.49 28.31 -3.03
CA THR E 364 -14.78 29.00 -3.10
C THR E 364 -15.83 28.26 -2.31
N ILE E 365 -15.76 26.93 -2.29
CA ILE E 365 -16.71 26.16 -1.49
C ILE E 365 -16.59 26.57 -0.03
N ILE E 366 -15.37 26.77 0.45
CA ILE E 366 -15.17 27.25 1.80
C ILE E 366 -15.19 28.78 1.83
N GLY E 367 -14.70 29.42 0.78
CA GLY E 367 -14.70 30.86 0.75
C GLY E 367 -16.10 31.44 0.64
N LEU E 368 -16.97 30.76 -0.10
CA LEU E 368 -18.37 31.16 -0.12
C LEU E 368 -19.02 30.87 1.22
N CYS E 369 -18.88 29.64 1.71
CA CYS E 369 -19.44 29.29 3.01
C CYS E 369 -18.89 30.20 4.10
N THR E 370 -17.65 30.65 3.96
CA THR E 370 -17.15 31.73 4.79
C THR E 370 -18.00 32.98 4.58
N CYS E 371 -18.19 33.37 3.31
CA CYS E 371 -19.02 34.53 3.02
C CYS E 371 -20.46 34.31 3.47
N VAL E 372 -20.94 33.08 3.40
CA VAL E 372 -22.26 32.75 3.93
C VAL E 372 -22.21 32.76 5.45
N ALA E 373 -21.07 32.39 6.02
CA ALA E 373 -20.96 32.34 7.47
C ALA E 373 -21.01 33.74 8.07
N ILE E 374 -20.17 34.64 7.56
CA ILE E 374 -20.01 35.95 8.18
C ILE E 374 -21.30 36.75 8.09
N ILE E 375 -22.11 36.51 7.07
CA ILE E 375 -23.40 37.20 7.00
C ILE E 375 -24.34 36.63 8.03
N MET E 376 -24.22 35.33 8.33
CA MET E 376 -24.99 34.75 9.42
C MET E 376 -24.46 35.23 10.76
N VAL E 377 -23.15 35.41 10.86
CA VAL E 377 -22.60 36.13 12.01
C VAL E 377 -23.19 37.53 12.04
N SER E 378 -23.02 38.27 10.94
CA SER E 378 -23.57 39.61 10.85
C SER E 378 -25.08 39.63 10.92
N CYS E 379 -25.74 38.49 10.69
CA CYS E 379 -27.17 38.41 10.95
C CYS E 379 -27.44 38.41 12.44
N VAL E 380 -26.97 37.37 13.15
CA VAL E 380 -27.35 37.18 14.54
C VAL E 380 -26.81 38.31 15.41
N THR E 381 -25.63 38.84 15.08
CA THR E 381 -25.16 40.02 15.78
C THR E 381 -26.08 41.20 15.50
N SER E 382 -26.56 41.31 14.27
CA SER E 382 -27.53 42.33 13.95
C SER E 382 -28.87 42.03 14.60
N VAL E 383 -29.23 40.76 14.74
CA VAL E 383 -30.43 40.40 15.49
C VAL E 383 -30.34 40.97 16.90
N TRP E 384 -29.33 40.52 17.66
CA TRP E 384 -29.18 40.97 19.04
C TRP E 384 -29.02 42.48 19.09
N LEU E 385 -28.06 43.01 18.35
CA LEU E 385 -27.82 44.45 18.38
C LEU E 385 -28.82 45.23 17.55
N LEU E 386 -29.93 44.62 17.15
CA LEU E 386 -31.14 45.35 16.80
C LEU E 386 -32.27 45.03 17.76
N CYS E 387 -32.58 43.73 17.97
CA CYS E 387 -33.75 43.38 18.77
C CYS E 387 -33.54 43.74 20.23
N ARG E 388 -32.32 43.57 20.75
CA ARG E 388 -32.04 44.07 22.09
C ARG E 388 -32.20 45.58 22.14
N THR E 389 -31.65 46.26 21.14
CA THR E 389 -31.79 47.69 21.04
C THR E 389 -33.15 48.11 20.52
N ARG E 390 -33.94 47.16 20.01
CA ARG E 390 -35.35 47.39 19.78
C ARG E 390 -36.18 47.05 21.00
N ASN E 391 -35.73 46.06 21.79
CA ASN E 391 -36.32 45.84 23.10
C ASN E 391 -36.02 47.02 24.01
N LEU E 392 -34.79 47.52 23.94
CA LEU E 392 -34.49 48.81 24.49
C LEU E 392 -34.97 49.89 23.53
N CYS E 393 -35.05 51.11 24.05
CA CYS E 393 -35.66 52.27 23.43
C CYS E 393 -37.19 52.17 23.33
N ILE E 394 -37.78 51.03 23.73
CA ILE E 394 -39.19 50.97 24.07
C ILE E 394 -39.40 50.69 25.54
N THR E 395 -38.45 50.07 26.19
CA THR E 395 -38.52 49.87 27.62
C THR E 395 -38.42 51.25 28.30
N PRO E 396 -37.52 52.14 27.88
CA PRO E 396 -37.62 53.50 28.40
C PRO E 396 -38.89 54.23 28.00
N TYR E 397 -39.50 53.84 26.88
CA TYR E 397 -40.63 54.56 26.31
C TYR E 397 -41.95 53.87 26.62
N LYS E 398 -42.10 52.60 26.24
CA LYS E 398 -43.27 51.79 26.59
C LYS E 398 -43.07 51.13 27.96
N LEU E 399 -42.91 51.99 28.94
CA LEU E 399 -43.20 51.64 30.33
C LEU E 399 -43.85 52.79 31.09
N ALA E 400 -44.12 53.92 30.44
CA ALA E 400 -44.58 55.15 31.07
C ALA E 400 -45.87 55.56 30.39
N PRO E 401 -46.74 54.62 30.12
CA PRO E 401 -47.08 54.36 28.72
C PRO E 401 -47.64 55.54 27.92
N ASN E 402 -47.89 56.68 28.56
CA ASN E 402 -48.16 57.92 27.87
C ASN E 402 -47.03 58.26 26.91
N ALA E 403 -45.85 58.60 27.45
CA ALA E 403 -44.59 58.62 26.71
C ALA E 403 -44.67 59.46 25.43
N GLN E 404 -44.77 60.77 25.62
CA GLN E 404 -44.87 61.69 24.49
C GLN E 404 -43.50 61.95 23.89
N VAL E 405 -43.09 61.10 22.94
CA VAL E 405 -41.87 61.31 22.15
C VAL E 405 -42.14 60.81 20.73
N PRO E 406 -42.33 61.72 19.70
CA PRO E 406 -42.43 61.27 18.30
C PRO E 406 -41.08 61.07 17.61
N ILE E 407 -40.16 60.40 18.31
CA ILE E 407 -38.91 59.92 17.74
C ILE E 407 -38.91 58.41 17.96
N LEU E 408 -40.09 57.80 17.79
CA LEU E 408 -40.10 56.39 17.45
C LEU E 408 -39.42 56.16 16.11
N LEU E 409 -39.32 57.19 15.26
CA LEU E 409 -38.76 57.03 13.92
C LEU E 409 -37.25 56.84 13.95
N ALA E 410 -36.78 55.85 14.71
CA ALA E 410 -35.40 55.39 14.72
C ALA E 410 -35.28 53.88 14.72
N LEU E 411 -36.26 53.15 15.24
CA LEU E 411 -36.32 51.70 15.16
C LEU E 411 -37.25 51.24 14.05
N LEU E 412 -38.54 51.60 14.16
CA LEU E 412 -39.58 51.15 13.25
C LEU E 412 -39.55 49.63 13.05
N CYS E 413 -39.29 48.91 14.14
CA CYS E 413 -39.58 47.50 14.23
C CYS E 413 -40.40 47.22 15.49
N CYS E 414 -40.24 48.05 16.51
CA CYS E 414 -41.17 48.11 17.64
C CYS E 414 -41.91 49.43 17.53
N ILE E 415 -43.23 49.35 17.44
CA ILE E 415 -44.04 50.32 16.72
C ILE E 415 -45.28 50.68 17.54
N LYS E 416 -46.23 51.46 16.95
CA LYS E 416 -47.47 51.89 17.60
C LYS E 416 -47.31 52.81 18.81
N PRO E 417 -47.06 54.10 18.60
CA PRO E 417 -47.22 55.07 19.70
C PRO E 417 -48.67 55.22 20.15
N THR E 418 -48.89 56.12 21.10
CA THR E 418 -50.19 56.40 21.69
C THR E 418 -50.77 57.72 21.21
N ARG E 419 -50.59 58.04 19.92
CA ARG E 419 -50.95 59.34 19.37
C ARG E 419 -50.24 60.48 20.08
N ALA E 420 -49.05 60.20 20.59
CA ALA E 420 -48.31 61.18 21.38
C ALA E 420 -46.89 60.70 21.60
N ARG F 102 -52.58 57.42 56.18
CA ARG F 102 -52.66 57.00 54.78
C ARG F 102 -51.44 56.18 54.35
N MET F 103 -50.39 56.18 55.17
CA MET F 103 -49.20 55.40 54.85
C MET F 103 -49.44 53.90 54.94
N CYS F 104 -50.49 53.48 55.65
CA CYS F 104 -50.85 52.08 55.78
C CYS F 104 -52.28 51.78 55.36
N MET F 105 -53.20 52.74 55.55
CA MET F 105 -54.58 52.53 55.14
C MET F 105 -54.68 52.39 53.63
N LYS F 106 -54.13 53.35 52.89
CA LYS F 106 -54.19 53.31 51.44
C LYS F 106 -53.38 52.15 50.89
N LEU F 107 -52.31 51.78 51.56
CA LEU F 107 -51.39 50.77 51.01
C LEU F 107 -51.93 49.36 51.19
N GLU F 108 -52.43 49.05 52.39
CA GLU F 108 -53.03 47.74 52.61
C GLU F 108 -54.19 47.51 51.66
N SER F 109 -54.90 48.57 51.28
CA SER F 109 -55.96 48.45 50.30
C SER F 109 -55.43 48.19 48.89
N ASP F 110 -54.17 48.53 48.64
CA ASP F 110 -53.60 48.36 47.30
C ASP F 110 -53.26 46.90 47.04
N LYS F 111 -53.25 46.54 45.76
CA LYS F 111 -53.00 45.16 45.34
C LYS F 111 -51.50 44.98 45.05
N THR F 112 -50.72 45.06 46.12
CA THR F 112 -49.36 44.56 46.09
C THR F 112 -49.38 43.05 46.29
N PHE F 113 -48.28 42.39 45.94
CA PHE F 113 -48.23 40.93 45.91
C PHE F 113 -46.86 40.42 46.32
N PRO F 114 -46.71 39.66 47.41
CA PRO F 114 -45.38 39.21 47.80
C PRO F 114 -44.88 38.05 46.96
N ILE F 115 -43.56 38.00 46.85
CA ILE F 115 -42.85 36.95 46.14
C ILE F 115 -42.21 36.07 47.20
N MET F 116 -42.85 34.94 47.49
CA MET F 116 -42.27 33.97 48.41
C MET F 116 -41.29 33.08 47.67
N LEU F 117 -40.03 33.12 48.09
CA LEU F 117 -39.02 32.16 47.64
C LEU F 117 -38.97 31.06 48.68
N ASN F 118 -39.61 29.94 48.38
CA ASN F 118 -39.75 28.85 49.33
C ASN F 118 -40.39 29.35 50.62
N GLY F 119 -41.43 30.16 50.47
CA GLY F 119 -42.10 30.76 51.59
C GLY F 119 -41.50 32.07 52.05
N GLN F 120 -40.27 32.38 51.66
CA GLN F 120 -39.56 33.56 52.13
C GLN F 120 -39.85 34.72 51.19
N VAL F 121 -40.55 35.73 51.70
CA VAL F 121 -40.77 36.94 50.93
C VAL F 121 -39.43 37.62 50.69
N ASN F 122 -39.15 37.95 49.44
CA ASN F 122 -37.98 38.70 49.05
C ASN F 122 -38.32 39.97 48.29
N GLY F 123 -39.56 40.17 47.89
CA GLY F 123 -39.96 41.40 47.24
C GLY F 123 -41.43 41.31 46.88
N TYR F 124 -41.96 42.46 46.45
CA TYR F 124 -43.36 42.62 46.16
C TYR F 124 -43.53 42.94 44.69
N ALA F 125 -44.20 42.04 43.97
CA ALA F 125 -44.69 42.38 42.64
C ALA F 125 -45.87 43.33 42.78
N CYS F 126 -45.80 44.46 42.08
CA CYS F 126 -46.79 45.51 42.20
C CYS F 126 -47.34 45.85 40.82
N VAL F 127 -48.66 45.99 40.75
CA VAL F 127 -49.38 46.09 39.49
C VAL F 127 -49.60 47.57 39.22
N VAL F 128 -48.80 48.12 38.31
CA VAL F 128 -48.63 49.55 38.18
C VAL F 128 -49.02 49.93 36.76
N GLY F 129 -50.22 50.50 36.62
CA GLY F 129 -50.67 51.08 35.37
C GLY F 129 -50.58 50.15 34.19
N GLY F 130 -51.34 49.07 34.23
CA GLY F 130 -51.28 48.07 33.20
C GLY F 130 -50.25 47.00 33.53
N ARG F 131 -49.06 47.14 32.96
CA ARG F 131 -48.01 46.16 33.17
C ARG F 131 -47.61 46.10 34.64
N VAL F 132 -47.41 44.88 35.13
CA VAL F 132 -46.90 44.67 36.48
C VAL F 132 -45.39 44.76 36.45
N PHE F 133 -44.80 45.28 37.52
CA PHE F 133 -43.35 45.48 37.59
C PHE F 133 -42.82 44.61 38.73
N LYS F 134 -42.49 43.39 38.40
CA LYS F 134 -41.87 42.48 39.34
C LYS F 134 -40.38 42.79 39.44
N PRO F 135 -39.82 42.91 40.65
CA PRO F 135 -38.36 42.90 40.76
C PRO F 135 -37.80 41.57 40.31
N LEU F 136 -36.84 41.63 39.40
CA LEU F 136 -36.43 40.45 38.67
C LEU F 136 -35.49 39.57 39.49
N HIS F 137 -34.49 40.18 40.13
CA HIS F 137 -33.59 39.41 40.97
C HIS F 137 -34.33 38.83 42.17
N VAL F 138 -35.43 39.46 42.61
CA VAL F 138 -36.33 38.77 43.52
C VAL F 138 -36.89 37.56 42.81
N GLU F 139 -36.72 36.39 43.41
CA GLU F 139 -37.17 35.12 42.86
C GLU F 139 -38.21 34.52 43.77
N GLY F 140 -38.96 33.56 43.23
CA GLY F 140 -40.01 32.86 43.95
C GLY F 140 -41.37 33.03 43.29
N ARG F 141 -42.30 32.18 43.72
CA ARG F 141 -43.67 32.28 43.23
C ARG F 141 -44.36 33.47 43.88
N ILE F 142 -45.65 33.64 43.55
CA ILE F 142 -46.40 34.83 43.92
C ILE F 142 -47.78 34.42 44.42
N ASP F 143 -48.34 35.23 45.31
CA ASP F 143 -49.71 35.07 45.79
C ASP F 143 -50.72 35.73 44.86
N ASN F 144 -50.63 35.41 43.58
CA ASN F 144 -51.70 35.70 42.63
C ASN F 144 -51.45 34.85 41.41
N GLU F 145 -52.41 34.02 41.06
CA GLU F 145 -52.21 33.06 39.98
C GLU F 145 -52.46 33.69 38.62
N GLN F 146 -53.25 34.76 38.59
CA GLN F 146 -53.26 35.66 37.45
C GLN F 146 -51.90 36.28 37.20
N LEU F 147 -51.01 36.22 38.20
CA LEU F 147 -49.68 36.78 38.18
C LEU F 147 -48.59 35.73 38.27
N ALA F 148 -48.87 34.57 38.86
CA ALA F 148 -47.86 33.55 39.09
C ALA F 148 -47.70 32.61 37.92
N ALA F 149 -48.74 32.44 37.12
CA ALA F 149 -48.69 31.64 35.90
C ALA F 149 -48.34 32.49 34.69
N ILE F 150 -47.54 33.52 34.88
CA ILE F 150 -47.29 34.55 33.89
C ILE F 150 -45.82 34.51 33.55
N LYS F 151 -45.50 34.10 32.32
CA LYS F 151 -44.14 34.12 31.85
C LYS F 151 -43.74 35.54 31.48
N LEU F 152 -42.55 35.95 31.90
CA LEU F 152 -42.08 37.30 31.65
C LEU F 152 -40.59 37.29 31.39
N LYS F 153 -40.19 37.92 30.29
CA LYS F 153 -38.80 38.11 29.94
C LYS F 153 -38.19 39.22 30.81
N LYS F 154 -36.92 39.50 30.56
CA LYS F 154 -36.09 40.29 31.45
C LYS F 154 -35.89 41.69 30.89
N ALA F 155 -36.17 42.69 31.73
CA ALA F 155 -35.69 44.05 31.51
C ALA F 155 -34.41 44.26 32.29
N SER F 156 -33.42 43.44 31.95
CA SER F 156 -32.25 43.25 32.81
C SER F 156 -31.41 44.51 32.95
N ILE F 157 -31.52 45.47 32.03
CA ILE F 157 -30.82 46.72 32.22
C ILE F 157 -31.40 47.44 33.42
N TYR F 158 -32.71 47.33 33.61
CA TYR F 158 -33.37 47.82 34.81
C TYR F 158 -33.54 46.75 35.88
N ASP F 159 -33.39 45.47 35.53
CA ASP F 159 -33.49 44.34 36.47
C ASP F 159 -34.93 44.17 36.96
N LEU F 160 -35.87 44.10 36.01
CA LEU F 160 -37.31 43.99 36.28
C LEU F 160 -37.96 42.99 35.32
N GLU F 161 -39.22 42.65 35.60
CA GLU F 161 -40.14 42.06 34.64
C GLU F 161 -41.28 43.03 34.43
N TYR F 162 -42.32 42.57 33.74
CA TYR F 162 -43.25 43.46 33.07
C TYR F 162 -44.63 42.80 33.02
N GLY F 163 -45.49 43.30 32.15
CA GLY F 163 -46.76 42.66 31.88
C GLY F 163 -47.15 42.87 30.42
N ASP F 164 -48.22 42.21 29.96
CA ASP F 164 -48.83 40.97 30.47
C ASP F 164 -49.38 40.98 31.90
N VAL F 165 -50.42 41.77 32.10
CA VAL F 165 -51.32 41.64 33.24
C VAL F 165 -52.70 41.32 32.67
N PRO F 166 -53.45 40.35 33.22
CA PRO F 166 -54.77 40.05 32.65
C PRO F 166 -55.76 41.19 32.78
N GLN F 167 -56.94 40.98 32.20
CA GLN F 167 -57.94 42.04 32.07
C GLN F 167 -58.92 42.10 33.23
N CYS F 168 -58.93 41.11 34.11
CA CYS F 168 -59.78 41.21 35.29
C CYS F 168 -59.27 42.29 36.22
N MET F 169 -57.94 42.37 36.39
CA MET F 169 -57.33 43.42 37.19
C MET F 169 -57.21 44.73 36.43
N LYS F 170 -57.37 44.70 35.10
CA LYS F 170 -57.48 45.94 34.35
C LYS F 170 -58.65 46.76 34.86
N SER F 171 -58.55 48.07 34.68
CA SER F 171 -59.51 49.08 35.11
C SER F 171 -59.42 49.38 36.59
N ASP F 172 -58.58 48.67 37.37
CA ASP F 172 -58.22 49.15 38.70
C ASP F 172 -56.81 48.68 39.02
N THR F 173 -55.83 49.52 38.70
CA THR F 173 -54.46 49.28 39.13
C THR F 173 -53.69 50.60 39.19
N LEU F 174 -53.45 51.07 40.41
CA LEU F 174 -52.36 51.96 40.79
C LEU F 174 -52.08 53.05 39.75
N GLN F 175 -53.14 53.79 39.40
CA GLN F 175 -52.97 54.91 38.50
C GLN F 175 -52.05 55.94 39.14
N TYR F 176 -51.24 56.59 38.31
CA TYR F 176 -50.12 57.37 38.82
C TYR F 176 -49.77 58.50 37.86
N THR F 177 -48.79 59.30 38.28
CA THR F 177 -48.15 60.31 37.44
C THR F 177 -46.68 59.95 37.30
N SER F 178 -46.07 60.47 36.23
CA SER F 178 -44.66 60.20 35.98
C SER F 178 -43.77 61.03 36.88
N ASP F 179 -44.02 62.33 36.95
CA ASP F 179 -43.16 63.23 37.69
C ASP F 179 -43.42 63.08 39.19
N LYS F 180 -42.72 63.90 39.98
CA LYS F 180 -42.93 63.93 41.42
C LYS F 180 -42.41 65.26 41.96
N PRO F 181 -43.15 65.99 42.78
CA PRO F 181 -42.53 67.07 43.53
C PRO F 181 -41.75 66.52 44.70
N PRO F 182 -41.11 67.37 45.48
CA PRO F 182 -40.51 66.90 46.75
C PRO F 182 -41.57 66.54 47.78
N GLY F 183 -42.35 65.51 47.49
CA GLY F 183 -43.50 65.17 48.30
C GLY F 183 -43.21 64.11 49.34
N PHE F 184 -44.12 63.99 50.29
CA PHE F 184 -44.02 63.01 51.36
C PHE F 184 -44.70 61.71 50.93
N TYR F 185 -44.12 61.10 49.91
CA TYR F 185 -44.61 59.80 49.46
C TYR F 185 -44.43 58.77 50.56
N ASN F 186 -45.37 57.82 50.63
CA ASN F 186 -45.51 56.99 51.81
C ASN F 186 -45.75 55.53 51.45
N TRP F 187 -45.31 54.64 52.34
CA TRP F 187 -45.70 53.25 52.26
C TRP F 187 -45.48 52.58 53.63
N HIS F 188 -45.49 51.25 53.61
CA HIS F 188 -45.38 50.39 54.80
C HIS F 188 -44.28 50.86 55.76
N HIS F 189 -43.05 50.90 55.27
CA HIS F 189 -41.89 51.15 56.11
C HIS F 189 -41.55 52.63 56.24
N GLY F 190 -42.55 53.51 56.10
CA GLY F 190 -42.39 54.92 56.36
C GLY F 190 -42.57 55.75 55.10
N ALA F 191 -42.28 57.03 55.23
CA ALA F 191 -42.44 58.00 54.18
C ALA F 191 -41.08 58.41 53.61
N VAL F 192 -41.14 59.13 52.49
CA VAL F 192 -39.95 59.57 51.78
C VAL F 192 -40.19 60.98 51.24
N GLN F 193 -39.11 61.75 51.21
CA GLN F 193 -39.13 63.02 50.49
C GLN F 193 -37.71 63.40 50.12
N TYR F 194 -37.56 64.02 48.96
CA TYR F 194 -36.26 64.56 48.56
C TYR F 194 -36.51 65.52 47.41
N GLU F 195 -35.57 66.45 47.23
CA GLU F 195 -35.86 67.70 46.54
C GLU F 195 -35.66 67.66 45.03
N ASN F 196 -34.63 66.98 44.51
CA ASN F 196 -34.30 67.06 43.09
C ASN F 196 -34.52 65.75 42.34
N ASN F 197 -33.82 64.68 42.72
CA ASN F 197 -33.57 63.57 41.81
C ASN F 197 -33.81 62.21 42.44
N ARG F 198 -33.79 62.12 43.76
CA ARG F 198 -33.59 60.87 44.48
C ARG F 198 -34.68 60.70 45.53
N PHE F 199 -34.49 59.71 46.40
CA PHE F 199 -35.49 59.33 47.39
C PHE F 199 -34.73 58.78 48.58
N THR F 200 -34.98 59.33 49.77
CA THR F 200 -34.28 58.90 50.97
C THR F 200 -35.24 58.89 52.16
N VAL F 201 -35.12 57.85 52.98
CA VAL F 201 -36.05 57.59 54.07
C VAL F 201 -35.28 57.52 55.37
N PRO F 202 -35.94 57.55 56.53
CA PRO F 202 -35.24 57.30 57.79
C PRO F 202 -34.62 55.92 57.81
N ARG F 203 -33.73 55.73 58.79
CA ARG F 203 -33.01 54.48 58.92
C ARG F 203 -33.98 53.34 59.23
N GLY F 204 -33.57 52.13 58.86
CA GLY F 204 -34.33 50.94 59.20
C GLY F 204 -35.56 50.72 58.38
N VAL F 205 -35.65 51.32 57.20
CA VAL F 205 -36.77 51.05 56.30
C VAL F 205 -36.80 49.58 55.92
N GLY F 206 -35.63 48.95 55.80
CA GLY F 206 -35.54 47.59 55.33
C GLY F 206 -35.36 47.53 53.84
N GLY F 207 -34.18 47.11 53.38
CA GLY F 207 -33.94 46.91 51.96
C GLY F 207 -34.24 45.49 51.58
N LYS F 208 -33.91 44.57 52.48
CA LYS F 208 -34.20 43.16 52.26
C LYS F 208 -35.69 42.92 52.41
N GLY F 209 -36.22 42.05 51.55
CA GLY F 209 -37.63 41.70 51.60
C GLY F 209 -38.58 42.86 51.43
N ASP F 210 -38.12 43.98 50.90
CA ASP F 210 -38.93 45.17 50.75
C ASP F 210 -38.94 45.69 49.31
N SER F 211 -37.88 45.45 48.56
CA SER F 211 -37.74 46.05 47.24
C SER F 211 -38.83 45.51 46.33
N GLY F 212 -39.74 46.40 45.93
CA GLY F 212 -40.97 46.04 45.29
C GLY F 212 -42.12 46.91 45.75
N ARG F 213 -41.94 47.63 46.85
CA ARG F 213 -42.95 48.58 47.29
C ARG F 213 -43.12 49.64 46.22
N PRO F 214 -44.34 49.90 45.74
CA PRO F 214 -44.56 51.13 44.97
C PRO F 214 -44.52 52.33 45.88
N ILE F 215 -44.38 53.50 45.28
CA ILE F 215 -44.00 54.72 45.98
C ILE F 215 -45.15 55.69 45.81
N LEU F 216 -46.04 55.72 46.79
CA LEU F 216 -47.36 56.32 46.64
C LEU F 216 -47.46 57.64 47.37
N ASP F 217 -48.12 58.59 46.73
CA ASP F 217 -48.49 59.84 47.37
C ASP F 217 -49.52 59.56 48.46
N ASN F 218 -49.74 60.56 49.31
CA ASN F 218 -50.94 60.55 50.14
C ASN F 218 -52.18 60.42 49.26
N LYS F 219 -52.15 61.06 48.09
CA LYS F 219 -53.19 60.85 47.10
C LYS F 219 -53.21 59.42 46.59
N GLY F 220 -52.05 58.78 46.53
CA GLY F 220 -51.93 57.38 46.15
C GLY F 220 -51.45 57.17 44.73
N ARG F 221 -50.44 57.94 44.32
CA ARG F 221 -49.93 57.93 42.96
C ARG F 221 -48.49 57.43 42.96
N VAL F 222 -48.22 56.41 42.14
CA VAL F 222 -46.93 55.72 42.10
C VAL F 222 -45.97 56.51 41.23
N VAL F 223 -45.01 57.19 41.85
CA VAL F 223 -43.94 57.85 41.12
C VAL F 223 -42.68 57.03 41.03
N ALA F 224 -42.58 55.93 41.79
CA ALA F 224 -41.36 55.16 41.82
C ALA F 224 -41.66 53.77 42.37
N ILE F 225 -40.65 52.91 42.31
CA ILE F 225 -40.65 51.61 42.99
C ILE F 225 -39.27 51.44 43.61
N VAL F 226 -39.23 50.78 44.75
CA VAL F 226 -37.96 50.56 45.45
C VAL F 226 -37.05 49.70 44.58
N LEU F 227 -35.78 50.10 44.52
CA LEU F 227 -34.70 49.19 44.18
C LEU F 227 -33.84 48.82 45.36
N GLY F 228 -33.57 49.75 46.28
CA GLY F 228 -32.58 49.46 47.30
C GLY F 228 -32.07 50.72 47.98
N GLY F 229 -30.75 50.92 47.98
CA GLY F 229 -30.20 52.18 48.42
C GLY F 229 -29.61 52.17 49.82
N VAL F 230 -28.28 52.16 49.90
CA VAL F 230 -27.57 51.98 51.16
C VAL F 230 -27.98 53.04 52.18
N ASN F 231 -27.79 52.70 53.45
CA ASN F 231 -27.90 53.66 54.53
C ASN F 231 -27.06 54.89 54.24
N GLU F 232 -27.66 56.06 54.40
CA GLU F 232 -27.04 57.33 54.10
C GLU F 232 -26.86 58.06 55.42
N GLY F 233 -25.76 57.75 56.11
CA GLY F 233 -25.51 58.31 57.42
C GLY F 233 -26.68 58.08 58.35
N SER F 234 -27.39 59.17 58.65
CA SER F 234 -28.59 59.06 59.47
C SER F 234 -29.71 58.41 58.68
N ARG F 235 -30.14 59.04 57.60
CA ARG F 235 -31.22 58.50 56.79
C ARG F 235 -30.73 57.29 56.00
N THR F 236 -31.62 56.73 55.19
CA THR F 236 -31.32 55.69 54.24
C THR F 236 -31.77 56.13 52.86
N ALA F 237 -31.00 55.73 51.86
CA ALA F 237 -31.30 56.08 50.49
C ALA F 237 -32.53 55.33 50.01
N LEU F 238 -32.87 55.56 48.75
CA LEU F 238 -33.70 54.63 48.00
C LEU F 238 -33.22 54.66 46.55
N SER F 239 -32.45 53.66 46.16
CA SER F 239 -32.39 53.35 44.75
C SER F 239 -33.79 52.97 44.33
N VAL F 240 -34.23 53.48 43.19
CA VAL F 240 -35.58 53.21 42.72
C VAL F 240 -35.56 52.98 41.23
N VAL F 241 -36.72 52.61 40.72
CA VAL F 241 -37.07 52.83 39.33
C VAL F 241 -38.27 53.76 39.33
N THR F 242 -38.22 54.74 38.43
CA THR F 242 -39.19 55.82 38.44
C THR F 242 -39.39 56.27 37.00
N TRP F 243 -39.94 57.47 36.84
CA TRP F 243 -40.15 58.07 35.55
C TRP F 243 -39.50 59.44 35.50
N ASN F 244 -38.89 59.76 34.37
CA ASN F 244 -38.36 61.09 34.12
C ASN F 244 -39.48 62.12 34.17
N GLN F 245 -39.09 63.39 34.31
CA GLN F 245 -40.04 64.47 34.13
C GLN F 245 -40.70 64.39 32.75
N LYS F 246 -39.92 64.01 31.73
CA LYS F 246 -40.49 63.77 30.42
C LYS F 246 -41.45 62.60 30.43
N GLY F 247 -41.28 61.67 31.36
CA GLY F 247 -42.00 60.41 31.39
C GLY F 247 -41.11 59.20 31.23
N VAL F 248 -39.89 59.37 30.72
CA VAL F 248 -39.01 58.24 30.42
C VAL F 248 -38.78 57.44 31.68
N THR F 249 -39.17 56.17 31.63
CA THR F 249 -38.91 55.25 32.73
C THR F 249 -37.41 55.08 32.90
N VAL F 250 -36.91 55.46 34.08
CA VAL F 250 -35.50 55.40 34.39
C VAL F 250 -35.34 54.72 35.74
N LYS F 251 -34.10 54.30 36.02
CA LYS F 251 -33.72 53.85 37.35
C LYS F 251 -32.73 54.82 37.96
N ASP F 252 -32.94 55.10 39.23
CA ASP F 252 -32.08 55.97 40.02
C ASP F 252 -31.29 55.10 41.00
N THR F 253 -30.00 55.33 41.07
CA THR F 253 -29.08 54.45 41.77
C THR F 253 -27.99 55.25 42.46
N PRO F 254 -27.94 55.27 43.78
CA PRO F 254 -26.71 55.67 44.46
C PRO F 254 -25.69 54.54 44.45
N GLU F 255 -24.46 54.90 44.76
CA GLU F 255 -23.37 53.95 44.71
C GLU F 255 -23.52 52.91 45.80
N GLY F 256 -23.24 51.66 45.45
CA GLY F 256 -23.31 50.56 46.39
C GLY F 256 -24.72 50.32 46.89
N SER F 257 -25.64 50.03 45.98
CA SER F 257 -27.03 49.84 46.36
C SER F 257 -27.21 48.52 47.09
N GLU F 258 -28.46 48.19 47.38
CA GLU F 258 -28.82 47.15 48.33
C GLU F 258 -29.38 45.92 47.62
N PRO F 259 -29.32 44.75 48.27
CA PRO F 259 -30.10 43.60 47.80
C PRO F 259 -31.57 43.75 48.17
N TRP F 260 -32.36 42.78 47.73
CA TRP F 260 -33.81 42.91 47.67
C TRP F 260 -34.52 41.95 48.62
N TYR G 1 1.50 -56.58 37.75
CA TYR G 1 2.36 -55.53 37.16
C TYR G 1 1.94 -55.17 35.74
N GLU G 2 0.73 -55.57 35.34
CA GLU G 2 0.30 -55.32 33.97
C GLU G 2 0.08 -53.84 33.81
N HIS G 3 1.09 -53.14 33.31
CA HIS G 3 1.19 -51.69 33.44
C HIS G 3 0.25 -51.00 32.48
N THR G 4 -1.00 -50.83 32.92
CA THR G 4 -1.93 -49.95 32.23
C THR G 4 -1.35 -48.55 32.16
N ALA G 5 -1.63 -47.86 31.06
CA ALA G 5 -1.19 -46.48 30.91
C ALA G 5 -1.99 -45.80 29.82
N VAL G 6 -2.72 -44.75 30.19
CA VAL G 6 -3.21 -43.83 29.18
C VAL G 6 -2.00 -43.18 28.54
N MET G 7 -2.12 -42.86 27.26
CA MET G 7 -0.95 -42.54 26.47
C MET G 7 -1.30 -41.67 25.28
N PRO G 8 -0.69 -40.49 25.11
CA PRO G 8 -1.09 -39.61 24.01
C PRO G 8 -0.74 -40.19 22.66
N ASN G 9 -1.67 -40.08 21.73
CA ASN G 9 -1.43 -40.48 20.35
C ASN G 9 -0.59 -39.41 19.69
N LYS G 10 0.69 -39.71 19.52
CA LYS G 10 1.62 -38.83 18.84
C LYS G 10 2.82 -39.66 18.46
N VAL G 11 3.31 -39.46 17.25
CA VAL G 11 4.01 -40.54 16.58
C VAL G 11 5.47 -40.61 17.03
N GLY G 12 6.21 -39.52 16.92
CA GLY G 12 7.64 -39.62 16.76
C GLY G 12 8.42 -39.33 18.01
N ILE G 13 7.96 -39.86 19.14
CA ILE G 13 8.55 -39.49 20.42
C ILE G 13 8.26 -40.57 21.46
N PRO G 14 9.24 -41.04 22.23
CA PRO G 14 8.95 -42.08 23.21
C PRO G 14 8.20 -41.52 24.41
N TYR G 15 7.73 -42.46 25.24
CA TYR G 15 6.76 -42.21 26.30
C TYR G 15 7.20 -42.92 27.57
N LYS G 16 8.40 -42.61 28.02
CA LYS G 16 9.14 -43.51 28.90
C LYS G 16 8.50 -43.68 30.26
N ALA G 17 7.38 -44.39 30.31
CA ALA G 17 6.72 -44.68 31.57
C ALA G 17 7.58 -45.57 32.46
N LEU G 18 7.11 -45.86 33.66
CA LEU G 18 7.89 -46.57 34.67
C LEU G 18 7.02 -47.65 35.30
N VAL G 19 7.55 -48.87 35.35
CA VAL G 19 6.85 -50.00 35.94
C VAL G 19 7.08 -49.97 37.45
N GLU G 20 6.03 -49.65 38.20
CA GLU G 20 6.08 -49.68 39.66
C GLU G 20 5.48 -50.98 40.19
N ARG G 21 6.15 -52.08 39.90
CA ARG G 21 5.76 -53.36 40.47
C ARG G 21 6.13 -53.38 41.95
N PRO G 22 5.18 -53.57 42.87
CA PRO G 22 5.59 -53.72 44.28
C PRO G 22 6.34 -55.02 44.49
N GLY G 23 7.61 -54.90 44.86
CA GLY G 23 8.38 -56.05 45.32
C GLY G 23 9.74 -56.17 44.67
N TYR G 24 9.84 -55.88 43.38
CA TYR G 24 11.10 -55.96 42.65
C TYR G 24 11.43 -54.58 42.11
N ALA G 25 12.61 -54.48 41.50
CA ALA G 25 13.07 -53.19 41.04
C ALA G 25 12.19 -52.69 39.90
N PRO G 26 11.87 -51.39 39.87
CA PRO G 26 11.08 -50.88 38.76
C PRO G 26 11.88 -50.92 37.47
N VAL G 27 11.15 -50.82 36.36
CA VAL G 27 11.75 -50.79 35.04
C VAL G 27 11.07 -49.70 34.23
N HIS G 28 11.86 -48.97 33.48
CA HIS G 28 11.38 -47.93 32.61
C HIS G 28 10.75 -48.53 31.35
N LEU G 29 9.87 -47.77 30.75
CA LEU G 29 9.41 -48.01 29.40
C LEU G 29 10.15 -47.10 28.44
N GLN G 30 10.02 -47.40 27.16
CA GLN G 30 10.29 -46.44 26.11
C GLN G 30 9.34 -46.79 24.98
N ILE G 31 8.16 -46.19 24.99
CA ILE G 31 7.11 -46.54 24.04
C ILE G 31 7.03 -45.41 23.03
N GLN G 32 7.52 -45.68 21.83
CA GLN G 32 7.51 -44.74 20.73
C GLN G 32 6.57 -45.28 19.66
N LEU G 33 5.41 -44.64 19.53
CA LEU G 33 4.42 -45.00 18.51
C LEU G 33 4.91 -44.53 17.16
N VAL G 34 5.87 -45.25 16.60
CA VAL G 34 6.55 -44.85 15.37
C VAL G 34 5.58 -44.61 14.22
N ASN G 35 4.41 -45.24 14.25
CA ASN G 35 3.42 -45.03 13.20
C ASN G 35 2.01 -45.18 13.76
N THR G 36 1.07 -44.55 13.07
CA THR G 36 -0.36 -44.61 13.38
C THR G 36 -1.13 -44.84 12.09
N ARG G 37 -0.71 -45.84 11.32
CA ARG G 37 -1.38 -46.10 10.06
C ARG G 37 -2.71 -46.80 10.32
N ILE G 38 -3.73 -46.40 9.57
CA ILE G 38 -5.12 -46.52 9.98
C ILE G 38 -5.83 -47.65 9.24
N ILE G 39 -5.96 -47.53 7.93
CA ILE G 39 -6.55 -48.57 7.09
C ILE G 39 -7.99 -48.74 7.53
N PRO G 40 -8.85 -47.79 7.21
CA PRO G 40 -10.27 -47.97 7.49
C PRO G 40 -10.88 -49.03 6.58
N SER G 41 -12.09 -49.43 6.95
CA SER G 41 -12.87 -50.31 6.13
C SER G 41 -13.43 -49.53 4.96
N THR G 42 -13.30 -50.10 3.76
CA THR G 42 -13.62 -49.39 2.53
C THR G 42 -14.25 -50.33 1.52
N ASN G 43 -14.63 -49.76 0.38
CA ASN G 43 -15.20 -50.52 -0.71
C ASN G 43 -14.88 -49.82 -2.02
N LEU G 44 -14.31 -50.55 -2.96
CA LEU G 44 -14.11 -50.01 -4.29
C LEU G 44 -15.46 -49.90 -4.97
N GLU G 45 -15.92 -48.68 -5.19
CA GLU G 45 -17.25 -48.43 -5.73
C GLU G 45 -17.23 -48.33 -7.23
N TYR G 46 -16.32 -47.52 -7.77
CA TYR G 46 -16.11 -47.48 -9.20
C TYR G 46 -14.83 -46.74 -9.47
N ILE G 47 -14.06 -47.25 -10.39
CA ILE G 47 -13.00 -46.47 -10.99
C ILE G 47 -13.66 -45.51 -11.95
N THR G 48 -13.10 -44.32 -12.06
CA THR G 48 -13.35 -43.48 -13.20
C THR G 48 -12.03 -43.06 -13.81
N CYS G 49 -12.14 -42.43 -14.95
CA CYS G 49 -11.02 -42.11 -15.82
C CYS G 49 -11.64 -41.31 -16.95
N LYS G 50 -10.78 -40.78 -17.82
CA LYS G 50 -11.30 -40.08 -18.97
C LYS G 50 -11.70 -41.08 -20.03
N TYR G 51 -12.79 -40.77 -20.71
CA TYR G 51 -13.31 -41.62 -21.76
C TYR G 51 -12.31 -41.73 -22.89
N LYS G 52 -12.64 -42.56 -23.89
CA LYS G 52 -12.10 -42.41 -25.22
C LYS G 52 -13.22 -42.75 -26.19
N THR G 53 -13.62 -41.77 -26.98
CA THR G 53 -14.66 -41.94 -27.98
C THR G 53 -14.05 -42.76 -29.12
N LYS G 54 -13.91 -44.06 -28.87
CA LYS G 54 -13.30 -44.97 -29.84
C LYS G 54 -14.39 -45.34 -30.84
N VAL G 55 -14.58 -44.42 -31.79
CA VAL G 55 -15.64 -44.48 -32.79
C VAL G 55 -15.53 -45.75 -33.61
N PRO G 56 -16.57 -46.58 -33.68
CA PRO G 56 -16.62 -47.57 -34.75
C PRO G 56 -16.93 -46.90 -36.08
N SER G 57 -16.33 -47.45 -37.09
CA SER G 57 -16.28 -46.81 -38.38
C SER G 57 -17.67 -46.74 -39.02
N PRO G 58 -18.16 -45.56 -39.38
CA PRO G 58 -19.56 -45.43 -39.77
C PRO G 58 -19.89 -46.19 -41.05
N VAL G 59 -21.16 -46.53 -41.17
CA VAL G 59 -21.69 -47.12 -42.39
C VAL G 59 -22.03 -45.99 -43.35
N VAL G 60 -21.86 -46.29 -44.63
CA VAL G 60 -22.27 -45.38 -45.69
C VAL G 60 -22.99 -46.21 -46.74
N LYS G 61 -24.31 -46.25 -46.67
CA LYS G 61 -25.11 -46.82 -47.73
C LYS G 61 -25.33 -45.75 -48.79
N CYS G 62 -25.17 -46.15 -50.05
CA CYS G 62 -25.06 -45.18 -51.12
C CYS G 62 -26.39 -44.71 -51.64
N CYS G 63 -27.42 -45.55 -51.63
CA CYS G 63 -28.73 -45.16 -52.15
C CYS G 63 -29.79 -45.78 -51.25
N GLY G 64 -30.19 -45.04 -50.23
CA GLY G 64 -31.26 -45.42 -49.34
C GLY G 64 -30.77 -45.54 -47.91
N ALA G 65 -31.73 -45.80 -47.03
CA ALA G 65 -31.50 -45.65 -45.60
C ALA G 65 -30.87 -46.91 -45.00
N THR G 66 -30.20 -46.69 -43.88
CA THR G 66 -29.66 -47.77 -43.04
C THR G 66 -30.10 -47.45 -41.62
N GLN G 67 -31.18 -48.07 -41.17
CA GLN G 67 -31.65 -47.86 -39.81
C GLN G 67 -30.61 -48.38 -38.83
N CYS G 68 -30.33 -47.57 -37.81
CA CYS G 68 -29.43 -47.97 -36.74
C CYS G 68 -30.22 -48.66 -35.63
N THR G 69 -29.51 -49.46 -34.84
CA THR G 69 -30.04 -50.09 -33.65
C THR G 69 -29.20 -49.70 -32.46
N SER G 70 -29.81 -49.79 -31.28
CA SER G 70 -29.15 -49.38 -30.04
C SER G 70 -28.33 -50.54 -29.53
N LYS G 71 -27.09 -50.63 -30.00
CA LYS G 71 -26.20 -51.67 -29.56
C LYS G 71 -25.90 -51.48 -28.07
N PRO G 72 -25.54 -52.55 -27.36
CA PRO G 72 -25.37 -52.45 -25.91
C PRO G 72 -24.04 -51.87 -25.45
N HIS G 73 -23.26 -51.26 -26.34
CA HIS G 73 -22.02 -50.65 -25.90
C HIS G 73 -22.32 -49.53 -24.90
N PRO G 74 -21.40 -49.23 -23.99
CA PRO G 74 -21.66 -48.15 -23.03
C PRO G 74 -21.83 -46.81 -23.72
N ASP G 75 -22.98 -46.19 -23.49
CA ASP G 75 -23.33 -44.91 -24.09
C ASP G 75 -23.24 -45.01 -25.61
N TYR G 76 -23.86 -46.05 -26.15
CA TYR G 76 -23.79 -46.29 -27.57
C TYR G 76 -24.64 -45.26 -28.29
N GLN G 77 -24.01 -44.17 -28.68
CA GLN G 77 -24.67 -43.13 -29.43
C GLN G 77 -24.55 -43.46 -30.91
N CYS G 78 -25.69 -43.51 -31.58
CA CYS G 78 -25.75 -43.80 -33.00
C CYS G 78 -26.92 -43.04 -33.59
N GLN G 79 -26.68 -42.39 -34.72
CA GLN G 79 -27.70 -41.60 -35.38
C GLN G 79 -27.50 -41.74 -36.88
N VAL G 80 -28.54 -42.19 -37.57
CA VAL G 80 -28.52 -42.26 -39.02
C VAL G 80 -28.46 -40.83 -39.56
N PHE G 81 -27.82 -40.69 -40.72
CA PHE G 81 -27.79 -39.42 -41.42
C PHE G 81 -27.88 -39.65 -42.91
N THR G 82 -28.62 -38.77 -43.57
CA THR G 82 -28.74 -38.77 -45.02
C THR G 82 -28.15 -37.47 -45.55
N GLY G 83 -28.31 -37.26 -46.85
CA GLY G 83 -27.91 -36.03 -47.47
C GLY G 83 -26.42 -35.82 -47.40
N VAL G 84 -25.66 -36.78 -47.92
CA VAL G 84 -24.23 -36.69 -48.01
C VAL G 84 -23.79 -36.98 -49.44
N TYR G 85 -22.50 -36.95 -49.67
CA TYR G 85 -21.89 -37.09 -50.98
C TYR G 85 -20.42 -37.33 -50.69
N PRO G 86 -20.09 -38.43 -50.05
CA PRO G 86 -18.84 -38.52 -49.28
C PRO G 86 -17.57 -38.58 -50.11
N PHE G 87 -16.84 -37.47 -50.14
CA PHE G 87 -15.54 -37.44 -50.80
C PHE G 87 -14.59 -38.41 -50.13
N MET G 88 -14.23 -39.47 -50.83
CA MET G 88 -13.31 -40.48 -50.31
C MET G 88 -12.37 -40.88 -51.44
N TRP G 89 -11.29 -40.12 -51.60
CA TRP G 89 -10.13 -40.49 -52.43
C TRP G 89 -10.36 -40.46 -53.93
N GLY G 90 -11.60 -40.33 -54.38
CA GLY G 90 -11.92 -40.29 -55.79
C GLY G 90 -13.00 -39.27 -56.03
N GLY G 91 -12.98 -38.21 -55.24
CA GLY G 91 -14.18 -37.42 -55.08
C GLY G 91 -15.16 -38.26 -54.29
N ALA G 92 -16.45 -37.98 -54.48
CA ALA G 92 -17.46 -38.83 -53.89
C ALA G 92 -17.39 -40.23 -54.53
N TYR G 93 -18.12 -41.17 -53.94
CA TYR G 93 -18.18 -42.51 -54.50
C TYR G 93 -19.59 -43.05 -54.62
N CYS G 94 -20.49 -42.61 -53.74
CA CYS G 94 -21.89 -43.02 -53.85
C CYS G 94 -22.58 -42.16 -54.90
N PHE G 95 -23.20 -42.81 -55.88
CA PHE G 95 -23.65 -42.12 -57.08
C PHE G 95 -24.94 -41.35 -56.88
N CYS G 96 -25.76 -41.71 -55.89
CA CYS G 96 -26.92 -40.89 -55.56
C CYS G 96 -26.43 -39.56 -54.95
N ASP G 97 -27.38 -38.69 -54.59
CA ASP G 97 -27.06 -37.38 -54.07
C ASP G 97 -27.83 -36.99 -52.81
N THR G 98 -28.97 -37.59 -52.54
CA THR G 98 -29.67 -37.43 -51.27
C THR G 98 -29.92 -38.76 -50.60
N GLU G 99 -30.13 -39.80 -51.39
CA GLU G 99 -30.23 -41.16 -50.87
C GLU G 99 -28.90 -41.66 -50.34
N ASN G 100 -27.81 -40.96 -50.62
CA ASN G 100 -26.54 -41.20 -49.94
C ASN G 100 -26.77 -41.11 -48.44
N THR G 101 -26.61 -42.24 -47.75
CA THR G 101 -26.88 -42.35 -46.34
C THR G 101 -25.59 -42.62 -45.59
N GLN G 102 -25.50 -42.07 -44.40
CA GLN G 102 -24.34 -42.20 -43.53
C GLN G 102 -24.84 -42.45 -42.13
N MET G 103 -24.45 -43.58 -41.55
CA MET G 103 -24.86 -43.95 -40.20
C MET G 103 -23.64 -43.86 -39.31
N SER G 104 -23.63 -42.85 -38.45
CA SER G 104 -22.56 -42.66 -37.50
C SER G 104 -22.91 -43.35 -36.20
N GLU G 105 -21.92 -44.02 -35.62
CA GLU G 105 -22.08 -44.68 -34.34
C GLU G 105 -20.82 -44.47 -33.52
N ALA G 106 -21.01 -44.20 -32.24
CA ALA G 106 -19.89 -44.00 -31.34
C ALA G 106 -20.31 -44.41 -29.94
N TYR G 107 -19.46 -45.17 -29.27
CA TYR G 107 -19.66 -45.54 -27.90
C TYR G 107 -18.48 -45.10 -27.07
N VAL G 108 -18.70 -45.05 -25.79
CA VAL G 108 -17.69 -44.65 -24.83
C VAL G 108 -16.94 -45.90 -24.38
N GLU G 109 -15.64 -45.73 -24.15
CA GLU G 109 -14.82 -46.84 -23.68
C GLU G 109 -13.74 -46.29 -22.77
N ARG G 110 -13.36 -47.13 -21.82
CA ARG G 110 -12.25 -46.81 -20.94
C ARG G 110 -11.00 -46.50 -21.74
N SER G 111 -10.31 -45.44 -21.36
CA SER G 111 -9.01 -45.18 -21.94
C SER G 111 -8.04 -46.29 -21.57
N GLU G 112 -6.90 -46.30 -22.27
CA GLU G 112 -5.81 -47.14 -21.82
C GLU G 112 -5.24 -46.61 -20.53
N GLU G 113 -5.35 -45.30 -20.29
CA GLU G 113 -4.93 -44.73 -19.03
C GLU G 113 -5.85 -45.10 -17.88
N CYS G 114 -7.07 -45.52 -18.19
CA CYS G 114 -8.01 -45.92 -17.14
C CYS G 114 -7.43 -47.02 -16.28
N SER G 115 -6.63 -47.90 -16.87
CA SER G 115 -6.02 -48.98 -16.11
C SER G 115 -5.08 -48.45 -15.05
N ILE G 116 -4.42 -47.32 -15.34
CA ILE G 116 -3.23 -46.91 -14.61
C ILE G 116 -3.36 -45.52 -14.03
N ASP G 117 -3.88 -44.57 -14.80
CA ASP G 117 -4.11 -43.20 -14.37
C ASP G 117 -5.61 -43.04 -14.26
N HIS G 118 -6.10 -43.15 -13.03
CA HIS G 118 -7.53 -43.27 -12.83
C HIS G 118 -7.87 -42.81 -11.42
N ALA G 119 -8.88 -41.99 -11.32
CA ALA G 119 -9.43 -41.73 -10.01
C ALA G 119 -10.15 -42.96 -9.52
N LYS G 120 -10.50 -42.96 -8.24
CA LYS G 120 -11.00 -44.17 -7.62
C LYS G 120 -11.84 -43.78 -6.42
N ALA G 121 -13.14 -44.04 -6.50
CA ALA G 121 -14.05 -43.69 -5.43
C ALA G 121 -14.06 -44.78 -4.37
N TYR G 122 -14.61 -44.43 -3.22
CA TYR G 122 -14.73 -45.38 -2.12
C TYR G 122 -15.85 -44.93 -1.20
N LYS G 123 -16.59 -45.90 -0.67
CA LYS G 123 -17.38 -45.70 0.54
C LYS G 123 -16.52 -46.17 1.71
N VAL G 124 -16.19 -45.24 2.59
CA VAL G 124 -15.17 -45.44 3.61
C VAL G 124 -15.82 -45.51 4.96
N HIS G 125 -15.64 -46.64 5.63
CA HIS G 125 -16.03 -46.87 7.01
C HIS G 125 -14.79 -46.69 7.90
N THR G 126 -14.86 -47.15 9.15
CA THR G 126 -13.86 -46.75 10.14
C THR G 126 -12.65 -47.69 10.23
N GLY G 127 -12.83 -49.00 10.14
CA GLY G 127 -11.74 -49.97 10.27
C GLY G 127 -10.97 -49.87 11.57
N THR G 128 -9.66 -50.14 11.49
CA THR G 128 -8.86 -50.49 12.67
C THR G 128 -7.42 -50.03 12.49
N VAL G 129 -6.91 -49.22 13.43
CA VAL G 129 -5.63 -48.54 13.26
C VAL G 129 -4.48 -49.39 13.80
N GLN G 130 -3.27 -49.13 13.30
CA GLN G 130 -2.09 -49.96 13.50
C GLN G 130 -0.87 -49.10 13.86
N ALA G 131 0.27 -49.76 14.10
CA ALA G 131 1.50 -49.09 14.51
C ALA G 131 2.66 -50.07 14.56
N MET G 132 3.87 -49.64 14.18
CA MET G 132 5.08 -50.47 14.29
C MET G 132 5.83 -50.17 15.58
N VAL G 133 5.15 -50.24 16.71
CA VAL G 133 5.65 -49.71 17.97
C VAL G 133 7.04 -50.25 18.27
N ASN G 134 8.03 -49.36 18.33
CA ASN G 134 9.30 -49.75 18.93
C ASN G 134 9.16 -49.59 20.43
N ILE G 135 9.67 -50.58 21.14
CA ILE G 135 10.06 -50.39 22.53
C ILE G 135 11.48 -50.92 22.65
N THR G 136 12.41 -50.02 22.95
CA THR G 136 13.74 -50.41 23.38
C THR G 136 13.68 -50.61 24.90
N TYR G 137 13.04 -51.71 25.27
CA TYR G 137 12.57 -51.89 26.64
C TYR G 137 13.70 -52.14 27.63
N GLY G 138 13.58 -51.52 28.80
CA GLY G 138 14.28 -51.92 30.01
C GLY G 138 15.76 -52.16 29.82
N SER G 139 16.13 -53.43 29.93
CA SER G 139 17.40 -53.93 29.43
C SER G 139 17.23 -54.81 28.20
N VAL G 140 16.00 -55.11 27.80
CA VAL G 140 15.77 -55.84 26.56
C VAL G 140 16.34 -55.05 25.39
N SER G 141 16.07 -53.74 25.38
CA SER G 141 16.64 -52.76 24.47
C SER G 141 16.08 -52.84 23.07
N TRP G 142 15.15 -53.76 22.78
CA TRP G 142 14.61 -53.80 21.43
C TRP G 142 13.36 -54.65 21.24
N ARG G 143 12.37 -54.06 20.57
CA ARG G 143 11.36 -54.78 19.82
C ARG G 143 10.73 -53.75 18.91
N SER G 144 10.62 -54.03 17.62
CA SER G 144 9.94 -53.15 16.68
C SER G 144 8.85 -53.96 16.00
N ALA G 145 7.66 -53.93 16.60
CA ALA G 145 6.59 -54.82 16.23
C ALA G 145 5.38 -54.05 15.72
N ASP G 146 4.67 -54.68 14.79
CA ASP G 146 3.44 -54.15 14.25
C ASP G 146 2.28 -54.64 15.11
N VAL G 147 1.41 -53.71 15.51
CA VAL G 147 0.36 -53.98 16.47
C VAL G 147 -0.95 -53.43 15.95
N TYR G 148 -1.97 -53.55 16.78
CA TYR G 148 -3.30 -53.04 16.54
C TYR G 148 -3.67 -52.05 17.64
N VAL G 149 -4.92 -51.64 17.63
CA VAL G 149 -5.48 -50.67 18.56
C VAL G 149 -6.60 -51.26 19.39
N ASN G 150 -7.25 -52.29 18.90
CA ASN G 150 -8.42 -52.84 19.56
C ASN G 150 -8.02 -53.43 20.90
N GLY G 151 -8.69 -53.01 21.96
CA GLY G 151 -8.17 -53.19 23.30
C GLY G 151 -8.28 -54.58 23.87
N GLU G 152 -8.02 -55.60 23.06
CA GLU G 152 -7.70 -56.92 23.60
C GLU G 152 -6.65 -57.64 22.77
N THR G 153 -6.05 -56.99 21.78
CA THR G 153 -5.06 -57.63 20.94
C THR G 153 -3.69 -57.54 21.57
N PRO G 154 -3.04 -58.66 21.89
CA PRO G 154 -1.60 -58.63 22.16
C PRO G 154 -0.80 -58.75 20.87
N ALA G 155 0.51 -58.52 21.03
CA ALA G 155 1.46 -58.84 19.96
C ALA G 155 2.77 -59.26 20.65
N LYS G 156 2.92 -60.56 20.84
CA LYS G 156 4.09 -61.12 21.50
C LYS G 156 5.23 -61.22 20.49
N ILE G 157 5.78 -60.05 20.16
CA ILE G 157 6.95 -59.93 19.31
C ILE G 157 8.02 -59.27 20.16
N GLY G 158 9.13 -59.97 20.36
CA GLY G 158 10.09 -59.63 21.38
C GLY G 158 9.93 -60.58 22.54
N ASP G 159 9.61 -60.04 23.71
CA ASP G 159 9.20 -60.84 24.86
C ASP G 159 7.99 -60.30 25.58
N ALA G 160 7.61 -59.05 25.35
CA ALA G 160 6.54 -58.43 26.09
C ALA G 160 5.22 -58.58 25.36
N LYS G 161 4.16 -58.69 26.14
CA LYS G 161 2.80 -58.75 25.64
C LYS G 161 2.13 -57.42 25.92
N LEU G 162 1.57 -56.81 24.89
CA LEU G 162 1.14 -55.42 24.95
C LEU G 162 -0.23 -55.27 24.33
N ILE G 163 -1.12 -54.58 25.04
CA ILE G 163 -2.48 -54.37 24.60
C ILE G 163 -2.68 -52.87 24.49
N ILE G 164 -3.27 -52.45 23.39
CA ILE G 164 -3.31 -51.07 22.97
C ILE G 164 -4.77 -50.70 22.77
N GLY G 165 -5.09 -49.46 23.09
CA GLY G 165 -6.36 -48.87 22.75
C GLY G 165 -7.53 -49.63 23.34
N PRO G 166 -8.74 -49.43 22.80
CA PRO G 166 -9.09 -48.58 21.67
C PRO G 166 -8.92 -47.11 21.96
N LEU G 167 -8.41 -46.37 20.99
CA LEU G 167 -8.23 -44.95 21.16
C LEU G 167 -9.56 -44.25 21.28
N SER G 168 -9.56 -43.11 21.97
CA SER G 168 -10.76 -42.33 22.15
C SER G 168 -11.02 -41.37 21.00
N SER G 169 -10.02 -41.12 20.17
CA SER G 169 -10.06 -40.05 19.18
C SER G 169 -10.44 -40.64 17.83
N ALA G 170 -11.72 -40.89 17.66
CA ALA G 170 -12.22 -41.64 16.52
C ALA G 170 -12.34 -40.81 15.25
N TRP G 171 -11.67 -39.66 15.17
CA TRP G 171 -11.73 -38.88 13.94
C TRP G 171 -11.01 -39.65 12.85
N SER G 172 -11.78 -40.30 12.01
CA SER G 172 -11.22 -40.79 10.77
C SER G 172 -11.06 -39.58 9.85
N PRO G 173 -9.85 -39.18 9.49
CA PRO G 173 -9.71 -38.01 8.62
C PRO G 173 -10.35 -38.23 7.27
N PHE G 174 -10.40 -39.48 6.80
CA PHE G 174 -11.24 -39.80 5.67
C PHE G 174 -12.69 -39.49 6.01
N ASP G 175 -13.38 -38.88 5.05
CA ASP G 175 -14.82 -38.76 5.15
C ASP G 175 -15.46 -40.09 4.76
N ASN G 176 -16.79 -40.11 4.75
CA ASN G 176 -17.50 -41.32 4.32
C ASN G 176 -17.18 -41.63 2.86
N LYS G 177 -17.35 -40.64 1.99
CA LYS G 177 -17.10 -40.77 0.57
C LYS G 177 -15.74 -40.17 0.25
N VAL G 178 -14.95 -40.90 -0.52
CA VAL G 178 -13.59 -40.52 -0.83
C VAL G 178 -13.33 -40.85 -2.29
N VAL G 179 -12.59 -39.96 -2.95
CA VAL G 179 -11.98 -40.25 -4.23
C VAL G 179 -10.49 -40.33 -4.01
N VAL G 180 -9.84 -41.15 -4.82
CA VAL G 180 -8.43 -41.46 -4.67
C VAL G 180 -7.78 -41.41 -6.05
N TYR G 181 -6.57 -40.86 -6.11
CA TYR G 181 -5.90 -40.66 -7.39
C TYR G 181 -4.40 -40.81 -7.18
N GLY G 182 -3.89 -42.00 -7.46
CA GLY G 182 -2.47 -42.20 -7.57
C GLY G 182 -1.76 -42.14 -6.24
N HIS G 183 -1.67 -40.92 -5.69
CA HIS G 183 -1.34 -40.72 -4.29
C HIS G 183 -2.16 -39.63 -3.62
N GLU G 184 -2.72 -38.71 -4.38
CA GLU G 184 -3.49 -37.62 -3.80
C GLU G 184 -4.89 -38.11 -3.53
N VAL G 185 -5.29 -38.08 -2.26
CA VAL G 185 -6.55 -38.62 -1.79
C VAL G 185 -7.48 -37.46 -1.49
N TYR G 186 -8.70 -37.55 -2.02
CA TYR G 186 -9.67 -36.47 -1.96
C TYR G 186 -10.92 -36.99 -1.27
N ASN G 187 -11.27 -36.36 -0.15
CA ASN G 187 -12.45 -36.74 0.63
C ASN G 187 -13.70 -36.14 -0.01
N TYR G 188 -13.93 -36.56 -1.24
CA TYR G 188 -14.89 -35.92 -2.13
C TYR G 188 -16.20 -36.68 -2.13
N ASP G 189 -17.29 -35.92 -2.12
CA ASP G 189 -18.62 -36.49 -2.28
C ASP G 189 -18.79 -36.83 -3.75
N PHE G 190 -18.16 -37.91 -4.17
CA PHE G 190 -18.36 -38.39 -5.53
C PHE G 190 -19.83 -38.69 -5.72
N PRO G 191 -20.41 -38.39 -6.90
CA PRO G 191 -21.88 -38.50 -7.01
C PRO G 191 -22.37 -39.90 -6.73
N GLU G 192 -22.01 -40.86 -7.59
CA GLU G 192 -22.20 -42.28 -7.37
C GLU G 192 -21.77 -43.00 -8.64
N TYR G 193 -21.58 -44.31 -8.57
CA TYR G 193 -21.66 -45.12 -9.77
C TYR G 193 -23.02 -44.94 -10.42
N GLY G 194 -23.04 -44.96 -11.74
CA GLY G 194 -24.29 -45.04 -12.44
C GLY G 194 -25.00 -43.74 -12.70
N THR G 195 -24.47 -42.60 -12.22
CA THR G 195 -25.22 -41.34 -12.23
C THR G 195 -24.46 -40.14 -12.76
N GLY G 196 -23.13 -40.14 -12.74
CA GLY G 196 -22.36 -38.91 -12.82
C GLY G 196 -22.63 -38.06 -14.04
N LYS G 197 -23.01 -36.81 -13.80
CA LYS G 197 -23.37 -35.93 -14.89
C LYS G 197 -22.17 -35.70 -15.81
N ALA G 198 -22.44 -35.62 -17.10
CA ALA G 198 -21.39 -35.48 -18.07
C ALA G 198 -20.64 -34.18 -17.87
N GLY G 199 -19.33 -34.26 -18.00
CA GLY G 199 -18.45 -33.16 -17.66
C GLY G 199 -18.08 -33.16 -16.22
N SER G 200 -19.06 -33.37 -15.35
CA SER G 200 -18.77 -33.49 -13.93
C SER G 200 -17.96 -34.74 -13.68
N PHE G 201 -17.39 -34.80 -12.47
CA PHE G 201 -16.61 -35.96 -12.08
C PHE G 201 -17.41 -37.22 -12.21
N GLY G 202 -16.76 -38.27 -12.68
CA GLY G 202 -17.44 -39.52 -12.89
C GLY G 202 -18.38 -39.51 -14.07
N ASP G 203 -17.98 -38.88 -15.18
CA ASP G 203 -18.75 -39.06 -16.39
C ASP G 203 -18.64 -40.49 -16.88
N LEU G 204 -17.43 -41.05 -16.82
CA LEU G 204 -17.21 -42.47 -16.96
C LEU G 204 -17.19 -43.06 -15.57
N GLN G 205 -17.87 -44.18 -15.39
CA GLN G 205 -17.94 -44.84 -14.10
C GLN G 205 -17.93 -46.34 -14.36
N SER G 206 -16.74 -46.92 -14.24
CA SER G 206 -16.55 -48.35 -14.34
C SER G 206 -16.31 -48.90 -12.94
N ARG G 207 -16.95 -50.04 -12.67
CA ARG G 207 -16.79 -50.70 -11.37
C ARG G 207 -15.33 -50.94 -11.06
N THR G 208 -14.63 -51.57 -11.99
CA THR G 208 -13.19 -51.73 -11.91
C THR G 208 -12.63 -51.54 -13.31
N SER G 209 -11.35 -51.86 -13.46
CA SER G 209 -10.70 -51.71 -14.75
C SER G 209 -11.12 -52.82 -15.70
N THR G 210 -11.25 -54.03 -15.19
CA THR G 210 -11.68 -55.16 -15.99
C THR G 210 -13.12 -55.02 -16.44
N SER G 211 -13.95 -54.32 -15.66
CA SER G 211 -15.39 -54.33 -15.88
C SER G 211 -15.75 -53.74 -17.23
N ASN G 212 -16.21 -54.60 -18.14
CA ASN G 212 -16.58 -54.13 -19.46
C ASN G 212 -17.79 -53.22 -19.41
N ASP G 213 -18.71 -53.47 -18.49
CA ASP G 213 -19.84 -52.59 -18.29
C ASP G 213 -19.41 -51.36 -17.51
N LEU G 214 -20.15 -50.27 -17.70
CA LEU G 214 -19.86 -49.03 -17.01
C LEU G 214 -21.08 -48.13 -17.11
N TYR G 215 -20.90 -46.88 -16.69
CA TYR G 215 -21.88 -45.83 -16.89
C TYR G 215 -21.15 -44.64 -17.50
N ALA G 216 -21.56 -44.27 -18.71
CA ALA G 216 -20.92 -43.19 -19.46
C ALA G 216 -22.00 -42.18 -19.81
N ASN G 217 -22.28 -41.29 -18.86
CA ASN G 217 -22.99 -40.05 -19.19
C ASN G 217 -21.91 -39.08 -19.59
N THR G 218 -21.67 -39.01 -20.90
CA THR G 218 -20.78 -38.02 -21.48
C THR G 218 -21.50 -37.01 -22.35
N ASN G 219 -22.82 -37.15 -22.51
CA ASN G 219 -23.57 -36.29 -23.41
C ASN G 219 -23.01 -36.37 -24.82
N LEU G 220 -22.56 -37.57 -25.19
CA LEU G 220 -22.03 -37.80 -26.51
C LEU G 220 -23.15 -37.65 -27.53
N LYS G 221 -23.02 -36.64 -28.39
CA LYS G 221 -24.02 -36.35 -29.42
C LYS G 221 -23.33 -36.27 -30.75
N LEU G 222 -23.60 -37.24 -31.62
CA LEU G 222 -23.06 -37.20 -32.96
C LEU G 222 -23.77 -36.16 -33.79
N GLN G 223 -23.02 -35.51 -34.67
CA GLN G 223 -23.57 -34.59 -35.64
C GLN G 223 -23.20 -35.07 -37.04
N ARG G 224 -23.93 -34.58 -38.03
CA ARG G 224 -23.74 -35.08 -39.36
C ARG G 224 -22.41 -34.56 -39.91
N PRO G 225 -21.68 -35.37 -40.67
CA PRO G 225 -20.45 -34.86 -41.28
C PRO G 225 -20.79 -33.84 -42.35
N GLN G 226 -19.83 -32.96 -42.59
CA GLN G 226 -20.03 -31.77 -43.40
C GLN G 226 -19.76 -32.03 -44.87
N ALA G 227 -20.59 -31.40 -45.71
CA ALA G 227 -20.31 -31.17 -47.13
C ALA G 227 -19.84 -32.41 -47.87
N GLY G 228 -20.49 -33.53 -47.60
CA GLY G 228 -20.20 -34.76 -48.32
C GLY G 228 -18.76 -35.21 -48.15
N ILE G 229 -18.33 -35.38 -46.90
CA ILE G 229 -17.02 -35.94 -46.60
C ILE G 229 -17.17 -36.95 -45.48
N VAL G 230 -16.36 -38.00 -45.55
CA VAL G 230 -16.34 -39.05 -44.53
C VAL G 230 -15.64 -38.53 -43.30
N HIS G 231 -16.39 -38.41 -42.21
CA HIS G 231 -15.83 -38.30 -40.87
C HIS G 231 -17.00 -38.41 -39.90
N THR G 232 -16.70 -38.27 -38.61
CA THR G 232 -17.64 -38.54 -37.54
C THR G 232 -17.58 -37.39 -36.55
N PRO G 233 -18.43 -36.40 -36.71
CA PRO G 233 -18.56 -35.42 -35.63
C PRO G 233 -19.05 -36.10 -34.38
N PHE G 234 -18.20 -36.17 -33.37
CA PHE G 234 -18.61 -36.55 -32.04
C PHE G 234 -18.46 -35.32 -31.16
N THR G 235 -19.58 -34.83 -30.68
CA THR G 235 -19.64 -33.65 -29.83
C THR G 235 -19.84 -34.14 -28.41
N GLN G 236 -18.90 -33.81 -27.55
CA GLN G 236 -18.80 -34.49 -26.28
C GLN G 236 -18.11 -33.58 -25.28
N ALA G 237 -18.49 -33.74 -24.04
CA ALA G 237 -17.80 -33.09 -22.96
C ALA G 237 -16.46 -33.78 -22.74
N PRO G 238 -15.33 -33.08 -22.78
CA PRO G 238 -14.11 -33.67 -22.23
C PRO G 238 -14.34 -34.04 -20.79
N SER G 239 -13.58 -35.01 -20.32
CA SER G 239 -14.06 -35.75 -19.17
C SER G 239 -14.01 -34.94 -17.89
N GLY G 240 -14.88 -35.33 -16.97
CA GLY G 240 -14.74 -34.98 -15.58
C GLY G 240 -13.59 -35.64 -14.88
N PHE G 241 -12.82 -36.45 -15.60
CA PHE G 241 -11.48 -36.85 -15.17
C PHE G 241 -10.42 -35.95 -15.76
N GLU G 242 -10.72 -35.23 -16.84
CA GLU G 242 -9.79 -34.23 -17.36
C GLU G 242 -9.75 -33.03 -16.44
N ARG G 243 -10.87 -32.33 -16.29
CA ARG G 243 -11.08 -31.60 -15.06
C ARG G 243 -11.19 -32.61 -13.95
N TRP G 244 -10.97 -32.16 -12.72
CA TRP G 244 -10.63 -32.96 -11.54
C TRP G 244 -9.12 -33.24 -11.54
N LYS G 245 -8.39 -32.84 -12.58
CA LYS G 245 -6.94 -32.82 -12.55
C LYS G 245 -6.38 -31.41 -12.68
N ARG G 246 -7.19 -30.42 -13.05
CA ARG G 246 -6.72 -29.03 -13.08
C ARG G 246 -7.77 -28.01 -12.63
N ASP G 247 -8.96 -28.44 -12.21
CA ASP G 247 -9.90 -27.59 -11.48
C ASP G 247 -10.41 -28.32 -10.25
N LYS G 248 -9.55 -29.14 -9.68
CA LYS G 248 -9.88 -30.04 -8.59
C LYS G 248 -9.91 -29.32 -7.26
N GLY G 249 -9.95 -30.11 -6.19
CA GLY G 249 -9.66 -29.65 -4.84
C GLY G 249 -8.34 -30.23 -4.35
N ALA G 250 -7.93 -29.75 -3.20
CA ALA G 250 -6.62 -30.08 -2.68
C ALA G 250 -6.64 -31.41 -1.94
N PRO G 251 -5.49 -32.05 -1.75
CA PRO G 251 -5.48 -33.38 -1.14
C PRO G 251 -5.49 -33.40 0.36
N LEU G 252 -6.07 -34.49 0.85
CA LEU G 252 -6.26 -34.69 2.27
C LEU G 252 -4.94 -34.78 3.00
N ASN G 253 -3.87 -35.19 2.32
CA ASN G 253 -2.54 -35.05 2.88
C ASN G 253 -2.01 -33.62 2.80
N ASP G 254 -2.85 -32.69 2.34
CA ASP G 254 -2.57 -31.27 2.39
C ASP G 254 -3.72 -30.45 2.98
N VAL G 255 -4.85 -31.06 3.35
CA VAL G 255 -5.94 -30.32 3.97
C VAL G 255 -6.56 -31.02 5.18
N ALA G 256 -6.07 -32.21 5.53
CA ALA G 256 -6.67 -32.92 6.65
C ALA G 256 -6.50 -32.14 7.94
N PRO G 257 -7.31 -32.45 8.96
CA PRO G 257 -6.97 -32.04 10.32
C PRO G 257 -6.16 -33.05 11.11
N PHE G 258 -5.81 -32.65 12.32
CA PHE G 258 -5.16 -33.43 13.38
C PHE G 258 -4.03 -34.34 12.89
N GLY G 259 -3.32 -33.89 11.87
CA GLY G 259 -1.98 -34.36 11.59
C GLY G 259 -1.72 -35.73 11.00
N CYS G 260 -2.09 -35.92 9.74
CA CYS G 260 -2.10 -37.20 9.08
C CYS G 260 -1.31 -37.11 7.79
N SER G 261 -0.83 -38.26 7.35
CA SER G 261 -0.23 -38.43 6.04
C SER G 261 -0.90 -39.65 5.40
N ILE G 262 -0.73 -39.79 4.09
CA ILE G 262 -1.60 -40.63 3.27
C ILE G 262 -0.76 -41.45 2.31
N ALA G 263 -1.33 -42.59 1.86
CA ALA G 263 -0.69 -43.39 0.82
C ALA G 263 -1.73 -44.15 0.01
N LEU G 264 -1.44 -44.31 -1.29
CA LEU G 264 -2.14 -45.29 -2.14
C LEU G 264 -1.38 -46.59 -2.04
N GLU G 265 -1.75 -47.35 -1.06
CA GLU G 265 -1.07 -48.44 -0.39
C GLU G 265 -2.31 -48.92 0.35
N PRO G 266 -2.26 -49.69 1.44
CA PRO G 266 -3.54 -50.12 2.06
C PRO G 266 -4.57 -49.05 2.44
N LEU G 267 -4.40 -47.77 2.06
CA LEU G 267 -5.33 -46.67 2.25
C LEU G 267 -5.27 -46.23 3.69
N ARG G 268 -4.07 -46.27 4.21
CA ARG G 268 -3.84 -45.81 5.55
C ARG G 268 -3.80 -44.30 5.58
N ALA G 269 -3.90 -43.77 6.79
CA ALA G 269 -3.68 -42.34 7.04
C ALA G 269 -2.70 -42.28 8.19
N GLU G 270 -1.41 -42.21 7.86
CA GLU G 270 -0.36 -42.40 8.84
C GLU G 270 -0.36 -41.29 9.89
N ASN G 271 0.09 -41.65 11.08
CA ASN G 271 0.70 -40.72 12.02
C ASN G 271 -0.28 -39.66 12.51
N CYS G 272 -1.55 -40.01 12.57
CA CYS G 272 -2.60 -39.09 13.00
C CYS G 272 -2.48 -38.86 14.49
N ALA G 273 -1.83 -37.77 14.85
CA ALA G 273 -1.60 -37.41 16.25
C ALA G 273 -2.85 -36.76 16.80
N VAL G 274 -3.65 -37.52 17.53
CA VAL G 274 -4.80 -36.94 18.20
C VAL G 274 -5.29 -37.84 19.32
N GLY G 275 -5.54 -37.24 20.47
CA GLY G 275 -6.08 -37.96 21.60
C GLY G 275 -5.08 -38.88 22.26
N SER G 276 -5.63 -39.79 23.05
CA SER G 276 -4.86 -40.70 23.89
C SER G 276 -5.23 -42.14 23.56
N ILE G 277 -4.38 -43.06 24.04
CA ILE G 277 -4.55 -44.48 23.80
C ILE G 277 -4.34 -45.19 25.14
N PRO G 278 -5.34 -45.91 25.68
CA PRO G 278 -5.14 -46.64 26.94
C PRO G 278 -4.35 -47.93 26.80
N ILE G 279 -3.04 -47.84 26.96
CA ILE G 279 -2.14 -48.93 26.62
C ILE G 279 -1.72 -49.65 27.90
N SER G 280 -1.59 -50.96 27.79
CA SER G 280 -1.33 -51.83 28.93
C SER G 280 -0.44 -52.97 28.46
N ILE G 281 0.58 -53.27 29.24
CA ILE G 281 1.60 -54.24 28.87
C ILE G 281 1.74 -55.26 30.00
N ASP G 282 2.00 -56.51 29.60
CA ASP G 282 2.43 -57.56 30.51
C ASP G 282 3.90 -57.86 30.19
N ILE G 283 4.78 -57.34 31.02
CA ILE G 283 6.22 -57.49 30.88
C ILE G 283 6.59 -58.93 31.18
N PRO G 284 7.70 -59.45 30.64
CA PRO G 284 8.22 -60.72 31.16
C PRO G 284 8.86 -60.50 32.52
N ASP G 285 8.39 -61.26 33.52
CA ASP G 285 8.91 -61.13 34.87
C ASP G 285 10.40 -61.42 34.92
N ALA G 286 10.90 -62.24 34.01
CA ALA G 286 12.34 -62.49 33.94
C ALA G 286 13.10 -61.20 33.69
N ALA G 287 12.54 -60.29 32.91
CA ALA G 287 13.22 -59.04 32.63
C ALA G 287 13.32 -58.15 33.86
N PHE G 288 12.47 -58.36 34.85
CA PHE G 288 12.60 -57.59 36.08
C PHE G 288 13.89 -57.93 36.79
N THR G 289 14.43 -56.92 37.47
CA THR G 289 15.47 -57.10 38.45
C THR G 289 14.83 -57.02 39.82
N ARG G 290 15.21 -57.93 40.70
CA ARG G 290 14.67 -57.89 42.05
C ARG G 290 15.18 -56.65 42.77
N ILE G 291 14.40 -56.21 43.76
CA ILE G 291 14.63 -54.90 44.35
C ILE G 291 15.93 -54.86 45.13
N SER G 292 16.39 -55.99 45.64
CA SER G 292 17.54 -56.03 46.53
C SER G 292 18.87 -56.01 45.79
N GLU G 293 18.86 -55.69 44.50
CA GLU G 293 20.07 -55.72 43.68
C GLU G 293 20.37 -54.38 43.04
N THR G 294 19.38 -53.52 42.87
CA THR G 294 19.64 -52.17 42.42
C THR G 294 20.03 -51.29 43.61
N PRO G 295 20.92 -50.32 43.42
CA PRO G 295 21.27 -49.46 44.56
C PRO G 295 20.08 -48.62 45.01
N THR G 296 19.92 -48.51 46.33
CA THR G 296 19.01 -47.55 46.91
C THR G 296 19.68 -46.19 46.94
N VAL G 297 18.97 -45.19 46.45
CA VAL G 297 19.56 -43.92 46.04
C VAL G 297 19.18 -42.79 46.98
N SER G 298 18.34 -43.03 47.97
CA SER G 298 17.79 -41.98 48.80
C SER G 298 18.86 -41.23 49.58
N ASP G 299 18.45 -40.19 50.31
CA ASP G 299 19.37 -39.21 50.91
C ASP G 299 20.17 -38.50 49.83
N LEU G 300 19.49 -38.18 48.73
CA LEU G 300 20.07 -37.54 47.56
C LEU G 300 19.73 -36.06 47.57
N GLU G 301 20.03 -35.38 46.45
CA GLU G 301 19.53 -34.04 46.20
C GLU G 301 19.48 -33.83 44.70
N CYS G 302 18.48 -33.08 44.24
CA CYS G 302 18.30 -32.73 42.84
C CYS G 302 18.17 -31.23 42.69
N LYS G 303 18.73 -30.72 41.60
CA LYS G 303 18.53 -29.32 41.26
C LYS G 303 18.81 -29.13 39.78
N ILE G 304 17.99 -28.28 39.15
CA ILE G 304 18.33 -27.80 37.83
C ILE G 304 19.62 -27.02 37.90
N THR G 305 20.25 -26.88 36.76
CA THR G 305 21.41 -26.02 36.60
C THR G 305 21.26 -25.06 35.43
N GLU G 306 20.65 -25.51 34.34
CA GLU G 306 20.28 -24.62 33.24
C GLU G 306 19.02 -25.20 32.63
N CYS G 307 17.87 -24.79 33.15
CA CYS G 307 16.61 -25.28 32.62
C CYS G 307 16.19 -24.43 31.45
N THR G 308 15.88 -25.11 30.35
CA THR G 308 15.47 -24.46 29.12
C THR G 308 13.97 -24.70 28.94
N TYR G 309 13.22 -23.61 28.91
CA TYR G 309 11.76 -23.63 28.97
C TYR G 309 11.21 -23.95 27.58
N ALA G 310 11.42 -25.20 27.15
CA ALA G 310 11.44 -25.48 25.72
C ALA G 310 11.02 -26.92 25.41
N SER G 311 11.22 -27.28 24.13
CA SER G 311 10.77 -28.52 23.51
C SER G 311 11.89 -29.53 23.43
N ASP G 312 12.97 -29.17 22.74
CA ASP G 312 14.17 -29.98 22.74
C ASP G 312 14.63 -30.16 24.18
N PHE G 313 15.32 -31.26 24.43
CA PHE G 313 15.70 -31.58 25.79
C PHE G 313 16.77 -30.63 26.27
N GLY G 314 16.38 -29.39 26.53
CA GLY G 314 17.32 -28.38 26.97
C GLY G 314 17.41 -28.30 28.47
N GLY G 315 16.37 -28.77 29.16
CA GLY G 315 16.39 -28.76 30.61
C GLY G 315 17.38 -29.77 31.13
N ILE G 316 18.21 -29.34 32.09
CA ILE G 316 19.18 -30.22 32.73
C ILE G 316 19.09 -30.06 34.23
N ALA G 317 19.62 -31.06 34.93
CA ALA G 317 19.62 -31.01 36.37
C ALA G 317 20.61 -32.02 36.90
N THR G 318 21.60 -31.54 37.66
CA THR G 318 22.42 -32.44 38.41
C THR G 318 21.59 -33.08 39.52
N VAL G 319 22.04 -34.24 39.96
CA VAL G 319 21.41 -34.95 41.05
C VAL G 319 22.51 -35.49 41.94
N ALA G 320 22.52 -35.08 43.20
CA ALA G 320 23.49 -35.57 44.16
C ALA G 320 23.08 -36.98 44.56
N TYR G 321 23.46 -37.94 43.71
CA TYR G 321 23.09 -39.32 43.96
C TYR G 321 23.76 -39.83 45.22
N LYS G 322 22.98 -40.49 46.05
CA LYS G 322 23.43 -41.05 47.32
C LYS G 322 23.04 -42.52 47.31
N SER G 323 23.90 -43.34 46.72
CA SER G 323 23.58 -44.73 46.47
C SER G 323 24.03 -45.61 47.64
N SER G 324 23.63 -46.88 47.56
CA SER G 324 24.07 -47.91 48.48
C SER G 324 25.01 -48.88 47.79
N LYS G 325 24.55 -49.50 46.71
CA LYS G 325 25.40 -50.23 45.79
C LYS G 325 25.81 -49.27 44.68
N ALA G 326 26.38 -49.81 43.61
CA ALA G 326 26.71 -49.04 42.42
C ALA G 326 26.21 -49.78 41.20
N GLY G 327 25.57 -49.05 40.30
CA GLY G 327 25.04 -49.67 39.10
C GLY G 327 24.08 -48.75 38.40
N ASN G 328 23.14 -49.36 37.68
CA ASN G 328 22.14 -48.62 36.95
C ASN G 328 20.95 -48.29 37.83
N CYS G 329 20.17 -47.33 37.38
CA CYS G 329 19.04 -46.82 38.12
C CYS G 329 18.06 -46.22 37.12
N PRO G 330 16.98 -46.89 36.76
CA PRO G 330 16.04 -46.27 35.83
C PRO G 330 15.36 -45.08 36.45
N ILE G 331 15.02 -44.12 35.61
CA ILE G 331 14.50 -42.83 36.04
C ILE G 331 13.27 -42.47 35.23
N HIS G 332 12.42 -41.65 35.85
CA HIS G 332 11.24 -41.14 35.19
C HIS G 332 10.62 -40.08 36.11
N SER G 333 9.95 -39.13 35.49
CA SER G 333 9.13 -38.16 36.21
C SER G 333 7.69 -38.63 36.11
N PRO G 334 7.12 -39.21 37.17
CA PRO G 334 5.71 -39.63 37.08
C PRO G 334 4.78 -38.50 36.73
N SER G 335 5.12 -37.28 37.11
CA SER G 335 4.40 -36.13 36.62
C SER G 335 4.76 -35.92 35.16
N GLY G 336 3.76 -35.59 34.35
CA GLY G 336 3.97 -35.34 32.95
C GLY G 336 4.57 -33.99 32.64
N VAL G 337 4.90 -33.20 33.65
CA VAL G 337 5.48 -31.89 33.44
C VAL G 337 6.80 -32.01 32.70
N ALA G 338 7.63 -32.94 33.14
CA ALA G 338 8.99 -33.09 32.64
C ALA G 338 9.10 -34.37 31.85
N VAL G 339 9.70 -34.26 30.67
CA VAL G 339 9.98 -35.39 29.80
C VAL G 339 11.49 -35.49 29.70
N ILE G 340 12.00 -36.69 29.93
CA ILE G 340 13.42 -36.91 30.16
C ILE G 340 13.99 -37.73 29.01
N LYS G 341 15.19 -37.36 28.58
CA LYS G 341 15.86 -38.07 27.50
C LYS G 341 16.46 -39.37 27.98
N GLU G 342 16.98 -39.39 29.20
CA GLU G 342 17.60 -40.57 29.76
C GLU G 342 16.55 -41.43 30.45
N ASN G 343 16.48 -42.69 30.03
CA ASN G 343 15.68 -43.67 30.77
C ASN G 343 16.42 -44.17 31.99
N ASP G 344 17.73 -44.31 31.87
CA ASP G 344 18.55 -44.98 32.86
C ASP G 344 19.81 -44.17 33.09
N VAL G 345 20.27 -44.16 34.34
CA VAL G 345 21.50 -43.49 34.71
C VAL G 345 22.38 -44.48 35.44
N THR G 346 23.65 -44.49 35.08
CA THR G 346 24.63 -45.30 35.77
C THR G 346 25.07 -44.59 37.04
N LEU G 347 25.39 -45.38 38.07
CA LEU G 347 25.77 -44.83 39.36
C LEU G 347 26.97 -45.56 39.94
N ALA G 348 27.96 -44.78 40.34
CA ALA G 348 28.99 -45.25 41.24
C ALA G 348 28.45 -45.13 42.66
N GLU G 349 29.32 -45.28 43.64
CA GLU G 349 28.88 -45.18 45.03
C GLU G 349 28.63 -43.72 45.38
N SER G 350 27.39 -43.29 45.17
CA SER G 350 26.91 -41.98 45.61
C SER G 350 27.70 -40.84 44.96
N GLY G 351 27.60 -40.80 43.64
CA GLY G 351 28.17 -39.75 42.83
C GLY G 351 27.13 -38.72 42.45
N SER G 352 27.28 -38.18 41.24
CA SER G 352 26.35 -37.21 40.71
C SER G 352 26.36 -37.31 39.19
N PHE G 353 25.17 -37.25 38.59
CA PHE G 353 25.05 -37.37 37.14
C PHE G 353 23.88 -36.53 36.68
N THR G 354 24.15 -35.59 35.78
CA THR G 354 23.13 -34.77 35.19
C THR G 354 22.39 -35.57 34.13
N PHE G 355 21.11 -35.25 33.97
CA PHE G 355 20.30 -35.74 32.87
C PHE G 355 19.75 -34.55 32.10
N HIS G 356 19.08 -34.86 31.00
CA HIS G 356 18.46 -33.87 30.14
C HIS G 356 16.94 -34.02 30.21
N PHE G 357 16.23 -32.92 29.99
CA PHE G 357 14.78 -33.00 29.97
C PHE G 357 14.21 -31.76 29.28
N SER G 358 12.88 -31.66 29.30
CA SER G 358 12.15 -30.55 28.74
C SER G 358 10.85 -30.39 29.50
N THR G 359 10.41 -29.14 29.66
CA THR G 359 9.23 -28.82 30.46
C THR G 359 8.44 -27.74 29.76
N ALA G 360 7.35 -27.32 30.40
CA ALA G 360 6.48 -26.29 29.89
C ALA G 360 6.05 -25.28 30.93
N ASN G 361 6.39 -25.48 32.20
CA ASN G 361 6.03 -24.55 33.26
C ASN G 361 7.28 -23.86 33.78
N ILE G 362 7.16 -22.55 33.97
CA ILE G 362 8.30 -21.72 34.31
C ILE G 362 8.99 -22.24 35.56
N HIS G 363 8.21 -22.73 36.50
CA HIS G 363 8.71 -23.28 37.76
C HIS G 363 8.47 -24.78 37.72
N PRO G 364 9.35 -25.56 37.12
CA PRO G 364 9.10 -26.99 37.03
C PRO G 364 9.25 -27.67 38.37
N ALA G 365 8.11 -27.94 39.00
CA ALA G 365 8.06 -28.70 40.24
C ALA G 365 7.60 -30.12 39.93
N PHE G 366 8.51 -30.89 39.34
CA PHE G 366 8.23 -32.26 38.94
C PHE G 366 9.00 -33.22 39.82
N LYS G 367 8.32 -34.28 40.23
CA LYS G 367 8.97 -35.35 40.94
C LYS G 367 9.86 -36.11 39.97
N LEU G 368 10.93 -36.70 40.52
CA LEU G 368 11.80 -37.58 39.77
C LEU G 368 12.00 -38.85 40.59
N GLN G 369 11.69 -39.98 39.98
CA GLN G 369 11.68 -41.26 40.65
C GLN G 369 12.93 -42.01 40.19
N VAL G 370 14.01 -41.88 40.96
CA VAL G 370 15.27 -42.52 40.61
C VAL G 370 15.26 -43.88 41.28
N CYS G 371 14.66 -44.84 40.58
CA CYS G 371 14.60 -46.25 40.97
C CYS G 371 14.20 -46.41 42.43
N THR G 372 12.96 -46.01 42.68
CA THR G 372 12.35 -45.98 44.00
C THR G 372 13.04 -44.99 44.92
N SER G 373 13.10 -43.74 44.47
CA SER G 373 13.43 -42.63 45.36
C SER G 373 12.92 -41.36 44.69
N ALA G 374 11.90 -40.76 45.27
CA ALA G 374 11.31 -39.57 44.70
C ALA G 374 12.10 -38.33 45.07
N VAL G 375 11.99 -37.30 44.26
CA VAL G 375 12.61 -36.03 44.56
C VAL G 375 12.01 -34.95 43.69
N THR G 376 11.79 -33.78 44.29
CA THR G 376 11.36 -32.60 43.56
C THR G 376 12.59 -31.90 43.00
N CYS G 377 12.62 -31.75 41.68
CA CYS G 377 13.66 -30.99 41.00
C CYS G 377 13.15 -29.59 40.68
N LYS G 378 12.75 -28.89 41.74
CA LYS G 378 12.22 -27.54 41.61
C LYS G 378 13.25 -26.61 41.00
N GLY G 379 12.76 -25.59 40.31
CA GLY G 379 13.66 -24.56 39.81
C GLY G 379 12.97 -23.56 38.90
N ASP G 380 13.73 -23.04 37.94
CA ASP G 380 13.23 -22.03 37.03
C ASP G 380 13.95 -22.16 35.70
N CYS G 381 13.28 -21.78 34.62
CA CYS G 381 13.70 -22.10 33.26
C CYS G 381 13.77 -20.84 32.42
N LYS G 382 14.43 -20.98 31.26
CA LYS G 382 14.74 -19.88 30.36
C LYS G 382 14.13 -20.13 28.98
N PRO G 383 13.53 -19.12 28.35
CA PRO G 383 13.01 -19.31 26.99
C PRO G 383 14.12 -19.35 25.94
N PRO G 384 13.98 -20.18 24.88
CA PRO G 384 14.93 -20.13 23.77
C PRO G 384 14.66 -19.09 22.70
N LYS G 385 15.39 -19.24 21.57
CA LYS G 385 15.49 -18.23 20.54
C LYS G 385 15.24 -18.72 19.11
N ASP G 386 15.18 -20.03 18.85
CA ASP G 386 15.59 -20.60 17.56
C ASP G 386 14.58 -21.62 17.00
N HIS G 387 13.32 -21.22 16.88
CA HIS G 387 12.19 -22.15 16.74
C HIS G 387 11.68 -22.36 15.31
N ILE G 388 12.49 -22.99 14.45
CA ILE G 388 11.95 -23.46 13.16
C ILE G 388 12.48 -24.82 12.71
N VAL G 389 12.08 -25.93 13.34
CA VAL G 389 12.56 -27.27 12.97
C VAL G 389 11.41 -28.14 13.44
N ASP G 390 11.43 -29.48 13.25
CA ASP G 390 10.29 -30.41 13.28
C ASP G 390 9.63 -30.47 14.66
N TYR G 391 9.10 -31.59 15.17
CA TYR G 391 8.15 -31.51 16.28
C TYR G 391 8.73 -31.89 17.64
N PRO G 392 8.08 -31.49 18.73
CA PRO G 392 8.74 -31.45 20.04
C PRO G 392 8.76 -32.79 20.76
N ALA G 393 9.49 -32.78 21.88
CA ALA G 393 9.52 -33.86 22.87
C ALA G 393 8.79 -33.50 24.14
N GLN G 394 8.24 -32.30 24.23
CA GLN G 394 7.69 -31.73 25.45
C GLN G 394 6.25 -32.15 25.64
N HIS G 395 5.41 -31.78 24.67
CA HIS G 395 4.02 -32.21 24.50
C HIS G 395 3.26 -32.31 25.80
N THR G 396 3.46 -31.33 26.68
CA THR G 396 2.92 -31.38 28.04
C THR G 396 2.37 -30.03 28.46
N GLU G 397 1.93 -29.22 27.50
CA GLU G 397 1.48 -27.88 27.81
C GLU G 397 0.22 -27.92 28.65
N SER G 398 0.20 -27.13 29.71
CA SER G 398 -0.94 -27.04 30.59
C SER G 398 -0.96 -25.64 31.19
N PHE G 399 -1.71 -25.46 32.26
CA PHE G 399 -1.76 -24.17 32.93
C PHE G 399 -0.45 -23.90 33.65
N THR G 400 0.15 -22.75 33.35
CA THR G 400 1.46 -22.37 33.89
C THR G 400 1.51 -20.90 34.30
N TRP G 408 1.71 -17.23 38.33
CA TRP G 408 1.14 -16.99 39.65
C TRP G 408 1.71 -15.76 40.34
N SER G 409 2.58 -15.04 39.63
CA SER G 409 3.31 -13.95 40.26
C SER G 409 2.40 -12.78 40.62
N TRP G 410 1.20 -12.68 40.04
CA TRP G 410 0.20 -11.67 40.40
C TRP G 410 -1.16 -12.30 40.47
N LEU G 411 -1.23 -13.49 41.05
CA LEU G 411 -2.49 -14.21 41.14
C LEU G 411 -2.74 -14.70 42.56
N LYS G 412 -1.68 -15.06 43.28
CA LYS G 412 -1.86 -15.69 44.58
C LYS G 412 -2.32 -14.67 45.61
N VAL G 413 -1.47 -13.69 45.91
CA VAL G 413 -1.86 -12.62 46.83
C VAL G 413 -2.74 -11.60 46.10
N LEU G 414 -2.74 -11.60 44.77
CA LEU G 414 -3.69 -10.78 44.04
C LEU G 414 -5.10 -11.21 44.36
N VAL G 415 -5.46 -12.44 44.02
CA VAL G 415 -6.83 -12.88 44.17
C VAL G 415 -7.16 -13.08 45.63
N GLY G 416 -6.18 -13.53 46.41
CA GLY G 416 -6.35 -13.47 47.85
C GLY G 416 -6.57 -12.06 48.34
N GLY G 417 -5.98 -11.08 47.65
CA GLY G 417 -6.27 -9.69 47.91
C GLY G 417 -7.59 -9.26 47.32
N THR G 418 -7.92 -9.78 46.14
CA THR G 418 -9.25 -9.56 45.57
C THR G 418 -10.31 -10.09 46.51
N SER G 419 -10.11 -11.31 47.01
CA SER G 419 -11.02 -11.87 47.99
C SER G 419 -11.05 -11.01 49.24
N ALA G 420 -9.88 -10.49 49.65
CA ALA G 420 -9.78 -9.75 50.91
C ALA G 420 -10.75 -8.57 50.95
N PHE G 421 -11.06 -7.98 49.80
CA PHE G 421 -12.08 -6.94 49.77
C PHE G 421 -13.44 -7.51 50.14
N ILE G 422 -13.82 -8.63 49.53
CA ILE G 422 -15.12 -9.23 49.82
C ILE G 422 -15.07 -10.09 51.07
N VAL G 423 -13.89 -10.54 51.48
CA VAL G 423 -13.75 -11.14 52.80
C VAL G 423 -13.89 -10.06 53.86
N LEU G 424 -13.41 -8.85 53.56
CA LEU G 424 -13.60 -7.73 54.47
C LEU G 424 -15.07 -7.39 54.66
N GLY G 425 -15.93 -7.80 53.73
CA GLY G 425 -17.34 -7.48 53.80
C GLY G 425 -18.02 -8.12 54.98
N LEU G 426 -18.09 -9.45 55.00
CA LEU G 426 -18.80 -10.16 56.07
C LEU G 426 -18.06 -10.13 57.40
N ILE G 427 -16.95 -9.42 57.51
CA ILE G 427 -16.38 -9.06 58.81
C ILE G 427 -16.56 -7.60 59.10
N ALA G 428 -17.07 -6.83 58.14
CA ALA G 428 -17.74 -5.56 58.41
C ALA G 428 -19.21 -5.80 58.69
N THR G 429 -19.89 -6.46 57.76
CA THR G 429 -21.23 -6.96 58.04
C THR G 429 -21.12 -8.10 59.04
N ALA G 430 -22.14 -8.20 59.90
CA ALA G 430 -22.22 -9.08 61.06
C ALA G 430 -21.33 -8.63 62.22
N VAL G 431 -20.48 -7.63 62.00
CA VAL G 431 -19.94 -6.84 63.11
C VAL G 431 -20.80 -5.61 63.31
N VAL G 432 -21.49 -5.17 62.27
CA VAL G 432 -22.62 -4.27 62.47
C VAL G 432 -23.62 -4.95 63.40
N ALA G 433 -23.82 -6.26 63.23
CA ALA G 433 -24.69 -7.01 64.11
C ALA G 433 -24.22 -6.95 65.55
N LEU G 434 -22.91 -6.88 65.77
CA LEU G 434 -22.38 -6.76 67.12
C LEU G 434 -22.55 -5.34 67.67
N VAL G 435 -22.18 -4.35 66.87
CA VAL G 435 -22.43 -2.97 67.24
C VAL G 435 -23.93 -2.76 67.42
N LEU G 436 -24.71 -3.31 66.51
CA LEU G 436 -26.14 -3.45 66.73
C LEU G 436 -26.42 -4.19 68.02
N PHE G 437 -25.85 -5.40 68.16
CA PHE G 437 -26.25 -6.45 69.10
C PHE G 437 -27.61 -7.02 68.70
N ASP H 1 14.27 -57.77 -31.50
CA ASP H 1 12.97 -58.43 -31.82
C ASP H 1 11.93 -57.42 -32.30
N LEU H 2 12.15 -56.91 -33.51
CA LEU H 2 11.13 -56.15 -34.21
C LEU H 2 10.14 -57.05 -34.95
N ASP H 3 10.17 -58.35 -34.68
CA ASP H 3 9.47 -59.35 -35.47
C ASP H 3 8.47 -60.12 -34.61
N THR H 4 7.85 -59.43 -33.67
CA THR H 4 6.93 -59.99 -32.71
C THR H 4 5.53 -59.41 -32.79
N HIS H 5 5.26 -58.54 -33.76
CA HIS H 5 3.96 -57.91 -33.93
C HIS H 5 3.56 -57.94 -35.39
N PHE H 6 3.71 -59.11 -36.00
CA PHE H 6 3.12 -59.33 -37.31
C PHE H 6 1.62 -59.47 -37.24
N THR H 7 1.03 -59.44 -36.05
CA THR H 7 -0.39 -59.21 -35.90
C THR H 7 -0.80 -58.00 -36.72
N GLN H 8 -0.20 -56.84 -36.44
CA GLN H 8 -0.52 -55.65 -37.22
C GLN H 8 0.17 -55.69 -38.58
N TYR H 9 1.48 -55.91 -38.56
CA TYR H 9 2.33 -55.58 -39.72
C TYR H 9 1.86 -56.31 -40.97
N LYS H 10 1.83 -57.64 -40.93
CA LYS H 10 1.42 -58.40 -42.11
C LYS H 10 -0.01 -58.07 -42.51
N LEU H 11 -0.87 -57.85 -41.53
CA LEU H 11 -2.30 -57.96 -41.72
C LEU H 11 -2.99 -56.61 -41.83
N ALA H 12 -2.35 -55.54 -41.40
CA ALA H 12 -2.87 -54.18 -41.51
C ALA H 12 -2.16 -53.43 -42.61
N ARG H 13 -2.89 -52.49 -43.22
CA ARG H 13 -2.41 -51.67 -44.32
C ARG H 13 -2.38 -50.21 -43.91
N PRO H 14 -1.63 -49.36 -44.62
CA PRO H 14 -1.66 -47.92 -44.28
C PRO H 14 -2.96 -47.29 -44.70
N TYR H 15 -3.84 -47.02 -43.74
CA TYR H 15 -5.15 -46.52 -44.09
C TYR H 15 -5.05 -45.08 -44.59
N ILE H 16 -6.02 -44.68 -45.40
CA ILE H 16 -6.14 -43.31 -45.87
C ILE H 16 -7.50 -42.75 -45.53
N ALA H 17 -7.51 -41.56 -44.94
CA ALA H 17 -8.74 -40.90 -44.48
C ALA H 17 -8.66 -39.43 -44.83
N ASP H 18 -9.61 -38.66 -44.32
CA ASP H 18 -9.82 -37.28 -44.70
C ASP H 18 -9.21 -36.36 -43.67
N CYS H 19 -8.02 -35.85 -43.97
CA CYS H 19 -7.39 -34.88 -43.10
C CYS H 19 -8.20 -33.58 -43.11
N PRO H 20 -8.32 -32.87 -41.98
CA PRO H 20 -9.25 -31.74 -41.93
C PRO H 20 -8.76 -30.41 -42.49
N ASN H 21 -7.48 -30.10 -42.35
CA ASN H 21 -6.93 -28.84 -42.85
C ASN H 21 -5.57 -29.13 -43.50
N CYS H 22 -5.61 -30.04 -44.46
CA CYS H 22 -4.44 -30.66 -45.08
C CYS H 22 -3.67 -29.65 -45.90
N GLY H 23 -3.01 -28.72 -45.22
CA GLY H 23 -2.27 -27.68 -45.90
C GLY H 23 -3.19 -26.59 -46.39
N HIS H 24 -3.91 -26.89 -47.46
CA HIS H 24 -4.96 -25.98 -47.95
C HIS H 24 -6.21 -26.12 -47.11
N SER H 25 -6.82 -27.31 -47.19
CA SER H 25 -8.15 -27.57 -46.70
C SER H 25 -8.27 -29.09 -46.55
N ARG H 26 -9.49 -29.59 -46.49
CA ARG H 26 -9.72 -31.00 -46.26
C ARG H 26 -9.28 -31.82 -47.47
N CYS H 27 -8.10 -32.42 -47.40
CA CYS H 27 -7.69 -33.42 -48.39
C CYS H 27 -8.06 -34.81 -47.87
N ASP H 28 -7.53 -35.83 -48.53
CA ASP H 28 -7.53 -37.19 -48.04
C ASP H 28 -6.07 -37.62 -47.90
N SER H 29 -5.50 -37.43 -46.71
CA SER H 29 -4.12 -37.81 -46.51
C SER H 29 -4.03 -39.23 -45.96
N PRO H 30 -3.02 -40.01 -46.33
CA PRO H 30 -2.79 -41.28 -45.63
C PRO H 30 -2.39 -41.11 -44.19
N ILE H 31 -1.90 -39.93 -43.81
CA ILE H 31 -1.43 -39.70 -42.45
C ILE H 31 -2.50 -38.95 -41.68
N ALA H 32 -3.76 -39.11 -42.09
CA ALA H 32 -4.88 -38.44 -41.44
C ALA H 32 -4.89 -38.75 -39.95
N ILE H 33 -4.87 -37.69 -39.16
CA ILE H 33 -4.64 -37.78 -37.73
C ILE H 33 -5.97 -37.98 -37.01
N GLU H 34 -6.08 -39.08 -36.30
CA GLU H 34 -7.14 -39.33 -35.36
C GLU H 34 -6.49 -39.58 -34.00
N GLU H 35 -7.32 -39.56 -32.95
CA GLU H 35 -6.95 -39.94 -31.59
C GLU H 35 -5.62 -39.31 -31.14
N VAL H 36 -5.64 -38.01 -31.07
CA VAL H 36 -4.58 -37.28 -30.41
C VAL H 36 -4.77 -37.42 -28.91
N ARG H 37 -3.67 -37.67 -28.20
CA ARG H 37 -3.72 -37.95 -26.77
C ARG H 37 -2.64 -37.15 -26.07
N GLY H 38 -2.97 -35.91 -25.72
CA GLY H 38 -2.09 -35.06 -24.93
C GLY H 38 -2.45 -35.19 -23.48
N ASP H 39 -2.59 -36.44 -23.04
CA ASP H 39 -3.13 -36.77 -21.75
C ASP H 39 -2.07 -37.20 -20.75
N ALA H 40 -0.86 -37.47 -21.21
CA ALA H 40 0.25 -37.80 -20.34
C ALA H 40 0.90 -36.51 -19.85
N HIS H 41 2.09 -36.62 -19.27
CA HIS H 41 2.76 -35.53 -18.61
C HIS H 41 4.13 -35.19 -19.17
N ALA H 42 4.78 -36.11 -19.88
CA ALA H 42 6.21 -36.06 -20.13
C ALA H 42 6.57 -35.29 -21.39
N GLY H 43 5.76 -34.33 -21.79
CA GLY H 43 5.99 -33.69 -23.07
C GLY H 43 5.63 -34.54 -24.27
N VAL H 44 4.94 -35.66 -24.05
CA VAL H 44 4.75 -36.69 -25.06
C VAL H 44 3.30 -36.72 -25.51
N ILE H 45 3.10 -37.02 -26.79
CA ILE H 45 1.79 -37.36 -27.32
C ILE H 45 1.92 -38.64 -28.10
N ARG H 46 0.96 -39.53 -27.88
CA ARG H 46 0.73 -40.68 -28.74
C ARG H 46 -0.30 -40.29 -29.78
N ILE H 47 0.01 -40.56 -31.04
CA ILE H 47 -0.82 -40.19 -32.17
C ILE H 47 -1.06 -41.43 -32.99
N GLN H 48 -2.20 -41.46 -33.70
CA GLN H 48 -2.42 -42.42 -34.76
C GLN H 48 -2.56 -41.67 -36.08
N THR H 49 -1.64 -41.95 -36.98
CA THR H 49 -1.87 -41.73 -38.38
C THR H 49 -2.75 -42.85 -38.90
N SER H 50 -3.51 -42.56 -39.95
CA SER H 50 -4.10 -43.65 -40.70
C SER H 50 -3.04 -44.41 -41.50
N ALA H 51 -1.86 -43.83 -41.68
CA ALA H 51 -0.76 -44.52 -42.31
C ALA H 51 -0.06 -45.44 -41.33
N MET H 52 0.33 -46.59 -41.83
CA MET H 52 1.00 -47.63 -41.08
C MET H 52 2.46 -47.61 -41.53
N PHE H 53 3.25 -46.80 -40.85
CA PHE H 53 4.69 -46.87 -41.00
C PHE H 53 5.22 -47.96 -40.07
N GLY H 54 6.50 -48.27 -40.18
CA GLY H 54 7.08 -49.37 -39.45
C GLY H 54 7.92 -50.23 -40.37
N LEU H 55 7.70 -51.55 -40.34
CA LEU H 55 8.29 -52.39 -41.35
C LEU H 55 7.73 -52.00 -42.71
N LYS H 56 8.29 -52.61 -43.75
CA LYS H 56 7.80 -52.38 -45.10
C LYS H 56 6.49 -53.13 -45.28
N THR H 57 6.06 -53.25 -46.53
CA THR H 57 4.96 -54.15 -46.84
C THR H 57 5.22 -55.55 -46.31
N ASP H 58 6.48 -56.01 -46.38
CA ASP H 58 6.76 -57.42 -46.12
C ASP H 58 7.39 -57.73 -44.77
N GLY H 59 8.63 -57.29 -44.49
CA GLY H 59 9.32 -57.82 -43.33
C GLY H 59 10.44 -57.09 -42.60
N VAL H 60 10.81 -55.86 -42.95
CA VAL H 60 12.11 -55.32 -42.53
C VAL H 60 11.99 -53.89 -42.01
N ASP H 61 12.75 -53.61 -40.94
CA ASP H 61 13.17 -52.26 -40.59
C ASP H 61 12.03 -51.29 -40.24
N LEU H 62 11.61 -51.34 -38.96
CA LEU H 62 10.72 -50.36 -38.34
C LEU H 62 10.91 -48.94 -38.87
N ALA H 63 12.15 -48.53 -39.11
CA ALA H 63 12.45 -47.17 -39.49
C ALA H 63 12.18 -46.87 -40.97
N TYR H 64 11.42 -47.71 -41.67
CA TYR H 64 10.94 -47.39 -43.00
C TYR H 64 9.49 -46.92 -42.91
N MET H 65 8.89 -46.67 -44.07
CA MET H 65 7.77 -45.75 -44.16
C MET H 65 6.83 -46.22 -45.26
N SER H 66 5.67 -46.75 -44.86
CA SER H 66 4.64 -47.22 -45.78
C SER H 66 3.36 -46.42 -45.55
N PHE H 67 3.06 -45.51 -46.47
CA PHE H 67 1.74 -44.91 -46.58
C PHE H 67 1.08 -45.39 -47.85
N MET H 68 -0.14 -44.93 -48.06
CA MET H 68 -0.91 -45.25 -49.26
C MET H 68 -0.75 -44.13 -50.27
N ASN H 69 -0.32 -44.50 -51.47
CA ASN H 69 -0.34 -43.63 -52.64
C ASN H 69 -1.10 -44.38 -53.72
N GLY H 70 -2.21 -43.83 -54.17
CA GLY H 70 -3.13 -44.56 -55.01
C GLY H 70 -3.99 -45.47 -54.18
N LYS H 71 -4.41 -46.58 -54.79
CA LYS H 71 -4.83 -47.74 -54.04
C LYS H 71 -3.67 -48.44 -53.33
N THR H 72 -2.43 -48.06 -53.66
CA THR H 72 -1.25 -48.84 -53.34
C THR H 72 -0.51 -48.24 -52.15
N GLN H 73 0.28 -49.08 -51.51
CA GLN H 73 1.21 -48.64 -50.48
C GLN H 73 2.39 -47.91 -51.12
N LYS H 74 3.27 -47.41 -50.26
CA LYS H 74 4.61 -47.02 -50.70
C LYS H 74 5.57 -47.21 -49.52
N SER H 75 6.13 -48.43 -49.43
CA SER H 75 6.92 -48.83 -48.28
C SER H 75 8.37 -48.46 -48.52
N ILE H 76 8.73 -47.24 -48.09
CA ILE H 76 10.03 -46.64 -48.35
C ILE H 76 10.53 -45.97 -47.08
N LYS H 77 11.61 -45.19 -47.18
CA LYS H 77 12.28 -44.65 -46.01
C LYS H 77 11.53 -43.49 -45.36
N ILE H 78 11.74 -43.33 -44.05
CA ILE H 78 11.04 -42.38 -43.19
C ILE H 78 11.62 -40.98 -43.26
N ASP H 79 12.48 -40.73 -44.24
CA ASP H 79 13.55 -39.72 -44.18
C ASP H 79 13.27 -38.43 -43.40
N ASN H 80 12.11 -37.81 -43.60
CA ASN H 80 11.87 -36.45 -43.12
C ASN H 80 10.50 -36.30 -42.48
N LEU H 81 10.19 -37.19 -41.56
CA LEU H 81 8.99 -37.04 -40.74
C LEU H 81 9.01 -35.69 -40.01
N HIS H 82 7.83 -35.11 -39.86
CA HIS H 82 7.66 -33.96 -38.96
C HIS H 82 6.29 -34.04 -38.29
N VAL H 83 6.28 -34.41 -37.03
CA VAL H 83 5.21 -34.00 -36.12
C VAL H 83 5.53 -32.60 -35.65
N ARG H 84 4.51 -31.79 -35.46
CA ARG H 84 4.74 -30.51 -34.82
C ARG H 84 3.44 -29.94 -34.29
N THR H 85 3.61 -28.91 -33.48
CA THR H 85 2.58 -28.19 -32.76
C THR H 85 3.00 -26.75 -32.85
N SER H 86 2.62 -25.93 -31.87
CA SER H 86 3.17 -24.60 -31.68
C SER H 86 4.66 -24.50 -31.99
N ALA H 87 5.42 -25.53 -31.64
CA ALA H 87 6.79 -25.70 -32.09
C ALA H 87 6.95 -27.06 -32.72
N PRO H 88 8.07 -27.29 -33.41
CA PRO H 88 8.36 -28.64 -33.89
C PRO H 88 8.59 -29.61 -32.75
N CYS H 89 7.90 -30.75 -32.83
CA CYS H 89 8.00 -31.78 -31.82
C CYS H 89 9.28 -32.57 -32.01
N SER H 90 9.46 -33.56 -31.15
CA SER H 90 10.50 -34.56 -31.28
C SER H 90 9.83 -35.92 -31.33
N LEU H 91 10.10 -36.66 -32.40
CA LEU H 91 9.72 -38.05 -32.48
C LEU H 91 10.26 -38.81 -31.28
N VAL H 92 9.50 -39.81 -30.83
CA VAL H 92 9.96 -40.76 -29.82
C VAL H 92 10.09 -42.15 -30.40
N SER H 93 9.02 -42.65 -31.02
CA SER H 93 9.06 -43.94 -31.69
C SER H 93 7.76 -44.14 -32.44
N HIS H 94 7.84 -44.94 -33.49
CA HIS H 94 6.67 -45.36 -34.24
C HIS H 94 6.53 -46.88 -34.18
N HIS H 95 5.27 -47.32 -34.22
CA HIS H 95 4.96 -48.75 -34.33
C HIS H 95 3.55 -48.87 -34.89
N GLY H 96 3.42 -49.47 -36.06
CA GLY H 96 2.11 -49.71 -36.62
C GLY H 96 1.57 -48.46 -37.26
N TYR H 97 0.30 -48.15 -36.96
CA TYR H 97 -0.32 -46.89 -37.35
C TYR H 97 0.14 -45.73 -36.50
N TYR H 98 0.92 -45.98 -35.47
CA TYR H 98 0.95 -45.15 -34.28
C TYR H 98 2.35 -44.62 -34.05
N ILE H 99 2.41 -43.34 -33.66
CA ILE H 99 3.67 -42.69 -33.37
C ILE H 99 3.59 -42.04 -32.00
N LEU H 100 4.69 -42.09 -31.27
CA LEU H 100 4.89 -41.33 -30.04
C LEU H 100 5.91 -40.25 -30.32
N ALA H 101 5.63 -39.04 -29.84
CA ALA H 101 6.48 -37.90 -30.11
C ALA H 101 6.42 -36.95 -28.94
N GLN H 102 7.58 -36.41 -28.59
CA GLN H 102 7.68 -35.44 -27.50
C GLN H 102 7.38 -34.06 -28.08
N CYS H 103 6.25 -33.49 -27.66
CA CYS H 103 5.77 -32.20 -28.12
C CYS H 103 5.70 -31.20 -26.98
N PRO H 104 5.76 -29.91 -27.28
CA PRO H 104 5.35 -28.91 -26.31
C PRO H 104 3.85 -28.73 -26.35
N PRO H 105 3.30 -27.88 -25.49
CA PRO H 105 1.89 -27.56 -25.59
C PRO H 105 1.58 -26.89 -26.91
N GLY H 106 0.32 -27.03 -27.31
CA GLY H 106 -0.13 -26.45 -28.55
C GLY H 106 -1.63 -26.53 -28.70
N ASP H 107 -2.22 -25.47 -29.22
CA ASP H 107 -3.66 -25.48 -29.47
C ASP H 107 -4.04 -26.57 -30.45
N THR H 108 -3.14 -26.91 -31.37
CA THR H 108 -3.38 -27.86 -32.43
C THR H 108 -2.35 -28.98 -32.39
N VAL H 109 -2.45 -29.86 -33.36
CA VAL H 109 -1.41 -30.82 -33.68
C VAL H 109 -1.29 -30.87 -35.19
N THR H 110 -0.06 -30.94 -35.66
CA THR H 110 0.26 -30.73 -37.07
C THR H 110 1.36 -31.69 -37.44
N VAL H 111 1.04 -32.64 -38.32
CA VAL H 111 1.89 -33.78 -38.61
C VAL H 111 2.27 -33.75 -40.10
N GLY H 112 3.41 -34.32 -40.42
CA GLY H 112 3.76 -34.44 -41.81
C GLY H 112 5.15 -34.94 -42.08
N PHE H 113 5.28 -35.79 -43.09
CA PHE H 113 6.57 -36.23 -43.58
C PHE H 113 6.88 -35.47 -44.87
N HIS H 114 7.92 -35.91 -45.57
CA HIS H 114 8.23 -35.40 -46.90
C HIS H 114 8.57 -36.60 -47.76
N ASP H 115 7.65 -36.96 -48.66
CA ASP H 115 7.92 -38.03 -49.61
C ASP H 115 9.15 -37.73 -50.44
N GLY H 116 9.37 -36.45 -50.76
CA GLY H 116 10.49 -36.02 -51.58
C GLY H 116 10.07 -35.14 -52.75
N PRO H 117 8.99 -35.50 -53.45
CA PRO H 117 8.42 -34.56 -54.43
C PRO H 117 7.46 -33.56 -53.83
N ASN H 118 6.94 -33.82 -52.64
CA ASN H 118 5.87 -33.00 -52.08
C ASN H 118 5.94 -33.01 -50.57
N ARG H 119 5.41 -31.94 -49.97
CA ARG H 119 5.41 -31.86 -48.51
C ARG H 119 4.44 -32.88 -47.93
N HIS H 120 3.16 -32.78 -48.29
CA HIS H 120 2.21 -33.87 -48.06
C HIS H 120 2.04 -34.16 -46.57
N THR H 121 1.52 -33.15 -45.87
CA THR H 121 1.39 -33.13 -44.43
C THR H 121 -0.07 -33.32 -44.04
N CYS H 122 -0.30 -33.39 -42.73
CA CYS H 122 -1.67 -33.40 -42.20
C CYS H 122 -1.72 -32.78 -40.82
N THR H 123 -2.81 -32.07 -40.57
CA THR H 123 -2.91 -31.20 -39.42
C THR H 123 -4.29 -31.34 -38.81
N VAL H 124 -4.43 -30.98 -37.54
CA VAL H 124 -5.63 -31.26 -36.79
C VAL H 124 -5.69 -30.37 -35.57
N ALA H 125 -6.90 -30.15 -35.07
CA ALA H 125 -7.11 -29.49 -33.79
C ALA H 125 -7.03 -30.49 -32.66
N HIS H 126 -6.33 -30.09 -31.59
CA HIS H 126 -6.41 -30.80 -30.33
C HIS H 126 -5.79 -29.97 -29.22
N LYS H 127 -6.53 -29.79 -28.14
CA LYS H 127 -6.02 -29.07 -26.99
C LYS H 127 -4.92 -29.88 -26.33
N VAL H 128 -3.72 -29.33 -26.28
CA VAL H 128 -2.56 -29.99 -25.70
C VAL H 128 -2.03 -29.14 -24.57
N GLU H 129 -1.58 -29.82 -23.52
CA GLU H 129 -0.82 -29.20 -22.45
C GLU H 129 0.15 -30.23 -21.91
N PHE H 130 1.12 -29.73 -21.15
CA PHE H 130 2.00 -30.61 -20.38
C PHE H 130 2.25 -29.98 -19.01
N ARG H 131 1.36 -30.30 -18.11
CA ARG H 131 1.68 -30.23 -16.71
C ARG H 131 2.61 -31.38 -16.36
N PRO H 132 3.75 -31.13 -15.73
CA PRO H 132 4.45 -32.21 -15.04
C PRO H 132 3.73 -32.53 -13.75
N VAL H 133 3.87 -33.77 -13.32
CA VAL H 133 3.32 -34.16 -12.04
C VAL H 133 4.14 -33.50 -10.96
N GLY H 134 3.46 -32.80 -10.07
CA GLY H 134 4.10 -32.05 -9.01
C GLY H 134 3.31 -30.79 -8.79
N ARG H 135 3.53 -30.17 -7.64
CA ARG H 135 2.89 -28.92 -7.32
C ARG H 135 3.52 -27.74 -8.06
N GLU H 136 4.54 -27.97 -8.89
CA GLU H 136 5.07 -26.96 -9.80
C GLU H 136 4.37 -27.08 -11.13
N LYS H 137 3.88 -25.95 -11.63
CA LYS H 137 3.23 -25.89 -12.93
C LYS H 137 4.23 -25.34 -13.95
N TYR H 138 5.18 -26.19 -14.32
CA TYR H 138 6.10 -25.83 -15.38
C TYR H 138 5.38 -25.77 -16.71
N ARG H 139 6.15 -25.44 -17.75
CA ARG H 139 5.75 -25.58 -19.12
C ARG H 139 6.58 -26.62 -19.86
N HIS H 140 7.53 -27.26 -19.18
CA HIS H 140 8.53 -28.05 -19.87
C HIS H 140 9.35 -28.86 -18.87
N PRO H 141 9.82 -30.07 -19.21
CA PRO H 141 10.59 -30.84 -18.22
C PRO H 141 12.01 -30.32 -18.09
N PRO H 142 12.53 -30.20 -16.87
CA PRO H 142 13.91 -29.74 -16.71
C PRO H 142 14.91 -30.89 -16.84
N GLU H 143 16.18 -30.55 -16.61
CA GLU H 143 17.26 -31.52 -16.58
C GLU H 143 17.43 -32.19 -15.22
N HIS H 144 16.94 -31.55 -14.16
CA HIS H 144 17.19 -31.99 -12.80
C HIS H 144 15.90 -31.95 -12.02
N GLY H 145 15.98 -32.11 -10.71
CA GLY H 145 14.83 -32.19 -9.85
C GLY H 145 14.54 -33.60 -9.42
N VAL H 146 13.55 -33.71 -8.56
CA VAL H 146 13.17 -35.00 -8.01
C VAL H 146 12.43 -35.82 -9.06
N GLU H 147 12.51 -37.14 -8.92
CA GLU H 147 11.69 -38.05 -9.71
C GLU H 147 10.48 -38.46 -8.90
N LEU H 148 9.34 -38.57 -9.57
CA LEU H 148 8.09 -38.91 -8.90
C LEU H 148 7.11 -39.43 -9.95
N PRO H 149 6.06 -40.11 -9.53
CA PRO H 149 5.34 -41.00 -10.45
C PRO H 149 4.49 -40.32 -11.49
N CYS H 150 5.07 -40.03 -12.64
CA CYS H 150 4.31 -39.46 -13.75
C CYS H 150 3.61 -40.54 -14.56
N ASN H 151 2.76 -40.07 -15.46
CA ASN H 151 2.12 -40.90 -16.47
C ASN H 151 2.71 -40.56 -17.82
N ARG H 152 2.98 -41.60 -18.61
CA ARG H 152 3.85 -41.46 -19.76
C ARG H 152 3.75 -42.73 -20.58
N TYR H 153 4.07 -42.60 -21.86
CA TYR H 153 4.04 -43.71 -22.80
C TYR H 153 5.44 -44.26 -23.02
N THR H 154 5.49 -45.51 -23.46
CA THR H 154 6.74 -46.23 -23.55
C THR H 154 7.47 -45.88 -24.83
N HIS H 155 8.74 -46.27 -24.89
CA HIS H 155 9.47 -46.25 -26.13
C HIS H 155 9.15 -47.45 -27.01
N LYS H 156 8.65 -48.53 -26.42
CA LYS H 156 8.82 -49.85 -26.99
C LYS H 156 7.56 -50.32 -27.72
N ARG H 157 7.69 -51.51 -28.30
CA ARG H 157 6.68 -52.16 -29.11
C ARG H 157 6.18 -53.46 -28.50
N ALA H 158 7.00 -54.16 -27.72
CA ALA H 158 6.67 -55.47 -27.17
C ALA H 158 5.59 -55.24 -26.12
N ASP H 159 4.37 -55.07 -26.60
CA ASP H 159 3.33 -54.41 -25.83
C ASP H 159 1.99 -55.04 -26.17
N GLN H 160 1.25 -55.39 -25.12
CA GLN H 160 -0.03 -56.05 -25.26
C GLN H 160 -1.07 -55.50 -24.29
N GLY H 161 -0.71 -54.52 -23.45
CA GLY H 161 -1.57 -54.09 -22.36
C GLY H 161 -2.97 -53.70 -22.77
N HIS H 162 -3.14 -53.30 -24.03
CA HIS H 162 -4.46 -53.12 -24.60
C HIS H 162 -4.41 -53.51 -26.06
N TYR H 163 -5.59 -53.65 -26.65
CA TYR H 163 -5.71 -53.87 -28.07
C TYR H 163 -7.00 -53.24 -28.55
N VAL H 164 -6.92 -52.60 -29.70
CA VAL H 164 -8.06 -51.96 -30.33
C VAL H 164 -8.54 -52.85 -31.45
N GLU H 165 -9.84 -52.84 -31.68
CA GLU H 165 -10.42 -53.55 -32.81
C GLU H 165 -9.85 -52.98 -34.10
N MET H 166 -9.40 -53.88 -34.99
CA MET H 166 -8.98 -53.47 -36.32
C MET H 166 -9.49 -54.51 -37.33
N HIS H 167 -10.74 -54.35 -37.74
CA HIS H 167 -11.33 -55.19 -38.77
C HIS H 167 -11.19 -54.50 -40.12
N GLN H 168 -11.94 -54.98 -41.11
CA GLN H 168 -11.59 -54.75 -42.50
C GLN H 168 -11.76 -53.29 -42.86
N PRO H 169 -11.30 -52.91 -44.04
CA PRO H 169 -11.80 -51.69 -44.65
C PRO H 169 -13.10 -51.96 -45.37
N GLY H 170 -13.92 -50.92 -45.45
CA GLY H 170 -14.95 -50.89 -46.44
C GLY H 170 -14.32 -50.65 -47.79
N LEU H 171 -15.19 -50.47 -48.78
CA LEU H 171 -14.71 -50.13 -50.10
C LEU H 171 -14.04 -48.76 -50.07
N VAL H 172 -13.47 -48.38 -51.21
CA VAL H 172 -12.98 -47.03 -51.42
C VAL H 172 -13.26 -46.65 -52.86
N ALA H 173 -13.31 -45.35 -53.11
CA ALA H 173 -13.49 -44.85 -54.46
C ALA H 173 -12.18 -44.95 -55.22
N ASP H 174 -12.26 -45.25 -56.52
CA ASP H 174 -11.10 -45.06 -57.39
C ASP H 174 -11.62 -44.90 -58.81
N HIS H 175 -11.81 -43.66 -59.22
CA HIS H 175 -12.30 -43.36 -60.57
C HIS H 175 -11.20 -43.39 -61.61
N SER H 176 -9.95 -43.64 -61.22
CA SER H 176 -8.94 -44.02 -62.18
C SER H 176 -9.33 -45.31 -62.89
N LEU H 177 -10.09 -46.18 -62.20
CA LEU H 177 -10.59 -47.39 -62.81
C LEU H 177 -11.48 -47.07 -64.01
N LEU H 178 -12.49 -46.24 -63.80
CA LEU H 178 -13.57 -46.06 -64.77
C LEU H 178 -13.02 -45.27 -65.97
N SER H 179 -12.30 -45.98 -66.82
CA SER H 179 -11.85 -45.44 -68.09
C SER H 179 -13.02 -45.52 -69.08
N ILE H 180 -12.73 -45.34 -70.37
CA ILE H 180 -13.74 -45.40 -71.42
C ILE H 180 -13.31 -46.45 -72.44
N HIS H 181 -14.25 -47.31 -72.82
CA HIS H 181 -14.08 -48.29 -73.89
C HIS H 181 -14.48 -47.70 -75.24
N SER H 182 -13.97 -46.50 -75.51
CA SER H 182 -14.12 -45.76 -76.76
C SER H 182 -15.55 -45.27 -77.05
N ALA H 183 -16.56 -45.84 -76.42
CA ALA H 183 -17.85 -45.20 -76.24
C ALA H 183 -18.49 -45.46 -74.89
N LYS H 184 -18.07 -46.50 -74.17
CA LYS H 184 -18.69 -46.95 -72.94
C LYS H 184 -17.69 -46.75 -71.81
N VAL H 185 -18.21 -46.59 -70.61
CA VAL H 185 -17.33 -46.41 -69.45
C VAL H 185 -16.81 -47.77 -69.01
N LYS H 186 -15.49 -47.82 -68.82
CA LYS H 186 -14.74 -49.07 -68.71
C LYS H 186 -14.09 -49.12 -67.34
N ILE H 187 -14.51 -50.08 -66.54
CA ILE H 187 -13.91 -50.35 -65.26
C ILE H 187 -12.80 -51.37 -65.45
N THR H 188 -11.81 -51.33 -64.56
CA THR H 188 -10.77 -52.34 -64.51
C THR H 188 -10.61 -52.83 -63.07
N VAL H 189 -9.57 -53.59 -62.79
CA VAL H 189 -9.35 -54.15 -61.46
C VAL H 189 -7.88 -53.99 -61.08
N PRO H 190 -7.59 -53.87 -59.76
CA PRO H 190 -6.18 -53.81 -59.34
C PRO H 190 -5.36 -55.04 -59.69
N SER H 191 -5.75 -56.18 -59.12
CA SER H 191 -5.00 -57.42 -59.22
C SER H 191 -5.95 -58.61 -59.29
N GLY H 192 -7.16 -58.38 -59.78
CA GLY H 192 -8.27 -59.28 -59.54
C GLY H 192 -9.07 -58.94 -58.30
N ALA H 193 -8.88 -57.77 -57.73
CA ALA H 193 -9.64 -57.37 -56.56
C ALA H 193 -11.12 -57.23 -56.93
N GLN H 194 -11.92 -57.04 -55.91
CA GLN H 194 -13.37 -57.14 -56.00
C GLN H 194 -13.95 -55.74 -56.18
N VAL H 195 -14.43 -55.44 -57.39
CA VAL H 195 -14.87 -54.11 -57.77
C VAL H 195 -16.39 -54.13 -57.84
N LYS H 196 -17.02 -53.27 -57.06
CA LYS H 196 -18.45 -53.31 -56.80
C LYS H 196 -19.11 -52.23 -57.68
N TYR H 197 -19.90 -52.66 -58.68
CA TYR H 197 -20.15 -51.83 -59.84
C TYR H 197 -21.58 -51.89 -60.37
N TYR H 198 -22.08 -50.74 -60.83
CA TYR H 198 -23.32 -50.47 -61.57
C TYR H 198 -23.28 -48.97 -61.80
N CYS H 199 -24.21 -48.47 -62.62
CA CYS H 199 -24.31 -47.04 -62.89
C CYS H 199 -25.75 -46.62 -62.63
N LYS H 200 -26.02 -45.32 -62.73
CA LYS H 200 -27.40 -44.86 -62.53
C LYS H 200 -28.34 -45.53 -63.51
N CYS H 201 -27.87 -45.78 -64.74
CA CYS H 201 -28.66 -46.50 -65.72
C CYS H 201 -28.74 -47.96 -65.26
N PRO H 202 -29.54 -48.78 -65.95
CA PRO H 202 -29.50 -50.24 -65.69
C PRO H 202 -28.44 -51.00 -66.49
N ASP H 203 -27.44 -51.55 -65.78
CA ASP H 203 -26.40 -52.44 -66.30
C ASP H 203 -26.04 -53.41 -65.16
N VAL H 204 -24.82 -53.99 -65.20
CA VAL H 204 -24.36 -54.96 -64.19
C VAL H 204 -24.54 -54.38 -62.79
N ARG H 205 -25.21 -55.12 -61.89
CA ARG H 205 -25.72 -54.52 -60.66
C ARG H 205 -24.89 -54.79 -59.40
N GLU H 206 -24.14 -55.90 -59.31
CA GLU H 206 -23.25 -56.06 -58.16
C GLU H 206 -21.84 -55.60 -58.50
N GLY H 207 -21.17 -56.37 -59.36
CA GLY H 207 -19.78 -56.18 -59.65
C GLY H 207 -18.97 -57.02 -58.70
N ILE H 208 -18.63 -58.24 -59.09
CA ILE H 208 -17.58 -59.02 -58.44
C ILE H 208 -16.83 -59.66 -59.60
N THR H 209 -15.83 -58.99 -60.14
CA THR H 209 -15.42 -59.24 -61.50
C THR H 209 -13.96 -58.90 -61.72
N SER H 210 -13.46 -59.32 -62.88
CA SER H 210 -12.29 -58.74 -63.51
C SER H 210 -12.73 -57.46 -64.20
N SER H 211 -11.89 -56.93 -65.10
CA SER H 211 -12.23 -55.71 -65.81
C SER H 211 -13.49 -55.87 -66.65
N ASP H 212 -14.56 -55.20 -66.23
CA ASP H 212 -15.80 -55.16 -66.98
C ASP H 212 -15.85 -53.93 -67.86
N HIS H 213 -16.80 -53.94 -68.77
CA HIS H 213 -17.26 -52.76 -69.49
C HIS H 213 -18.59 -52.34 -68.89
N THR H 214 -19.26 -51.39 -69.55
CA THR H 214 -20.57 -50.92 -69.14
C THR H 214 -21.42 -50.78 -70.39
N THR H 215 -22.39 -51.66 -70.57
CA THR H 215 -23.23 -51.58 -71.76
C THR H 215 -24.03 -50.29 -71.76
N THR H 216 -24.67 -49.96 -70.64
CA THR H 216 -25.72 -48.94 -70.65
C THR H 216 -25.21 -47.51 -70.52
N CYS H 217 -24.67 -47.16 -69.34
CA CYS H 217 -24.25 -45.79 -69.13
C CYS H 217 -22.94 -45.50 -69.86
N THR H 218 -22.63 -44.22 -69.98
CA THR H 218 -21.46 -43.71 -70.66
C THR H 218 -20.60 -42.83 -69.79
N ASP H 219 -21.23 -42.02 -68.94
CA ASP H 219 -20.50 -41.02 -68.18
C ASP H 219 -19.81 -41.67 -67.00
N VAL H 220 -18.55 -41.30 -66.80
CA VAL H 220 -17.78 -41.76 -65.66
C VAL H 220 -18.43 -41.30 -64.35
N LYS H 221 -19.15 -40.19 -64.38
CA LYS H 221 -19.64 -39.52 -63.19
C LYS H 221 -20.97 -40.07 -62.69
N GLN H 222 -21.39 -41.25 -63.16
CA GLN H 222 -22.65 -41.83 -62.73
C GLN H 222 -22.49 -43.32 -62.49
N CYS H 223 -21.34 -43.72 -61.96
CA CYS H 223 -21.00 -45.14 -61.84
C CYS H 223 -20.29 -45.42 -60.52
N ARG H 224 -20.22 -46.70 -60.19
CA ARG H 224 -19.77 -47.17 -58.88
C ARG H 224 -18.33 -47.67 -59.01
N ALA H 225 -17.36 -46.77 -58.86
CA ALA H 225 -15.94 -47.13 -58.83
C ALA H 225 -15.60 -47.51 -57.40
N TYR H 226 -15.60 -48.81 -57.10
CA TYR H 226 -15.43 -49.32 -55.76
C TYR H 226 -14.30 -50.34 -55.73
N LEU H 227 -13.70 -50.49 -54.55
CA LEU H 227 -12.60 -51.43 -54.33
C LEU H 227 -12.84 -52.17 -53.02
N ILE H 228 -13.52 -53.30 -53.10
CA ILE H 228 -13.53 -54.25 -52.00
C ILE H 228 -12.21 -55.00 -52.09
N ASP H 229 -11.24 -54.57 -51.30
CA ASP H 229 -9.87 -55.05 -51.34
C ASP H 229 -9.44 -55.50 -49.97
N ASN H 230 -10.27 -56.32 -49.34
CA ASN H 230 -10.10 -56.68 -47.95
C ASN H 230 -9.12 -57.84 -47.76
N LYS H 231 -7.94 -57.73 -48.36
CA LYS H 231 -6.84 -58.63 -48.08
C LYS H 231 -6.03 -58.17 -46.87
N LYS H 232 -6.19 -56.92 -46.45
CA LYS H 232 -5.51 -56.40 -45.29
C LYS H 232 -6.48 -55.51 -44.52
N TRP H 233 -6.59 -55.76 -43.21
CA TRP H 233 -7.51 -55.01 -42.38
C TRP H 233 -7.00 -53.60 -42.17
N VAL H 234 -7.75 -52.80 -41.40
CA VAL H 234 -7.42 -51.40 -41.14
C VAL H 234 -7.71 -51.07 -39.69
N TYR H 235 -7.29 -49.86 -39.31
CA TYR H 235 -7.81 -49.25 -38.10
C TYR H 235 -9.23 -48.80 -38.33
N ASN H 236 -10.03 -48.86 -37.28
CA ASN H 236 -11.45 -48.55 -37.36
C ASN H 236 -11.67 -47.07 -37.10
N SER H 237 -11.09 -46.28 -37.99
CA SER H 237 -11.22 -44.84 -37.93
C SER H 237 -12.66 -44.42 -38.07
N GLY H 238 -13.01 -43.31 -37.42
CA GLY H 238 -14.28 -42.68 -37.71
C GLY H 238 -14.35 -42.21 -39.15
N ARG H 239 -13.20 -41.94 -39.76
CA ARG H 239 -13.15 -41.51 -41.15
C ARG H 239 -12.97 -42.69 -42.10
N LEU H 240 -13.47 -43.85 -41.71
CA LEU H 240 -13.59 -45.05 -42.50
C LEU H 240 -15.04 -45.30 -42.90
N PRO H 241 -15.32 -45.70 -44.13
CA PRO H 241 -16.63 -46.29 -44.41
C PRO H 241 -16.65 -47.75 -44.03
N ARG H 242 -17.74 -48.15 -43.38
CA ARG H 242 -17.90 -49.51 -42.91
C ARG H 242 -17.76 -50.51 -44.05
N GLY H 243 -17.07 -51.62 -43.76
CA GLY H 243 -17.20 -52.79 -44.60
C GLY H 243 -18.50 -53.47 -44.23
N GLU H 244 -19.51 -53.31 -45.09
CA GLU H 244 -20.88 -53.61 -44.72
C GLU H 244 -21.11 -55.08 -44.44
N GLY H 245 -20.22 -55.95 -44.91
CA GLY H 245 -20.50 -57.37 -44.87
C GLY H 245 -20.52 -57.93 -43.45
N ASP H 246 -19.51 -57.57 -42.65
CA ASP H 246 -19.24 -58.34 -41.45
C ASP H 246 -18.25 -57.60 -40.58
N THR H 247 -18.28 -57.94 -39.29
CA THR H 247 -17.18 -57.66 -38.36
C THR H 247 -16.11 -58.74 -38.53
N PHE H 248 -15.24 -58.58 -39.52
CA PHE H 248 -14.12 -59.50 -39.62
C PHE H 248 -13.22 -59.38 -38.40
N LYS H 249 -12.36 -60.40 -38.24
CA LYS H 249 -11.34 -60.47 -37.21
C LYS H 249 -10.28 -59.41 -37.47
N GLY H 250 -9.25 -59.38 -36.63
CA GLY H 250 -8.21 -58.39 -36.65
C GLY H 250 -8.10 -57.58 -35.37
N LYS H 251 -8.34 -58.24 -34.24
CA LYS H 251 -7.99 -57.63 -32.96
C LYS H 251 -6.48 -57.40 -32.91
N LEU H 252 -6.08 -56.16 -32.65
CA LEU H 252 -4.69 -55.76 -32.79
C LEU H 252 -4.30 -54.82 -31.67
N HIS H 253 -3.11 -55.07 -31.12
CA HIS H 253 -2.63 -54.42 -29.91
C HIS H 253 -2.46 -52.93 -30.10
N VAL H 254 -2.11 -52.27 -29.01
CA VAL H 254 -1.54 -50.92 -29.02
C VAL H 254 -0.12 -51.01 -28.50
N PRO H 255 0.87 -50.43 -29.18
CA PRO H 255 2.22 -50.36 -28.60
C PRO H 255 2.32 -49.46 -27.38
N PHE H 256 1.92 -48.21 -27.57
CA PHE H 256 2.29 -47.16 -26.64
C PHE H 256 1.25 -47.11 -25.53
N VAL H 257 1.42 -48.03 -24.59
CA VAL H 257 0.56 -48.09 -23.41
C VAL H 257 0.98 -46.93 -22.52
N PRO H 258 0.06 -46.31 -21.79
CA PRO H 258 0.49 -45.38 -20.74
C PRO H 258 1.01 -46.16 -19.54
N VAL H 259 2.23 -45.84 -19.13
CA VAL H 259 2.93 -46.56 -18.08
C VAL H 259 3.30 -45.62 -16.96
N LYS H 260 3.66 -46.21 -15.83
CA LYS H 260 3.97 -45.47 -14.62
C LYS H 260 5.48 -45.22 -14.56
N ALA H 261 5.94 -44.47 -15.56
CA ALA H 261 7.30 -43.99 -15.51
C ALA H 261 7.42 -42.94 -14.42
N LYS H 262 8.60 -42.87 -13.83
CA LYS H 262 8.96 -41.75 -12.98
C LYS H 262 9.67 -40.76 -13.87
N CYS H 263 8.94 -39.74 -14.32
CA CYS H 263 9.58 -38.70 -15.10
C CYS H 263 10.68 -38.05 -14.30
N ILE H 264 11.80 -37.78 -14.97
CA ILE H 264 12.66 -36.73 -14.51
C ILE H 264 11.76 -35.52 -14.40
N ALA H 265 11.77 -34.86 -13.25
CA ALA H 265 10.62 -34.03 -12.93
C ALA H 265 11.03 -32.77 -12.19
N THR H 266 10.03 -32.08 -11.66
CA THR H 266 10.13 -30.69 -11.29
C THR H 266 10.78 -30.55 -9.93
N LEU H 267 11.11 -29.31 -9.60
CA LEU H 267 11.64 -28.93 -8.31
C LEU H 267 11.65 -27.42 -8.28
N ALA H 268 11.17 -26.85 -7.22
CA ALA H 268 11.12 -25.41 -7.07
C ALA H 268 12.23 -24.95 -6.14
N PRO H 269 12.81 -23.76 -6.37
CA PRO H 269 13.92 -23.31 -5.54
C PRO H 269 13.56 -23.24 -4.07
N GLU H 270 14.55 -23.47 -3.23
CA GLU H 270 14.31 -23.63 -1.82
C GLU H 270 13.74 -22.34 -1.23
N PRO H 271 12.98 -22.42 -0.16
CA PRO H 271 12.46 -21.21 0.47
C PRO H 271 13.50 -20.53 1.34
N LEU H 272 13.18 -19.29 1.73
CA LEU H 272 13.96 -18.54 2.70
C LEU H 272 13.17 -18.55 3.99
N VAL H 273 13.58 -19.39 4.92
CA VAL H 273 12.89 -19.48 6.19
C VAL H 273 13.30 -18.31 7.06
N GLU H 274 12.31 -17.68 7.66
CA GLU H 274 12.53 -16.54 8.54
C GLU H 274 11.66 -16.73 9.77
N HIS H 275 12.27 -16.58 10.93
CA HIS H 275 11.57 -16.76 12.18
C HIS H 275 10.79 -15.51 12.59
N LYS H 276 9.62 -15.73 13.17
CA LYS H 276 8.99 -14.76 14.03
C LYS H 276 8.25 -15.52 15.13
N HIS H 277 7.61 -14.77 16.02
CA HIS H 277 6.90 -15.33 17.15
C HIS H 277 5.70 -16.12 16.67
N ARG H 278 5.82 -17.45 16.69
CA ARG H 278 4.75 -18.35 16.26
C ARG H 278 4.28 -18.02 14.85
N THR H 279 5.22 -17.58 14.03
CA THR H 279 4.88 -17.08 12.70
C THR H 279 6.07 -17.29 11.79
N LEU H 280 5.81 -17.89 10.63
CA LEU H 280 6.81 -18.05 9.58
C LEU H 280 6.60 -16.95 8.56
N ILE H 281 7.43 -15.93 8.60
CA ILE H 281 7.64 -15.14 7.40
C ILE H 281 8.46 -16.01 6.47
N LEU H 282 8.10 -15.98 5.20
CA LEU H 282 8.80 -16.72 4.17
C LEU H 282 8.88 -15.83 2.95
N HIS H 283 10.02 -15.17 2.77
CA HIS H 283 10.33 -14.59 1.49
C HIS H 283 10.54 -15.72 0.50
N LEU H 284 9.83 -15.68 -0.61
CA LEU H 284 9.76 -16.83 -1.50
C LEU H 284 9.84 -16.37 -2.94
N HIS H 285 10.44 -17.21 -3.74
CA HIS H 285 10.90 -16.82 -5.05
C HIS H 285 11.02 -18.02 -5.96
N PRO H 286 9.95 -18.42 -6.63
CA PRO H 286 9.98 -19.63 -7.45
C PRO H 286 10.50 -19.42 -8.86
N ASP H 287 10.61 -20.52 -9.58
CA ASP H 287 10.90 -20.53 -11.00
C ASP H 287 9.63 -20.44 -11.83
N HIS H 288 8.61 -21.14 -11.38
CA HIS H 288 7.37 -21.31 -12.13
C HIS H 288 6.21 -21.30 -11.13
N PRO H 289 4.97 -21.29 -11.58
CA PRO H 289 3.86 -21.30 -10.63
C PRO H 289 3.88 -22.57 -9.80
N THR H 290 4.00 -22.38 -8.50
CA THR H 290 4.16 -23.45 -7.53
C THR H 290 2.96 -23.45 -6.60
N LEU H 291 2.28 -24.59 -6.48
CA LEU H 291 1.19 -24.72 -5.53
C LEU H 291 1.80 -24.99 -4.17
N LEU H 292 1.77 -23.98 -3.32
CA LEU H 292 2.12 -24.15 -1.92
C LEU H 292 0.89 -24.51 -1.12
N THR H 293 1.10 -25.30 -0.07
CA THR H 293 0.00 -25.57 0.84
C THR H 293 0.54 -26.14 2.15
N THR H 294 -0.31 -26.05 3.18
CA THR H 294 0.07 -26.36 4.54
C THR H 294 -1.06 -27.08 5.25
N ARG H 295 -0.79 -27.50 6.49
CA ARG H 295 -1.77 -28.19 7.31
C ARG H 295 -1.46 -27.88 8.78
N SER H 296 -2.17 -26.91 9.35
CA SER H 296 -1.99 -26.68 10.79
C SER H 296 -2.51 -27.90 11.52
N LEU H 297 -1.59 -28.62 12.14
CA LEU H 297 -1.85 -29.97 12.59
C LEU H 297 -2.79 -30.07 13.77
N GLY H 298 -3.35 -28.97 14.27
CA GLY H 298 -4.45 -29.10 15.18
C GLY H 298 -5.60 -29.84 14.53
N SER H 299 -6.50 -30.32 15.37
CA SER H 299 -7.74 -30.86 14.84
C SER H 299 -8.51 -29.79 14.07
N ASP H 300 -8.25 -28.51 14.37
CA ASP H 300 -8.49 -27.45 13.41
C ASP H 300 -7.41 -27.51 12.35
N ALA H 301 -7.77 -27.97 11.15
CA ALA H 301 -6.78 -28.10 10.09
C ALA H 301 -6.25 -26.75 9.65
N ASN H 302 -7.16 -25.84 9.31
CA ASN H 302 -6.86 -24.53 8.73
C ASN H 302 -5.77 -24.59 7.65
N PRO H 303 -6.00 -25.30 6.56
CA PRO H 303 -5.03 -25.36 5.48
C PRO H 303 -5.11 -24.13 4.60
N THR H 304 -4.14 -24.05 3.69
CA THR H 304 -4.04 -22.96 2.74
C THR H 304 -3.53 -23.53 1.43
N ARG H 305 -3.98 -22.93 0.33
CA ARG H 305 -3.50 -23.28 -1.00
C ARG H 305 -3.33 -21.99 -1.78
N GLN H 306 -2.22 -21.86 -2.48
CA GLN H 306 -2.10 -20.80 -3.47
C GLN H 306 -0.96 -21.12 -4.41
N TRP H 307 -1.28 -21.16 -5.70
CA TRP H 307 -0.24 -21.18 -6.70
C TRP H 307 0.56 -19.89 -6.61
N ILE H 308 1.88 -20.04 -6.54
CA ILE H 308 2.78 -18.91 -6.46
C ILE H 308 3.70 -18.98 -7.66
N GLU H 309 3.58 -17.99 -8.52
CA GLU H 309 4.54 -17.73 -9.58
C GLU H 309 5.28 -16.43 -9.39
N ARG H 310 4.62 -15.45 -8.85
CA ARG H 310 5.26 -14.20 -8.54
C ARG H 310 5.93 -14.31 -7.18
N PRO H 311 7.19 -13.92 -7.04
CA PRO H 311 7.85 -13.99 -5.74
C PRO H 311 7.12 -13.18 -4.70
N THR H 312 6.94 -13.78 -3.53
CA THR H 312 6.05 -13.23 -2.52
C THR H 312 6.54 -13.60 -1.13
N THR H 313 6.62 -12.60 -0.28
CA THR H 313 6.79 -12.84 1.14
C THR H 313 5.42 -13.15 1.73
N VAL H 314 5.29 -14.35 2.31
CA VAL H 314 4.02 -14.83 2.85
C VAL H 314 4.14 -14.98 4.35
N ASN H 315 3.06 -15.42 4.97
CA ASN H 315 3.02 -15.57 6.42
C ASN H 315 2.15 -16.77 6.77
N PHE H 316 2.46 -17.37 7.92
CA PHE H 316 1.74 -18.54 8.40
C PHE H 316 1.70 -18.48 9.91
N THR H 317 0.50 -18.33 10.45
CA THR H 317 0.33 -18.36 11.89
C THR H 317 0.52 -19.79 12.36
N VAL H 318 1.73 -20.15 12.71
CA VAL H 318 1.98 -21.48 13.25
C VAL H 318 1.49 -21.52 14.67
N THR H 319 0.98 -22.68 15.06
CA THR H 319 0.42 -22.93 16.36
C THR H 319 1.48 -23.54 17.26
N GLY H 320 1.04 -24.00 18.43
CA GLY H 320 1.97 -24.60 19.36
C GLY H 320 2.45 -25.96 18.92
N GLU H 321 1.55 -26.79 18.41
CA GLU H 321 1.89 -28.18 18.18
C GLU H 321 2.65 -28.40 16.88
N GLY H 322 2.37 -27.62 15.85
CA GLY H 322 3.18 -27.69 14.65
C GLY H 322 2.42 -27.31 13.41
N LEU H 323 3.18 -27.08 12.34
CA LEU H 323 2.67 -26.88 11.00
C LEU H 323 3.57 -27.62 10.03
N GLU H 324 3.06 -27.90 8.84
CA GLU H 324 3.89 -28.45 7.77
C GLU H 324 3.73 -27.60 6.52
N TYR H 325 4.70 -27.77 5.63
CA TYR H 325 5.00 -26.78 4.61
C TYR H 325 5.52 -27.49 3.38
N THR H 326 4.95 -27.18 2.21
CA THR H 326 5.11 -27.98 1.00
C THR H 326 5.51 -27.11 -0.19
N TRP H 327 6.79 -26.82 -0.31
CA TRP H 327 7.30 -25.95 -1.37
C TRP H 327 7.31 -26.72 -2.68
N GLY H 328 6.14 -26.83 -3.28
CA GLY H 328 6.10 -27.60 -4.49
C GLY H 328 6.32 -29.05 -4.17
N ASN H 329 6.69 -29.81 -5.20
CA ASN H 329 6.99 -31.22 -5.01
C ASN H 329 8.28 -31.45 -4.25
N HIS H 330 9.00 -30.40 -3.89
CA HIS H 330 9.98 -30.51 -2.83
C HIS H 330 9.32 -31.12 -1.61
N PRO H 331 10.00 -31.95 -0.83
CA PRO H 331 9.32 -32.72 0.21
C PRO H 331 8.68 -31.82 1.25
N PRO H 332 7.70 -32.34 1.99
CA PRO H 332 7.04 -31.52 3.01
C PRO H 332 7.94 -31.28 4.20
N LYS H 333 8.00 -30.02 4.62
CA LYS H 333 8.71 -29.65 5.82
C LYS H 333 7.75 -29.68 7.00
N ARG H 334 8.30 -29.45 8.19
CA ARG H 334 7.55 -29.46 9.43
C ARG H 334 8.24 -28.49 10.36
N VAL H 335 7.52 -27.95 11.34
CA VAL H 335 8.06 -26.88 12.17
C VAL H 335 7.48 -26.90 13.59
N TRP H 336 8.37 -26.88 14.60
CA TRP H 336 7.98 -26.60 15.97
C TRP H 336 7.99 -25.08 16.11
N ALA H 337 6.83 -24.53 16.38
CA ALA H 337 6.71 -23.16 16.86
C ALA H 337 6.03 -23.26 18.21
N GLN H 338 6.85 -23.42 19.22
CA GLN H 338 6.44 -23.08 20.56
C GLN H 338 6.63 -21.57 20.70
N GLU H 339 6.63 -21.09 21.94
CA GLU H 339 6.81 -19.69 22.22
C GLU H 339 8.01 -19.08 21.54
N SER H 340 7.99 -17.77 21.41
CA SER H 340 9.24 -17.01 21.36
C SER H 340 9.10 -15.65 22.05
N GLY H 341 8.00 -15.39 22.75
CA GLY H 341 7.71 -14.12 23.38
C GLY H 341 8.16 -14.05 24.81
N GLU H 342 8.98 -14.99 25.25
CA GLU H 342 9.73 -14.91 26.51
C GLU H 342 8.84 -15.05 27.75
N GLY H 343 7.85 -15.95 27.72
CA GLY H 343 7.23 -16.50 28.91
C GLY H 343 6.79 -15.54 30.01
N ASN H 344 7.48 -15.58 31.16
CA ASN H 344 7.29 -14.63 32.25
C ASN H 344 8.45 -14.68 33.23
N PRO H 345 9.62 -14.17 32.85
CA PRO H 345 10.55 -13.63 33.84
C PRO H 345 9.96 -12.39 34.47
N HIS H 346 10.63 -11.88 35.49
CA HIS H 346 10.01 -10.80 36.27
C HIS H 346 11.02 -10.03 37.10
N GLY H 347 11.16 -8.73 36.82
CA GLY H 347 11.84 -7.79 37.70
C GLY H 347 11.23 -6.39 37.73
N TRP H 348 10.15 -6.18 36.98
CA TRP H 348 9.45 -4.93 36.78
C TRP H 348 8.11 -5.08 37.49
N PRO H 349 7.20 -4.08 37.56
CA PRO H 349 5.84 -4.43 37.99
C PRO H 349 5.01 -5.28 37.02
N HIS H 350 4.65 -4.78 35.82
CA HIS H 350 3.71 -5.53 34.97
C HIS H 350 3.96 -5.45 33.47
N GLU H 351 4.73 -4.49 32.95
CA GLU H 351 4.95 -4.42 31.52
C GLU H 351 5.72 -5.62 30.98
N VAL H 352 6.33 -6.43 31.84
CA VAL H 352 6.94 -7.69 31.39
C VAL H 352 5.94 -8.82 31.30
N VAL H 353 4.73 -8.64 31.82
CA VAL H 353 3.68 -9.65 31.69
C VAL H 353 3.18 -9.79 30.26
N VAL H 354 3.51 -8.84 29.40
CA VAL H 354 3.24 -8.94 27.97
C VAL H 354 3.75 -10.27 27.42
N TYR H 355 4.88 -10.73 27.96
CA TYR H 355 5.40 -12.05 27.62
C TYR H 355 4.34 -13.12 27.81
N TYR H 356 3.59 -13.05 28.91
CA TYR H 356 2.52 -14.02 29.14
C TYR H 356 1.33 -13.74 28.24
N TYR H 357 1.15 -12.49 27.82
CA TYR H 357 0.08 -12.14 26.90
C TYR H 357 0.44 -12.53 25.48
N ASN H 358 1.71 -12.36 25.12
CA ASN H 358 2.16 -12.66 23.79
C ASN H 358 2.17 -14.16 23.52
N ARG H 359 2.16 -14.98 24.58
CA ARG H 359 2.02 -16.42 24.45
C ARG H 359 0.57 -16.86 24.48
N TYR H 360 -0.28 -16.11 25.16
CA TYR H 360 -1.72 -16.39 25.24
C TYR H 360 -2.52 -15.16 24.83
N PRO H 361 -2.50 -14.79 23.57
CA PRO H 361 -3.40 -13.71 23.11
C PRO H 361 -4.78 -14.23 22.70
N LEU H 362 -5.31 -15.18 23.45
CA LEU H 362 -6.74 -15.48 23.41
C LEU H 362 -7.33 -15.59 24.80
N THR H 363 -6.60 -16.17 25.74
CA THR H 363 -7.12 -16.40 27.07
C THR H 363 -6.81 -15.27 28.03
N THR H 364 -5.75 -14.51 27.76
CA THR H 364 -5.39 -13.42 28.66
C THR H 364 -6.28 -12.22 28.44
N ILE H 365 -6.69 -11.98 27.20
CA ILE H 365 -7.60 -10.88 26.94
C ILE H 365 -8.87 -11.06 27.73
N ILE H 366 -9.38 -12.29 27.79
CA ILE H 366 -10.54 -12.59 28.61
C ILE H 366 -10.11 -12.91 30.04
N GLY H 367 -8.95 -13.55 30.20
CA GLY H 367 -8.51 -13.89 31.54
C GLY H 367 -8.13 -12.65 32.34
N LEU H 368 -7.56 -11.66 31.67
CA LEU H 368 -7.30 -10.39 32.34
C LEU H 368 -8.61 -9.67 32.62
N CYS H 369 -9.46 -9.53 31.60
CA CYS H 369 -10.75 -8.89 31.79
C CYS H 369 -11.57 -9.62 32.84
N THR H 370 -11.40 -10.94 32.95
CA THR H 370 -11.91 -11.65 34.10
C THR H 370 -11.27 -11.12 35.38
N CYS H 371 -9.94 -11.03 35.39
CA CYS H 371 -9.25 -10.50 36.57
C CYS H 371 -9.63 -9.04 36.81
N VAL H 372 -9.90 -8.30 35.74
CA VAL H 372 -10.39 -6.93 35.88
C VAL H 372 -11.84 -6.96 36.34
N ALA H 373 -12.58 -7.99 35.94
CA ALA H 373 -13.99 -8.07 36.30
C ALA H 373 -14.15 -8.33 37.80
N ILE H 374 -13.45 -9.36 38.30
CA ILE H 374 -13.68 -9.81 39.66
C ILE H 374 -13.26 -8.74 40.66
N ILE H 375 -12.29 -7.91 40.30
CA ILE H 375 -11.92 -6.82 41.19
C ILE H 375 -13.00 -5.75 41.18
N MET H 376 -13.67 -5.56 40.04
CA MET H 376 -14.82 -4.67 40.00
C MET H 376 -15.99 -5.28 40.73
N VAL H 377 -16.16 -6.60 40.66
CA VAL H 377 -17.07 -7.29 41.56
C VAL H 377 -16.64 -7.04 43.00
N SER H 378 -15.40 -7.39 43.31
CA SER H 378 -14.87 -7.16 44.64
C SER H 378 -14.80 -5.69 45.00
N CYS H 379 -14.86 -4.79 44.01
CA CYS H 379 -15.03 -3.38 44.32
C CYS H 379 -16.43 -3.11 44.84
N VAL H 380 -17.44 -3.32 43.99
CA VAL H 380 -18.80 -2.89 44.32
C VAL H 380 -19.33 -3.66 45.51
N THR H 381 -18.96 -4.93 45.65
CA THR H 381 -19.32 -5.66 46.86
C THR H 381 -18.64 -5.04 48.06
N SER H 382 -17.39 -4.60 47.89
CA SER H 382 -16.71 -3.90 48.96
C SER H 382 -17.31 -2.52 49.17
N VAL H 383 -17.80 -1.88 48.10
CA VAL H 383 -18.51 -0.61 48.27
C VAL H 383 -19.70 -0.82 49.19
N TRP H 384 -20.64 -1.69 48.79
CA TRP H 384 -21.82 -1.93 49.60
C TRP H 384 -21.44 -2.44 50.98
N LEU H 385 -20.65 -3.50 51.03
CA LEU H 385 -20.27 -4.06 52.32
C LEU H 385 -19.18 -3.27 53.03
N LEU H 386 -18.89 -2.05 52.57
CA LEU H 386 -18.25 -1.04 53.40
C LEU H 386 -19.17 0.14 53.63
N CYS H 387 -19.73 0.73 52.58
CA CYS H 387 -20.49 1.96 52.73
C CYS H 387 -21.80 1.69 53.47
N ARG H 388 -22.44 0.55 53.22
CA ARG H 388 -23.60 0.17 54.01
C ARG H 388 -23.19 -0.01 55.47
N THR H 389 -22.08 -0.71 55.68
CA THR H 389 -21.55 -0.91 57.01
C THR H 389 -20.83 0.32 57.52
N ARG H 390 -20.56 1.30 56.66
CA ARG H 390 -20.16 2.62 57.11
C ARG H 390 -21.36 3.51 57.34
N ASN H 391 -22.43 3.31 56.58
CA ASN H 391 -23.71 3.95 56.90
C ASN H 391 -24.24 3.38 58.19
N LEU H 392 -24.13 2.08 58.38
CA LEU H 392 -24.29 1.49 59.68
C LEU H 392 -23.03 1.70 60.49
N CYS H 393 -23.16 1.51 61.80
CA CYS H 393 -22.17 1.84 62.83
C CYS H 393 -21.99 3.34 63.01
N ILE H 394 -22.66 4.18 62.22
CA ILE H 394 -22.89 5.57 62.56
C ILE H 394 -24.36 5.85 62.80
N THR H 395 -25.23 5.08 62.21
CA THR H 395 -26.65 5.21 62.48
C THR H 395 -26.89 4.80 63.93
N PRO H 396 -26.30 3.71 64.45
CA PRO H 396 -26.40 3.50 65.90
C PRO H 396 -25.71 4.58 66.72
N TYR H 397 -24.70 5.25 66.15
CA TYR H 397 -23.85 6.18 66.88
C TYR H 397 -24.25 7.63 66.62
N LYS H 398 -24.25 8.05 65.37
CA LYS H 398 -24.73 9.37 64.97
C LYS H 398 -26.24 9.34 64.73
N LEU H 399 -26.95 9.01 65.79
CA LEU H 399 -28.34 9.38 65.95
C LEU H 399 -28.67 9.76 67.39
N ALA H 400 -27.70 9.77 68.29
CA ALA H 400 -27.90 9.94 69.73
C ALA H 400 -27.03 11.08 70.17
N PRO H 401 -26.98 12.15 69.42
CA PRO H 401 -25.70 12.52 68.82
C PRO H 401 -24.55 12.79 69.79
N ASN H 402 -24.82 12.78 71.10
CA ASN H 402 -23.77 12.75 72.11
C ASN H 402 -22.84 11.56 71.89
N ALA H 403 -23.35 10.34 72.11
CA ALA H 403 -22.74 9.11 71.63
C ALA H 403 -21.27 8.98 72.04
N GLN H 404 -21.05 8.77 73.33
CA GLN H 404 -19.70 8.66 73.87
C GLN H 404 -19.15 7.25 73.63
N VAL H 405 -18.53 7.05 72.46
CA VAL H 405 -17.81 5.80 72.15
C VAL H 405 -16.59 6.16 71.31
N PRO H 406 -15.32 6.13 71.88
CA PRO H 406 -14.11 6.31 71.07
C PRO H 406 -13.62 5.03 70.37
N ILE H 407 -14.55 4.31 69.76
CA ILE H 407 -14.26 3.19 68.89
C ILE H 407 -14.91 3.54 67.56
N LEU H 408 -14.83 4.82 67.19
CA LEU H 408 -14.93 5.15 65.78
C LEU H 408 -13.77 4.53 65.00
N LEU H 409 -12.66 4.18 65.68
CA LEU H 409 -11.47 3.67 65.01
C LEU H 409 -11.68 2.23 64.51
N ALA H 410 -12.73 2.02 63.73
CA ALA H 410 -12.98 0.78 63.01
C ALA H 410 -13.44 1.01 61.57
N LEU H 411 -14.07 2.14 61.27
CA LEU H 411 -14.42 2.53 59.91
C LEU H 411 -13.42 3.53 59.35
N LEU H 412 -13.32 4.69 59.99
CA LEU H 412 -12.50 5.81 59.52
C LEU H 412 -12.75 6.12 58.05
N CYS H 413 -14.02 6.05 57.66
CA CYS H 413 -14.51 6.65 56.44
C CYS H 413 -15.72 7.53 56.73
N CYS H 414 -16.47 7.20 57.78
CA CYS H 414 -17.46 8.09 58.38
C CYS H 414 -16.89 8.50 59.73
N ILE H 415 -16.73 9.81 59.91
CA ILE H 415 -15.70 10.37 60.78
C ILE H 415 -16.28 11.50 61.62
N LYS H 416 -15.41 12.24 62.36
CA LYS H 416 -15.81 13.36 63.23
C LYS H 416 -16.70 13.01 64.41
N PRO H 417 -16.15 12.46 65.50
CA PRO H 417 -16.89 12.41 66.77
C PRO H 417 -17.17 13.79 67.36
N THR H 418 -17.79 13.80 68.54
CA THR H 418 -18.17 15.02 69.25
C THR H 418 -17.27 15.28 70.46
N ARG H 419 -15.96 15.01 70.31
CA ARG H 419 -15.03 15.06 71.43
C ARG H 419 -15.43 14.11 72.55
N ALA H 420 -16.10 13.02 72.20
CA ALA H 420 -16.61 12.09 73.19
C ALA H 420 -17.07 10.82 72.49
N GLN I 101 -51.38 18.17 83.45
CA GLN I 101 -51.94 18.30 82.11
C GLN I 101 -50.83 18.47 81.07
N ARG I 102 -49.66 17.88 81.34
CA ARG I 102 -48.53 17.99 80.43
C ARG I 102 -48.62 17.03 79.26
N MET I 103 -49.57 16.10 79.26
CA MET I 103 -49.70 15.15 78.15
C MET I 103 -50.24 15.82 76.90
N CYS I 104 -50.98 16.92 77.04
CA CYS I 104 -51.54 17.66 75.92
C CYS I 104 -51.01 19.08 75.82
N MET I 105 -50.70 19.72 76.95
CA MET I 105 -50.17 21.08 76.93
C MET I 105 -48.80 21.13 76.29
N LYS I 106 -47.88 20.30 76.78
CA LYS I 106 -46.52 20.33 76.27
C LYS I 106 -46.45 19.78 74.85
N LEU I 107 -47.22 18.74 74.56
CA LEU I 107 -47.08 18.05 73.29
C LEU I 107 -47.60 18.90 72.13
N GLU I 108 -48.69 19.64 72.36
CA GLU I 108 -49.19 20.55 71.33
C GLU I 108 -48.15 21.59 70.98
N SER I 109 -47.33 21.99 71.95
CA SER I 109 -46.26 22.95 71.68
C SER I 109 -45.11 22.34 70.90
N ASP I 110 -44.94 21.02 70.98
CA ASP I 110 -43.82 20.38 70.30
C ASP I 110 -43.98 20.48 68.80
N LYS I 111 -42.84 20.59 68.12
CA LYS I 111 -42.82 20.74 66.66
C LYS I 111 -42.70 19.39 65.97
N THR I 112 -43.55 18.44 66.37
CA THR I 112 -43.76 17.29 65.52
C THR I 112 -44.48 17.74 64.25
N PHE I 113 -44.52 16.84 63.26
CA PHE I 113 -45.14 17.17 61.98
C PHE I 113 -45.84 15.94 61.40
N PRO I 114 -47.13 16.01 61.06
CA PRO I 114 -47.78 14.86 60.44
C PRO I 114 -47.45 14.72 58.97
N ILE I 115 -47.67 13.50 58.47
CA ILE I 115 -47.30 13.11 57.12
C ILE I 115 -48.59 12.82 56.38
N MET I 116 -49.07 13.80 55.62
CA MET I 116 -50.31 13.63 54.87
C MET I 116 -49.99 12.92 53.56
N LEU I 117 -50.37 11.66 53.46
CA LEU I 117 -50.30 10.92 52.19
C LEU I 117 -51.57 11.24 51.41
N ASN I 118 -51.47 12.19 50.49
CA ASN I 118 -52.62 12.70 49.77
C ASN I 118 -53.70 13.18 50.75
N GLY I 119 -53.26 13.97 51.72
CA GLY I 119 -54.15 14.47 52.75
C GLY I 119 -54.33 13.55 53.94
N GLN I 120 -53.77 12.34 53.91
CA GLN I 120 -54.01 11.33 54.93
C GLN I 120 -52.80 11.20 55.84
N VAL I 121 -52.97 11.65 57.08
CA VAL I 121 -51.95 11.53 58.10
C VAL I 121 -51.76 10.04 58.40
N ASN I 122 -50.56 9.52 58.07
CA ASN I 122 -50.19 8.15 58.38
C ASN I 122 -49.13 8.04 59.46
N GLY I 123 -48.43 9.13 59.76
CA GLY I 123 -47.47 9.14 60.85
C GLY I 123 -46.94 10.53 61.04
N TYR I 124 -46.21 10.70 62.14
CA TYR I 124 -45.73 12.00 62.56
C TYR I 124 -44.21 12.05 62.41
N ALA I 125 -43.75 12.97 61.56
CA ALA I 125 -42.33 13.27 61.47
C ALA I 125 -41.96 14.16 62.65
N CYS I 126 -41.28 13.59 63.63
CA CYS I 126 -40.87 14.31 64.82
C CYS I 126 -39.40 14.69 64.69
N VAL I 127 -39.12 15.97 64.92
CA VAL I 127 -37.76 16.48 64.87
C VAL I 127 -37.18 16.33 66.26
N VAL I 128 -36.13 15.51 66.38
CA VAL I 128 -35.67 15.01 67.67
C VAL I 128 -34.15 15.11 67.71
N GLY I 129 -33.63 15.98 68.59
CA GLY I 129 -32.22 16.03 68.90
C GLY I 129 -31.31 16.20 67.70
N GLY I 130 -31.34 17.38 67.10
CA GLY I 130 -30.65 17.59 65.85
C GLY I 130 -31.50 17.14 64.70
N ARG I 131 -31.27 15.90 64.29
CA ARG I 131 -31.78 15.34 63.05
C ARG I 131 -33.18 14.78 63.24
N VAL I 132 -33.95 14.75 62.14
CA VAL I 132 -35.36 14.37 62.17
C VAL I 132 -35.50 12.88 61.90
N PHE I 133 -36.52 12.28 62.50
CA PHE I 133 -36.85 10.87 62.33
C PHE I 133 -38.26 10.75 61.77
N LYS I 134 -38.37 10.78 60.45
CA LYS I 134 -39.59 10.36 59.80
C LYS I 134 -39.69 8.84 59.90
N PRO I 135 -40.80 8.27 60.39
CA PRO I 135 -41.02 6.84 60.16
C PRO I 135 -41.05 6.60 58.67
N LEU I 136 -40.19 5.70 58.23
CA LEU I 136 -39.83 5.63 56.83
C LEU I 136 -40.93 4.99 55.99
N HIS I 137 -41.48 3.87 56.47
CA HIS I 137 -42.61 3.25 55.77
C HIS I 137 -43.82 4.17 55.73
N VAL I 138 -43.96 5.10 56.68
CA VAL I 138 -44.90 6.19 56.49
C VAL I 138 -44.42 7.05 55.33
N GLU I 139 -45.32 7.33 54.40
CA GLU I 139 -45.02 8.10 53.21
C GLU I 139 -45.94 9.31 53.12
N GLY I 140 -45.47 10.33 52.42
CA GLY I 140 -46.26 11.52 52.17
C GLY I 140 -45.47 12.79 52.39
N ARG I 141 -45.95 13.89 51.82
CA ARG I 141 -45.35 15.19 52.10
C ARG I 141 -45.70 15.60 53.53
N ILE I 142 -45.10 16.71 53.97
CA ILE I 142 -45.24 17.18 55.34
C ILE I 142 -45.45 18.68 55.33
N ASP I 143 -46.14 19.17 56.38
CA ASP I 143 -46.44 20.58 56.56
C ASP I 143 -45.23 21.38 57.07
N ASN I 144 -44.17 21.40 56.26
CA ASN I 144 -43.13 22.40 56.39
C ASN I 144 -42.24 22.36 55.17
N GLU I 145 -42.03 23.52 54.55
CA GLU I 145 -41.19 23.60 53.36
C GLU I 145 -39.76 23.23 53.67
N GLN I 146 -39.31 23.47 54.90
CA GLN I 146 -37.99 23.06 55.34
C GLN I 146 -37.94 21.59 55.77
N LEU I 147 -39.01 20.84 55.55
CA LEU I 147 -39.11 19.44 55.91
C LEU I 147 -39.58 18.57 54.76
N ALA I 148 -40.49 19.09 53.92
CA ALA I 148 -40.96 18.37 52.75
C ALA I 148 -40.03 18.55 51.55
N ALA I 149 -39.18 19.57 51.57
CA ALA I 149 -38.15 19.78 50.55
C ALA I 149 -36.83 19.15 50.95
N ILE I 150 -36.87 18.06 51.69
CA ILE I 150 -35.73 17.50 52.38
C ILE I 150 -35.53 16.08 51.86
N LYS I 151 -34.60 15.92 50.93
CA LYS I 151 -34.30 14.61 50.37
C LYS I 151 -33.68 13.72 51.43
N LEU I 152 -34.17 12.48 51.53
CA LEU I 152 -33.68 11.55 52.54
C LEU I 152 -33.79 10.12 52.05
N LYS I 153 -32.67 9.40 52.16
CA LYS I 153 -32.56 7.96 51.99
C LYS I 153 -33.03 7.21 53.23
N LYS I 154 -32.68 5.92 53.34
CA LYS I 154 -33.28 5.00 54.29
C LYS I 154 -32.29 4.63 55.39
N ALA I 155 -32.76 4.66 56.64
CA ALA I 155 -32.15 3.88 57.73
C ALA I 155 -32.89 2.55 57.86
N SER I 156 -32.82 1.79 56.76
CA SER I 156 -33.79 0.72 56.52
C SER I 156 -33.74 -0.38 57.56
N ILE I 157 -32.60 -0.59 58.22
CA ILE I 157 -32.56 -1.67 59.19
C ILE I 157 -33.46 -1.35 60.37
N TYR I 158 -33.57 -0.06 60.71
CA TYR I 158 -34.52 0.39 61.70
C TYR I 158 -35.80 0.95 61.09
N ASP I 159 -35.83 1.18 59.77
CA ASP I 159 -37.02 1.66 59.06
C ASP I 159 -37.32 3.12 59.40
N LEU I 160 -36.27 3.96 59.37
CA LEU I 160 -36.35 5.38 59.68
C LEU I 160 -35.66 6.22 58.61
N GLU I 161 -35.98 7.51 58.59
CA GLU I 161 -35.25 8.53 57.86
C GLU I 161 -34.36 9.31 58.82
N TYR I 162 -33.81 10.41 58.34
CA TYR I 162 -32.71 11.08 58.98
C TYR I 162 -32.82 12.58 58.69
N GLY I 163 -31.74 13.32 58.92
CA GLY I 163 -31.70 14.75 58.65
C GLY I 163 -30.24 15.15 58.57
N ASP I 164 -29.93 16.42 58.23
CA ASP I 164 -30.72 17.38 57.47
C ASP I 164 -32.04 17.84 58.12
N VAL I 165 -31.87 18.42 59.30
CA VAL I 165 -32.79 19.40 59.84
C VAL I 165 -32.12 20.77 59.65
N PRO I 166 -32.67 21.68 58.82
CA PRO I 166 -31.93 22.92 58.54
C PRO I 166 -31.69 23.79 59.75
N GLN I 167 -31.02 24.91 59.52
CA GLN I 167 -30.65 25.84 60.57
C GLN I 167 -31.78 26.79 60.95
N CYS I 168 -33.03 26.45 60.64
CA CYS I 168 -34.19 27.23 61.05
C CYS I 168 -35.24 26.34 61.71
N MET I 169 -34.83 25.18 62.23
CA MET I 169 -35.74 24.29 62.97
C MET I 169 -35.13 23.67 64.21
N LYS I 170 -33.82 23.77 64.39
CA LYS I 170 -33.07 22.96 65.35
C LYS I 170 -33.20 23.60 66.74
N SER I 171 -32.44 23.08 67.72
CA SER I 171 -32.04 23.74 68.95
C SER I 171 -33.07 23.74 70.07
N ASP I 172 -34.31 23.41 69.81
CA ASP I 172 -35.21 22.96 70.84
C ASP I 172 -36.03 21.83 70.25
N THR I 173 -35.36 21.06 69.42
CA THR I 173 -35.99 20.05 68.60
C THR I 173 -36.10 18.76 69.42
N LEU I 174 -36.83 18.88 70.53
CA LEU I 174 -37.07 17.79 71.45
C LEU I 174 -35.75 17.22 71.99
N GLN I 175 -34.97 18.11 72.59
CA GLN I 175 -33.81 17.67 73.37
C GLN I 175 -34.26 16.71 74.45
N TYR I 176 -33.35 15.83 74.87
CA TYR I 176 -33.78 14.66 75.61
C TYR I 176 -32.61 14.00 76.32
N THR I 177 -32.93 12.95 77.07
CA THR I 177 -31.95 12.01 77.60
C THR I 177 -32.12 10.68 76.87
N SER I 178 -30.99 10.06 76.54
CA SER I 178 -31.04 8.82 75.77
C SER I 178 -31.71 7.72 76.57
N ASP I 179 -31.30 7.54 77.82
CA ASP I 179 -31.82 6.47 78.63
C ASP I 179 -33.27 6.75 79.03
N LYS I 180 -33.83 5.86 79.84
CA LYS I 180 -35.09 6.12 80.47
C LYS I 180 -35.15 5.29 81.75
N PRO I 181 -35.62 5.87 82.86
CA PRO I 181 -36.11 5.02 83.93
C PRO I 181 -37.52 4.55 83.63
N PRO I 182 -38.10 3.73 84.48
CA PRO I 182 -39.52 3.39 84.31
C PRO I 182 -40.43 4.56 84.60
N GLY I 183 -40.49 5.51 83.67
CA GLY I 183 -41.18 6.77 83.87
C GLY I 183 -42.51 6.86 83.16
N PHE I 184 -43.39 7.71 83.69
CA PHE I 184 -44.67 7.99 83.06
C PHE I 184 -44.45 8.93 81.88
N TYR I 185 -44.09 8.34 80.73
CA TYR I 185 -43.91 9.11 79.52
C TYR I 185 -45.25 9.26 78.81
N ASN I 186 -45.54 10.46 78.31
CA ASN I 186 -46.88 10.82 77.90
C ASN I 186 -46.91 11.38 76.49
N TRP I 187 -48.05 11.19 75.82
CA TRP I 187 -48.29 11.82 74.53
C TRP I 187 -49.80 11.87 74.30
N HIS I 188 -50.19 12.07 73.03
CA HIS I 188 -51.57 12.39 72.70
C HIS I 188 -52.52 11.29 73.12
N HIS I 189 -52.15 10.04 72.83
CA HIS I 189 -52.98 8.88 73.10
C HIS I 189 -52.70 8.25 74.45
N GLY I 190 -52.17 9.01 75.40
CA GLY I 190 -52.01 8.57 76.77
C GLY I 190 -50.55 8.34 77.11
N ALA I 191 -50.35 7.78 78.30
CA ALA I 191 -49.03 7.66 78.91
C ALA I 191 -48.59 6.21 78.95
N VAL I 192 -47.30 6.04 79.23
CA VAL I 192 -46.67 4.73 79.29
C VAL I 192 -45.73 4.67 80.48
N GLN I 193 -45.62 3.50 81.07
CA GLN I 193 -44.52 3.18 81.95
C GLN I 193 -44.29 1.68 81.92
N TYR I 194 -43.03 1.28 81.92
CA TYR I 194 -42.68 -0.12 82.02
C TYR I 194 -41.27 -0.22 82.59
N GLU I 195 -40.99 -1.35 83.25
CA GLU I 195 -39.93 -1.42 84.24
C GLU I 195 -38.61 -2.01 83.75
N ASN I 196 -38.61 -2.78 82.66
CA ASN I 196 -37.43 -3.55 82.27
C ASN I 196 -36.78 -3.00 81.01
N ASN I 197 -37.45 -3.08 79.87
CA ASN I 197 -36.85 -2.77 78.58
C ASN I 197 -37.78 -2.02 77.64
N ARG I 198 -39.08 -2.11 77.84
CA ARG I 198 -40.09 -1.93 76.83
C ARG I 198 -41.02 -0.79 77.18
N PHE I 199 -42.09 -0.67 76.41
CA PHE I 199 -43.09 0.37 76.56
C PHE I 199 -44.44 -0.28 76.28
N THR I 200 -45.39 -0.12 77.20
CA THR I 200 -46.72 -0.71 77.03
C THR I 200 -47.76 0.18 77.67
N VAL I 201 -48.86 0.39 76.95
CA VAL I 201 -49.89 1.35 77.33
C VAL I 201 -51.19 0.61 77.56
N PRO I 202 -52.20 1.24 78.16
CA PRO I 202 -53.53 0.62 78.22
C PRO I 202 -54.08 0.39 76.82
N ARG I 203 -55.14 -0.41 76.76
CA ARG I 203 -55.66 -0.87 75.48
C ARG I 203 -56.26 0.29 74.69
N GLY I 204 -56.11 0.20 73.37
CA GLY I 204 -56.77 1.13 72.47
C GLY I 204 -56.04 2.43 72.26
N VAL I 205 -54.71 2.39 72.23
CA VAL I 205 -53.93 3.61 72.04
C VAL I 205 -54.00 4.08 70.59
N GLY I 206 -53.99 3.15 69.65
CA GLY I 206 -53.96 3.48 68.24
C GLY I 206 -52.55 3.54 67.69
N GLY I 207 -52.20 2.59 66.83
CA GLY I 207 -50.90 2.56 66.19
C GLY I 207 -50.95 3.11 64.79
N LYS I 208 -52.03 2.76 64.07
CA LYS I 208 -52.22 3.28 62.73
C LYS I 208 -52.38 4.79 62.77
N GLY I 209 -51.69 5.47 61.87
CA GLY I 209 -51.69 6.93 61.83
C GLY I 209 -51.01 7.60 63.00
N ASP I 210 -50.48 6.84 63.96
CA ASP I 210 -49.90 7.38 65.19
C ASP I 210 -48.39 7.26 65.25
N SER I 211 -47.83 6.25 64.60
CA SER I 211 -46.42 5.94 64.77
C SER I 211 -45.57 7.10 64.28
N GLY I 212 -44.76 7.63 65.20
CA GLY I 212 -44.12 8.92 65.02
C GLY I 212 -44.23 9.78 66.26
N ARG I 213 -45.03 9.37 67.24
CA ARG I 213 -45.13 10.14 68.48
C ARG I 213 -43.79 10.08 69.21
N PRO I 214 -43.11 11.19 69.45
CA PRO I 214 -41.96 11.15 70.35
C PRO I 214 -42.42 10.94 71.78
N ILE I 215 -41.60 10.23 72.55
CA ILE I 215 -42.01 9.67 73.84
C ILE I 215 -41.41 10.55 74.93
N LEU I 216 -42.16 11.58 75.32
CA LEU I 216 -41.64 12.64 76.19
C LEU I 216 -42.02 12.39 77.64
N ASP I 217 -41.09 12.73 78.53
CA ASP I 217 -41.38 12.78 79.95
C ASP I 217 -42.37 13.91 80.24
N ASN I 218 -42.95 13.89 81.44
CA ASN I 218 -43.59 15.09 81.95
C ASN I 218 -42.61 16.25 81.93
N LYS I 219 -41.35 15.97 82.24
CA LYS I 219 -40.27 16.93 82.07
C LYS I 219 -40.12 17.36 80.62
N GLY I 220 -40.35 16.45 79.68
CA GLY I 220 -40.31 16.74 78.26
C GLY I 220 -39.09 16.17 77.58
N ARG I 221 -38.69 14.97 78.00
CA ARG I 221 -37.48 14.32 77.52
C ARG I 221 -37.85 13.10 76.71
N VAL I 222 -37.46 13.10 75.43
CA VAL I 222 -37.72 11.97 74.54
C VAL I 222 -36.94 10.76 75.03
N VAL I 223 -37.57 9.59 74.95
CA VAL I 223 -36.88 8.32 75.20
C VAL I 223 -37.16 7.29 74.13
N ALA I 224 -37.97 7.63 73.13
CA ALA I 224 -38.38 6.63 72.15
C ALA I 224 -39.22 7.34 71.11
N ILE I 225 -39.49 6.62 70.02
CA ILE I 225 -40.49 7.01 69.04
C ILE I 225 -41.32 5.76 68.77
N VAL I 226 -42.62 5.98 68.57
CA VAL I 226 -43.54 4.87 68.41
C VAL I 226 -43.21 4.10 67.14
N LEU I 227 -43.27 2.79 67.24
CA LEU I 227 -43.36 1.92 66.09
C LEU I 227 -44.68 1.16 66.04
N GLY I 228 -45.16 0.63 67.15
CA GLY I 228 -46.31 -0.25 67.05
C GLY I 228 -46.77 -0.84 68.36
N GLY I 229 -46.94 -2.17 68.39
CA GLY I 229 -47.11 -2.91 69.62
C GLY I 229 -48.47 -3.54 69.78
N VAL I 230 -48.56 -4.84 69.47
CA VAL I 230 -49.82 -5.57 69.56
C VAL I 230 -50.29 -5.66 71.01
N ASN I 231 -51.59 -5.88 71.18
CA ASN I 231 -52.14 -6.18 72.48
C ASN I 231 -51.53 -7.44 73.05
N GLU I 232 -51.01 -7.33 74.27
CA GLU I 232 -50.49 -8.47 75.04
C GLU I 232 -51.50 -8.73 76.14
N GLY I 233 -52.52 -9.51 75.81
CA GLY I 233 -53.62 -9.71 76.75
C GLY I 233 -54.36 -8.42 76.99
N SER I 234 -54.15 -7.83 78.17
CA SER I 234 -54.87 -6.62 78.54
C SER I 234 -54.30 -5.39 77.86
N ARG I 235 -53.06 -5.05 78.15
CA ARG I 235 -52.47 -3.82 77.67
C ARG I 235 -52.22 -3.88 76.18
N THR I 236 -51.93 -2.72 75.60
CA THR I 236 -51.35 -2.62 74.27
C THR I 236 -49.87 -2.33 74.43
N ALA I 237 -49.04 -3.22 73.89
CA ALA I 237 -47.61 -3.03 73.89
C ALA I 237 -47.23 -1.82 73.06
N LEU I 238 -45.95 -1.49 73.07
CA LEU I 238 -45.40 -0.53 72.12
C LEU I 238 -44.07 -1.05 71.61
N SER I 239 -44.01 -1.39 70.34
CA SER I 239 -42.73 -1.34 69.66
C SER I 239 -42.33 0.12 69.54
N VAL I 240 -41.03 0.38 69.64
CA VAL I 240 -40.51 1.72 69.49
C VAL I 240 -39.16 1.64 68.79
N VAL I 241 -38.60 2.79 68.52
CA VAL I 241 -37.17 2.97 68.35
C VAL I 241 -36.71 3.88 69.48
N THR I 242 -35.59 3.54 70.10
CA THR I 242 -35.16 4.20 71.32
C THR I 242 -33.65 4.27 71.32
N TRP I 243 -33.08 4.53 72.49
CA TRP I 243 -31.65 4.51 72.71
C TRP I 243 -31.30 3.52 73.81
N ASN I 244 -30.08 3.01 73.74
CA ASN I 244 -29.56 2.09 74.73
C ASN I 244 -29.15 2.87 75.99
N GLN I 245 -28.92 2.12 77.07
CA GLN I 245 -28.30 2.72 78.25
C GLN I 245 -26.94 3.30 77.90
N LYS I 246 -26.26 2.75 76.91
CA LYS I 246 -25.04 3.34 76.37
C LYS I 246 -25.31 4.51 75.44
N GLY I 247 -26.56 4.86 75.20
CA GLY I 247 -26.92 5.81 74.17
C GLY I 247 -27.06 5.21 72.79
N VAL I 248 -26.68 3.94 72.61
CA VAL I 248 -26.76 3.32 71.29
C VAL I 248 -28.21 3.28 70.83
N THR I 249 -28.45 3.78 69.62
CA THR I 249 -29.79 3.78 69.05
C THR I 249 -30.15 2.37 68.63
N VAL I 250 -31.12 1.79 69.33
CA VAL I 250 -31.65 0.47 69.00
C VAL I 250 -33.12 0.63 68.67
N LYS I 251 -33.77 -0.47 68.32
CA LYS I 251 -35.22 -0.53 68.27
C LYS I 251 -35.72 -1.71 69.06
N ASP I 252 -36.91 -1.55 69.60
CA ASP I 252 -37.54 -2.50 70.49
C ASP I 252 -38.80 -3.02 69.81
N THR I 253 -38.85 -4.33 69.59
CA THR I 253 -39.88 -4.96 68.78
C THR I 253 -40.42 -6.18 69.50
N PRO I 254 -41.66 -6.17 69.97
CA PRO I 254 -42.33 -7.42 70.31
C PRO I 254 -42.80 -8.14 69.06
N GLU I 255 -43.25 -9.37 69.26
CA GLU I 255 -43.64 -10.22 68.16
C GLU I 255 -44.99 -9.79 67.61
N GLY I 256 -45.14 -9.88 66.29
CA GLY I 256 -46.37 -9.50 65.64
C GLY I 256 -46.65 -8.02 65.80
N SER I 257 -45.79 -7.21 65.21
CA SER I 257 -45.80 -5.78 65.44
C SER I 257 -46.86 -5.09 64.58
N GLU I 258 -47.15 -3.84 64.95
CA GLU I 258 -48.22 -3.10 64.30
C GLU I 258 -47.71 -2.31 63.10
N PRO I 259 -48.61 -1.97 62.16
CA PRO I 259 -48.23 -1.01 61.12
C PRO I 259 -48.31 0.43 61.61
N TRP I 260 -48.10 1.37 60.70
CA TRP I 260 -47.92 2.78 61.02
C TRP I 260 -49.05 3.67 60.51
N TYR J 1 -70.30 -7.75 -40.46
CA TYR J 1 -69.50 -8.86 -39.88
C TYR J 1 -68.00 -8.57 -39.94
N GLU J 2 -67.63 -7.33 -40.17
CA GLU J 2 -66.21 -7.00 -40.31
C GLU J 2 -65.56 -7.15 -38.95
N HIS J 3 -64.97 -8.31 -38.71
CA HIS J 3 -64.65 -8.77 -37.36
C HIS J 3 -63.42 -8.05 -36.84
N THR J 4 -63.65 -6.88 -36.26
CA THR J 4 -62.62 -6.21 -35.48
C THR J 4 -62.16 -7.12 -34.35
N ALA J 5 -60.88 -7.03 -34.02
CA ALA J 5 -60.35 -7.81 -32.91
C ALA J 5 -59.02 -7.23 -32.48
N VAL J 6 -58.95 -6.77 -31.23
CA VAL J 6 -57.65 -6.55 -30.61
C VAL J 6 -56.98 -7.90 -30.51
N MET J 7 -55.65 -7.88 -30.62
CA MET J 7 -54.93 -9.12 -30.86
C MET J 7 -53.49 -9.02 -30.37
N PRO J 8 -53.02 -9.92 -29.50
CA PRO J 8 -51.66 -9.76 -28.97
C PRO J 8 -50.61 -9.99 -30.03
N ASN J 9 -49.60 -9.14 -30.03
CA ASN J 9 -48.46 -9.30 -30.91
C ASN J 9 -47.58 -10.40 -30.35
N LYS J 10 -47.65 -11.58 -30.97
CA LYS J 10 -46.83 -12.71 -30.60
C LYS J 10 -46.86 -13.68 -31.75
N VAL J 11 -45.71 -14.24 -32.08
CA VAL J 11 -45.49 -14.67 -33.45
C VAL J 11 -46.10 -16.05 -33.70
N GLY J 12 -45.71 -17.03 -32.90
CA GLY J 12 -45.76 -18.40 -33.37
C GLY J 12 -46.92 -19.19 -32.86
N ILE J 13 -48.11 -18.59 -32.86
CA ILE J 13 -49.25 -19.22 -32.22
C ILE J 13 -50.55 -18.65 -32.80
N PRO J 14 -51.53 -19.46 -33.19
CA PRO J 14 -52.76 -18.90 -33.74
C PRO J 14 -53.63 -18.29 -32.67
N TYR J 15 -54.65 -17.57 -33.13
CA TYR J 15 -55.47 -16.67 -32.33
C TYR J 15 -56.95 -16.89 -32.66
N LYS J 16 -57.40 -18.12 -32.49
CA LYS J 16 -58.58 -18.61 -33.19
C LYS J 16 -59.86 -17.90 -32.74
N ALA J 17 -60.01 -16.63 -33.12
CA ALA J 17 -61.23 -15.90 -32.81
C ALA J 17 -62.43 -16.50 -33.52
N LEU J 18 -63.61 -15.93 -33.29
CA LEU J 18 -64.87 -16.49 -33.76
C LEU J 18 -65.72 -15.38 -34.35
N VAL J 19 -66.21 -15.58 -35.56
CA VAL J 19 -67.06 -14.61 -36.24
C VAL J 19 -68.49 -14.80 -35.75
N GLU J 20 -68.99 -13.84 -34.99
CA GLU J 20 -70.38 -13.85 -34.53
C GLU J 20 -71.23 -12.94 -35.41
N ARG J 21 -71.37 -13.33 -36.66
CA ARG J 21 -72.28 -12.61 -37.55
C ARG J 21 -73.72 -12.93 -37.16
N PRO J 22 -74.55 -11.94 -36.81
CA PRO J 22 -75.96 -12.27 -36.56
C PRO J 22 -76.66 -12.67 -37.85
N GLY J 23 -77.11 -13.92 -37.91
CA GLY J 23 -77.97 -14.37 -38.97
C GLY J 23 -77.55 -15.67 -39.60
N TYR J 24 -76.26 -15.87 -39.80
CA TYR J 24 -75.72 -17.08 -40.38
C TYR J 24 -74.80 -17.76 -39.39
N ALA J 25 -74.33 -18.95 -39.76
CA ALA J 25 -73.53 -19.73 -38.85
C ALA J 25 -72.20 -19.02 -38.56
N PRO J 26 -71.72 -19.03 -37.33
CA PRO J 26 -70.43 -18.42 -37.05
C PRO J 26 -69.32 -19.21 -37.71
N VAL J 27 -68.17 -18.57 -37.82
CA VAL J 27 -66.97 -19.18 -38.37
C VAL J 27 -65.79 -18.80 -37.49
N HIS J 28 -64.93 -19.78 -37.25
CA HIS J 28 -63.72 -19.58 -36.49
C HIS J 28 -62.68 -18.87 -37.31
N LEU J 29 -61.77 -18.21 -36.61
CA LEU J 29 -60.53 -17.74 -37.20
C LEU J 29 -59.41 -18.71 -36.85
N GLN J 30 -58.29 -18.54 -37.54
CA GLN J 30 -57.02 -19.06 -37.05
C GLN J 30 -55.96 -18.08 -37.55
N ILE J 31 -55.66 -17.08 -36.74
CA ILE J 31 -54.77 -16.01 -37.13
C ILE J 31 -53.44 -16.23 -36.42
N GLN J 32 -52.46 -16.66 -37.18
CA GLN J 32 -51.11 -16.91 -36.69
C GLN J 32 -50.19 -15.89 -37.33
N LEU J 33 -49.73 -14.92 -36.53
CA LEU J 33 -48.79 -13.91 -36.98
C LEU J 33 -47.41 -14.53 -37.11
N VAL J 34 -47.22 -15.30 -38.18
CA VAL J 34 -46.00 -16.08 -38.38
C VAL J 34 -44.75 -15.23 -38.33
N ASN J 35 -44.85 -13.94 -38.62
CA ASN J 35 -43.69 -13.06 -38.57
C ASN J 35 -44.12 -11.66 -38.20
N THR J 36 -43.17 -10.91 -37.65
CA THR J 36 -43.32 -9.51 -37.28
C THR J 36 -42.11 -8.73 -37.75
N ARG J 37 -41.75 -8.89 -39.02
CA ARG J 37 -40.58 -8.22 -39.53
C ARG J 37 -40.91 -6.76 -39.78
N ILE J 38 -39.96 -5.89 -39.44
CA ILE J 38 -40.24 -4.50 -39.10
C ILE J 38 -39.82 -3.56 -40.21
N ILE J 39 -38.54 -3.49 -40.52
CA ILE J 39 -38.02 -2.68 -41.62
C ILE J 39 -38.34 -1.24 -41.31
N PRO J 40 -37.64 -0.64 -40.35
CA PRO J 40 -37.81 0.78 -40.11
C PRO J 40 -37.24 1.61 -41.25
N SER J 41 -37.59 2.89 -41.21
CA SER J 41 -37.00 3.85 -42.13
C SER J 41 -35.59 4.17 -41.69
N THR J 42 -34.66 4.15 -42.63
CA THR J 42 -33.25 4.25 -42.32
C THR J 42 -32.54 5.07 -43.38
N ASN J 43 -31.24 5.28 -43.16
CA ASN J 43 -30.39 6.00 -44.09
C ASN J 43 -28.98 5.48 -43.96
N LEU J 44 -28.38 5.08 -45.07
CA LEU J 44 -26.98 4.72 -45.07
C LEU J 44 -26.16 5.99 -44.89
N GLU J 45 -25.51 6.12 -43.75
CA GLU J 45 -24.79 7.33 -43.40
C GLU J 45 -23.34 7.25 -43.83
N TYR J 46 -22.67 6.16 -43.47
CA TYR J 46 -21.33 5.92 -43.96
C TYR J 46 -20.97 4.49 -43.66
N ILE J 47 -20.36 3.85 -44.61
CA ILE J 47 -19.65 2.61 -44.33
C ILE J 47 -18.36 2.99 -43.62
N THR J 48 -17.94 2.14 -42.70
CA THR J 48 -16.57 2.16 -42.25
C THR J 48 -16.01 0.76 -42.38
N CYS J 49 -14.71 0.68 -42.15
CA CYS J 49 -13.92 -0.50 -42.40
C CYS J 49 -12.53 -0.13 -41.92
N LYS J 50 -11.63 -1.11 -41.92
CA LYS J 50 -10.27 -0.80 -41.55
C LYS J 50 -9.54 -0.21 -42.73
N TYR J 51 -8.70 0.76 -42.43
CA TYR J 51 -7.92 1.45 -43.44
C TYR J 51 -6.99 0.48 -44.15
N LYS J 52 -6.29 0.98 -45.17
CA LYS J 52 -5.05 0.40 -45.61
C LYS J 52 -4.12 1.53 -45.99
N THR J 53 -3.02 1.66 -45.25
CA THR J 53 -2.02 2.69 -45.52
C THR J 53 -1.28 2.27 -46.79
N LYS J 54 -1.94 2.45 -47.93
CA LYS J 54 -1.38 2.07 -49.22
C LYS J 54 -0.45 3.19 -49.65
N VAL J 55 0.76 3.13 -49.10
CA VAL J 55 1.80 4.14 -49.23
C VAL J 55 2.14 4.34 -50.70
N PRO J 56 2.05 5.55 -51.25
CA PRO J 56 2.75 5.81 -52.50
C PRO J 56 4.24 5.91 -52.27
N SER J 57 4.97 5.44 -53.26
CA SER J 57 6.38 5.20 -53.10
C SER J 57 7.15 6.51 -52.94
N PRO J 58 7.92 6.69 -51.87
CA PRO J 58 8.48 8.01 -51.59
C PRO J 58 9.47 8.47 -52.63
N VAL J 59 9.60 9.79 -52.70
CA VAL J 59 10.62 10.42 -53.53
C VAL J 59 11.92 10.45 -52.74
N VAL J 60 13.02 10.33 -53.48
CA VAL J 60 14.35 10.48 -52.92
C VAL J 60 15.14 11.35 -53.87
N LYS J 61 15.20 12.64 -53.57
CA LYS J 61 16.11 13.52 -54.28
C LYS J 61 17.47 13.45 -53.61
N CYS J 62 18.51 13.36 -54.44
CA CYS J 62 19.82 12.99 -53.93
C CYS J 62 20.61 14.16 -53.37
N CYS J 63 20.43 15.36 -53.91
CA CYS J 63 21.18 16.52 -53.42
C CYS J 63 20.25 17.72 -53.47
N GLY J 64 19.57 17.95 -52.36
CA GLY J 64 18.71 19.10 -52.16
C GLY J 64 17.27 18.70 -51.90
N ALA J 65 16.47 19.71 -51.63
CA ALA J 65 15.15 19.50 -51.07
C ALA J 65 14.11 19.20 -52.15
N THR J 66 13.05 18.53 -51.73
CA THR J 66 11.87 18.29 -52.55
C THR J 66 10.67 18.67 -51.68
N GLN J 67 10.17 19.88 -51.86
CA GLN J 67 9.00 20.31 -51.10
C GLN J 67 7.80 19.47 -51.48
N CYS J 68 7.07 19.01 -50.46
CA CYS J 68 5.85 18.27 -50.67
C CYS J 68 4.66 19.23 -50.75
N THR J 69 3.59 18.76 -51.38
CA THR J 69 2.33 19.46 -51.43
C THR J 69 1.23 18.57 -50.87
N SER J 70 0.16 19.21 -50.42
CA SER J 70 -0.94 18.51 -49.77
C SER J 70 -1.89 18.01 -50.85
N LYS J 71 -1.60 16.81 -51.36
CA LYS J 71 -2.45 16.23 -52.37
C LYS J 71 -3.81 15.92 -51.77
N PRO J 72 -4.86 15.86 -52.59
CA PRO J 72 -6.21 15.70 -52.04
C PRO J 72 -6.60 14.28 -51.66
N HIS J 73 -5.65 13.36 -51.56
CA HIS J 73 -6.00 12.02 -51.13
C HIS J 73 -6.56 12.06 -49.72
N PRO J 74 -7.41 11.10 -49.34
CA PRO J 74 -7.94 11.12 -47.97
C PRO J 74 -6.84 10.94 -46.94
N ASP J 75 -6.75 11.90 -46.03
CA ASP J 75 -5.73 11.91 -44.99
C ASP J 75 -4.34 11.82 -45.61
N TYR J 76 -4.10 12.66 -46.61
CA TYR J 76 -2.84 12.62 -47.32
C TYR J 76 -1.75 13.16 -46.43
N GLN J 77 -1.11 12.27 -45.69
CA GLN J 77 0.01 12.65 -44.85
C GLN J 77 1.29 12.57 -45.67
N CYS J 78 2.02 13.68 -45.70
CA CYS J 78 3.27 13.76 -46.43
C CYS J 78 4.19 14.70 -45.67
N GLN J 79 5.44 14.27 -45.50
CA GLN J 79 6.42 15.06 -44.78
C GLN J 79 7.77 14.86 -45.45
N VAL J 80 8.38 15.96 -45.86
CA VAL J 80 9.72 15.91 -46.41
C VAL J 80 10.68 15.50 -45.31
N PHE J 81 11.75 14.82 -45.71
CA PHE J 81 12.81 14.45 -44.78
C PHE J 81 14.15 14.56 -45.48
N THR J 82 15.13 15.05 -44.74
CA THR J 82 16.51 15.12 -45.18
C THR J 82 17.37 14.22 -44.31
N GLY J 83 18.68 14.30 -44.53
CA GLY J 83 19.61 13.59 -43.69
C GLY J 83 19.46 12.10 -43.81
N VAL J 84 19.56 11.59 -45.04
CA VAL J 84 19.52 10.16 -45.30
C VAL J 84 20.73 9.79 -46.15
N TYR J 85 20.81 8.52 -46.48
CA TYR J 85 21.94 7.93 -47.19
C TYR J 85 21.44 6.57 -47.65
N PRO J 86 20.44 6.54 -48.51
CA PRO J 86 19.56 5.37 -48.62
C PRO J 86 20.19 4.13 -49.23
N PHE J 87 20.50 3.15 -48.39
CA PHE J 87 20.99 1.87 -48.88
C PHE J 87 19.95 1.21 -49.74
N MET J 88 20.23 1.11 -51.04
CA MET J 88 19.32 0.47 -51.99
C MET J 88 20.16 -0.37 -52.96
N TRP J 89 20.44 -1.61 -52.55
CA TRP J 89 20.98 -2.66 -53.42
C TRP J 89 22.43 -2.48 -53.85
N GLY J 90 23.02 -1.32 -53.60
CA GLY J 90 24.39 -1.05 -53.97
C GLY J 90 25.07 -0.27 -52.87
N GLY J 91 24.65 -0.52 -51.64
CA GLY J 91 24.88 0.44 -50.60
C GLY J 91 23.98 1.62 -50.89
N ALA J 92 24.38 2.80 -50.40
CA ALA J 92 23.66 4.00 -50.76
C ALA J 92 23.80 4.25 -52.26
N TYR J 93 23.03 5.21 -52.76
CA TYR J 93 23.13 5.58 -54.16
C TYR J 93 23.21 7.09 -54.38
N CYS J 94 22.62 7.87 -53.48
CA CYS J 94 22.74 9.32 -53.57
C CYS J 94 24.08 9.76 -52.99
N PHE J 95 24.87 10.49 -53.78
CA PHE J 95 26.26 10.73 -53.44
C PHE J 95 26.46 11.80 -52.38
N CYS J 96 25.50 12.70 -52.20
CA CYS J 96 25.56 13.62 -51.08
C CYS J 96 25.36 12.85 -49.77
N ASP J 97 25.40 13.56 -48.64
CA ASP J 97 25.30 12.95 -47.33
C ASP J 97 24.32 13.62 -46.38
N THR J 98 23.99 14.89 -46.59
CA THR J 98 22.93 15.55 -45.85
C THR J 98 21.89 16.14 -46.79
N GLU J 99 22.32 16.58 -47.97
CA GLU J 99 21.41 17.02 -49.00
C GLU J 99 20.61 15.87 -49.59
N ASN J 100 20.98 14.62 -49.28
CA ASN J 100 20.13 13.49 -49.56
C ASN J 100 18.78 13.72 -48.92
N THR J 101 17.76 13.85 -49.76
CA THR J 101 16.41 14.18 -49.33
C THR J 101 15.49 13.01 -49.61
N GLN J 102 14.53 12.82 -48.72
CA GLN J 102 13.55 11.74 -48.81
C GLN J 102 12.20 12.33 -48.46
N MET J 103 11.26 12.24 -49.38
CA MET J 103 9.91 12.76 -49.19
C MET J 103 8.97 11.58 -49.06
N SER J 104 8.49 11.34 -47.86
CA SER J 104 7.53 10.28 -47.60
C SER J 104 6.13 10.83 -47.72
N GLU J 105 5.27 10.05 -48.35
CA GLU J 105 3.86 10.40 -48.51
C GLU J 105 3.03 9.14 -48.32
N ALA J 106 1.93 9.28 -47.59
CA ALA J 106 1.02 8.17 -47.36
C ALA J 106 -0.37 8.72 -47.16
N TYR J 107 -1.34 8.10 -47.84
CA TYR J 107 -2.73 8.43 -47.66
C TYR J 107 -3.50 7.18 -47.26
N VAL J 108 -4.66 7.42 -46.72
CA VAL J 108 -5.55 6.37 -46.27
C VAL J 108 -6.44 5.96 -47.42
N GLU J 109 -6.74 4.67 -47.48
CA GLU J 109 -7.61 4.15 -48.52
C GLU J 109 -8.43 3.00 -47.96
N ARG J 110 -9.63 2.85 -48.49
CA ARG J 110 -10.47 1.72 -48.15
C ARG J 110 -9.74 0.42 -48.41
N SER J 111 -9.85 -0.51 -47.48
CA SER J 111 -9.35 -1.85 -47.72
C SER J 111 -10.15 -2.50 -48.83
N GLU J 112 -9.62 -3.62 -49.32
CA GLU J 112 -10.42 -4.46 -50.20
C GLU J 112 -11.54 -5.11 -49.41
N GLU J 113 -11.32 -5.32 -48.11
CA GLU J 113 -12.37 -5.84 -47.25
C GLU J 113 -13.47 -4.82 -46.99
N CYS J 114 -13.19 -3.54 -47.21
CA CYS J 114 -14.20 -2.52 -47.02
C CYS J 114 -15.43 -2.79 -47.86
N SER J 115 -15.23 -3.35 -49.04
CA SER J 115 -16.36 -3.67 -49.91
C SER J 115 -17.29 -4.69 -49.28
N ILE J 116 -16.72 -5.60 -48.50
CA ILE J 116 -17.40 -6.84 -48.15
C ILE J 116 -17.49 -7.03 -46.64
N ASP J 117 -16.41 -6.79 -45.92
CA ASP J 117 -16.36 -6.89 -44.47
C ASP J 117 -16.26 -5.48 -43.95
N HIS J 118 -17.39 -4.95 -43.53
CA HIS J 118 -17.47 -3.52 -43.24
C HIS J 118 -18.61 -3.28 -42.29
N ALA J 119 -18.34 -2.49 -41.27
CA ALA J 119 -19.42 -2.00 -40.46
C ALA J 119 -20.21 -0.98 -41.27
N LYS J 120 -21.37 -0.61 -40.75
CA LYS J 120 -22.29 0.20 -41.54
C LYS J 120 -23.21 0.94 -40.59
N ALA J 121 -23.08 2.26 -40.57
CA ALA J 121 -23.88 3.09 -39.69
C ALA J 121 -25.23 3.37 -40.32
N TYR J 122 -26.15 3.86 -39.49
CA TYR J 122 -27.46 4.23 -39.97
C TYR J 122 -28.08 5.23 -39.00
N LYS J 123 -28.81 6.20 -39.54
CA LYS J 123 -29.80 6.94 -38.78
C LYS J 123 -31.14 6.25 -39.00
N VAL J 124 -31.71 5.73 -37.93
CA VAL J 124 -32.83 4.81 -38.01
C VAL J 124 -34.07 5.50 -37.46
N HIS J 125 -35.07 5.61 -38.30
CA HIS J 125 -36.40 6.08 -37.97
C HIS J 125 -37.31 4.86 -37.77
N THR J 126 -38.63 5.07 -37.78
CA THR J 126 -39.54 4.03 -37.31
C THR J 126 -40.05 3.09 -38.40
N GLY J 127 -40.37 3.59 -39.59
CA GLY J 127 -40.91 2.77 -40.67
C GLY J 127 -42.19 2.02 -40.31
N THR J 128 -42.34 0.82 -40.88
CA THR J 128 -43.64 0.17 -41.00
C THR J 128 -43.48 -1.34 -40.95
N VAL J 129 -44.16 -2.02 -40.00
CA VAL J 129 -43.92 -3.43 -39.74
C VAL J 129 -44.83 -4.31 -40.59
N GLN J 130 -44.40 -5.57 -40.78
CA GLN J 130 -44.98 -6.51 -41.73
C GLN J 130 -45.16 -7.89 -41.11
N ALA J 131 -45.73 -8.82 -41.89
CA ALA J 131 -46.03 -10.17 -41.40
C ALA J 131 -46.51 -11.05 -42.55
N MET J 132 -46.13 -12.34 -42.56
CA MET J 132 -46.64 -13.31 -43.54
C MET J 132 -47.82 -14.08 -43.02
N VAL J 133 -48.85 -13.37 -42.55
CA VAL J 133 -49.92 -13.95 -41.75
C VAL J 133 -50.52 -15.16 -42.45
N ASN J 134 -50.40 -16.34 -41.84
CA ASN J 134 -51.22 -17.46 -42.28
C ASN J 134 -52.56 -17.33 -41.60
N ILE J 135 -53.61 -17.56 -42.38
CA ILE J 135 -54.89 -17.96 -41.83
C ILE J 135 -55.31 -19.19 -42.59
N THR J 136 -55.42 -20.31 -41.87
CA THR J 136 -56.08 -21.49 -42.38
C THR J 136 -57.56 -21.34 -42.05
N TYR J 137 -58.22 -20.44 -42.79
CA TYR J 137 -59.51 -19.91 -42.38
C TYR J 137 -60.63 -20.93 -42.53
N GLY J 138 -61.52 -20.93 -41.54
CA GLY J 138 -62.86 -21.48 -41.66
C GLY J 138 -62.92 -22.85 -42.27
N SER J 139 -63.46 -22.90 -43.48
CA SER J 139 -63.29 -24.01 -44.39
C SER J 139 -62.40 -23.67 -45.57
N VAL J 140 -61.99 -22.41 -45.71
CA VAL J 140 -61.02 -22.04 -46.74
C VAL J 140 -59.74 -22.82 -46.53
N SER J 141 -59.29 -22.88 -45.28
CA SER J 141 -58.17 -23.70 -44.82
C SER J 141 -56.81 -23.16 -45.24
N TRP J 142 -56.73 -22.05 -45.96
CA TRP J 142 -55.42 -21.54 -46.34
C TRP J 142 -55.38 -20.12 -46.89
N ARG J 143 -54.46 -19.33 -46.36
CA ARG J 143 -53.87 -18.19 -47.04
C ARG J 143 -52.63 -17.86 -46.27
N SER J 144 -51.49 -17.71 -46.94
CA SER J 144 -50.24 -17.30 -46.29
C SER J 144 -49.76 -16.06 -47.01
N ALA J 145 -50.18 -14.89 -46.52
CA ALA J 145 -50.02 -13.64 -47.22
C ALA J 145 -49.16 -12.67 -46.42
N ASP J 146 -48.41 -11.86 -47.15
CA ASP J 146 -47.60 -10.81 -46.56
C ASP J 146 -48.44 -9.55 -46.46
N VAL J 147 -48.43 -8.93 -45.28
CA VAL J 147 -49.31 -7.82 -44.96
C VAL J 147 -48.51 -6.69 -44.35
N TYR J 148 -49.22 -5.65 -43.96
CA TYR J 148 -48.69 -4.49 -43.27
C TYR J 148 -49.38 -4.36 -41.91
N VAL J 149 -49.09 -3.25 -41.26
CA VAL J 149 -49.61 -2.91 -39.94
C VAL J 149 -50.45 -1.67 -39.94
N ASN J 150 -50.26 -0.80 -40.91
CA ASN J 150 -50.93 0.48 -40.92
C ASN J 150 -52.43 0.28 -41.11
N GLY J 151 -53.21 0.86 -40.21
CA GLY J 151 -54.59 0.42 -40.05
C GLY J 151 -55.57 0.89 -41.10
N GLU J 152 -55.16 0.87 -42.37
CA GLU J 152 -56.12 0.90 -43.45
C GLU J 152 -55.68 0.04 -44.63
N THR J 153 -54.61 -0.73 -44.50
CA THR J 153 -54.12 -1.54 -45.59
C THR J 153 -54.84 -2.89 -45.61
N PRO J 154 -55.56 -3.23 -46.67
CA PRO J 154 -55.96 -4.62 -46.87
C PRO J 154 -54.87 -5.42 -47.59
N ALA J 155 -55.08 -6.72 -47.63
CA ALA J 155 -54.28 -7.59 -48.49
C ALA J 155 -55.19 -8.74 -48.93
N LYS J 156 -55.80 -8.57 -50.10
CA LYS J 156 -56.72 -9.55 -50.65
C LYS J 156 -55.92 -10.65 -51.34
N ILE J 157 -55.30 -11.47 -50.51
CA ILE J 157 -54.58 -12.67 -50.94
C ILE J 157 -55.29 -13.84 -50.29
N GLY J 158 -55.81 -14.74 -51.11
CA GLY J 158 -56.77 -15.73 -50.67
C GLY J 158 -58.14 -15.31 -51.11
N ASP J 159 -59.04 -15.10 -50.15
CA ASP J 159 -60.34 -14.49 -50.42
C ASP J 159 -60.71 -13.42 -49.40
N ALA J 160 -60.06 -13.37 -48.26
CA ALA J 160 -60.44 -12.47 -47.19
C ALA J 160 -59.66 -11.17 -47.28
N LYS J 161 -60.32 -10.09 -46.89
CA LYS J 161 -59.73 -8.78 -46.80
C LYS J 161 -59.51 -8.45 -45.34
N LEU J 162 -58.27 -8.09 -45.00
CA LEU J 162 -57.84 -8.01 -43.61
C LEU J 162 -57.06 -6.74 -43.38
N ILE J 163 -57.42 -6.03 -42.32
CA ILE J 163 -56.78 -4.77 -41.96
C ILE J 163 -56.19 -4.94 -40.58
N ILE J 164 -54.95 -4.51 -40.44
CA ILE J 164 -54.11 -4.82 -39.30
C ILE J 164 -53.65 -3.50 -38.71
N GLY J 165 -53.53 -3.49 -37.38
CA GLY J 165 -52.88 -2.41 -36.67
C GLY J 165 -53.56 -1.08 -36.91
N PRO J 166 -52.86 0.03 -36.63
CA PRO J 166 -51.48 0.14 -36.16
C PRO J 166 -51.30 -0.38 -34.76
N LEU J 167 -50.20 -1.08 -34.53
CA LEU J 167 -49.93 -1.61 -33.20
C LEU J 167 -49.68 -0.48 -32.23
N SER J 168 -49.98 -0.75 -30.96
CA SER J 168 -49.77 0.23 -29.91
C SER J 168 -48.35 0.21 -29.35
N SER J 169 -47.58 -0.84 -29.64
CA SER J 169 -46.30 -1.08 -28.98
C SER J 169 -45.19 -0.60 -29.89
N ALA J 170 -44.98 0.70 -29.89
CA ALA J 170 -44.09 1.34 -30.84
C ALA J 170 -42.62 1.22 -30.48
N TRP J 171 -42.23 0.29 -29.62
CA TRP J 171 -40.83 0.12 -29.29
C TRP J 171 -40.12 -0.42 -30.52
N SER J 172 -39.46 0.46 -31.23
CA SER J 172 -38.50 0.02 -32.23
C SER J 172 -37.27 -0.46 -31.46
N PRO J 173 -36.93 -1.74 -31.49
CA PRO J 173 -35.75 -2.18 -30.74
C PRO J 173 -34.48 -1.55 -31.26
N PHE J 174 -34.44 -1.21 -32.54
CA PHE J 174 -33.39 -0.33 -33.03
C PHE J 174 -33.45 1.00 -32.30
N ASP J 175 -32.29 1.50 -31.92
CA ASP J 175 -32.18 2.87 -31.45
C ASP J 175 -32.18 3.81 -32.65
N ASN J 176 -32.04 5.10 -32.38
CA ASN J 176 -31.94 6.07 -33.47
C ASN J 176 -30.70 5.80 -34.31
N LYS J 177 -29.56 5.70 -33.66
CA LYS J 177 -28.28 5.45 -34.31
C LYS J 177 -27.92 3.99 -34.18
N VAL J 178 -27.53 3.39 -35.29
CA VAL J 178 -27.24 1.95 -35.35
C VAL J 178 -26.01 1.75 -36.19
N VAL J 179 -25.18 0.80 -35.77
CA VAL J 179 -24.12 0.25 -36.60
C VAL J 179 -24.52 -1.17 -36.93
N VAL J 180 -24.09 -1.62 -38.11
CA VAL J 180 -24.48 -2.90 -38.65
C VAL J 180 -23.23 -3.56 -39.21
N TYR J 181 -23.12 -4.87 -39.00
CA TYR J 181 -21.92 -5.61 -39.40
C TYR J 181 -22.32 -7.02 -39.80
N GLY J 182 -22.50 -7.23 -41.09
CA GLY J 182 -22.61 -8.57 -41.64
C GLY J 182 -23.92 -9.22 -41.28
N HIS J 183 -24.05 -9.60 -40.01
CA HIS J 183 -25.35 -9.94 -39.43
C HIS J 183 -25.54 -9.40 -38.03
N GLU J 184 -24.48 -9.10 -37.31
CA GLU J 184 -24.58 -8.61 -35.95
C GLU J 184 -24.85 -7.12 -35.99
N VAL J 185 -25.99 -6.72 -35.45
CA VAL J 185 -26.47 -5.35 -35.50
C VAL J 185 -26.29 -4.72 -34.14
N TYR J 186 -25.70 -3.54 -34.12
CA TYR J 186 -25.30 -2.86 -32.89
C TYR J 186 -25.99 -1.51 -32.86
N ASN J 187 -26.81 -1.29 -31.83
CA ASN J 187 -27.53 -0.04 -31.65
C ASN J 187 -26.60 1.00 -31.03
N TYR J 188 -25.55 1.30 -31.78
CA TYR J 188 -24.43 2.05 -31.28
C TYR J 188 -24.52 3.51 -31.68
N ASP J 189 -24.18 4.38 -30.74
CA ASP J 189 -24.06 5.81 -31.02
C ASP J 189 -22.76 6.03 -31.77
N PHE J 190 -22.79 5.67 -33.05
CA PHE J 190 -21.64 5.94 -33.90
C PHE J 190 -21.40 7.44 -33.91
N PRO J 191 -20.13 7.90 -33.91
CA PRO J 191 -19.91 9.33 -33.71
C PRO J 191 -20.57 10.17 -34.79
N GLU J 192 -20.10 10.04 -36.04
CA GLU J 192 -20.75 10.58 -37.22
C GLU J 192 -19.82 10.31 -38.39
N TYR J 193 -20.33 10.44 -39.62
CA TYR J 193 -19.46 10.70 -40.75
C TYR J 193 -18.65 11.95 -40.49
N GLY J 194 -17.40 11.94 -40.95
CA GLY J 194 -16.63 13.16 -40.98
C GLY J 194 -15.90 13.52 -39.71
N THR J 195 -16.04 12.74 -38.64
CA THR J 195 -15.55 13.16 -37.32
C THR J 195 -14.75 12.11 -36.57
N GLY J 196 -14.92 10.82 -36.85
CA GLY J 196 -14.53 9.77 -35.93
C GLY J 196 -13.08 9.79 -35.51
N LYS J 197 -12.86 9.85 -34.19
CA LYS J 197 -11.51 9.96 -33.67
C LYS J 197 -10.71 8.73 -34.04
N ALA J 198 -9.43 8.94 -34.33
CA ALA J 198 -8.58 7.85 -34.78
C ALA J 198 -8.44 6.81 -33.69
N GLY J 199 -8.48 5.56 -34.09
CA GLY J 199 -8.52 4.45 -33.17
C GLY J 199 -9.94 4.13 -32.78
N SER J 200 -10.72 5.15 -32.45
CA SER J 200 -12.12 4.93 -32.15
C SER J 200 -12.84 4.45 -33.40
N PHE J 201 -14.05 3.96 -33.18
CA PHE J 201 -14.87 3.49 -34.27
C PHE J 201 -15.08 4.58 -35.30
N GLY J 202 -15.04 4.19 -36.56
CA GLY J 202 -15.17 5.16 -37.63
C GLY J 202 -13.95 6.04 -37.79
N ASP J 203 -12.76 5.47 -37.68
CA ASP J 203 -11.59 6.22 -38.08
C ASP J 203 -11.60 6.45 -39.58
N LEU J 204 -11.95 5.43 -40.33
CA LEU J 204 -12.30 5.56 -41.74
C LEU J 204 -13.81 5.71 -41.81
N GLN J 205 -14.25 6.66 -42.62
CA GLN J 205 -15.68 6.93 -42.77
C GLN J 205 -15.92 7.27 -44.23
N SER J 206 -16.34 6.26 -44.99
CA SER J 206 -16.73 6.44 -46.38
C SER J 206 -18.24 6.37 -46.47
N ARG J 207 -18.80 7.28 -47.27
CA ARG J 207 -20.24 7.31 -47.48
C ARG J 207 -20.76 5.96 -47.92
N THR J 208 -20.17 5.42 -48.97
CA THR J 208 -20.44 4.06 -49.40
C THR J 208 -19.12 3.44 -49.83
N SER J 209 -19.22 2.27 -50.47
CA SER J 209 -18.03 1.58 -50.91
C SER J 209 -17.44 2.24 -52.13
N THR J 210 -18.30 2.67 -53.05
CA THR J 210 -17.85 3.35 -54.26
C THR J 210 -17.24 4.70 -53.96
N SER J 211 -17.66 5.35 -52.87
CA SER J 211 -17.31 6.74 -52.63
C SER J 211 -15.81 6.91 -52.47
N ASN J 212 -15.18 7.54 -53.44
CA ASN J 212 -13.74 7.77 -53.38
C ASN J 212 -13.38 8.71 -52.26
N ASP J 213 -14.24 9.68 -51.98
CA ASP J 213 -14.01 10.56 -50.85
C ASP J 213 -14.40 9.87 -49.56
N LEU J 214 -13.79 10.31 -48.47
CA LEU J 214 -14.08 9.74 -47.16
C LEU J 214 -13.57 10.69 -46.09
N TYR J 215 -13.59 10.23 -44.85
CA TYR J 215 -12.96 10.91 -43.73
C TYR J 215 -12.08 9.90 -43.02
N ALA J 216 -10.78 10.17 -43.00
CA ALA J 216 -9.79 9.28 -42.41
C ALA J 216 -9.02 10.05 -41.35
N ASN J 217 -9.59 10.13 -40.16
CA ASN J 217 -8.83 10.51 -38.98
C ASN J 217 -8.25 9.21 -38.47
N THR J 218 -7.02 8.93 -38.89
CA THR J 218 -6.25 7.81 -38.38
C THR J 218 -5.04 8.24 -37.58
N ASN J 219 -4.78 9.54 -37.47
CA ASN J 219 -3.58 10.04 -36.82
C ASN J 219 -2.35 9.48 -37.49
N LEU J 220 -2.44 9.33 -38.81
CA LEU J 220 -1.31 8.84 -39.59
C LEU J 220 -0.18 9.87 -39.54
N LYS J 221 0.93 9.47 -38.95
CA LYS J 221 2.09 10.34 -38.79
C LYS J 221 3.31 9.62 -39.32
N LEU J 222 3.84 10.11 -40.43
CA LEU J 222 5.05 9.54 -40.98
C LEU J 222 6.25 9.95 -40.14
N GLN J 223 7.20 9.04 -40.02
CA GLN J 223 8.48 9.32 -39.37
C GLN J 223 9.60 9.05 -40.37
N ARG J 224 10.76 9.61 -40.08
CA ARG J 224 11.84 9.51 -41.04
C ARG J 224 12.39 8.08 -41.04
N PRO J 225 12.75 7.55 -42.21
CA PRO J 225 13.37 6.23 -42.21
C PRO J 225 14.74 6.27 -41.57
N GLN J 226 15.15 5.12 -41.06
CA GLN J 226 16.31 5.01 -40.20
C GLN J 226 17.58 4.77 -40.99
N ALA J 227 18.66 5.40 -40.51
CA ALA J 227 20.04 5.04 -40.83
C ALA J 227 20.29 4.86 -42.32
N GLY J 228 19.75 5.79 -43.12
CA GLY J 228 20.01 5.78 -44.54
C GLY J 228 19.55 4.51 -45.21
N ILE J 229 18.27 4.17 -45.05
CA ILE J 229 17.67 3.04 -45.76
C ILE J 229 16.31 3.46 -46.28
N VAL J 230 15.95 2.93 -47.44
CA VAL J 230 14.67 3.21 -48.06
C VAL J 230 13.59 2.42 -47.33
N HIS J 231 12.68 3.14 -46.69
CA HIS J 231 11.40 2.61 -46.26
C HIS J 231 10.58 3.80 -45.77
N THR J 232 9.37 3.49 -45.28
CA THR J 232 8.38 4.50 -44.96
C THR J 232 7.80 4.19 -43.59
N PRO J 233 8.36 4.76 -42.53
CA PRO J 233 7.68 4.67 -41.26
C PRO J 233 6.32 5.35 -41.34
N PHE J 234 5.27 4.56 -41.27
CA PHE J 234 3.93 5.08 -41.07
C PHE J 234 3.49 4.66 -39.68
N THR J 235 3.31 5.64 -38.82
CA THR J 235 2.89 5.42 -37.44
C THR J 235 1.42 5.78 -37.37
N GLN J 236 0.61 4.80 -36.99
CA GLN J 236 -0.81 4.91 -37.20
C GLN J 236 -1.52 4.04 -36.19
N ALA J 237 -2.71 4.48 -35.84
CA ALA J 237 -3.59 3.67 -35.04
C ALA J 237 -4.16 2.55 -35.89
N PRO J 238 -4.01 1.28 -35.52
CA PRO J 238 -4.84 0.25 -36.15
C PRO J 238 -6.31 0.59 -35.95
N SER J 239 -7.14 0.12 -36.86
CA SER J 239 -8.41 0.79 -37.04
C SER J 239 -9.35 0.58 -35.88
N GLY J 240 -10.26 1.53 -35.73
CA GLY J 240 -11.47 1.35 -34.97
C GLY J 240 -12.47 0.42 -35.60
N PHE J 241 -12.13 -0.15 -36.75
CA PHE J 241 -12.79 -1.33 -37.28
C PHE J 241 -12.07 -2.61 -36.88
N GLU J 242 -10.78 -2.52 -36.52
CA GLU J 242 -10.07 -3.67 -36.00
C GLU J 242 -10.56 -3.99 -34.59
N ARG J 243 -10.35 -3.06 -33.65
CA ARG J 243 -11.25 -3.03 -32.52
C ARG J 243 -12.62 -2.63 -33.05
N TRP J 244 -13.66 -2.92 -32.27
CA TRP J 244 -15.05 -3.04 -32.68
C TRP J 244 -15.30 -4.42 -33.28
N LYS J 245 -14.27 -5.25 -33.43
CA LYS J 245 -14.44 -6.66 -33.72
C LYS J 245 -13.94 -7.56 -32.61
N ARG J 246 -13.18 -7.04 -31.64
CA ARG J 246 -12.77 -7.81 -30.49
C ARG J 246 -12.75 -7.05 -29.17
N ASP J 247 -13.16 -5.78 -29.16
CA ASP J 247 -13.47 -5.06 -27.92
C ASP J 247 -14.81 -4.35 -28.06
N LYS J 248 -15.71 -4.97 -28.81
CA LYS J 248 -16.98 -4.40 -29.19
C LYS J 248 -18.01 -4.51 -28.07
N GLY J 249 -19.26 -4.26 -28.43
CA GLY J 249 -20.40 -4.61 -27.63
C GLY J 249 -21.19 -5.74 -28.29
N ALA J 250 -22.17 -6.23 -27.56
CA ALA J 250 -22.89 -7.41 -27.98
C ALA J 250 -24.03 -7.04 -28.94
N PRO J 251 -24.52 -8.00 -29.71
CA PRO J 251 -25.51 -7.67 -30.73
C PRO J 251 -26.94 -7.62 -30.25
N LEU J 252 -27.69 -6.77 -30.95
CA LEU J 252 -29.07 -6.50 -30.61
C LEU J 252 -29.93 -7.74 -30.75
N ASN J 253 -29.52 -8.69 -31.59
CA ASN J 253 -30.16 -10.00 -31.57
C ASN J 253 -29.67 -10.86 -30.41
N ASP J 254 -28.85 -10.29 -29.52
CA ASP J 254 -28.48 -10.91 -28.27
C ASP J 254 -28.65 -9.99 -27.07
N VAL J 255 -29.07 -8.74 -27.25
CA VAL J 255 -29.31 -7.84 -26.11
C VAL J 255 -30.60 -7.05 -26.21
N ALA J 256 -31.37 -7.22 -27.29
CA ALA J 256 -32.58 -6.44 -27.42
C ALA J 256 -33.57 -6.75 -26.31
N PRO J 257 -34.54 -5.87 -26.08
CA PRO J 257 -35.73 -6.28 -25.32
C PRO J 257 -36.88 -6.78 -26.17
N PHE J 258 -37.93 -7.20 -25.46
CA PHE J 258 -39.24 -7.61 -25.98
C PHE J 258 -39.20 -8.49 -27.22
N GLY J 259 -38.18 -9.32 -27.31
CA GLY J 259 -38.19 -10.50 -28.14
C GLY J 259 -38.10 -10.43 -29.65
N CYS J 260 -36.93 -10.06 -30.16
CA CYS J 260 -36.72 -9.74 -31.56
C CYS J 260 -35.56 -10.57 -32.08
N SER J 261 -35.57 -10.77 -33.39
CA SER J 261 -34.45 -11.32 -34.13
C SER J 261 -34.18 -10.40 -35.29
N ILE J 262 -33.00 -10.56 -35.90
CA ILE J 262 -32.40 -9.53 -36.75
C ILE J 262 -31.85 -10.16 -38.02
N ALA J 263 -31.73 -9.35 -39.07
CA ALA J 263 -31.08 -9.78 -40.30
C ALA J 263 -30.45 -8.61 -41.03
N LEU J 264 -29.31 -8.89 -41.69
CA LEU J 264 -28.74 -7.98 -42.71
C LEU J 264 -29.34 -8.41 -44.04
N GLU J 265 -30.46 -7.83 -44.32
CA GLU J 265 -31.51 -8.21 -45.24
C GLU J 265 -32.24 -6.87 -45.16
N PRO J 266 -33.51 -6.70 -45.51
CA PRO J 266 -34.10 -5.34 -45.41
C PRO J 266 -34.00 -4.59 -44.06
N LEU J 267 -33.25 -5.09 -43.07
CA LEU J 267 -32.98 -4.45 -41.78
C LEU J 267 -34.21 -4.58 -40.91
N ARG J 268 -34.85 -5.73 -41.05
CA ARG J 268 -35.98 -6.03 -40.22
C ARG J 268 -35.52 -6.44 -38.84
N ALA J 269 -36.47 -6.44 -37.92
CA ALA J 269 -36.29 -6.99 -36.60
C ALA J 269 -37.46 -7.94 -36.35
N GLU J 270 -37.25 -9.21 -36.70
CA GLU J 270 -38.35 -10.15 -36.77
C GLU J 270 -38.98 -10.40 -35.41
N ASN J 271 -40.26 -10.72 -35.44
CA ASN J 271 -40.91 -11.52 -34.41
C ASN J 271 -40.92 -10.82 -33.06
N CYS J 272 -40.97 -9.50 -33.08
CA CYS J 272 -40.97 -8.70 -31.85
C CYS J 272 -42.31 -8.84 -31.17
N ALA J 273 -42.36 -9.73 -30.19
CA ALA J 273 -43.59 -10.00 -29.45
C ALA J 273 -43.77 -8.94 -28.38
N VAL J 274 -44.62 -7.96 -28.67
CA VAL J 274 -44.94 -6.97 -27.65
C VAL J 274 -46.24 -6.25 -27.98
N GLY J 275 -47.11 -6.13 -26.99
CA GLY J 275 -48.34 -5.40 -27.15
C GLY J 275 -49.36 -6.12 -28.00
N SER J 276 -50.33 -5.34 -28.44
CA SER J 276 -51.50 -5.85 -29.16
C SER J 276 -51.60 -5.15 -30.51
N ILE J 277 -52.44 -5.73 -31.37
CA ILE J 277 -52.66 -5.21 -32.71
C ILE J 277 -54.17 -5.22 -32.96
N PRO J 278 -54.81 -4.06 -33.22
CA PRO J 278 -56.24 -4.04 -33.50
C PRO J 278 -56.60 -4.49 -34.91
N ILE J 279 -56.85 -5.78 -35.07
CA ILE J 279 -56.99 -6.39 -36.38
C ILE J 279 -58.47 -6.59 -36.70
N SER J 280 -58.80 -6.39 -37.97
CA SER J 280 -60.17 -6.40 -38.44
C SER J 280 -60.20 -6.99 -39.84
N ILE J 281 -61.14 -7.90 -40.08
CA ILE J 281 -61.21 -8.65 -41.33
C ILE J 281 -62.60 -8.51 -41.91
N ASP J 282 -62.65 -8.46 -43.24
CA ASP J 282 -63.89 -8.60 -44.00
C ASP J 282 -63.84 -9.95 -44.70
N ILE J 283 -64.56 -10.91 -44.14
CA ILE J 283 -64.63 -12.28 -44.65
C ILE J 283 -65.40 -12.28 -45.96
N PRO J 284 -65.17 -13.23 -46.86
CA PRO J 284 -66.13 -13.41 -47.96
C PRO J 284 -67.41 -14.05 -47.45
N ASP J 285 -68.54 -13.38 -47.70
CA ASP J 285 -69.81 -13.89 -47.24
C ASP J 285 -70.13 -15.25 -47.83
N ALA J 286 -69.58 -15.56 -49.01
CA ALA J 286 -69.74 -16.90 -49.57
C ALA J 286 -69.18 -17.96 -48.65
N ALA J 287 -68.09 -17.65 -47.95
CA ALA J 287 -67.50 -18.63 -47.06
C ALA J 287 -68.38 -18.92 -45.85
N PHE J 288 -69.29 -18.02 -45.52
CA PHE J 288 -70.22 -18.30 -44.43
C PHE J 288 -71.13 -19.46 -44.79
N THR J 289 -71.50 -20.20 -43.77
CA THR J 289 -72.60 -21.15 -43.84
C THR J 289 -73.80 -20.51 -43.16
N ARG J 290 -74.95 -20.63 -43.77
CA ARG J 290 -76.15 -20.10 -43.16
C ARG J 290 -76.48 -20.87 -41.90
N ILE J 291 -77.19 -20.20 -41.00
CA ILE J 291 -77.35 -20.73 -39.65
C ILE J 291 -78.22 -21.99 -39.64
N SER J 292 -79.11 -22.14 -40.60
CA SER J 292 -80.08 -23.22 -40.60
C SER J 292 -79.51 -24.53 -41.13
N GLU J 293 -78.20 -24.64 -41.27
CA GLU J 293 -77.56 -25.82 -41.84
C GLU J 293 -76.56 -26.46 -40.90
N THR J 294 -76.02 -25.71 -39.94
CA THR J 294 -75.19 -26.30 -38.92
C THR J 294 -76.07 -26.86 -37.81
N PRO J 295 -75.69 -27.98 -37.17
CA PRO J 295 -76.51 -28.49 -36.08
C PRO J 295 -76.54 -27.54 -34.90
N THR J 296 -77.73 -27.39 -34.33
CA THR J 296 -77.87 -26.72 -33.04
C THR J 296 -77.54 -27.70 -31.94
N VAL J 297 -76.67 -27.28 -31.03
CA VAL J 297 -75.95 -28.17 -30.14
C VAL J 297 -76.43 -28.07 -28.70
N SER J 298 -77.36 -27.16 -28.40
CA SER J 298 -77.74 -26.86 -27.03
C SER J 298 -78.35 -28.08 -26.32
N ASP J 299 -78.66 -27.91 -25.04
CA ASP J 299 -79.01 -29.02 -24.15
C ASP J 299 -77.85 -30.01 -24.04
N LEU J 300 -76.65 -29.46 -23.96
CA LEU J 300 -75.40 -30.20 -23.90
C LEU J 300 -74.89 -30.24 -22.47
N GLU J 301 -73.66 -30.71 -22.30
CA GLU J 301 -72.94 -30.57 -21.05
C GLU J 301 -71.45 -30.61 -21.34
N CYS J 302 -70.68 -29.83 -20.58
CA CYS J 302 -69.23 -29.79 -20.69
C CYS J 302 -68.59 -30.03 -19.34
N LYS J 303 -67.46 -30.73 -19.36
CA LYS J 303 -66.67 -30.88 -18.15
C LYS J 303 -65.25 -31.24 -18.53
N ILE J 304 -64.29 -30.67 -17.80
CA ILE J 304 -62.94 -31.16 -17.88
C ILE J 304 -62.88 -32.60 -17.42
N THR J 305 -61.83 -33.27 -17.82
CA THR J 305 -61.53 -34.61 -17.34
C THR J 305 -60.11 -34.73 -16.82
N GLU J 306 -59.17 -34.05 -17.46
CA GLU J 306 -57.80 -33.94 -16.94
C GLU J 306 -57.28 -32.58 -17.40
N CYS J 307 -57.51 -31.56 -16.59
CA CYS J 307 -57.04 -30.23 -16.93
C CYS J 307 -55.62 -30.06 -16.46
N THR J 308 -54.77 -29.64 -17.37
CA THR J 308 -53.36 -29.42 -17.11
C THR J 308 -53.12 -27.92 -17.05
N TYR J 309 -52.66 -27.45 -15.89
CA TYR J 309 -52.56 -26.03 -15.57
C TYR J 309 -51.30 -25.45 -16.20
N ALA J 310 -51.32 -25.36 -17.53
CA ALA J 310 -50.07 -25.35 -18.27
C ALA J 310 -50.18 -24.59 -19.60
N SER J 311 -49.12 -24.73 -20.41
CA SER J 311 -48.89 -24.00 -21.64
C SER J 311 -49.25 -24.84 -22.86
N ASP J 312 -48.60 -25.99 -22.99
CA ASP J 312 -49.00 -26.94 -24.00
C ASP J 312 -50.45 -27.31 -23.78
N PHE J 313 -51.10 -27.72 -24.86
CA PHE J 313 -52.53 -27.96 -24.79
C PHE J 313 -52.79 -29.23 -24.00
N GLY J 314 -52.60 -29.15 -22.69
CA GLY J 314 -52.79 -30.30 -21.82
C GLY J 314 -54.18 -30.37 -21.26
N GLY J 315 -54.86 -29.23 -21.24
CA GLY J 315 -56.24 -29.22 -20.75
C GLY J 315 -57.16 -29.91 -21.72
N ILE J 316 -58.01 -30.79 -21.19
CA ILE J 316 -58.99 -31.51 -21.99
C ILE J 316 -60.34 -31.43 -21.32
N ALA J 317 -61.38 -31.66 -22.11
CA ALA J 317 -62.73 -31.65 -21.59
C ALA J 317 -63.65 -32.35 -22.55
N THR J 318 -64.31 -33.40 -22.08
CA THR J 318 -65.40 -33.96 -22.84
C THR J 318 -66.56 -32.98 -22.87
N VAL J 319 -67.39 -33.10 -23.89
CA VAL J 319 -68.58 -32.29 -24.02
C VAL J 319 -69.70 -33.21 -24.47
N ALA J 320 -70.75 -33.29 -23.66
CA ALA J 320 -71.93 -34.08 -24.01
C ALA J 320 -72.70 -33.33 -25.08
N TYR J 321 -72.26 -33.48 -26.32
CA TYR J 321 -72.89 -32.77 -27.42
C TYR J 321 -74.31 -33.27 -27.61
N LYS J 322 -75.23 -32.32 -27.76
CA LYS J 322 -76.65 -32.60 -27.95
C LYS J 322 -77.07 -31.86 -29.21
N SER J 323 -76.87 -32.50 -30.35
CA SER J 323 -77.04 -31.86 -31.64
C SER J 323 -78.47 -32.05 -32.15
N SER J 324 -78.76 -31.35 -33.24
CA SER J 324 -80.00 -31.50 -33.98
C SER J 324 -79.75 -32.19 -35.31
N LYS J 325 -78.90 -31.61 -36.13
CA LYS J 325 -78.36 -32.28 -37.30
C LYS J 325 -77.04 -32.94 -36.89
N ALA J 326 -76.27 -33.38 -37.87
CA ALA J 326 -74.94 -33.93 -37.63
C ALA J 326 -73.97 -33.29 -38.62
N GLY J 327 -72.82 -32.88 -38.11
CA GLY J 327 -71.83 -32.24 -38.97
C GLY J 327 -70.77 -31.55 -38.14
N ASN J 328 -70.20 -30.51 -38.73
CA ASN J 328 -69.16 -29.74 -38.06
C ASN J 328 -69.76 -28.64 -37.21
N CYS J 329 -68.95 -28.14 -36.31
CA CYS J 329 -69.37 -27.15 -35.33
C CYS J 329 -68.12 -26.37 -34.90
N PRO J 330 -67.90 -25.16 -35.40
CA PRO J 330 -66.73 -24.43 -34.93
C PRO J 330 -66.86 -24.05 -33.48
N ILE J 331 -65.71 -23.97 -32.81
CA ILE J 331 -65.65 -23.79 -31.37
C ILE J 331 -64.66 -22.70 -31.03
N HIS J 332 -64.88 -22.06 -29.89
CA HIS J 332 -63.98 -21.05 -29.36
C HIS J 332 -64.43 -20.70 -27.97
N SER J 333 -63.48 -20.30 -27.14
CA SER J 333 -63.75 -19.72 -25.84
C SER J 333 -63.66 -18.22 -25.98
N PRO J 334 -64.78 -17.49 -26.02
CA PRO J 334 -64.68 -16.03 -26.12
C PRO J 334 -63.90 -15.41 -24.99
N SER J 335 -63.91 -16.03 -23.82
CA SER J 335 -62.99 -15.64 -22.77
C SER J 335 -61.58 -16.07 -23.15
N GLY J 336 -60.63 -15.20 -22.90
CA GLY J 336 -59.25 -15.51 -23.19
C GLY J 336 -58.58 -16.42 -22.20
N VAL J 337 -59.32 -16.91 -21.21
CA VAL J 337 -58.75 -17.80 -20.21
C VAL J 337 -58.24 -19.07 -20.86
N ALA J 338 -59.03 -19.64 -21.75
CA ALA J 338 -58.76 -20.93 -22.36
C ALA J 338 -58.43 -20.74 -23.82
N VAL J 339 -57.35 -21.36 -24.25
CA VAL J 339 -56.93 -21.39 -25.64
C VAL J 339 -57.03 -22.83 -26.11
N ILE J 340 -57.67 -23.02 -27.25
CA ILE J 340 -58.11 -24.33 -27.68
C ILE J 340 -57.35 -24.72 -28.95
N LYS J 341 -56.95 -25.98 -29.02
CA LYS J 341 -56.23 -26.48 -30.18
C LYS J 341 -57.17 -26.72 -31.35
N GLU J 342 -58.37 -27.20 -31.07
CA GLU J 342 -59.35 -27.50 -32.10
C GLU J 342 -60.16 -26.25 -32.42
N ASN J 343 -60.17 -25.88 -33.69
CA ASN J 343 -61.09 -24.85 -34.17
C ASN J 343 -62.48 -25.41 -34.38
N ASP J 344 -62.55 -26.65 -34.84
CA ASP J 344 -63.78 -27.26 -35.32
C ASP J 344 -63.87 -28.66 -34.77
N VAL J 345 -65.08 -29.09 -34.45
CA VAL J 345 -65.35 -30.43 -33.98
C VAL J 345 -66.45 -31.03 -34.84
N THR J 346 -66.25 -32.27 -35.26
CA THR J 346 -67.26 -33.00 -35.99
C THR J 346 -68.27 -33.56 -35.01
N LEU J 347 -69.53 -33.66 -35.46
CA LEU J 347 -70.61 -34.13 -34.61
C LEU J 347 -71.51 -35.09 -35.35
N ALA J 348 -71.74 -36.24 -34.73
CA ALA J 348 -72.85 -37.09 -35.08
C ALA J 348 -74.09 -36.57 -34.37
N GLU J 349 -75.16 -37.35 -34.37
CA GLU J 349 -76.38 -36.92 -33.72
C GLU J 349 -76.21 -37.02 -32.21
N SER J 350 -75.76 -35.94 -31.61
CA SER J 350 -75.71 -35.78 -30.15
C SER J 350 -74.80 -36.84 -29.52
N GLY J 351 -73.54 -36.79 -29.90
CA GLY J 351 -72.50 -37.62 -29.32
C GLY J 351 -71.70 -36.88 -28.29
N SER J 352 -70.40 -37.19 -28.23
CA SER J 352 -69.49 -36.53 -27.30
C SER J 352 -68.11 -36.56 -27.91
N PHE J 353 -67.39 -35.44 -27.80
CA PHE J 353 -66.05 -35.32 -28.37
C PHE J 353 -65.23 -34.41 -27.49
N THR J 354 -64.12 -34.93 -26.99
CA THR J 354 -63.18 -34.15 -26.21
C THR J 354 -62.36 -33.25 -27.13
N PHE J 355 -61.98 -32.10 -26.61
CA PHE J 355 -61.01 -31.23 -27.25
C PHE J 355 -59.85 -31.00 -26.29
N HIS J 356 -58.84 -30.31 -26.80
CA HIS J 356 -57.65 -29.97 -26.04
C HIS J 356 -57.60 -28.47 -25.82
N PHE J 357 -56.98 -28.05 -24.73
CA PHE J 357 -56.82 -26.62 -24.48
C PHE J 357 -55.72 -26.39 -23.45
N SER J 358 -55.57 -25.13 -23.06
CA SER J 358 -54.60 -24.71 -22.05
C SER J 358 -55.14 -23.46 -21.36
N THR J 359 -54.84 -23.34 -20.08
CA THR J 359 -55.37 -22.27 -19.24
C THR J 359 -54.27 -21.79 -18.32
N ALA J 360 -54.64 -20.82 -17.47
CA ALA J 360 -53.73 -20.24 -16.50
C ALA J 360 -54.34 -20.06 -15.13
N ASN J 361 -55.63 -20.29 -14.97
CA ASN J 361 -56.30 -20.14 -13.68
C ASN J 361 -56.70 -21.51 -13.15
N ILE J 362 -56.45 -21.72 -11.86
CA ILE J 362 -56.62 -23.03 -11.24
C ILE J 362 -58.03 -23.53 -11.46
N HIS J 363 -59.00 -22.63 -11.42
CA HIS J 363 -60.40 -22.95 -11.60
C HIS J 363 -60.84 -22.35 -12.94
N PRO J 364 -60.60 -23.02 -14.05
CA PRO J 364 -60.95 -22.43 -15.33
C PRO J 364 -62.44 -22.37 -15.54
N ALA J 365 -63.01 -21.20 -15.33
CA ALA J 365 -64.42 -20.93 -15.59
C ALA J 365 -64.52 -20.14 -16.89
N PHE J 366 -64.31 -20.84 -17.99
CA PHE J 366 -64.34 -20.24 -19.31
C PHE J 366 -65.56 -20.73 -20.08
N LYS J 367 -66.22 -19.79 -20.74
CA LYS J 367 -67.29 -20.16 -21.64
C LYS J 367 -66.73 -20.85 -22.86
N LEU J 368 -67.54 -21.72 -23.45
CA LEU J 368 -67.21 -22.36 -24.71
C LEU J 368 -68.39 -22.23 -25.63
N GLN J 369 -68.16 -21.67 -26.81
CA GLN J 369 -69.21 -21.33 -27.75
C GLN J 369 -69.14 -22.36 -28.86
N VAL J 370 -69.93 -23.42 -28.73
CA VAL J 370 -69.94 -24.50 -29.71
C VAL J 370 -71.01 -24.13 -30.74
N CYS J 371 -70.59 -23.33 -31.72
CA CYS J 371 -71.40 -22.91 -32.86
C CYS J 371 -72.79 -22.46 -32.42
N THR J 372 -72.77 -21.34 -31.70
CA THR J 372 -73.95 -20.72 -31.09
C THR J 372 -74.55 -21.61 -30.03
N SER J 373 -73.74 -21.98 -29.05
CA SER J 373 -74.26 -22.56 -27.81
C SER J 373 -73.16 -22.41 -26.76
N ALA J 374 -73.42 -21.55 -25.78
CA ALA J 374 -72.42 -21.28 -24.77
C ALA J 374 -72.48 -22.35 -23.68
N VAL J 375 -71.35 -22.51 -22.98
CA VAL J 375 -71.31 -23.42 -21.85
C VAL J 375 -70.07 -23.12 -21.02
N THR J 376 -70.24 -23.20 -19.72
CA THR J 376 -69.14 -23.08 -18.78
C THR J 376 -68.51 -24.46 -18.61
N CYS J 377 -67.23 -24.56 -18.93
CA CYS J 377 -66.45 -25.76 -18.68
C CYS J 377 -65.65 -25.63 -17.39
N LYS J 378 -66.38 -25.38 -16.31
CA LYS J 378 -65.78 -25.20 -14.99
C LYS J 378 -65.00 -26.45 -14.58
N GLY J 379 -63.98 -26.24 -13.77
CA GLY J 379 -63.26 -27.37 -13.20
C GLY J 379 -62.02 -26.97 -12.43
N ASP J 380 -61.03 -27.87 -12.46
CA ASP J 380 -59.79 -27.65 -11.73
C ASP J 380 -58.65 -28.36 -12.45
N CYS J 381 -57.45 -27.81 -12.31
CA CYS J 381 -56.32 -28.19 -13.15
C CYS J 381 -55.13 -28.59 -12.30
N LYS J 382 -54.15 -29.21 -12.97
CA LYS J 382 -53.00 -29.80 -12.33
C LYS J 382 -51.70 -29.19 -12.89
N PRO J 383 -50.72 -28.87 -12.05
CA PRO J 383 -49.45 -28.35 -12.56
C PRO J 383 -48.60 -29.44 -13.19
N PRO J 384 -47.85 -29.13 -14.28
CA PRO J 384 -46.88 -30.09 -14.83
C PRO J 384 -45.51 -30.11 -14.18
N LYS J 385 -44.58 -30.80 -14.84
CA LYS J 385 -43.29 -31.18 -14.29
C LYS J 385 -42.07 -30.85 -15.16
N ASP J 386 -42.24 -30.48 -16.43
CA ASP J 386 -41.25 -30.77 -17.49
C ASP J 386 -40.96 -29.55 -18.38
N HIS J 387 -40.58 -28.43 -17.77
CA HIS J 387 -40.63 -27.11 -18.41
C HIS J 387 -39.29 -26.59 -18.97
N ILE J 388 -38.76 -27.24 -20.02
CA ILE J 388 -37.64 -26.64 -20.76
C ILE J 388 -37.71 -26.83 -22.28
N VAL J 389 -38.63 -26.16 -22.98
CA VAL J 389 -38.76 -26.30 -24.44
C VAL J 389 -39.35 -24.96 -24.83
N ASP J 390 -39.60 -24.66 -26.13
CA ASP J 390 -39.81 -23.31 -26.71
C ASP J 390 -41.06 -22.63 -26.15
N TYR J 391 -41.84 -21.83 -26.89
CA TYR J 391 -42.76 -20.90 -26.23
C TYR J 391 -44.22 -21.34 -26.25
N PRO J 392 -45.06 -20.77 -25.37
CA PRO J 392 -46.34 -21.40 -25.04
C PRO J 392 -47.45 -21.07 -26.03
N ALA J 393 -48.58 -21.74 -25.81
CA ALA J 393 -49.85 -21.49 -26.47
C ALA J 393 -50.87 -20.84 -25.55
N GLN J 394 -50.51 -20.60 -24.30
CA GLN J 394 -51.42 -20.18 -23.24
C GLN J 394 -51.58 -18.67 -23.24
N HIS J 395 -50.45 -17.98 -23.04
CA HIS J 395 -50.28 -16.53 -23.19
C HIS J 395 -51.47 -15.73 -22.66
N THR J 396 -52.01 -16.15 -21.52
CA THR J 396 -53.24 -15.59 -20.98
C THR J 396 -53.14 -15.36 -19.49
N GLU J 397 -51.93 -15.17 -18.97
CA GLU J 397 -51.75 -15.05 -17.54
C GLU J 397 -52.43 -13.80 -17.01
N SER J 398 -53.17 -13.95 -15.93
CA SER J 398 -53.86 -12.85 -15.28
C SER J 398 -53.97 -13.17 -13.80
N PHE J 399 -54.83 -12.45 -13.11
CA PHE J 399 -55.05 -12.70 -11.69
C PHE J 399 -55.78 -14.03 -11.50
N THR J 400 -55.19 -14.90 -10.68
CA THR J 400 -55.71 -16.24 -10.45
C THR J 400 -55.64 -16.64 -8.98
N TRP J 408 -58.28 -17.64 -4.31
CA TRP J 408 -59.38 -17.11 -3.51
C TRP J 408 -59.69 -17.96 -2.29
N SER J 409 -58.89 -19.00 -2.06
CA SER J 409 -59.21 -19.95 -1.01
C SER J 409 -59.08 -19.35 0.39
N TRP J 410 -58.37 -18.23 0.53
CA TRP J 410 -58.28 -17.51 1.80
C TRP J 410 -58.42 -16.02 1.56
N LEU J 411 -59.33 -15.65 0.69
CA LEU J 411 -59.52 -14.25 0.33
C LEU J 411 -60.98 -13.85 0.43
N LYS J 412 -61.88 -14.78 0.09
CA LYS J 412 -63.29 -14.41 -0.01
C LYS J 412 -63.89 -14.19 1.37
N VAL J 413 -63.95 -15.25 2.18
CA VAL J 413 -64.42 -15.11 3.56
C VAL J 413 -63.32 -14.53 4.44
N LEU J 414 -62.07 -14.57 4.00
CA LEU J 414 -61.02 -13.87 4.72
C LEU J 414 -61.31 -12.38 4.76
N VAL J 415 -61.35 -11.75 3.59
CA VAL J 415 -61.47 -10.30 3.55
C VAL J 415 -62.89 -9.89 3.92
N GLY J 416 -63.87 -10.70 3.56
CA GLY J 416 -65.20 -10.53 4.12
C GLY J 416 -65.18 -10.65 5.64
N GLY J 417 -64.28 -11.48 6.17
CA GLY J 417 -64.05 -11.54 7.60
C GLY J 417 -63.21 -10.36 8.08
N THR J 418 -62.22 -9.95 7.28
CA THR J 418 -61.48 -8.74 7.59
C THR J 418 -62.43 -7.56 7.67
N SER J 419 -63.31 -7.44 6.68
CA SER J 419 -64.31 -6.39 6.69
C SER J 419 -65.21 -6.54 7.91
N ALA J 420 -65.56 -7.79 8.26
CA ALA J 420 -66.51 -8.05 9.33
C ALA J 420 -66.09 -7.40 10.64
N PHE J 421 -64.77 -7.27 10.87
CA PHE J 421 -64.30 -6.54 12.04
C PHE J 421 -64.69 -5.08 11.95
N ILE J 422 -64.43 -4.44 10.81
CA ILE J 422 -64.76 -3.03 10.63
C ILE J 422 -66.22 -2.83 10.26
N VAL J 423 -66.88 -3.86 9.72
CA VAL J 423 -68.33 -3.80 9.59
C VAL J 423 -68.95 -3.91 10.96
N LEU J 424 -68.35 -4.69 11.86
CA LEU J 424 -68.82 -4.75 13.24
C LEU J 424 -68.74 -3.41 13.94
N GLY J 425 -67.90 -2.50 13.44
CA GLY J 425 -67.72 -1.21 14.07
C GLY J 425 -68.97 -0.36 14.05
N LEU J 426 -69.41 0.03 12.85
CA LEU J 426 -70.56 0.91 12.71
C LEU J 426 -71.88 0.23 13.02
N ILE J 427 -71.87 -1.03 13.46
CA ILE J 427 -73.04 -1.63 14.09
C ILE J 427 -72.83 -1.80 15.58
N ALA J 428 -71.61 -1.53 16.07
CA ALA J 428 -71.41 -1.19 17.46
C ALA J 428 -71.59 0.30 17.67
N THR J 429 -70.85 1.11 16.91
CA THR J 429 -71.14 2.53 16.84
C THR J 429 -72.46 2.74 16.12
N ALA J 430 -73.19 3.76 16.55
CA ALA J 430 -74.55 4.09 16.15
C ALA J 430 -75.59 3.15 16.75
N VAL J 431 -75.16 2.07 17.41
CA VAL J 431 -76.00 1.38 18.38
C VAL J 431 -75.71 1.92 19.76
N VAL J 432 -74.51 2.45 19.97
CA VAL J 432 -74.30 3.33 21.11
C VAL J 432 -75.28 4.49 21.03
N ALA J 433 -75.53 5.00 19.81
CA ALA J 433 -76.50 6.05 19.63
C ALA J 433 -77.89 5.61 20.05
N LEU J 434 -78.21 4.34 19.90
CA LEU J 434 -79.50 3.82 20.34
C LEU J 434 -79.54 3.65 21.85
N VAL J 435 -78.51 3.02 22.42
CA VAL J 435 -78.40 2.94 23.87
C VAL J 435 -78.35 4.34 24.45
N LEU J 436 -77.58 5.22 23.81
CA LEU J 436 -77.67 6.63 24.09
C LEU J 436 -79.11 7.12 23.89
N PHE J 437 -79.67 6.86 22.72
CA PHE J 437 -80.86 7.55 22.17
C PHE J 437 -80.52 8.98 21.81
N ASP K 1 -6.96 -22.44 -67.00
CA ASP K 1 -6.73 -21.04 -67.46
C ASP K 1 -5.85 -20.28 -66.49
N LEU K 2 -4.57 -20.62 -66.48
CA LEU K 2 -3.55 -19.82 -65.81
C LEU K 2 -3.05 -18.68 -66.68
N ASP K 3 -3.73 -18.41 -67.81
CA ASP K 3 -3.24 -17.53 -68.86
C ASP K 3 -4.19 -16.36 -69.08
N THR K 4 -4.79 -15.89 -67.99
CA THR K 4 -5.79 -14.84 -68.00
C THR K 4 -5.38 -13.61 -67.22
N HIS K 5 -4.16 -13.56 -66.70
CA HIS K 5 -3.67 -12.44 -65.91
C HIS K 5 -2.26 -12.08 -66.36
N PHE K 6 -2.08 -11.99 -67.67
CA PHE K 6 -0.86 -11.41 -68.19
C PHE K 6 -0.81 -9.90 -68.01
N THR K 7 -1.87 -9.31 -67.46
CA THR K 7 -1.78 -7.96 -66.90
C THR K 7 -0.57 -7.85 -65.98
N GLN K 8 -0.52 -8.69 -64.95
CA GLN K 8 0.63 -8.66 -64.06
C GLN K 8 1.82 -9.37 -64.68
N TYR K 9 1.61 -10.59 -65.15
CA TYR K 9 2.70 -11.53 -65.41
C TYR K 9 3.70 -10.95 -66.41
N LYS K 10 3.23 -10.62 -67.62
CA LYS K 10 4.13 -10.09 -68.63
C LYS K 10 4.76 -8.78 -68.17
N LEU K 11 4.00 -7.97 -67.47
CA LEU K 11 4.29 -6.55 -67.35
C LEU K 11 4.90 -6.17 -66.01
N ALA K 12 4.77 -7.03 -65.01
CA ALA K 12 5.38 -6.82 -63.70
C ALA K 12 6.59 -7.71 -63.51
N ARG K 13 7.53 -7.23 -62.72
CA ARG K 13 8.79 -7.91 -62.44
C ARG K 13 8.87 -8.24 -60.95
N PRO K 14 9.74 -9.19 -60.56
CA PRO K 14 9.89 -9.47 -59.13
C PRO K 14 10.63 -8.35 -58.42
N TYR K 15 9.90 -7.52 -57.68
CA TYR K 15 10.53 -6.37 -57.08
C TYR K 15 11.44 -6.80 -55.95
N ILE K 16 12.44 -5.97 -55.65
CA ILE K 16 13.34 -6.17 -54.52
C ILE K 16 13.35 -4.95 -53.63
N ALA K 17 13.16 -5.19 -52.33
CA ALA K 17 13.07 -4.13 -51.34
C ALA K 17 13.88 -4.54 -50.11
N ASP K 18 13.73 -3.76 -49.04
CA ASP K 18 14.58 -3.88 -47.86
C ASP K 18 13.84 -4.65 -46.78
N CYS K 19 14.17 -5.93 -46.65
CA CYS K 19 13.60 -6.73 -45.59
C CYS K 19 14.12 -6.23 -44.24
N PRO K 20 13.29 -6.25 -43.18
CA PRO K 20 13.70 -5.59 -41.93
C PRO K 20 14.62 -6.38 -41.00
N ASN K 21 14.46 -7.69 -40.92
CA ASN K 21 15.28 -8.51 -40.05
C ASN K 21 15.66 -9.79 -40.81
N CYS K 22 16.27 -9.58 -41.96
CA CYS K 22 16.53 -10.59 -42.97
C CYS K 22 17.55 -11.61 -42.48
N GLY K 23 17.16 -12.43 -41.52
CA GLY K 23 18.04 -13.40 -40.93
C GLY K 23 18.97 -12.76 -39.92
N HIS K 24 19.95 -12.02 -40.42
CA HIS K 24 20.80 -11.22 -39.53
C HIS K 24 20.10 -9.94 -39.14
N SER K 25 19.85 -9.09 -40.12
CA SER K 25 19.44 -7.72 -39.94
C SER K 25 18.82 -7.26 -41.26
N ARG K 26 18.72 -5.96 -41.45
CA ARG K 26 18.08 -5.41 -42.64
C ARG K 26 18.90 -5.70 -43.88
N CYS K 27 18.52 -6.72 -44.65
CA CYS K 27 19.08 -6.92 -45.98
C CYS K 27 18.18 -6.24 -47.00
N ASP K 28 18.42 -6.54 -48.28
CA ASP K 28 17.50 -6.23 -49.37
C ASP K 28 17.09 -7.55 -50.00
N SER K 29 15.98 -8.12 -49.54
CA SER K 29 15.51 -9.38 -50.08
C SER K 29 14.53 -9.13 -51.23
N PRO K 30 14.53 -9.95 -52.27
CA PRO K 30 13.44 -9.88 -53.25
C PRO K 30 12.09 -10.26 -52.69
N ILE K 31 12.07 -10.99 -51.57
CA ILE K 31 10.82 -11.46 -50.98
C ILE K 31 10.45 -10.56 -49.82
N ALA K 32 10.90 -9.31 -49.86
CA ALA K 32 10.62 -8.35 -48.81
C ALA K 32 9.12 -8.23 -48.58
N ILE K 33 8.72 -8.45 -47.33
CA ILE K 33 7.33 -8.61 -46.97
C ILE K 33 6.73 -7.25 -46.66
N GLU K 34 5.71 -6.89 -47.41
CA GLU K 34 4.85 -5.77 -47.11
C GLU K 34 3.43 -6.30 -47.00
N GLU K 35 2.53 -5.47 -46.46
CA GLU K 35 1.08 -5.71 -46.43
C GLU K 35 0.74 -7.13 -45.97
N VAL K 36 1.09 -7.39 -44.73
CA VAL K 36 0.60 -8.57 -44.05
C VAL K 36 -0.83 -8.32 -43.64
N ARG K 37 -1.69 -9.31 -43.84
CA ARG K 37 -3.12 -9.16 -43.60
C ARG K 37 -3.64 -10.37 -42.84
N GLY K 38 -3.54 -10.31 -41.52
CA GLY K 38 -4.08 -11.33 -40.66
C GLY K 38 -5.47 -10.91 -40.20
N ASP K 39 -6.25 -10.48 -41.17
CA ASP K 39 -7.52 -9.84 -40.94
C ASP K 39 -8.71 -10.76 -41.20
N ALA K 40 -8.48 -11.89 -41.84
CA ALA K 40 -9.52 -12.88 -42.08
C ALA K 40 -9.64 -13.78 -40.85
N HIS K 41 -10.34 -14.90 -40.99
CA HIS K 41 -10.68 -15.78 -39.90
C HIS K 41 -10.17 -17.21 -40.05
N ALA K 42 -9.87 -17.65 -41.27
CA ALA K 42 -9.77 -19.07 -41.58
C ALA K 42 -8.37 -19.62 -41.38
N GLY K 43 -7.59 -19.05 -40.47
CA GLY K 43 -6.21 -19.46 -40.36
C GLY K 43 -5.32 -18.95 -41.48
N VAL K 44 -5.82 -18.02 -42.30
CA VAL K 44 -5.19 -17.65 -43.55
C VAL K 44 -4.63 -16.24 -43.44
N ILE K 45 -3.50 -16.02 -44.11
CA ILE K 45 -2.98 -14.68 -44.34
C ILE K 45 -2.68 -14.54 -45.82
N ARG K 46 -3.07 -13.41 -46.36
CA ARG K 46 -2.62 -12.96 -47.66
C ARG K 46 -1.41 -12.06 -47.46
N ILE K 47 -0.34 -12.34 -48.20
CA ILE K 47 0.93 -11.65 -48.07
C ILE K 47 1.32 -11.15 -49.45
N GLN K 48 2.09 -10.07 -49.48
CA GLN K 48 2.81 -9.67 -50.69
C GLN K 48 4.30 -9.74 -50.42
N THR K 49 4.97 -10.60 -51.15
CA THR K 49 6.38 -10.46 -51.38
C THR K 49 6.59 -9.37 -52.41
N SER K 50 7.75 -8.74 -52.36
CA SER K 50 8.17 -7.93 -53.49
C SER K 50 8.56 -8.81 -54.67
N ALA K 51 8.79 -10.10 -54.43
CA ALA K 51 9.05 -11.04 -55.50
C ALA K 51 7.76 -11.49 -56.15
N MET K 52 7.82 -11.63 -57.47
CA MET K 52 6.70 -12.04 -58.31
C MET K 52 6.97 -13.47 -58.72
N PHE K 53 6.53 -14.41 -57.90
CA PHE K 53 6.49 -15.80 -58.31
C PHE K 53 5.21 -16.04 -59.10
N GLY K 54 5.09 -17.23 -59.68
CA GLY K 54 3.99 -17.52 -60.56
C GLY K 54 4.49 -18.18 -61.83
N LEU K 55 4.05 -17.67 -62.97
CA LEU K 55 4.67 -18.09 -64.22
C LEU K 55 6.13 -17.68 -64.22
N LYS K 56 6.86 -18.11 -65.22
CA LYS K 56 8.25 -17.73 -65.37
C LYS K 56 8.31 -16.30 -65.87
N THR K 57 9.49 -15.87 -66.32
CA THR K 57 9.60 -14.61 -67.04
C THR K 57 8.62 -14.55 -68.19
N ASP K 58 8.40 -15.67 -68.88
CA ASP K 58 7.69 -15.64 -70.15
C ASP K 58 6.24 -16.14 -70.10
N GLY K 59 6.00 -17.43 -69.84
CA GLY K 59 4.66 -17.95 -70.08
C GLY K 59 4.10 -19.19 -69.39
N VAL K 60 4.80 -19.83 -68.45
CA VAL K 60 4.44 -21.20 -68.07
C VAL K 60 4.43 -21.38 -66.55
N ASP K 61 3.44 -22.15 -66.08
CA ASP K 61 3.50 -22.85 -64.80
C ASP K 61 3.60 -21.95 -63.57
N LEU K 62 2.43 -21.49 -63.10
CA LEU K 62 2.25 -20.82 -61.81
C LEU K 62 3.19 -21.34 -60.72
N ALA K 63 3.42 -22.65 -60.67
CA ALA K 63 4.20 -23.25 -59.61
C ALA K 63 5.71 -23.09 -59.78
N TYR K 64 6.17 -22.19 -60.63
CA TYR K 64 7.57 -21.82 -60.70
C TYR K 64 7.80 -20.52 -59.95
N MET K 65 9.03 -20.03 -59.99
CA MET K 65 9.53 -19.14 -58.95
C MET K 65 10.50 -18.15 -59.58
N SER K 66 10.07 -16.90 -59.70
CA SER K 66 10.88 -15.81 -60.23
C SER K 66 11.06 -14.73 -59.17
N PHE K 67 12.25 -14.67 -58.58
CA PHE K 67 12.68 -13.52 -57.80
C PHE K 67 13.79 -12.80 -58.55
N MET K 68 14.27 -11.72 -57.95
CA MET K 68 15.35 -10.94 -58.50
C MET K 68 16.67 -11.36 -57.86
N ASN K 69 17.63 -11.75 -58.68
CA ASN K 69 19.01 -11.94 -58.28
C ASN K 69 19.85 -11.08 -59.19
N GLY K 70 20.58 -10.12 -58.60
CA GLY K 70 21.23 -9.10 -59.38
C GLY K 70 20.23 -8.02 -59.77
N LYS K 71 20.49 -7.40 -60.91
CA LYS K 71 19.44 -6.70 -61.64
C LYS K 71 18.44 -7.65 -62.27
N THR K 72 18.74 -8.95 -62.27
CA THR K 72 18.07 -9.93 -63.12
C THR K 72 17.07 -10.75 -62.31
N GLN K 73 16.11 -11.32 -63.02
CA GLN K 73 15.20 -12.28 -62.46
C GLN K 73 15.91 -13.61 -62.24
N LYS K 74 15.18 -14.57 -61.66
CA LYS K 74 15.58 -15.97 -61.72
C LYS K 74 14.31 -16.82 -61.69
N SER K 75 13.78 -17.10 -62.88
CA SER K 75 12.48 -17.74 -63.02
C SER K 75 12.69 -19.26 -63.05
N ILE K 76 12.63 -19.85 -61.86
CA ILE K 76 12.94 -21.26 -61.65
C ILE K 76 11.92 -21.86 -60.69
N LYS K 77 12.15 -23.09 -60.23
CA LYS K 77 11.16 -23.83 -59.47
C LYS K 77 11.01 -23.34 -58.03
N ILE K 78 9.80 -23.55 -57.49
CA ILE K 78 9.37 -23.04 -56.18
C ILE K 78 9.83 -23.91 -55.02
N ASP K 79 10.74 -24.85 -55.30
CA ASP K 79 10.91 -26.11 -54.57
C ASP K 79 10.62 -26.10 -53.07
N ASN K 80 11.13 -25.11 -52.33
CA ASN K 80 11.15 -25.17 -50.86
C ASN K 80 10.74 -23.84 -50.25
N LEU K 81 9.61 -23.31 -50.68
CA LEU K 81 9.01 -22.16 -50.03
C LEU K 81 8.76 -22.45 -48.56
N HIS K 82 8.92 -21.43 -47.72
CA HIS K 82 8.47 -21.49 -46.33
C HIS K 82 7.96 -20.12 -45.90
N VAL K 83 6.64 -19.99 -45.81
CA VAL K 83 6.04 -19.01 -44.92
C VAL K 83 6.02 -19.62 -43.54
N ARG K 84 6.21 -18.79 -42.52
CA ARG K 84 6.00 -19.30 -41.17
C ARG K 84 5.81 -18.14 -40.21
N THR K 85 5.37 -18.50 -39.03
CA THR K 85 5.04 -17.63 -37.92
C THR K 85 5.55 -18.37 -36.70
N SER K 86 4.93 -18.14 -35.54
CA SER K 86 5.13 -18.96 -34.36
C SER K 86 5.29 -20.45 -34.68
N ALA K 87 4.55 -20.96 -35.65
CA ALA K 87 4.78 -22.28 -36.23
C ALA K 87 4.92 -22.15 -37.73
N PRO K 88 5.37 -23.21 -38.40
CA PRO K 88 5.36 -23.20 -39.86
C PRO K 88 3.95 -23.17 -40.41
N CYS K 89 3.74 -22.26 -41.35
CA CYS K 89 2.44 -22.10 -41.97
C CYS K 89 2.23 -23.17 -43.02
N SER K 90 1.08 -23.10 -43.67
CA SER K 90 0.77 -23.90 -44.84
C SER K 90 0.44 -22.96 -45.97
N LEU K 91 1.17 -23.09 -47.07
CA LEU K 91 0.84 -22.39 -48.30
C LEU K 91 -0.59 -22.73 -48.71
N VAL K 92 -1.27 -21.76 -49.31
CA VAL K 92 -2.57 -21.96 -49.94
C VAL K 92 -2.49 -21.79 -51.45
N SER K 93 -1.96 -20.66 -51.90
CA SER K 93 -1.75 -20.44 -53.31
C SER K 93 -0.97 -19.14 -53.50
N HIS K 94 -0.25 -19.07 -54.61
CA HIS K 94 0.44 -17.87 -55.02
C HIS K 94 -0.09 -17.38 -56.36
N HIS K 95 -0.09 -16.06 -56.54
CA HIS K 95 -0.40 -15.45 -57.82
C HIS K 95 0.21 -14.06 -57.84
N GLY K 96 1.14 -13.84 -58.77
CA GLY K 96 1.73 -12.52 -58.91
C GLY K 96 2.79 -12.29 -57.87
N TYR K 97 2.73 -11.11 -57.24
CA TYR K 97 3.57 -10.81 -56.10
C TYR K 97 3.11 -11.48 -54.82
N TYR K 98 1.97 -12.16 -54.86
CA TYR K 98 1.12 -12.33 -53.70
C TYR K 98 0.93 -13.81 -53.41
N ILE K 99 0.97 -14.14 -52.13
CA ILE K 99 0.78 -15.50 -51.67
C ILE K 99 -0.29 -15.52 -50.59
N LEU K 100 -1.10 -16.57 -50.60
CA LEU K 100 -2.02 -16.90 -49.54
C LEU K 100 -1.51 -18.14 -48.83
N ALA K 101 -1.55 -18.13 -47.51
CA ALA K 101 -1.00 -19.21 -46.72
C ALA K 101 -1.79 -19.33 -45.43
N GLN K 102 -2.07 -20.57 -45.04
CA GLN K 102 -2.78 -20.85 -43.81
C GLN K 102 -1.77 -20.87 -42.68
N CYS K 103 -1.86 -19.89 -41.79
CA CYS K 103 -0.96 -19.72 -40.66
C CYS K 103 -1.69 -19.84 -39.33
N PRO K 104 -1.00 -20.21 -38.27
CA PRO K 104 -1.54 -19.99 -36.94
C PRO K 104 -1.30 -18.56 -36.49
N PRO K 105 -1.78 -18.20 -35.31
CA PRO K 105 -1.43 -16.90 -34.75
C PRO K 105 0.06 -16.77 -34.54
N GLY K 106 0.52 -15.53 -34.55
CA GLY K 106 1.92 -15.25 -34.34
C GLY K 106 2.18 -13.78 -34.17
N ASP K 107 3.08 -13.45 -33.26
CA ASP K 107 3.45 -12.07 -33.07
C ASP K 107 4.07 -11.48 -34.32
N THR K 108 4.73 -12.30 -35.12
CA THR K 108 5.44 -11.88 -36.32
C THR K 108 4.93 -12.64 -37.53
N VAL K 109 5.58 -12.37 -38.65
CA VAL K 109 5.45 -13.19 -39.86
C VAL K 109 6.84 -13.34 -40.43
N THR K 110 7.13 -14.54 -40.91
CA THR K 110 8.50 -14.93 -41.24
C THR K 110 8.43 -15.82 -42.48
N VAL K 111 8.97 -15.31 -43.58
CA VAL K 111 8.80 -15.90 -44.90
C VAL K 111 10.16 -16.31 -45.45
N GLY K 112 10.15 -17.31 -46.31
CA GLY K 112 11.39 -17.67 -46.97
C GLY K 112 11.34 -18.92 -47.79
N PHE K 113 12.00 -18.89 -48.94
CA PHE K 113 12.19 -20.06 -49.77
C PHE K 113 13.61 -20.56 -49.57
N HIS K 114 14.03 -21.50 -50.42
CA HIS K 114 15.41 -21.95 -50.46
C HIS K 114 15.80 -22.04 -51.93
N ASP K 115 16.62 -21.10 -52.38
CA ASP K 115 17.14 -21.15 -53.73
C ASP K 115 17.90 -22.44 -53.98
N GLY K 116 18.58 -22.95 -52.96
CA GLY K 116 19.39 -24.16 -53.07
C GLY K 116 20.81 -23.97 -52.58
N PRO K 117 21.46 -22.86 -52.93
CA PRO K 117 22.74 -22.54 -52.29
C PRO K 117 22.60 -21.82 -50.97
N ASN K 118 21.45 -21.20 -50.70
CA ASN K 118 21.30 -20.34 -49.56
C ASN K 118 19.87 -20.37 -49.05
N ARG K 119 19.70 -20.07 -47.77
CA ARG K 119 18.37 -20.03 -47.19
C ARG K 119 17.59 -18.86 -47.74
N HIS K 120 18.08 -17.64 -47.52
CA HIS K 120 17.62 -16.47 -48.25
C HIS K 120 16.14 -16.18 -47.98
N THR K 121 15.87 -15.89 -46.72
CA THR K 121 14.52 -15.73 -46.18
C THR K 121 14.24 -14.25 -45.93
N CYS K 122 13.01 -13.96 -45.50
CA CYS K 122 12.66 -12.62 -45.06
C CYS K 122 11.57 -12.66 -44.01
N THR K 123 11.66 -11.75 -43.06
CA THR K 123 10.88 -11.81 -41.85
C THR K 123 10.40 -10.41 -41.51
N VAL K 124 9.34 -10.33 -40.70
CA VAL K 124 8.67 -9.06 -40.48
C VAL K 124 7.82 -9.17 -39.22
N ALA K 125 7.54 -8.02 -38.61
CA ALA K 125 6.58 -7.93 -37.53
C ALA K 125 5.17 -7.76 -38.08
N HIS K 126 4.23 -8.50 -37.50
CA HIS K 126 2.81 -8.22 -37.70
C HIS K 126 1.98 -8.97 -36.69
N LYS K 127 1.10 -8.26 -36.00
CA LYS K 127 0.20 -8.89 -35.05
C LYS K 127 -0.80 -9.76 -35.80
N VAL K 128 -0.78 -11.05 -35.51
CA VAL K 128 -1.66 -12.01 -36.15
C VAL K 128 -2.51 -12.69 -35.10
N GLU K 129 -3.77 -12.94 -35.45
CA GLU K 129 -4.65 -13.79 -34.68
C GLU K 129 -5.59 -14.50 -35.62
N PHE K 130 -6.24 -15.53 -35.11
CA PHE K 130 -7.34 -16.17 -35.82
C PHE K 130 -8.44 -16.51 -34.84
N ARG K 131 -9.31 -15.56 -34.65
CA ARG K 131 -10.63 -15.83 -34.16
C ARG K 131 -11.43 -16.49 -35.29
N PRO K 132 -12.04 -17.64 -35.07
CA PRO K 132 -13.12 -18.04 -35.96
C PRO K 132 -14.36 -17.25 -35.68
N VAL K 133 -15.19 -17.09 -36.71
CA VAL K 133 -16.46 -16.43 -36.53
C VAL K 133 -17.36 -17.34 -35.71
N GLY K 134 -17.89 -16.81 -34.64
CA GLY K 134 -18.70 -17.56 -33.70
C GLY K 134 -18.42 -17.07 -32.31
N ARG K 135 -19.32 -17.39 -31.41
CA ARG K 135 -19.15 -17.04 -30.02
C ARG K 135 -18.14 -17.93 -29.31
N GLU K 136 -17.54 -18.90 -30.01
CA GLU K 136 -16.42 -19.67 -29.49
C GLU K 136 -15.12 -19.01 -29.91
N LYS K 137 -14.24 -18.78 -28.95
CA LYS K 137 -12.93 -18.20 -29.20
C LYS K 137 -11.89 -19.32 -29.24
N TYR K 138 -11.91 -20.07 -30.33
CA TYR K 138 -10.90 -21.09 -30.54
C TYR K 138 -9.55 -20.43 -30.80
N ARG K 139 -8.56 -21.29 -31.01
CA ARG K 139 -7.26 -20.90 -31.52
C ARG K 139 -6.99 -21.50 -32.89
N HIS K 140 -7.93 -22.27 -33.45
CA HIS K 140 -7.64 -23.09 -34.60
C HIS K 140 -8.93 -23.68 -35.17
N PRO K 141 -9.06 -23.89 -36.48
CA PRO K 141 -10.30 -24.43 -37.01
C PRO K 141 -10.41 -25.92 -36.76
N PRO K 142 -11.56 -26.43 -36.35
CA PRO K 142 -11.72 -27.87 -36.15
C PRO K 142 -12.07 -28.60 -37.44
N GLU K 143 -12.31 -29.89 -37.31
CA GLU K 143 -12.76 -30.74 -38.40
C GLU K 143 -14.27 -30.71 -38.59
N HIS K 144 -15.01 -30.35 -37.54
CA HIS K 144 -16.45 -30.46 -37.54
C HIS K 144 -17.04 -29.18 -36.98
N GLY K 145 -18.33 -29.19 -36.70
CA GLY K 145 -19.05 -28.03 -36.24
C GLY K 145 -19.88 -27.42 -37.36
N VAL K 146 -20.63 -26.39 -36.97
CA VAL K 146 -21.53 -25.73 -37.88
C VAL K 146 -20.73 -24.86 -38.84
N GLU K 147 -21.29 -24.64 -40.03
CA GLU K 147 -20.78 -23.66 -40.97
C GLU K 147 -21.55 -22.36 -40.83
N LEU K 148 -20.83 -21.25 -40.94
CA LEU K 148 -21.45 -19.94 -40.77
C LEU K 148 -20.53 -18.90 -41.40
N PRO K 149 -21.03 -17.71 -41.68
CA PRO K 149 -20.39 -16.84 -42.67
C PRO K 149 -19.10 -16.18 -42.23
N CYS K 150 -17.98 -16.85 -42.47
CA CYS K 150 -16.68 -16.27 -42.16
C CYS K 150 -16.20 -15.38 -43.30
N ASN K 151 -15.10 -14.68 -43.00
CA ASN K 151 -14.36 -13.89 -43.97
C ASN K 151 -13.05 -14.59 -44.25
N ARG K 152 -12.67 -14.63 -45.52
CA ARG K 152 -11.64 -15.56 -45.96
C ARG K 152 -11.26 -15.20 -47.38
N TYR K 153 -10.04 -15.58 -47.76
CA TYR K 153 -9.52 -15.34 -49.09
C TYR K 153 -9.64 -16.58 -49.95
N THR K 154 -9.63 -16.37 -51.26
CA THR K 154 -9.91 -17.43 -52.21
C THR K 154 -8.66 -18.26 -52.47
N HIS K 155 -8.88 -19.40 -53.09
CA HIS K 155 -7.76 -20.16 -53.64
C HIS K 155 -7.30 -19.61 -54.97
N LYS K 156 -8.15 -18.86 -55.67
CA LYS K 156 -8.06 -18.75 -57.11
C LYS K 156 -7.39 -17.45 -57.54
N ARG K 157 -7.26 -17.33 -58.85
CA ARG K 157 -6.60 -16.22 -59.52
C ARG K 157 -7.55 -15.42 -60.41
N ALA K 158 -8.59 -16.06 -60.96
CA ALA K 158 -9.50 -15.42 -61.91
C ALA K 158 -10.31 -14.39 -61.13
N ASP K 159 -9.66 -13.25 -60.89
CA ASP K 159 -10.07 -12.35 -59.82
C ASP K 159 -9.82 -10.92 -60.25
N GLN K 160 -10.84 -10.10 -60.07
CA GLN K 160 -10.81 -8.70 -60.46
C GLN K 160 -11.44 -7.79 -59.43
N GLY K 161 -11.94 -8.33 -58.32
CA GLY K 161 -12.74 -7.56 -57.38
C GLY K 161 -12.08 -6.29 -56.89
N HIS K 162 -10.75 -6.24 -56.89
CA HIS K 162 -10.02 -5.02 -56.67
C HIS K 162 -8.77 -5.02 -57.53
N TYR K 163 -8.15 -3.85 -57.62
CA TYR K 163 -6.87 -3.73 -58.29
C TYR K 163 -6.08 -2.63 -57.61
N VAL K 164 -4.81 -2.88 -57.43
CA VAL K 164 -3.89 -1.92 -56.83
C VAL K 164 -3.07 -1.29 -57.94
N GLU K 165 -2.72 -0.04 -57.74
CA GLU K 165 -1.82 0.65 -58.66
C GLU K 165 -0.49 -0.07 -58.69
N MET K 166 0.01 -0.34 -59.91
CA MET K 166 1.36 -0.87 -60.08
C MET K 166 2.01 -0.18 -61.26
N HIS K 167 2.57 0.99 -61.01
CA HIS K 167 3.33 1.72 -62.02
C HIS K 167 4.81 1.39 -61.86
N GLN K 168 5.67 2.20 -62.49
CA GLN K 168 7.00 1.77 -62.82
C GLN K 168 7.84 1.61 -61.57
N PRO K 169 9.02 1.03 -61.71
CA PRO K 169 10.05 1.23 -60.69
C PRO K 169 10.76 2.54 -60.93
N GLY K 170 11.25 3.11 -59.84
CA GLY K 170 12.31 4.08 -59.94
C GLY K 170 13.59 3.38 -60.31
N LEU K 171 14.67 4.16 -60.29
CA LEU K 171 15.98 3.57 -60.52
C LEU K 171 16.32 2.61 -59.40
N VAL K 172 17.46 1.95 -59.55
CA VAL K 172 18.05 1.16 -58.48
C VAL K 172 19.55 1.31 -58.56
N ALA K 173 20.22 1.06 -57.44
CA ALA K 173 21.67 1.09 -57.40
C ALA K 173 22.21 -0.19 -58.01
N ASP K 174 23.35 -0.08 -58.70
CA ASP K 174 24.10 -1.28 -59.07
C ASP K 174 25.55 -0.84 -59.29
N HIS K 175 26.36 -0.96 -58.25
CA HIS K 175 27.77 -0.58 -58.35
C HIS K 175 28.63 -1.67 -58.94
N SER K 176 28.05 -2.82 -59.28
CA SER K 176 28.74 -3.76 -60.16
C SER K 176 29.01 -3.11 -61.51
N LEU K 177 28.16 -2.16 -61.91
CA LEU K 177 28.40 -1.42 -63.14
C LEU K 177 29.72 -0.66 -63.09
N LEU K 178 29.89 0.15 -62.04
CA LEU K 178 30.97 1.12 -61.99
C LEU K 178 32.30 0.39 -61.78
N SER K 179 32.80 -0.19 -62.86
CA SER K 179 34.12 -0.78 -62.89
C SER K 179 35.14 0.34 -63.07
N ILE K 180 36.38 -0.01 -63.40
CA ILE K 180 37.46 0.95 -63.60
C ILE K 180 38.03 0.74 -65.00
N HIS K 181 38.21 1.84 -65.74
CA HIS K 181 38.88 1.85 -67.04
C HIS K 181 40.38 2.07 -66.88
N SER K 182 40.97 1.30 -65.97
CA SER K 182 42.41 1.25 -65.68
C SER K 182 42.99 2.52 -65.05
N ALA K 183 42.29 3.66 -65.16
CA ALA K 183 42.47 4.78 -64.24
C ALA K 183 41.18 5.50 -63.90
N LYS K 184 40.13 5.34 -64.69
CA LYS K 184 38.89 6.07 -64.56
C LYS K 184 37.79 5.10 -64.20
N VAL K 185 36.76 5.60 -63.54
CA VAL K 185 35.65 4.74 -63.15
C VAL K 185 34.74 4.54 -64.35
N LYS K 186 34.39 3.28 -64.61
CA LYS K 186 33.83 2.82 -65.86
C LYS K 186 32.45 2.25 -65.58
N ILE K 187 31.43 2.89 -66.10
CA ILE K 187 30.07 2.40 -66.03
C ILE K 187 29.81 1.54 -67.26
N THR K 188 28.89 0.58 -67.12
CA THR K 188 28.40 -0.21 -68.24
C THR K 188 26.88 -0.20 -68.22
N VAL K 189 26.26 -1.04 -69.05
CA VAL K 189 24.80 -1.10 -69.14
C VAL K 189 24.34 -2.54 -69.16
N PRO K 190 23.12 -2.82 -68.67
CA PRO K 190 22.60 -4.20 -68.74
C PRO K 190 22.45 -4.73 -70.16
N SER K 191 21.58 -4.08 -70.93
CA SER K 191 21.20 -4.54 -72.26
C SER K 191 20.96 -3.35 -73.19
N GLY K 192 21.62 -2.24 -72.90
CA GLY K 192 21.22 -0.96 -73.43
C GLY K 192 20.25 -0.22 -72.55
N ALA K 193 20.07 -0.65 -71.29
CA ALA K 193 19.18 0.05 -70.39
C ALA K 193 19.72 1.44 -70.10
N GLN K 194 18.90 2.22 -69.41
CA GLN K 194 19.12 3.65 -69.25
C GLN K 194 19.79 3.90 -67.91
N VAL K 195 21.08 4.25 -67.95
CA VAL K 195 21.91 4.39 -66.77
C VAL K 195 22.13 5.88 -66.50
N LYS K 196 21.74 6.31 -65.33
CA LYS K 196 21.62 7.73 -64.98
C LYS K 196 22.86 8.10 -64.17
N TYR K 197 23.74 8.94 -64.74
CA TYR K 197 25.13 8.96 -64.32
C TYR K 197 25.75 10.37 -64.28
N TYR K 198 26.62 10.58 -63.28
CA TYR K 198 27.52 11.71 -63.02
C TYR K 198 28.23 11.33 -61.73
N CYS K 199 29.25 12.10 -61.36
CA CYS K 199 29.98 11.87 -60.12
C CYS K 199 30.03 13.19 -59.37
N LYS K 200 30.57 13.17 -58.14
CA LYS K 200 30.67 14.41 -57.39
C LYS K 200 31.47 15.45 -58.15
N CYS K 201 32.50 15.01 -58.87
CA CYS K 201 33.25 15.91 -59.73
C CYS K 201 32.36 16.32 -60.89
N PRO K 202 32.82 17.27 -61.72
CA PRO K 202 32.10 17.55 -62.98
C PRO K 202 32.49 16.67 -64.16
N ASP K 203 31.56 15.84 -64.62
CA ASP K 203 31.64 15.01 -65.82
C ASP K 203 30.22 14.89 -66.40
N VAL K 204 29.95 13.84 -67.19
CA VAL K 204 28.63 13.65 -67.83
C VAL K 204 27.53 13.72 -66.78
N ARG K 205 26.51 14.57 -67.03
CA ARG K 205 25.60 14.96 -65.96
C ARG K 205 24.25 14.26 -65.95
N GLU K 206 23.72 13.78 -67.09
CA GLU K 206 22.50 12.98 -67.02
C GLU K 206 22.82 11.48 -67.00
N GLY K 207 23.31 10.98 -68.12
CA GLY K 207 23.51 9.57 -68.33
C GLY K 207 22.25 9.00 -68.93
N ILE K 208 22.20 8.92 -70.25
CA ILE K 208 21.23 8.09 -70.97
C ILE K 208 22.02 7.48 -72.10
N THR K 209 22.65 6.33 -71.85
CA THR K 209 23.82 5.95 -72.64
C THR K 209 23.97 4.44 -72.69
N SER K 210 24.87 4.02 -73.56
CA SER K 210 25.54 2.73 -73.48
C SER K 210 26.65 2.85 -72.45
N SER K 211 27.58 1.89 -72.43
CA SER K 211 28.68 1.93 -71.49
C SER K 211 29.53 3.17 -71.66
N ASP K 212 29.47 4.08 -70.70
CA ASP K 212 30.33 5.25 -70.67
C ASP K 212 31.56 5.01 -69.82
N HIS K 213 32.51 5.92 -69.96
CA HIS K 213 33.61 6.08 -69.03
C HIS K 213 33.31 7.30 -68.17
N THR K 214 34.31 7.72 -67.39
CA THR K 214 34.21 8.91 -66.56
C THR K 214 35.52 9.67 -66.67
N THR K 215 35.50 10.80 -67.36
CA THR K 215 36.73 11.57 -67.52
C THR K 215 37.24 12.07 -66.17
N THR K 216 36.35 12.64 -65.35
CA THR K 216 36.80 13.45 -64.23
C THR K 216 37.10 12.63 -62.97
N CYS K 217 36.05 12.06 -62.35
CA CYS K 217 36.25 11.35 -61.10
C CYS K 217 36.90 9.99 -61.35
N THR K 218 37.38 9.41 -60.26
CA THR K 218 38.08 8.13 -60.26
C THR K 218 37.47 7.12 -59.32
N ASP K 219 37.00 7.58 -58.17
CA ASP K 219 36.52 6.67 -57.13
C ASP K 219 35.13 6.17 -57.48
N VAL K 220 34.94 4.86 -57.33
CA VAL K 220 33.62 4.26 -57.50
C VAL K 220 32.62 4.84 -56.52
N LYS K 221 33.09 5.29 -55.36
CA LYS K 221 32.23 5.65 -54.24
C LYS K 221 31.71 7.08 -54.31
N GLN K 222 31.82 7.73 -55.47
CA GLN K 222 31.35 9.11 -55.61
C GLN K 222 30.63 9.29 -56.93
N CYS K 223 29.89 8.27 -57.36
CA CYS K 223 29.27 8.26 -58.68
C CYS K 223 27.87 7.67 -58.62
N ARG K 224 27.14 7.89 -59.70
CA ARG K 224 25.70 7.59 -59.79
C ARG K 224 25.52 6.29 -60.58
N ALA K 225 25.57 5.16 -59.89
CA ALA K 225 25.28 3.86 -60.49
C ALA K 225 23.78 3.64 -60.42
N TYR K 226 23.08 3.95 -61.52
CA TYR K 226 21.63 3.92 -61.57
C TYR K 226 21.16 3.05 -62.72
N LEU K 227 19.93 2.53 -62.57
CA LEU K 227 19.31 1.67 -63.59
C LEU K 227 17.86 2.11 -63.77
N ILE K 228 17.65 3.04 -64.70
CA ILE K 228 16.29 3.28 -65.20
C ILE K 228 16.00 2.16 -66.18
N ASP K 229 15.31 1.14 -65.71
CA ASP K 229 15.05 -0.09 -66.44
C ASP K 229 13.56 -0.38 -66.47
N ASN K 230 12.80 0.63 -66.86
CA ASN K 230 11.35 0.59 -66.75
C ASN K 230 10.71 -0.10 -67.95
N LYS K 231 11.18 -1.29 -68.27
CA LYS K 231 10.51 -2.15 -69.23
C LYS K 231 9.45 -3.01 -68.56
N LYS K 232 9.47 -3.13 -67.23
CA LYS K 232 8.47 -3.87 -66.49
C LYS K 232 8.13 -3.10 -65.23
N TRP K 233 6.84 -2.90 -64.99
CA TRP K 233 6.40 -2.14 -63.83
C TRP K 233 6.61 -2.95 -62.55
N VAL K 234 6.21 -2.36 -61.42
CA VAL K 234 6.39 -2.99 -60.12
C VAL K 234 5.16 -2.74 -59.26
N TYR K 235 5.16 -3.40 -58.10
CA TYR K 235 4.27 -3.00 -57.03
C TYR K 235 4.79 -1.71 -56.41
N ASN K 236 3.85 -0.90 -55.94
CA ASN K 236 4.18 0.42 -55.41
C ASN K 236 4.43 0.31 -53.91
N SER K 237 5.48 -0.46 -53.60
CA SER K 237 5.89 -0.66 -52.23
C SER K 237 6.31 0.67 -51.61
N GLY K 238 6.10 0.78 -50.30
CA GLY K 238 6.71 1.86 -49.56
C GLY K 238 8.21 1.78 -49.61
N ARG K 239 8.76 0.60 -49.79
CA ARG K 239 10.20 0.40 -49.89
C ARG K 239 10.69 0.47 -51.32
N LEU K 240 10.00 1.23 -52.16
CA LEU K 240 10.37 1.57 -53.51
C LEU K 240 10.80 3.03 -53.59
N PRO K 241 11.87 3.36 -54.31
CA PRO K 241 12.08 4.75 -54.69
C PRO K 241 11.23 5.12 -55.90
N ARG K 242 10.61 6.29 -55.83
CA ARG K 242 9.74 6.75 -56.90
C ARG K 242 10.47 6.80 -58.23
N GLY K 243 9.77 6.40 -59.28
CA GLY K 243 10.19 6.75 -60.62
C GLY K 243 9.76 8.18 -60.87
N GLU K 244 10.72 9.09 -60.80
CA GLU K 244 10.41 10.51 -60.68
C GLU K 244 9.69 11.07 -61.89
N GLY K 245 9.76 10.38 -63.03
CA GLY K 245 9.29 10.97 -64.27
C GLY K 245 7.78 11.15 -64.29
N ASP K 246 7.04 10.12 -63.90
CA ASP K 246 5.63 10.06 -64.25
C ASP K 246 4.95 8.95 -63.46
N THR K 247 3.63 9.09 -63.34
CA THR K 247 2.75 7.99 -62.99
C THR K 247 2.44 7.18 -64.25
N PHE K 248 3.34 6.27 -64.61
CA PHE K 248 3.02 5.38 -65.71
C PHE K 248 1.81 4.51 -65.37
N LYS K 249 1.24 3.90 -66.41
CA LYS K 249 0.14 2.96 -66.34
C LYS K 249 0.64 1.68 -65.66
N GLY K 250 -0.26 0.70 -65.56
CA GLY K 250 -0.02 -0.55 -64.86
C GLY K 250 -0.97 -0.79 -63.71
N LYS K 251 -2.23 -0.38 -63.87
CA LYS K 251 -3.26 -0.82 -62.96
C LYS K 251 -3.39 -2.34 -63.03
N LEU K 252 -3.27 -3.00 -61.88
CA LEU K 252 -3.16 -4.44 -61.84
C LEU K 252 -3.94 -5.00 -60.67
N HIS K 253 -4.65 -6.09 -60.94
CA HIS K 253 -5.64 -6.67 -60.03
C HIS K 253 -4.99 -7.17 -58.75
N VAL K 254 -5.84 -7.62 -57.85
CA VAL K 254 -5.45 -8.47 -56.73
C VAL K 254 -6.10 -9.83 -56.92
N PRO K 255 -5.38 -10.94 -56.80
CA PRO K 255 -6.04 -12.25 -56.81
C PRO K 255 -6.90 -12.51 -55.60
N PHE K 256 -6.29 -12.41 -54.43
CA PHE K 256 -6.85 -12.97 -53.21
C PHE K 256 -7.77 -11.94 -52.60
N VAL K 257 -8.97 -11.87 -53.14
CA VAL K 257 -10.01 -10.99 -52.65
C VAL K 257 -10.52 -11.63 -51.36
N PRO K 258 -10.90 -10.85 -50.35
CA PRO K 258 -11.64 -11.43 -49.22
C PRO K 258 -13.07 -11.74 -49.64
N VAL K 259 -13.48 -12.99 -49.45
CA VAL K 259 -14.77 -13.48 -49.90
C VAL K 259 -15.55 -14.02 -48.72
N LYS K 260 -16.85 -14.20 -48.95
CA LYS K 260 -17.78 -14.64 -47.92
C LYS K 260 -17.89 -16.16 -47.98
N ALA K 261 -16.77 -16.81 -47.72
CA ALA K 261 -16.79 -18.24 -47.52
C ALA K 261 -17.49 -18.56 -46.22
N LYS K 262 -18.15 -19.70 -46.18
CA LYS K 262 -18.62 -20.28 -44.94
C LYS K 262 -17.53 -21.22 -44.47
N CYS K 263 -16.71 -20.74 -43.55
CA CYS K 263 -15.69 -21.61 -42.98
C CYS K 263 -16.35 -22.81 -42.33
N ILE K 264 -15.74 -23.97 -42.54
CA ILE K 264 -15.92 -25.04 -41.59
C ILE K 264 -15.55 -24.42 -40.24
N ALA K 265 -16.42 -24.55 -39.25
CA ALA K 265 -16.32 -23.60 -38.15
C ALA K 265 -16.65 -24.26 -36.83
N THR K 266 -16.83 -23.42 -35.81
CA THR K 266 -16.74 -23.82 -34.43
C THR K 266 -18.03 -24.45 -33.97
N LEU K 267 -17.97 -25.03 -32.78
CA LEU K 267 -19.13 -25.58 -32.10
C LEU K 267 -18.66 -25.93 -30.71
N ALA K 268 -19.42 -25.56 -29.73
CA ALA K 268 -19.09 -25.83 -28.35
C ALA K 268 -19.92 -26.99 -27.82
N PRO K 269 -19.38 -27.81 -26.93
CA PRO K 269 -20.13 -28.97 -26.44
C PRO K 269 -21.45 -28.59 -25.81
N GLU K 270 -22.41 -29.49 -25.95
CA GLU K 270 -23.77 -29.17 -25.55
C GLU K 270 -23.84 -28.89 -24.06
N PRO K 271 -24.81 -28.10 -23.61
CA PRO K 271 -24.95 -27.83 -22.19
C PRO K 271 -25.65 -28.98 -21.47
N LEU K 272 -25.57 -28.93 -20.14
CA LEU K 272 -26.33 -29.83 -19.27
C LEU K 272 -27.47 -29.01 -18.70
N VAL K 273 -28.65 -29.22 -19.22
CA VAL K 273 -29.80 -28.47 -18.73
C VAL K 273 -30.28 -29.11 -17.45
N GLU K 274 -30.55 -28.26 -16.46
CA GLU K 274 -31.03 -28.70 -15.16
C GLU K 274 -32.15 -27.77 -14.76
N HIS K 275 -33.25 -28.38 -14.34
CA HIS K 275 -34.43 -27.61 -13.94
C HIS K 275 -34.32 -27.12 -12.51
N LYS K 276 -34.82 -25.92 -12.28
CA LYS K 276 -35.25 -25.48 -10.97
C LYS K 276 -36.46 -24.57 -11.15
N HIS K 277 -36.98 -24.09 -10.03
CA HIS K 277 -38.16 -23.23 -10.02
C HIS K 277 -37.84 -21.90 -10.67
N ARG K 278 -38.30 -21.73 -11.91
CA ARG K 278 -38.09 -20.50 -12.67
C ARG K 278 -36.60 -20.16 -12.75
N THR K 279 -35.77 -21.20 -12.81
CA THR K 279 -34.34 -21.00 -12.74
C THR K 279 -33.67 -22.15 -13.49
N LEU K 280 -32.75 -21.80 -14.37
CA LEU K 280 -31.91 -22.76 -15.07
C LEU K 280 -30.57 -22.83 -14.37
N ILE K 281 -30.37 -23.87 -13.57
CA ILE K 281 -29.01 -24.29 -13.30
C ILE K 281 -28.48 -24.91 -14.57
N LEU K 282 -27.25 -24.60 -14.90
CA LEU K 282 -26.60 -25.16 -16.08
C LEU K 282 -25.16 -25.47 -15.69
N HIS K 283 -24.90 -26.73 -15.36
CA HIS K 283 -23.53 -27.20 -15.32
C HIS K 283 -23.00 -27.18 -16.74
N LEU K 284 -21.86 -26.54 -16.95
CA LEU K 284 -21.39 -26.23 -18.29
C LEU K 284 -19.90 -26.45 -18.37
N HIS K 285 -19.47 -26.88 -19.54
CA HIS K 285 -18.17 -27.46 -19.71
C HIS K 285 -17.72 -27.33 -21.16
N PRO K 286 -17.11 -26.23 -21.53
CA PRO K 286 -16.74 -26.01 -22.93
C PRO K 286 -15.40 -26.60 -23.31
N ASP K 287 -15.09 -26.48 -24.59
CA ASP K 287 -13.78 -26.80 -25.14
C ASP K 287 -12.85 -25.61 -25.09
N HIS K 288 -13.39 -24.45 -25.37
CA HIS K 288 -12.62 -23.22 -25.54
C HIS K 288 -13.43 -22.07 -24.96
N PRO K 289 -12.88 -20.88 -24.86
CA PRO K 289 -13.66 -19.75 -24.33
C PRO K 289 -14.86 -19.47 -25.21
N THR K 290 -16.04 -19.60 -24.63
CA THR K 290 -17.31 -19.48 -25.32
C THR K 290 -18.07 -18.29 -24.76
N LEU K 291 -18.48 -17.38 -25.63
CA LEU K 291 -19.31 -16.25 -25.21
C LEU K 291 -20.74 -16.75 -25.12
N LEU K 292 -21.20 -16.91 -23.89
CA LEU K 292 -22.60 -17.18 -23.65
C LEU K 292 -23.35 -15.88 -23.46
N THR K 293 -24.61 -15.88 -23.87
CA THR K 293 -25.44 -14.73 -23.59
C THR K 293 -26.91 -15.08 -23.78
N THR K 294 -27.77 -14.24 -23.18
CA THR K 294 -29.19 -14.51 -23.08
C THR K 294 -29.98 -13.22 -23.28
N ARG K 295 -31.30 -13.36 -23.30
CA ARG K 295 -32.20 -12.23 -23.45
C ARG K 295 -33.50 -12.56 -22.73
N SER K 296 -33.66 -12.05 -21.51
CA SER K 296 -34.95 -12.25 -20.84
C SER K 296 -35.98 -11.45 -21.61
N LEU K 297 -36.90 -12.17 -22.24
CA LEU K 297 -37.74 -11.60 -23.29
C LEU K 297 -38.78 -10.63 -22.79
N GLY K 298 -38.83 -10.31 -21.51
CA GLY K 298 -39.62 -9.18 -21.10
C GLY K 298 -39.14 -7.92 -21.76
N SER K 299 -39.99 -6.91 -21.74
CA SER K 299 -39.54 -5.59 -22.17
C SER K 299 -38.38 -5.11 -21.30
N ASP K 300 -38.28 -5.63 -20.07
CA ASP K 300 -37.01 -5.66 -19.37
C ASP K 300 -36.14 -6.73 -20.01
N ALA K 301 -35.13 -6.31 -20.75
CA ALA K 301 -34.28 -7.27 -21.44
C ALA K 301 -33.47 -8.10 -20.46
N ASN K 302 -32.76 -7.43 -19.56
CA ASN K 302 -31.83 -8.03 -18.60
C ASN K 302 -30.95 -9.11 -19.25
N PRO K 303 -30.13 -8.75 -20.21
CA PRO K 303 -29.22 -9.73 -20.82
C PRO K 303 -27.98 -9.95 -19.97
N THR K 304 -27.21 -10.94 -20.40
CA THR K 304 -25.96 -11.31 -19.74
C THR K 304 -24.97 -11.72 -20.81
N ARG K 305 -23.70 -11.43 -20.56
CA ARG K 305 -22.61 -11.86 -21.42
C ARG K 305 -21.48 -12.34 -20.53
N GLN K 306 -20.89 -13.48 -20.87
CA GLN K 306 -19.64 -13.86 -20.25
C GLN K 306 -18.97 -14.92 -21.09
N TRP K 307 -17.73 -14.64 -21.51
CA TRP K 307 -16.90 -15.68 -22.07
C TRP K 307 -16.66 -16.74 -21.01
N ILE K 308 -16.90 -17.99 -21.38
CA ILE K 308 -16.70 -19.12 -20.49
C ILE K 308 -15.69 -20.02 -21.15
N GLU K 309 -14.54 -20.17 -20.51
CA GLU K 309 -13.56 -21.19 -20.83
C GLU K 309 -13.39 -22.18 -19.71
N ARG K 310 -13.52 -21.74 -18.50
CA ARG K 310 -13.47 -22.64 -17.36
C ARG K 310 -14.85 -23.23 -17.14
N PRO K 311 -14.98 -24.55 -16.98
CA PRO K 311 -16.30 -25.12 -16.74
C PRO K 311 -16.94 -24.56 -15.50
N THR K 312 -18.22 -24.23 -15.62
CA THR K 312 -18.89 -23.44 -14.59
C THR K 312 -20.36 -23.81 -14.56
N THR K 313 -20.85 -24.08 -13.37
CA THR K 313 -22.29 -24.15 -13.14
C THR K 313 -22.80 -22.73 -12.95
N VAL K 314 -23.72 -22.32 -13.82
CA VAL K 314 -24.25 -20.96 -13.83
C VAL K 314 -25.72 -21.00 -13.49
N ASN K 315 -26.34 -19.82 -13.46
CA ASN K 315 -27.75 -19.71 -13.12
C ASN K 315 -28.38 -18.59 -13.92
N PHE K 316 -29.68 -18.73 -14.14
CA PHE K 316 -30.44 -17.76 -14.91
C PHE K 316 -31.83 -17.68 -14.33
N THR K 317 -32.18 -16.53 -13.77
CA THR K 317 -33.53 -16.32 -13.28
C THR K 317 -34.45 -16.17 -14.48
N VAL K 318 -35.02 -17.26 -14.93
CA VAL K 318 -35.98 -17.19 -16.02
C VAL K 318 -37.29 -16.66 -15.47
N THR K 319 -37.97 -15.90 -16.32
CA THR K 319 -39.22 -15.26 -15.98
C THR K 319 -40.38 -16.13 -16.46
N GLY K 320 -41.58 -15.57 -16.40
CA GLY K 320 -42.74 -16.32 -16.81
C GLY K 320 -42.82 -16.50 -18.31
N GLU K 321 -42.51 -15.45 -19.06
CA GLU K 321 -42.79 -15.48 -20.49
C GLU K 321 -41.71 -16.21 -21.28
N GLY K 322 -40.47 -16.14 -20.87
CA GLY K 322 -39.44 -16.95 -21.49
C GLY K 322 -38.07 -16.32 -21.42
N LEU K 323 -37.07 -17.15 -21.72
CA LEU K 323 -35.69 -16.74 -21.87
C LEU K 323 -35.12 -17.48 -23.07
N GLU K 324 -34.04 -16.95 -23.63
CA GLU K 324 -33.30 -17.67 -24.66
C GLU K 324 -31.83 -17.74 -24.27
N TYR K 325 -31.14 -18.68 -24.92
CA TYR K 325 -29.88 -19.22 -24.42
C TYR K 325 -29.01 -19.60 -25.60
N THR K 326 -27.76 -19.15 -25.59
CA THR K 326 -26.89 -19.17 -26.77
C THR K 326 -25.54 -19.78 -26.46
N TRP K 327 -25.46 -21.11 -26.48
CA TRP K 327 -24.24 -21.81 -26.15
C TRP K 327 -23.25 -21.69 -27.29
N GLY K 328 -22.61 -20.55 -27.37
CA GLY K 328 -21.71 -20.38 -28.48
C GLY K 328 -22.51 -20.25 -29.76
N ASN K 329 -21.82 -20.47 -30.87
CA ASN K 329 -22.50 -20.45 -32.16
C ASN K 329 -23.40 -21.65 -32.37
N HIS K 330 -23.48 -22.56 -31.42
CA HIS K 330 -24.61 -23.46 -31.36
C HIS K 330 -25.89 -22.64 -31.38
N PRO K 331 -26.97 -23.11 -32.02
CA PRO K 331 -28.12 -22.24 -32.23
C PRO K 331 -28.74 -21.78 -30.93
N PRO K 332 -29.52 -20.70 -30.96
CA PRO K 332 -30.14 -20.19 -29.74
C PRO K 332 -31.27 -21.10 -29.28
N LYS K 333 -31.26 -21.42 -27.99
CA LYS K 333 -32.35 -22.16 -27.38
C LYS K 333 -33.37 -21.19 -26.83
N ARG K 334 -34.47 -21.74 -26.32
CA ARG K 334 -35.55 -20.97 -25.76
C ARG K 334 -36.19 -21.84 -24.68
N VAL K 335 -36.86 -21.21 -23.72
CA VAL K 335 -37.34 -21.95 -22.55
C VAL K 335 -38.62 -21.35 -21.97
N TRP K 336 -39.66 -22.19 -21.79
CA TRP K 336 -40.82 -21.83 -20.99
C TRP K 336 -40.45 -22.17 -19.56
N ALA K 337 -40.41 -21.15 -18.72
CA ALA K 337 -40.40 -21.32 -17.28
C ALA K 337 -41.63 -20.61 -16.77
N GLN K 338 -42.73 -21.34 -16.75
CA GLN K 338 -43.83 -20.97 -15.89
C GLN K 338 -43.50 -21.48 -14.50
N GLU K 339 -44.50 -21.56 -13.64
CA GLU K 339 -44.34 -22.03 -12.29
C GLU K 339 -43.61 -23.36 -12.20
N SER K 340 -43.07 -23.64 -11.03
CA SER K 340 -42.90 -25.02 -10.60
C SER K 340 -43.09 -25.16 -9.09
N GLY K 341 -43.55 -24.13 -8.39
CA GLY K 341 -43.71 -24.11 -6.97
C GLY K 341 -45.07 -24.53 -6.49
N GLU K 342 -45.87 -25.11 -7.37
CA GLU K 342 -47.10 -25.81 -7.02
C GLU K 342 -48.23 -24.88 -6.55
N GLY K 343 -48.39 -23.72 -7.18
CA GLY K 343 -49.63 -22.96 -7.17
C GLY K 343 -50.31 -22.71 -5.83
N ASN K 344 -51.47 -23.34 -5.62
CA ASN K 344 -52.16 -23.33 -4.32
C ASN K 344 -53.22 -24.43 -4.26
N PRO K 345 -52.81 -25.69 -4.17
CA PRO K 345 -53.66 -26.69 -3.52
C PRO K 345 -53.80 -26.36 -2.04
N HIS K 346 -54.66 -27.11 -1.37
CA HIS K 346 -54.97 -26.72 0.01
C HIS K 346 -55.62 -27.84 0.80
N GLY K 347 -54.94 -28.28 1.87
CA GLY K 347 -55.53 -29.13 2.90
C GLY K 347 -55.05 -28.84 4.32
N TRP K 348 -54.16 -27.85 4.47
CA TRP K 348 -53.49 -27.46 5.70
C TRP K 348 -54.08 -26.09 6.07
N PRO K 349 -53.73 -25.43 7.19
CA PRO K 349 -54.10 -24.01 7.28
C PRO K 349 -53.38 -23.04 6.34
N HIS K 350 -52.06 -22.84 6.46
CA HIS K 350 -51.39 -21.78 5.67
C HIS K 350 -49.99 -22.09 5.19
N GLU K 351 -49.27 -23.06 5.75
CA GLU K 351 -47.92 -23.33 5.27
C GLU K 351 -47.88 -23.84 3.85
N VAL K 352 -49.02 -24.22 3.26
CA VAL K 352 -49.07 -24.56 1.84
C VAL K 352 -49.24 -23.33 0.96
N VAL K 353 -49.55 -22.17 1.54
CA VAL K 353 -49.66 -20.93 0.79
C VAL K 353 -48.30 -20.45 0.27
N VAL K 354 -47.21 -21.02 0.78
CA VAL K 354 -45.87 -20.76 0.25
C VAL K 354 -45.85 -20.99 -1.25
N TYR K 355 -46.61 -21.97 -1.72
CA TYR K 355 -46.79 -22.19 -3.15
C TYR K 355 -47.20 -20.92 -3.86
N TYR K 356 -48.14 -20.17 -3.28
CA TYR K 356 -48.56 -18.91 -3.87
C TYR K 356 -47.49 -17.84 -3.69
N TYR K 357 -46.68 -17.96 -2.64
CA TYR K 357 -45.59 -17.01 -2.42
C TYR K 357 -44.42 -17.33 -3.35
N ASN K 358 -44.16 -18.60 -3.55
CA ASN K 358 -43.04 -19.02 -4.37
C ASN K 358 -43.28 -18.70 -5.85
N ARG K 359 -44.53 -18.47 -6.23
CA ARG K 359 -44.87 -18.03 -7.57
C ARG K 359 -44.90 -16.52 -7.68
N TYR K 360 -45.22 -15.83 -6.59
CA TYR K 360 -45.23 -14.36 -6.53
C TYR K 360 -44.36 -13.87 -5.38
N PRO K 361 -43.05 -14.01 -5.47
CA PRO K 361 -42.19 -13.38 -4.47
C PRO K 361 -41.82 -11.94 -4.80
N LEU K 362 -42.78 -11.19 -5.32
CA LEU K 362 -42.70 -9.73 -5.32
C LEU K 362 -43.98 -9.09 -4.83
N THR K 363 -45.13 -9.65 -5.19
CA THR K 363 -46.41 -9.05 -4.85
C THR K 363 -46.97 -9.57 -3.55
N THR K 364 -46.58 -10.78 -3.15
CA THR K 364 -47.10 -11.34 -1.92
C THR K 364 -46.42 -10.75 -0.71
N ILE K 365 -45.14 -10.43 -0.84
CA ILE K 365 -44.43 -9.80 0.27
C ILE K 365 -45.11 -8.50 0.63
N ILE K 366 -45.52 -7.73 -0.39
CA ILE K 366 -46.27 -6.51 -0.14
C ILE K 366 -47.76 -6.81 -0.04
N GLY K 367 -48.24 -7.79 -0.80
CA GLY K 367 -49.65 -8.12 -0.74
C GLY K 367 -50.04 -8.74 0.59
N LEU K 368 -49.14 -9.53 1.16
CA LEU K 368 -49.39 -10.03 2.50
C LEU K 368 -49.29 -8.92 3.51
N CYS K 369 -48.19 -8.16 3.47
CA CYS K 369 -48.03 -7.04 4.38
C CYS K 369 -49.18 -6.04 4.23
N THR K 370 -49.72 -5.91 3.02
CA THR K 370 -50.98 -5.23 2.86
C THR K 370 -52.08 -5.92 3.65
N CYS K 371 -52.20 -7.24 3.47
CA CYS K 371 -53.19 -8.00 4.22
C CYS K 371 -52.91 -7.95 5.71
N VAL K 372 -51.64 -7.88 6.09
CA VAL K 372 -51.29 -7.70 7.50
C VAL K 372 -51.57 -6.26 7.90
N ALA K 373 -51.44 -5.32 6.98
CA ALA K 373 -51.68 -3.92 7.31
C ALA K 373 -53.15 -3.67 7.60
N ILE K 374 -54.02 -4.10 6.69
CA ILE K 374 -55.44 -3.74 6.79
C ILE K 374 -56.07 -4.36 8.02
N ILE K 375 -55.55 -5.51 8.48
CA ILE K 375 -56.07 -6.08 9.71
C ILE K 375 -55.61 -5.26 10.90
N MET K 376 -54.41 -4.69 10.81
CA MET K 376 -53.97 -3.76 11.85
C MET K 376 -54.74 -2.46 11.77
N VAL K 377 -55.08 -2.01 10.56
CA VAL K 377 -56.05 -0.94 10.40
C VAL K 377 -57.36 -1.38 11.05
N SER K 378 -57.89 -2.50 10.59
CA SER K 378 -59.14 -3.03 11.14
C SER K 378 -59.00 -3.41 12.61
N CYS K 379 -57.77 -3.57 13.10
CA CYS K 379 -57.59 -3.72 14.55
C CYS K 379 -57.85 -2.40 15.24
N VAL K 380 -57.02 -1.39 14.97
CA VAL K 380 -57.05 -0.15 15.74
C VAL K 380 -58.36 0.58 15.55
N THR K 381 -58.94 0.49 14.35
CA THR K 381 -60.27 1.04 14.16
C THR K 381 -61.28 0.27 15.01
N SER K 382 -61.10 -1.05 15.10
CA SER K 382 -61.94 -1.83 15.98
C SER K 382 -61.63 -1.55 17.44
N VAL K 383 -60.38 -1.24 17.76
CA VAL K 383 -60.04 -0.82 19.12
C VAL K 383 -60.86 0.41 19.48
N TRP K 384 -60.67 1.51 18.73
CA TRP K 384 -61.39 2.74 19.02
C TRP K 384 -62.88 2.52 18.94
N LEU K 385 -63.37 1.98 17.83
CA LEU K 385 -64.80 1.79 17.67
C LEU K 385 -65.31 0.56 18.42
N LEU K 386 -64.52 -0.01 19.34
CA LEU K 386 -65.04 -0.82 20.41
C LEU K 386 -64.78 -0.18 21.77
N CYS K 387 -63.53 0.19 22.06
CA CYS K 387 -63.21 0.68 23.39
C CYS K 387 -63.85 2.03 23.66
N ARG K 388 -63.92 2.90 22.64
CA ARG K 388 -64.68 4.14 22.80
C ARG K 388 -66.15 3.82 23.04
N THR K 389 -66.68 2.90 22.25
CA THR K 389 -68.05 2.46 22.41
C THR K 389 -68.22 1.50 23.58
N ARG K 390 -67.11 1.00 24.14
CA ARG K 390 -67.14 0.33 25.43
C ARG K 390 -66.95 1.32 26.55
N ASN K 391 -66.18 2.38 26.32
CA ASN K 391 -66.15 3.48 27.26
C ASN K 391 -67.50 4.17 27.30
N LEU K 392 -68.10 4.36 26.14
CA LEU K 392 -69.51 4.69 26.07
C LEU K 392 -70.33 3.43 26.30
N CYS K 393 -71.60 3.63 26.59
CA CYS K 393 -72.56 2.63 27.04
C CYS K 393 -72.27 2.13 28.45
N ILE K 394 -71.18 2.57 29.09
CA ILE K 394 -71.03 2.49 30.52
C ILE K 394 -71.02 3.87 31.15
N THR K 395 -70.62 4.89 30.42
CA THR K 395 -70.70 6.24 30.91
C THR K 395 -72.17 6.61 31.07
N PRO K 396 -73.06 6.29 30.14
CA PRO K 396 -74.48 6.47 30.45
C PRO K 396 -74.98 5.59 31.57
N TYR K 397 -74.33 4.44 31.80
CA TYR K 397 -74.80 3.43 32.73
C TYR K 397 -74.05 3.49 34.06
N LYS K 398 -72.73 3.36 34.02
CA LYS K 398 -71.88 3.52 35.20
C LYS K 398 -71.50 4.99 35.40
N LEU K 399 -72.54 5.79 35.58
CA LEU K 399 -72.43 7.06 36.27
C LEU K 399 -73.62 7.35 37.16
N ALA K 400 -74.57 6.43 37.28
CA ALA K 400 -75.84 6.62 37.96
C ALA K 400 -75.97 5.54 39.00
N PRO K 401 -74.92 5.23 39.71
CA PRO K 401 -74.37 3.87 39.59
C PRO K 401 -75.32 2.73 39.94
N ASN K 402 -76.52 3.03 40.43
CA ASN K 402 -77.57 2.04 40.53
C ASN K 402 -77.86 1.39 39.19
N ALA K 403 -78.41 2.16 38.24
CA ALA K 403 -78.42 1.83 36.81
C ALA K 403 -79.00 0.43 36.55
N GLN K 404 -80.30 0.32 36.75
CA GLN K 404 -80.99 -0.97 36.56
C GLN K 404 -81.27 -1.20 35.08
N VAL K 405 -80.31 -1.78 34.37
CA VAL K 405 -80.49 -2.22 32.98
C VAL K 405 -79.72 -3.52 32.77
N PRO K 406 -80.38 -4.73 32.69
CA PRO K 406 -79.69 -5.98 32.34
C PRO K 406 -79.49 -6.19 30.84
N ILE K 407 -79.06 -5.14 30.16
CA ILE K 407 -78.63 -5.21 28.76
C ILE K 407 -77.19 -4.69 28.77
N LEU K 408 -76.45 -5.06 29.80
CA LEU K 408 -75.00 -5.08 29.64
C LEU K 408 -74.59 -6.10 28.59
N LEU K 409 -75.45 -7.07 28.27
CA LEU K 409 -75.11 -8.14 27.34
C LEU K 409 -75.10 -7.63 25.89
N ALA K 410 -74.31 -6.58 25.64
CA ALA K 410 -74.02 -6.09 24.30
C ALA K 410 -72.54 -5.74 24.11
N LEU K 411 -71.83 -5.37 25.17
CA LEU K 411 -70.39 -5.17 25.14
C LEU K 411 -69.63 -6.38 25.68
N LEU K 412 -69.88 -6.72 26.94
CA LEU K 412 -69.16 -7.77 27.65
C LEU K 412 -67.65 -7.64 27.48
N CYS K 413 -67.17 -6.39 27.54
CA CYS K 413 -65.77 -6.09 27.78
C CYS K 413 -65.64 -5.09 28.92
N CYS K 414 -66.66 -4.26 29.12
CA CYS K 414 -66.83 -3.48 30.33
C CYS K 414 -68.03 -4.07 31.07
N ILE K 415 -67.79 -4.52 32.30
CA ILE K 415 -68.52 -5.63 32.90
C ILE K 415 -68.90 -5.29 34.34
N LYS K 416 -69.44 -6.27 35.10
CA LYS K 416 -69.85 -6.11 36.51
C LYS K 416 -70.98 -5.12 36.76
N PRO K 417 -72.24 -5.52 36.52
CA PRO K 417 -73.37 -4.74 37.05
C PRO K 417 -73.45 -4.76 38.57
N THR K 418 -74.49 -4.12 39.11
CA THR K 418 -74.73 -4.01 40.54
C THR K 418 -75.88 -4.90 41.00
N ARG K 419 -75.96 -6.12 40.45
CA ARG K 419 -77.09 -7.02 40.70
C ARG K 419 -78.42 -6.38 40.28
N ALA K 420 -78.37 -5.50 39.29
CA ALA K 420 -79.54 -4.76 38.87
C ALA K 420 -79.25 -4.05 37.57
N GLN L 101 -83.93 28.38 54.85
CA GLN L 101 -82.60 28.81 54.45
C GLN L 101 -81.71 27.61 54.17
N ARG L 102 -82.31 26.52 53.69
CA ARG L 102 -81.53 25.32 53.39
C ARG L 102 -80.66 25.48 52.16
N MET L 103 -80.92 26.49 51.33
CA MET L 103 -80.15 26.68 50.10
C MET L 103 -78.70 27.04 50.36
N CYS L 104 -78.36 27.48 51.56
CA CYS L 104 -76.99 27.78 51.95
C CYS L 104 -76.50 26.96 53.13
N MET L 105 -77.38 26.62 54.07
CA MET L 105 -76.99 25.81 55.21
C MET L 105 -76.55 24.42 54.77
N LYS L 106 -77.45 23.70 54.09
CA LYS L 106 -77.12 22.36 53.60
C LYS L 106 -76.03 22.42 52.54
N LEU L 107 -75.93 23.53 51.81
CA LEU L 107 -75.08 23.57 50.63
C LEU L 107 -73.63 23.90 50.97
N GLU L 108 -73.42 24.78 51.94
CA GLU L 108 -72.05 25.08 52.36
C GLU L 108 -71.40 23.84 52.95
N SER L 109 -72.17 23.04 53.70
CA SER L 109 -71.63 21.82 54.28
C SER L 109 -71.28 20.79 53.21
N ASP L 110 -71.86 20.89 52.03
CA ASP L 110 -71.61 19.91 50.99
C ASP L 110 -70.19 20.05 50.45
N LYS L 111 -69.63 18.92 50.05
CA LYS L 111 -68.22 18.84 49.67
C LYS L 111 -68.06 18.98 48.16
N THR L 112 -68.57 20.07 47.61
CA THR L 112 -68.14 20.45 46.29
C THR L 112 -66.68 20.91 46.35
N PHE L 113 -66.09 21.12 45.18
CA PHE L 113 -64.71 21.54 45.11
C PHE L 113 -64.50 22.48 43.92
N PRO L 114 -64.11 23.73 44.14
CA PRO L 114 -63.91 24.61 42.98
C PRO L 114 -62.62 24.31 42.24
N ILE L 115 -62.63 24.66 40.97
CA ILE L 115 -61.54 24.40 40.05
C ILE L 115 -60.89 25.73 39.72
N MET L 116 -59.72 25.95 40.29
CA MET L 116 -58.97 27.18 40.07
C MET L 116 -58.07 26.97 38.86
N LEU L 117 -58.50 27.45 37.70
CA LEU L 117 -57.64 27.49 36.54
C LEU L 117 -56.63 28.60 36.72
N ASN L 118 -55.52 28.29 37.37
CA ASN L 118 -54.61 29.31 37.86
C ASN L 118 -55.37 30.35 38.68
N GLY L 119 -55.88 29.89 39.82
CA GLY L 119 -56.60 30.75 40.73
C GLY L 119 -58.01 31.07 40.30
N GLN L 120 -58.38 30.79 39.06
CA GLN L 120 -59.64 31.25 38.50
C GLN L 120 -60.66 30.14 38.64
N VAL L 121 -61.59 30.35 39.56
CA VAL L 121 -62.67 29.43 39.78
C VAL L 121 -63.54 29.51 38.53
N ASN L 122 -63.44 28.49 37.68
CA ASN L 122 -64.22 28.39 36.46
C ASN L 122 -65.26 27.29 36.52
N GLY L 123 -65.20 26.42 37.50
CA GLY L 123 -66.21 25.40 37.67
C GLY L 123 -65.96 24.64 38.95
N TYR L 124 -66.95 23.84 39.31
CA TYR L 124 -66.97 23.15 40.59
C TYR L 124 -66.96 21.65 40.34
N ALA L 125 -65.87 21.01 40.73
CA ALA L 125 -65.88 19.56 40.84
C ALA L 125 -66.76 19.16 42.01
N CYS L 126 -67.65 18.20 41.76
CA CYS L 126 -68.57 17.72 42.77
C CYS L 126 -68.51 16.21 42.85
N VAL L 127 -68.66 15.70 44.06
CA VAL L 127 -68.36 14.32 44.39
C VAL L 127 -69.67 13.59 44.62
N VAL L 128 -70.17 12.91 43.59
CA VAL L 128 -71.59 12.57 43.48
C VAL L 128 -71.73 11.06 43.37
N GLY L 129 -72.47 10.47 44.31
CA GLY L 129 -72.87 9.08 44.25
C GLY L 129 -71.68 8.17 44.03
N GLY L 130 -70.74 8.20 44.96
CA GLY L 130 -69.42 7.74 44.67
C GLY L 130 -68.74 8.77 43.79
N ARG L 131 -68.60 8.43 42.52
CA ARG L 131 -67.65 9.03 41.59
C ARG L 131 -67.75 10.55 41.53
N VAL L 132 -66.68 11.20 41.09
CA VAL L 132 -66.59 12.66 41.06
C VAL L 132 -66.81 13.14 39.64
N PHE L 133 -67.47 14.29 39.50
CA PHE L 133 -67.81 14.87 38.21
C PHE L 133 -67.20 16.25 38.12
N LYS L 134 -66.21 16.37 37.29
CA LYS L 134 -65.63 17.62 36.83
C LYS L 134 -66.30 18.03 35.53
N PRO L 135 -66.75 19.27 35.39
CA PRO L 135 -66.94 19.81 34.04
C PRO L 135 -65.59 19.92 33.36
N LEU L 136 -65.44 19.21 32.26
CA LEU L 136 -64.12 18.84 31.78
C LEU L 136 -63.43 19.96 31.01
N HIS L 137 -64.18 20.76 30.27
CA HIS L 137 -63.57 21.92 29.63
C HIS L 137 -63.06 22.93 30.64
N VAL L 138 -63.75 23.07 31.77
CA VAL L 138 -63.13 23.72 32.91
C VAL L 138 -61.89 22.93 33.25
N GLU L 139 -60.78 23.62 33.47
CA GLU L 139 -59.49 23.00 33.75
C GLU L 139 -58.88 23.64 34.99
N GLY L 140 -57.84 23.00 35.52
CA GLY L 140 -57.09 23.53 36.62
C GLY L 140 -57.03 22.56 37.79
N ARG L 141 -56.20 22.93 38.76
CA ARG L 141 -56.07 22.15 39.97
C ARG L 141 -57.32 22.28 40.81
N ILE L 142 -57.37 21.50 41.90
CA ILE L 142 -58.51 21.48 42.80
C ILE L 142 -58.00 21.40 44.23
N ASP L 143 -58.79 21.92 45.16
CA ASP L 143 -58.43 21.98 46.58
C ASP L 143 -58.76 20.68 47.31
N ASN L 144 -58.15 19.59 46.86
CA ASN L 144 -58.09 18.38 47.66
C ASN L 144 -57.04 17.44 47.08
N GLU L 145 -56.07 17.03 47.91
CA GLU L 145 -55.02 16.15 47.46
C GLU L 145 -55.57 14.79 47.03
N GLN L 146 -56.72 14.41 47.57
CA GLN L 146 -57.45 13.26 47.07
C GLN L 146 -57.97 13.45 45.65
N LEU L 147 -57.98 14.68 45.16
CA LEU L 147 -58.71 15.09 43.97
C LEU L 147 -57.79 15.79 42.99
N ALA L 148 -56.80 16.49 43.52
CA ALA L 148 -55.88 17.26 42.70
C ALA L 148 -54.94 16.33 41.95
N ALA L 149 -54.40 15.34 42.64
CA ALA L 149 -53.30 14.54 42.12
C ALA L 149 -53.76 13.34 41.32
N ILE L 150 -54.98 13.35 40.80
CA ILE L 150 -55.53 12.21 40.08
C ILE L 150 -55.65 12.55 38.61
N LYS L 151 -55.33 11.57 37.78
CA LYS L 151 -55.46 11.65 36.34
C LYS L 151 -56.85 11.22 35.94
N LEU L 152 -57.44 11.93 34.96
CA LEU L 152 -58.72 11.51 34.44
C LEU L 152 -58.90 11.79 32.96
N LYS L 153 -59.42 10.78 32.28
CA LYS L 153 -59.79 10.81 30.87
C LYS L 153 -61.13 11.51 30.72
N LYS L 154 -61.76 11.38 29.55
CA LYS L 154 -62.80 12.26 29.09
C LYS L 154 -64.10 11.50 28.90
N ALA L 155 -65.18 12.03 29.46
CA ALA L 155 -66.54 11.66 29.06
C ALA L 155 -67.04 12.63 27.99
N SER L 156 -66.34 12.60 26.86
CA SER L 156 -66.33 13.73 25.94
C SER L 156 -67.70 14.01 25.36
N ILE L 157 -68.56 13.01 25.23
CA ILE L 157 -69.89 13.29 24.71
C ILE L 157 -70.65 14.14 25.71
N TYR L 158 -70.42 13.90 27.00
CA TYR L 158 -70.94 14.76 28.04
C TYR L 158 -69.96 15.83 28.47
N ASP L 159 -68.67 15.67 28.16
CA ASP L 159 -67.63 16.64 28.48
C ASP L 159 -67.39 16.73 30.00
N LEU L 160 -67.13 15.57 30.62
CA LEU L 160 -66.90 15.46 32.07
C LEU L 160 -65.74 14.52 32.38
N GLU L 161 -65.05 14.77 33.51
CA GLU L 161 -64.21 13.75 34.12
C GLU L 161 -65.09 12.88 35.02
N TYR L 162 -64.48 12.00 35.79
CA TYR L 162 -65.18 10.85 36.30
C TYR L 162 -64.50 10.37 37.59
N GLY L 163 -64.80 9.13 37.99
CA GLY L 163 -64.33 8.53 39.24
C GLY L 163 -62.83 8.56 39.29
N ASP L 164 -62.16 8.15 40.38
CA ASP L 164 -61.42 9.10 41.21
C ASP L 164 -62.29 9.52 42.38
N VAL L 165 -62.60 8.55 43.22
CA VAL L 165 -63.03 8.85 44.58
C VAL L 165 -62.26 7.92 45.51
N PRO L 166 -61.24 8.40 46.22
CA PRO L 166 -60.61 7.55 47.23
C PRO L 166 -61.61 7.14 48.30
N GLN L 167 -61.27 6.05 48.99
CA GLN L 167 -62.22 5.37 49.85
C GLN L 167 -62.51 6.13 51.15
N CYS L 168 -61.82 7.24 51.41
CA CYS L 168 -62.04 7.97 52.65
C CYS L 168 -63.24 8.91 52.55
N MET L 169 -63.50 9.44 51.35
CA MET L 169 -64.72 10.19 51.12
C MET L 169 -65.91 9.29 50.86
N LYS L 170 -65.66 8.07 50.41
CA LYS L 170 -66.69 7.05 50.36
C LYS L 170 -67.34 6.92 51.72
N SER L 171 -68.60 6.48 51.72
CA SER L 171 -69.52 6.39 52.85
C SER L 171 -70.12 7.76 53.20
N ASP L 172 -69.67 8.86 52.59
CA ASP L 172 -70.47 10.07 52.62
C ASP L 172 -70.12 10.92 51.40
N THR L 173 -70.91 10.78 50.34
CA THR L 173 -70.87 11.72 49.24
C THR L 173 -72.20 11.68 48.49
N LEU L 174 -73.00 12.73 48.70
CA LEU L 174 -74.01 13.22 47.77
C LEU L 174 -74.87 12.10 47.17
N GLN L 175 -75.37 11.23 48.04
CA GLN L 175 -76.38 10.28 47.62
C GLN L 175 -77.59 11.04 47.12
N TYR L 176 -78.32 10.42 46.20
CA TYR L 176 -79.37 11.14 45.48
C TYR L 176 -80.37 10.18 44.87
N THR L 177 -81.35 10.75 44.18
CA THR L 177 -82.28 10.02 43.33
C THR L 177 -82.05 10.43 41.88
N SER L 178 -82.15 9.45 40.99
CA SER L 178 -81.93 9.74 39.59
C SER L 178 -83.02 10.63 39.02
N ASP L 179 -84.23 10.51 39.54
CA ASP L 179 -85.37 11.19 38.97
C ASP L 179 -85.51 12.58 39.58
N LYS L 180 -86.58 13.28 39.22
CA LYS L 180 -86.93 14.53 39.87
C LYS L 180 -88.39 14.85 39.57
N PRO L 181 -89.19 15.24 40.57
CA PRO L 181 -90.43 15.90 40.25
C PRO L 181 -90.17 17.36 39.91
N PRO L 182 -91.17 18.08 39.44
CA PRO L 182 -90.99 19.53 39.26
C PRO L 182 -90.88 20.26 40.59
N GLY L 183 -89.73 20.11 41.24
CA GLY L 183 -89.48 20.65 42.55
C GLY L 183 -88.54 21.85 42.52
N PHE L 184 -88.38 22.43 43.71
CA PHE L 184 -87.54 23.60 43.90
C PHE L 184 -86.17 23.15 44.41
N TYR L 185 -85.36 22.65 43.49
CA TYR L 185 -83.99 22.30 43.80
C TYR L 185 -83.15 23.57 43.92
N ASN L 186 -82.11 23.53 44.76
CA ASN L 186 -81.49 24.76 45.25
C ASN L 186 -79.97 24.67 45.24
N TRP L 187 -79.33 25.83 45.08
CA TRP L 187 -77.89 25.98 45.25
C TRP L 187 -77.56 27.45 45.46
N HIS L 188 -76.28 27.81 45.28
CA HIS L 188 -75.77 29.09 45.76
C HIS L 188 -76.44 30.26 45.08
N HIS L 189 -76.70 30.12 43.78
CA HIS L 189 -77.33 31.16 42.99
C HIS L 189 -78.82 30.96 42.85
N GLY L 190 -79.45 30.38 43.86
CA GLY L 190 -80.88 30.30 43.95
C GLY L 190 -81.40 28.90 43.68
N ALA L 191 -82.68 28.85 43.31
CA ALA L 191 -83.43 27.61 43.13
C ALA L 191 -83.81 27.42 41.67
N VAL L 192 -84.49 26.31 41.39
CA VAL L 192 -84.85 25.95 40.02
C VAL L 192 -86.08 25.08 40.04
N GLN L 193 -86.89 25.20 38.99
CA GLN L 193 -88.03 24.32 38.82
C GLN L 193 -88.42 24.29 37.34
N TYR L 194 -88.96 23.16 36.91
CA TYR L 194 -89.57 23.05 35.60
C TYR L 194 -90.35 21.75 35.54
N GLU L 195 -91.36 21.72 34.66
CA GLU L 195 -92.42 20.73 34.73
C GLU L 195 -92.12 19.45 33.95
N ASN L 196 -91.50 19.56 32.77
CA ASN L 196 -91.42 18.45 31.84
C ASN L 196 -90.08 17.72 31.89
N ASN L 197 -88.99 18.41 31.53
CA ASN L 197 -87.76 17.74 31.13
C ASN L 197 -86.50 18.44 31.61
N ARG L 198 -86.59 19.69 32.04
CA ARG L 198 -85.49 20.65 31.96
C ARG L 198 -85.32 21.37 33.29
N PHE L 199 -84.49 22.43 33.29
CA PHE L 199 -84.19 23.19 34.50
C PHE L 199 -84.00 24.63 34.09
N THR L 200 -84.80 25.54 34.67
CA THR L 200 -84.68 26.96 34.38
C THR L 200 -84.84 27.76 35.67
N VAL L 201 -84.06 28.84 35.77
CA VAL L 201 -83.92 29.58 37.00
C VAL L 201 -84.33 31.03 36.77
N PRO L 202 -84.46 31.82 37.82
CA PRO L 202 -84.57 33.27 37.63
C PRO L 202 -83.30 33.82 36.99
N ARG L 203 -83.45 34.92 36.28
CA ARG L 203 -82.34 35.49 35.53
C ARG L 203 -81.25 35.98 36.49
N GLY L 204 -80.02 35.91 36.01
CA GLY L 204 -78.88 36.36 36.78
C GLY L 204 -78.24 35.29 37.63
N VAL L 205 -78.40 34.02 37.27
CA VAL L 205 -77.81 32.94 38.05
C VAL L 205 -76.29 32.93 37.87
N GLY L 206 -75.80 33.31 36.70
CA GLY L 206 -74.39 33.23 36.41
C GLY L 206 -74.01 31.88 35.82
N GLY L 207 -73.45 31.91 34.62
CA GLY L 207 -72.99 30.71 33.95
C GLY L 207 -71.50 30.53 34.12
N LYS L 208 -70.77 31.63 33.97
CA LYS L 208 -69.33 31.60 34.13
C LYS L 208 -68.97 31.35 35.58
N GLY L 209 -67.98 30.49 35.79
CA GLY L 209 -67.58 30.13 37.12
C GLY L 209 -68.59 29.34 37.91
N ASP L 210 -69.71 28.95 37.30
CA ASP L 210 -70.81 28.30 38.00
C ASP L 210 -70.99 26.85 37.60
N SER L 211 -70.71 26.50 36.36
CA SER L 211 -71.02 25.16 35.88
C SER L 211 -70.24 24.13 36.67
N GLY L 212 -70.97 23.25 37.34
CA GLY L 212 -70.41 22.38 38.35
C GLY L 212 -71.25 22.37 39.60
N ARG L 213 -72.18 23.32 39.75
CA ARG L 213 -73.09 23.28 40.88
C ARG L 213 -73.89 21.99 40.80
N PRO L 214 -73.87 21.14 41.82
CA PRO L 214 -74.85 20.06 41.87
C PRO L 214 -76.23 20.60 42.22
N ILE L 215 -77.23 19.81 41.91
CA ILE L 215 -78.62 20.25 41.89
C ILE L 215 -79.37 19.51 42.99
N LEU L 216 -79.48 20.12 44.16
CA LEU L 216 -79.85 19.41 45.38
C LEU L 216 -81.27 19.73 45.80
N ASP L 217 -81.97 18.69 46.25
CA ASP L 217 -83.26 18.85 46.89
C ASP L 217 -83.09 19.58 48.21
N ASN L 218 -84.19 20.13 48.72
CA ASN L 218 -84.23 20.54 50.11
C ASN L 218 -83.85 19.37 51.01
N LYS L 219 -84.29 18.17 50.63
CA LYS L 219 -83.89 16.95 51.31
C LYS L 219 -82.41 16.65 51.12
N GLY L 220 -81.80 17.14 50.05
CA GLY L 220 -80.37 17.00 49.83
C GLY L 220 -80.01 15.95 48.81
N ARG L 221 -80.75 15.91 47.70
CA ARG L 221 -80.65 14.87 46.70
C ARG L 221 -80.23 15.50 45.38
N VAL L 222 -79.06 15.12 44.88
CA VAL L 222 -78.47 15.64 43.65
C VAL L 222 -79.16 15.03 42.44
N VAL L 223 -79.91 15.85 41.70
CA VAL L 223 -80.60 15.35 40.51
C VAL L 223 -79.87 15.69 39.23
N ALA L 224 -78.89 16.58 39.26
CA ALA L 224 -78.23 17.01 38.03
C ALA L 224 -77.02 17.84 38.39
N ILE L 225 -76.32 18.32 37.36
CA ILE L 225 -75.24 19.28 37.49
C ILE L 225 -75.43 20.33 36.42
N VAL L 226 -75.01 21.55 36.74
CA VAL L 226 -75.07 22.64 35.77
C VAL L 226 -74.10 22.35 34.64
N LEU L 227 -74.57 22.53 33.42
CA LEU L 227 -73.71 22.79 32.28
C LEU L 227 -73.75 24.25 31.85
N GLY L 228 -74.91 24.88 31.78
CA GLY L 228 -74.99 26.17 31.12
C GLY L 228 -76.38 26.76 31.13
N GLY L 229 -76.89 27.15 29.96
CA GLY L 229 -78.30 27.47 29.80
C GLY L 229 -78.60 28.94 29.54
N VAL L 230 -78.85 29.26 28.27
CA VAL L 230 -79.05 30.63 27.86
C VAL L 230 -80.27 31.25 28.54
N ASN L 231 -80.27 32.57 28.61
CA ASN L 231 -81.46 33.32 28.98
C ASN L 231 -82.62 32.96 28.08
N GLU L 232 -83.78 32.73 28.68
CA GLU L 232 -85.01 32.46 27.96
C GLU L 232 -85.99 33.56 28.34
N GLY L 233 -85.92 34.68 27.61
CA GLY L 233 -86.79 35.80 27.88
C GLY L 233 -86.62 36.29 29.30
N SER L 234 -87.60 35.99 30.14
CA SER L 234 -87.55 36.42 31.54
C SER L 234 -86.56 35.59 32.34
N ARG L 235 -86.59 34.28 32.14
CA ARG L 235 -85.81 33.37 32.96
C ARG L 235 -84.48 33.05 32.30
N THR L 236 -83.61 32.39 33.06
CA THR L 236 -82.40 31.76 32.54
C THR L 236 -82.55 30.26 32.64
N ALA L 237 -82.16 29.59 31.56
CA ALA L 237 -82.27 28.15 31.46
C ALA L 237 -81.10 27.49 32.18
N LEU L 238 -81.06 26.17 32.09
CA LEU L 238 -79.89 25.41 32.55
C LEU L 238 -79.70 24.21 31.64
N SER L 239 -78.65 24.23 30.83
CA SER L 239 -78.13 22.98 30.32
C SER L 239 -77.55 22.22 31.49
N VAL L 240 -77.76 20.91 31.50
CA VAL L 240 -77.32 20.08 32.61
C VAL L 240 -76.84 18.74 32.10
N VAL L 241 -76.22 18.01 33.00
CA VAL L 241 -76.16 16.56 32.95
C VAL L 241 -77.01 16.06 34.11
N THR L 242 -77.82 15.05 33.83
CA THR L 242 -78.76 14.55 34.81
C THR L 242 -78.98 13.08 34.51
N TRP L 243 -80.08 12.55 35.02
CA TRP L 243 -80.40 11.14 34.87
C TRP L 243 -81.82 10.95 34.38
N ASN L 244 -81.99 9.93 33.54
CA ASN L 244 -83.28 9.56 33.02
C ASN L 244 -84.17 9.08 34.15
N GLN L 245 -85.47 9.02 33.88
CA GLN L 245 -86.37 8.28 34.76
C GLN L 245 -85.92 6.83 34.92
N LYS L 246 -85.33 6.26 33.88
CA LYS L 246 -84.73 4.93 33.96
C LYS L 246 -83.43 4.92 34.76
N GLY L 247 -82.88 6.08 35.06
CA GLY L 247 -81.58 6.18 35.69
C GLY L 247 -80.43 6.41 34.75
N VAL L 248 -80.66 6.35 33.44
CA VAL L 248 -79.59 6.55 32.48
C VAL L 248 -79.11 7.98 32.57
N THR L 249 -77.80 8.14 32.73
CA THR L 249 -77.20 9.46 32.74
C THR L 249 -77.32 10.10 31.38
N VAL L 250 -77.94 11.28 31.34
CA VAL L 250 -78.18 12.02 30.10
C VAL L 250 -77.86 13.48 30.35
N LYS L 251 -77.73 14.22 29.26
CA LYS L 251 -77.56 15.67 29.31
C LYS L 251 -78.70 16.35 28.59
N ASP L 252 -79.29 17.32 29.26
CA ASP L 252 -80.39 18.10 28.74
C ASP L 252 -79.86 19.49 28.43
N THR L 253 -80.03 19.93 27.20
CA THR L 253 -79.32 21.07 26.67
C THR L 253 -80.24 21.92 25.80
N PRO L 254 -80.50 23.17 26.16
CA PRO L 254 -81.13 24.07 25.20
C PRO L 254 -80.12 24.60 24.20
N GLU L 255 -80.65 25.23 23.17
CA GLU L 255 -79.82 25.74 22.10
C GLU L 255 -78.99 26.94 22.58
N GLY L 256 -77.76 27.01 22.12
CA GLY L 256 -76.89 28.13 22.42
C GLY L 256 -76.49 28.18 23.88
N SER L 257 -75.90 27.09 24.37
CA SER L 257 -75.57 27.01 25.79
C SER L 257 -74.40 27.92 26.12
N GLU L 258 -73.96 27.83 27.37
CA GLU L 258 -73.11 28.81 28.00
C GLU L 258 -71.68 28.32 28.16
N PRO L 259 -70.73 29.22 28.38
CA PRO L 259 -69.45 28.83 28.97
C PRO L 259 -69.60 28.63 30.47
N TRP L 260 -68.51 28.14 31.07
CA TRP L 260 -68.59 27.41 32.33
C TRP L 260 -67.87 28.14 33.46
C1 NAG M . 43.78 -9.32 17.79
C2 NAG M . 44.38 -8.09 17.15
C3 NAG M . 45.41 -7.50 18.09
C4 NAG M . 45.94 -8.54 19.06
C5 NAG M . 44.81 -9.21 19.86
C6 NAG M . 44.59 -8.59 21.21
C7 NAG M . 45.03 -7.68 14.78
C8 NAG M . 44.32 -6.36 14.84
N2 NAG M . 45.00 -8.44 15.88
O3 NAG M . 44.81 -6.42 18.81
O4 NAG M . 46.62 -9.56 18.34
O5 NAG M . 43.58 -9.09 19.14
O6 NAG M . 45.77 -8.62 22.00
O7 NAG M . 45.60 -8.05 13.76
C1 NAG M . 48.03 -9.54 18.67
C2 NAG M . 48.34 -10.70 19.61
C3 NAG M . 49.82 -10.70 19.96
C4 NAG M . 50.66 -10.68 18.70
C5 NAG M . 50.22 -9.59 17.73
C6 NAG M . 50.88 -9.71 16.37
C7 NAG M . 47.27 -11.72 21.56
C8 NAG M . 46.42 -11.48 22.77
N2 NAG M . 47.52 -10.64 20.81
O3 NAG M . 50.12 -11.85 20.74
O4 NAG M . 52.02 -10.43 19.05
O5 NAG M . 48.81 -9.66 17.49
O6 NAG M . 50.19 -10.66 15.57
O7 NAG M . 47.71 -12.82 21.28
C1 NAG M . 52.84 -11.60 18.93
C2 NAG M . 54.30 -11.18 19.09
C3 NAG M . 55.21 -12.40 19.05
C4 NAG M . 54.77 -13.43 20.08
C5 NAG M . 53.30 -13.77 19.87
C6 NAG M . 52.75 -14.71 20.91
C7 NAG M . 55.38 -9.12 18.31
C8 NAG M . 55.67 -8.25 17.12
N2 NAG M . 54.67 -10.22 18.07
O3 NAG M . 56.55 -11.98 19.31
O4 NAG M . 55.55 -14.60 19.96
O5 NAG M . 52.50 -12.58 19.92
O6 NAG M . 52.85 -14.15 22.21
O7 NAG M . 55.76 -8.82 19.44
C1 NAG N . 18.68 32.10 -26.06
C2 NAG N . 18.62 30.60 -25.96
C3 NAG N . 17.34 30.11 -26.63
C4 NAG N . 16.82 31.12 -27.64
C5 NAG N . 16.60 32.49 -27.00
C6 NAG N . 15.18 32.74 -26.57
C7 NAG N . 20.43 28.90 -26.23
C8 NAG N . 19.95 28.23 -24.99
N2 NAG N . 19.78 30.01 -26.62
O3 NAG N . 16.36 29.87 -25.63
O4 NAG N . 17.77 31.28 -28.70
O5 NAG N . 17.42 32.62 -25.83
O6 NAG N . 14.28 32.60 -27.66
O7 NAG N . 21.39 28.48 -26.87
C1 NAG N . 17.20 30.79 -29.93
C2 NAG N . 16.81 31.98 -30.80
C3 NAG N . 16.23 31.48 -32.11
C4 NAG N . 17.18 30.52 -32.80
C5 NAG N . 17.66 29.43 -31.84
C6 NAG N . 18.79 28.61 -32.41
C7 NAG N . 15.69 34.12 -30.44
C8 NAG N . 14.67 34.87 -29.64
N2 NAG N . 15.86 32.84 -30.12
O3 NAG N . 15.96 32.59 -32.97
O4 NAG N . 16.52 29.87 -33.88
O5 NAG N . 18.16 30.00 -30.62
O6 NAG N . 20.03 29.28 -32.23
O7 NAG N . 16.33 34.66 -31.34
C1 NAG N . 16.96 30.38 -35.14
C2 NAG N . 16.37 29.47 -36.23
C3 NAG N . 16.76 29.99 -37.61
C4 NAG N . 16.35 31.45 -37.77
C5 NAG N . 16.96 32.27 -36.63
C6 NAG N . 16.52 33.71 -36.65
C7 NAG N . 16.00 27.05 -36.16
C8 NAG N . 16.64 25.70 -35.95
N2 NAG N . 16.81 28.10 -36.06
O3 NAG N . 16.10 29.20 -38.61
O4 NAG N . 16.81 31.95 -39.01
O5 NAG N . 16.55 31.73 -35.37
O6 NAG N . 15.12 33.83 -36.52
O7 NAG N . 14.80 27.16 -36.40
C1 NAG O . 13.58 -47.92 18.08
C2 NAG O . 13.11 -47.50 16.71
C3 NAG O . 13.78 -46.19 16.33
C4 NAG O . 15.08 -45.99 17.11
C5 NAG O . 14.84 -46.05 18.62
C6 NAG O . 14.67 -44.69 19.26
C7 NAG O . 12.71 -48.89 14.67
C8 NAG O . 11.40 -48.18 14.48
N2 NAG O . 13.45 -48.54 15.74
O3 NAG O . 12.88 -45.12 16.59
O4 NAG O . 16.01 -47.01 16.77
O5 NAG O . 13.65 -46.79 18.90
O6 NAG O . 15.79 -43.87 19.01
O7 NAG O . 13.09 -49.76 13.90
C1 NAG O . 17.14 -46.43 16.08
C2 NAG O . 18.32 -46.38 17.03
C3 NAG O . 19.53 -45.78 16.32
C4 NAG O . 19.82 -46.53 15.03
C5 NAG O . 18.56 -46.69 14.18
C6 NAG O . 18.76 -47.63 13.02
C7 NAG O . 18.67 -45.77 19.38
C8 NAG O . 18.22 -44.91 20.51
N2 NAG O . 18.01 -45.62 18.23
O3 NAG O . 20.66 -45.85 17.18
O4 NAG O . 20.77 -45.81 14.27
O5 NAG O . 17.48 -47.22 14.96
O6 NAG O . 18.60 -48.98 13.45
O7 NAG O . 19.59 -46.56 19.50
C1 NAG O . 22.06 -46.44 14.29
C2 NAG O . 22.94 -45.73 13.26
C3 NAG O . 24.35 -46.31 13.28
C4 NAG O . 24.92 -46.27 14.69
C5 NAG O . 23.96 -46.97 15.65
C6 NAG O . 24.41 -46.88 17.10
C7 NAG O . 22.29 -44.80 11.08
C8 NAG O . 21.67 -45.10 9.75
N2 NAG O . 22.36 -45.83 11.93
O3 NAG O . 25.17 -45.55 12.40
O4 NAG O . 26.19 -46.91 14.74
O5 NAG O . 22.66 -46.36 15.58
O6 NAG O . 24.48 -45.54 17.53
O7 NAG O . 22.71 -43.68 11.36
C1 NAG P . -50.27 -22.07 -41.84
C2 NAG P . -48.81 -21.75 -41.82
C3 NAG P . -48.10 -22.74 -40.90
C4 NAG P . -48.90 -24.02 -40.75
C5 NAG P . -50.32 -23.74 -40.24
C6 NAG P . -50.47 -23.90 -38.75
C7 NAG P . -47.30 -21.08 -43.69
C8 NAG P . -46.75 -19.99 -42.81
N2 NAG P . -48.26 -21.85 -43.16
O3 NAG P . -47.90 -22.13 -39.63
O4 NAG P . -49.01 -24.68 -42.01
O5 NAG P . -50.70 -22.40 -40.56
O6 NAG P . -50.09 -25.20 -38.32
O7 NAG P . -46.88 -21.24 -44.83
C1 NAG P . -48.29 -25.94 -41.96
C2 NAG P . -49.30 -27.07 -41.85
C3 NAG P . -48.57 -28.41 -41.81
C4 NAG P . -47.61 -28.53 -43.00
C5 NAG P . -46.73 -27.30 -43.14
C6 NAG P . -45.97 -27.28 -44.45
C7 NAG P . -51.35 -27.51 -40.58
C8 NAG P . -52.09 -27.25 -39.31
N2 NAG P . -50.14 -26.92 -40.68
O3 NAG P . -49.51 -29.47 -41.84
O4 NAG P . -46.77 -29.65 -42.81
O5 NAG P . -47.52 -26.09 -43.14
O6 NAG P . -46.78 -26.79 -45.50
O7 NAG P . -51.81 -28.19 -41.49
C1 NAG P . -47.12 -30.75 -43.67
C2 NAG P . -46.03 -31.81 -43.56
C3 NAG P . -46.38 -33.03 -44.40
C4 NAG P . -47.76 -33.55 -44.02
C5 NAG P . -48.79 -32.42 -44.13
C6 NAG P . -50.16 -32.84 -43.66
C7 NAG P . -43.61 -31.46 -43.30
C8 NAG P . -42.38 -30.82 -43.88
N2 NAG P . -44.75 -31.25 -43.97
O3 NAG P . -45.39 -34.03 -44.20
O4 NAG P . -48.13 -34.63 -44.88
O5 NAG P . -48.38 -31.32 -43.30
O6 NAG P . -50.15 -33.25 -42.30
O7 NAG P . -43.56 -32.13 -42.28
C1 NAG Q . 51.15 25.98 35.11
C2 NAG Q . 51.85 26.85 36.12
C3 NAG Q . 51.35 28.28 36.01
C4 NAG Q . 51.53 28.78 34.59
C5 NAG Q . 50.91 27.79 33.58
C6 NAG Q . 51.22 28.16 32.15
C7 NAG Q . 52.53 25.66 38.22
C8 NAG Q . 53.88 25.41 37.63
N2 NAG Q . 51.64 26.34 37.47
O3 NAG Q . 52.06 29.12 36.91
O4 NAG Q . 50.90 30.05 34.43
O5 NAG Q . 51.43 26.48 33.80
O6 NAG Q . 50.04 28.14 31.35
O7 NAG Q . 52.24 25.27 39.35
C1 NAG R . -12.55 10.09 -17.31
C2 NAG R . -13.94 9.61 -17.65
C3 NAG R . -14.43 8.65 -16.59
C4 NAG R . -13.42 7.51 -16.44
C5 NAG R . -12.01 8.06 -16.23
C6 NAG R . -10.96 6.97 -16.24
C7 NAG R . -15.34 11.26 -18.93
C8 NAG R . -14.89 10.63 -20.21
N2 NAG R . -14.87 10.74 -17.77
O3 NAG R . -15.70 8.12 -16.94
O4 NAG R . -13.78 6.70 -15.32
O5 NAG R . -11.67 8.98 -17.27
O6 NAG R . -10.09 7.08 -15.12
O7 NAG R . -16.11 12.22 -18.92
C1 NAG S . 2.42 -11.39 6.31
C2 NAG S . 2.72 -9.93 6.05
C3 NAG S . 1.45 -9.23 5.59
C4 NAG S . 0.90 -9.94 4.36
C5 NAG S . 0.74 -11.44 4.63
C6 NAG S . 0.36 -12.21 3.40
C7 NAG S . 4.52 -8.96 7.50
C8 NAG S . 5.52 -9.26 6.42
N2 NAG S . 3.24 -9.29 7.26
O3 NAG S . 1.73 -7.87 5.27
O4 NAG S . -0.38 -9.40 4.03
O5 NAG S . 1.98 -12.00 5.10
O6 NAG S . -0.74 -13.08 3.64
O7 NAG S . 4.85 -8.43 8.55
C1 NAG T . -26.22 -20.06 -9.19
C2 NAG T . -25.54 -20.68 -7.98
C3 NAG T . -24.75 -19.61 -7.25
C4 NAG T . -23.77 -18.95 -8.20
C5 NAG T . -24.49 -18.46 -9.46
C6 NAG T . -23.54 -17.94 -10.51
C7 NAG T . -26.77 -22.61 -6.96
C8 NAG T . -25.96 -23.54 -7.80
N2 NAG T . -26.53 -21.29 -7.08
O3 NAG T . -24.03 -20.20 -6.16
O4 NAG T . -23.15 -17.84 -7.57
O5 NAG T . -25.25 -19.53 -10.06
O6 NAG T . -23.94 -16.68 -11.01
O7 NAG T . -27.62 -23.02 -6.17
#